data_7Z1N
#
_entry.id   7Z1N
#
loop_
_entity.id
_entity.type
_entity.pdbx_description
1 polymer 'DNA-directed RNA polymerase III subunit RPC1'
2 polymer 'DNA-directed RNA polymerase III subunit RPC2'
3 polymer 'DNA-directed RNA polymerases I and III subunit RPAC1'
4 polymer 'DNA-directed RNA polymerase III subunit RPC9'
5 polymer 'DNA-directed RNA polymerases I, II, and III subunit RPABC1'
6 polymer 'DNA-directed RNA polymerases I, II, and III subunit RPABC2'
7 polymer 'DNA-directed RNA polymerase III subunit RPC8'
8 polymer 'DNA-directed RNA polymerases I, II, and III subunit RPABC3'
9 polymer 'DNA-directed RNA polymerases I, II, and III subunit RPABC5'
10 polymer 'DNA-directed RNA polymerases I and III subunit RPAC2'
11 polymer 'DNA-directed RNA polymerases I, II, and III subunit RPABC4'
12 polymer 'DNA-directed RNA polymerase III subunit RPC3'
13 polymer 'DNA-directed RNA polymerase III subunit RPC6'
14 polymer 'DNA-directed RNA polymerase III subunit RPC7'
15 polymer RNA
16 polymer NT-DNA
17 polymer T-DNA
18 non-polymer 'ZINC ION'
19 non-polymer 'MAGNESIUM ION'
20 non-polymer CHAPSO
#
loop_
_entity_poly.entity_id
_entity_poly.type
_entity_poly.pdbx_seq_one_letter_code
_entity_poly.pdbx_strand_id
1 'polypeptide(L)'
;MKEVVVSETPKRIKGLEFSALSAADIVAQSEVEVSTRDLFDLEKDRAPKANGALDPKMGVSSSSLECATCHGNLASCHGH
FGHLKLALPVFHIGYFKATIQILQGICKNCSAILLSETDKRQFLHELRRPGVDNLRRMGILKKILDQCKKQRRCLHCGAL
NGVVKKAAAGAGSAALKIIHDTFRWVGKKSAPEKDIWVGEWKEVLAHNPELERYVKRCMDDLNPLKTLNLFKQIKSADCE
LLGIDATVPSGRPETYIWRYLPAPPVCIRPSVMMQDSPASNEDDLTVKLTEIVWTSSLIKAGLDKGISINNMMEHWDYLQ
LTVAMYINSDSVNPAMLPGSSNGGGKVKPIRGFCQRLKGKQGRFRGNLSGKRVDFSGRTVISPDPNLSIDEVAVPDRVAK
VLTYPEKVTRYNRHKLQELIVNGPNVHPGANYLLKRNEDARRNLRYGDRMKLAKNLQIGDVVERHLEDGDVVLFNRQPSL
HRLSILSHYAKIRPWRTFRLNECVCTPYNADFDGDEMNLHVPQTEEARAEAINLMGVKNNLLTPKSGEPIIAATQDFITG
SYLISHKDSFYDRATLTQLLSMMSDGIEHFDIPPPAIMKPYYLWTGKQVFSLLIKPNHNSPVVINLDAKNKVFVPPKSKS
LPNEMSQNDGFVIIRGSQILSGVMDKSVLGDGKKHSVFYTILRDYGPQEAANAMNRMAKLCARFLGNRGFSIGINDVTPA
DDLKQKKEELVEIAYHKCDELITLFNKGELETQPGCNEEQTLEAKIGGLLSKVREEVGDVCINELDNWNAPLIMATCGSK
GSTLNVSQMVAVVGQQIISGNRVPDGFQDRSLPHFPKNSKTPQSKGFVRNSFFSGLSPPEFLFHAISGREGLVDTAVKTA
ETGYMSRRLMKSLEDLSCQYDNTVRTSANGIVQFTYGGDGLDPLEMEGNAQPVNFNRSWDHAYNITFNNQDKGLLPYAIM
ETANEILGPLEERLVRYDNSGCLVKREDLNKAEYVDQYDAERDFYHSLREYINGKATALANLRKSRGMLGLLEPPAKELQ
GIDPDETVPDNVKTSVSQLYRISEKSVRKFLEIALFKYRKARLEPGTAIGAIGAQSIGEPGTQMTLKTFHFAGVASMNVT
LGVPRIKEIINASKVISTPIINAVLVNDNDERAARVVKGRVEKTLLSDVAFYVQDVYKDNLSFIQVRIDLGTIDKLQLEL
TIEDIAVAITRASKLKIQASDVNIIGKDRIAINVFPEGYKAKSISTSAKEPSENDVFYRMQQLRRALPDVVVKGLPDISR
AVINIRDDGKRELLVEGYGLRDVMCTDGVIGSRTTTNHVLEVFSVLGIEAARYSIIREINYTMSNHGMSVDPRHIQLLGD
VMTYKGEVLGITRFGLSKMRDSVLQLASFEKTTDHLFDAAFYMKKDAVEGVSECIILGQTMSIGTGSFKVVKGTNISEKD
LVPKRCLFESLSNEAALKAN
;
A
2 'polypeptide(L)'
;MVAATKRRKTHIHKHVKDEAFDDLLKPVYKGKKLTDEINTAQDKWHLLPAFLKVKGLVKQHLDSFNYFVDTDLKKIIKAN
QLILSDVDPEFYLKYVDIRVGKKSSSSTKDYLTPPHECRLRDMTYSAPIYVDIEYTRGRNIIMHKDVEIGRMPIMLRSNK
CILYDADESKMAKLNECPLDPGGYFIVNGTEKVILVQEQLSKNRIIVEADEKKGIVQASVTSSTHERKSKTYVITKNGKI
YLKHNSIAEEIPIAIVLKACGILSDLEIMQLVCGNDSSYQDIFAVNLEESSKLDIYTQQQALEYIGAKVKTMRRQKLTIL
QEGIEAIATTVIAHLTVEALDFREKALYIAMMTRRVVMAMYNPKMIDDRDYVGNKRLELAGQLISLLFEDLFKKFNNDFK
LSIDKVLKKPNRAMEYDALLSINVHSNNITSGLNRAISTGNWSLKRFKMERAGVTHVLSRLSYISALGMMTRISSQFEKS
RKVSGPRALQPSQFGMLCTADTPEGEACGLVKNLALMTHITTDDEEEPIKKLCYVLGVEDITLIDSASLHLNYGVYLNGT
LIGSIRFPTKFVTQFRHLRRTGKVSEFISIYSNSHQMAVHIATDGGRICRPLIIVSDGQSRVKDIHLRKLLDGELDFDDF
LKLGLVEYLDVNEENDSYIALYEKDIVPSMTHLEIEPFTILGAVAGLIPYPHHNQSPRNTYQCAMGKQAIGAIAYNQFKR
IDTLLYLMTYPQQPMVKTKTIELIDYDKLPAGQNATVAVMSYSGYDIEDALVLNKSSIDRGFGRCETRRKTTTVLKRYAN
HTQDIIGGMRVDENGDPIWQHQSLGPDGLGEVGMKVQSGQIYINKSVPTNSADAPNPNNVNVQTQYREAPVIYRGPEPSH
IDQVMMSVSDNDQALIKVLLRQNRRPELGDKFSSRHGQKGVCGIIVKQEDMPFNDQGIVPDIIMNPHGFPSRMTVGKMIE
LISGKAGVLNGTLEYGTCFGGSKLEDMSKILVDQGFNYSGKDMLYSGITGECLQAYIFFGPIYYQKLKHMVLDKMHARAR
GPRAVLTRQPTEGRSRDGGLRLGEMERDCVIAYGASQLLLERLMISSDAFEVDVCDKCGLMGYSGWCTTCKSAENIIKMT
IPYAAKLLFQELLSMNIAPRLRLEDIFQQ
;
B
3 'polypeptide(L)'
;MSNIVGIEYNRVTNTTSTDFPGFSKDAENEWNVEKFKKDFEVNISSLDAREANFDLINIDTSIANAFRRIMISEVPSVAA
EYVYFFNNTSVIQDEVLAHRIGLVPLKVDPDMLTWVDSNLPDDEKFTDENTIVLSLNVKCTRNPDAPKGSTDPKELYNNA
HVYARDLKFEPQGRQSTTFADCPVVPADPDILLAKLRPGQEISLKAHCILGIGGDHAKFSPVSTASYRLLPQINILQPIK
GESARRFQKCFPPGVIGIDEGSDEAYVKDARKDTVSREVLRYEEFADKVKLGRVRNHFIFNVESAGAMTPEEIFFKSVRI
LKNKAEYLKNCPITQ
;
C
4 'polypeptide(L)'
;MKVLEERNAFLSDYEVLKFLTDLEKKHLWDQKSLAALKKSRSKGKQNRPYNHPELQGITRNVVNYLSINKNFINQEDEGE
ERESSGAKDAEKSGISKMSDESFAELMTKLNSFKLFKAEKLQIVNQLPANMVHLYSIVEECDARFDEKTIEEMLEIISGY
A
;
D
5 'polypeptide(L)'
;MDQENERNISRLWRAFRTVKEMVKDRGYFITQEEVELPLEDFKAKYCDSMGRPQRKMMSFQANPTEESISKFPDMGSLWV
EFCDEPSVGVKTMKTFVIHIQEKNFQTGIFVYQNNITPSAMKLVPSIPPATIETFNEAALVVNITHHELVPKHIRLSSDE
KRELLKRYRLKESQLPRIQRADPVALYLGLKRGEVVKIIRKSETSGRYASYRICM
;
E
6 'polypeptide(L)'
;MSDYEEAFNDGNENFEDFDVEHFSDEETYEEKPQFKDGETTDANGKTIVTGGNGPEDFQQHEQIRRKTLKEKAIPKDQRA
TTPYMTKYERARILGTRALQISMNAPVFVDLEGETDPLRIAMKELAEKKIPLVIRRYLPDGSFEDWSVEELIVDL
;
F
7 'polypeptide(L)'
;MFILSKIADLVRIPPDQFHRDTISAITHQLNNKFANKIIPNVGLCITIYDLLTVEEGQLKPGDGSSYINVTFRAVVFKPF
LGEIVTGWISKCTAEGIKVSLLGIFDDIFIPQNMLFEGCYYTPEESAWIWPMDEETKLYFDVNEKIRFRIEREVFVDVKP
KSPKERELEERAQLENEIEGKNEETPQNEKPPAYALLGSCQTDGMGLVSWWE
;
G
8 'polypeptide(L)'
;MSNTLFDDIFQVSEVDPGRYNKVCRIEAASTTQDQCKLTLDINVELFPVAAQDSLTVTIASSLNLEDTPANDSSATRSWR
PPQAGDRSLADDYDYVMYGTAYKFEEVSKDLIAVYYSFGGLLMRLEGNYRNLNNLKQENAYLLIRR
;
H
9 'polypeptide(L)' MIVPVRCFSCGKVVGDKWESYLNLLQEDELDEGTALSRLGLKRYCCRRMILTHVDLIEKFLRYNPLEKRD J
10 'polypeptide(L)'
;MTEDIEQKKTATEVTPQEPKHIQEEEEQDVDMTGDEEQEEEPDREKIKLLTQATSEDGTSASFQIVEEDHTLGNALRYVI
MKNPDVEFCGYSIPHPSENLLNIRIQTYGETTAVDALQKGLKDLMDLCDVVESKFTEKIKSM
;
K
11 'polypeptide(L)' MSREGFQIPTNLDAAAAGTSQARTATLKYICAECSSKLSLSRTDAVRCKDCGHRILLKARTKRLVQFEAR L
12 'polypeptide(L)'
;MDELLGEALSAENQTGESTVESEKLVTPEDVMTISSLEQRTLNPDLFLYKELVKAHLGERAASVIGMLVALGRLSVRELV
EKIDGMDVDSVKTTLVSLTQLRCVKYLQETAISGKKTTYYYYNEEGIHILLYSGLIIDEIITQMRVNDEEEHKQLVAEIV
QNVISLGSLTVEDYLSSVTSDSMKYTISSLFVQLCEMGYLIQISKLHYTPIEDLWQFLYEKHYKNIPRNSPLSDLKKRSQ
AKMNAKTDFAKIINKPNELSQILTVDPKTSLRIVKPTVSLTINLDRFMKGRRSKQLINLAKTRVGSVTAQVYKIALRLTE
QKSPKIRDPLTQTGLLQDLEEAKSFQDEAELVEEKTPGLTFNAIDLARHLPAELDLRGSLLSRKPSDNKKRSGSNAAASL
PSKKLKTEDGFVIPALPAAVSKSLQESGDTQEEDEEEEDLDADTEDPHSASLINSHLKILASSNFPFLNETKPGVYYVPY
SKLMPVLKSSVYEYVIASTLGPSAMRLSRCIRDNKLVSEKIINSTALMKEKDIRSTLASLIRYNSVEIQEVPRTADRSAS
RAVFLFRCKETHSYNFMRQNLEWNMANLLFKKEKLKQENSTLLKKANRDDVKGRENELLLPSELNQLKMVNERELNVFAR
LSRLLSLWEVFQMA
;
O
13 'polypeptide(L)'
;MSGMIENGLQLSDNAKTLHSQMMSKGIGALFTQQELQKQMGIGSLTDLMSIVQELLDKNLIKLVKQNDELKFQGVLESEA
QKKATMSAEEALVYSYIEASGREGIWSKTIKARTNLHQHVVLKCLKSLESQRYVKSVKSVKFPTRKIYMLYSLQPSVDIT
GGPWFTDGELDIEFINSLLTIVWRFISENTFPNGFKNFENGPKKNVFYAPNVKNYSTTQEILEFITAAQVANVELTPSNI
RSLCEVLVYDDKLEKVTHDCYRVTLESILQMNQGEGEPEAGNKALEDEEEFSIFNYFKMFPASKHDKEVVYFDEWTI
;
P
14 'polypeptide(L)'
;MSSYRGGSRGGGSNYMSNLPFGLGYGDVGKNHITEFPSIPLPINGPITNKERSLAVKYINFGKTVKDGPFYTGSMSLIID
QQENSKSGKRKPNIILDEDDTNDGIERYSDKYLKKRKIGISIDDHPYNLNLFPNELYNVMGINKKKLLAISKFNNADDVF
TGTGLQDENIGLSMLAKLKELAEDVDDASTGDGAAKGSKTGEGEDDDLADDDFEEDEDEEDDDDYNAEKYFNNGDDDDYG
DEEDPNEEAAF
;
Q
15 'polyribonucleotide' UAUGCUAUGCAUAACGCCACAGAG R
16 'polydeoxyribonucleotide'
;(DG)(DA)(DA)(DT)(DC)(DT)(DC)(DT)(DT)(DA)(DG)(DC)(DA)(DA)(DC)(DC)(DA)(DT)(DT)(DA)
(DT)(DT)(DT)(DT)(DT)(DT)(DT)(DG)(DC)(DC)(DT)(DT)(DC)(DC)(DG)(DA)(DA)(DA)(DA)(DT)
(DT)(DT)(DT)(DG)
;
S
17 'polydeoxyribonucleotide'
;(DC)(DA)(DA)(DA)(DA)(DT)(DT)(DT)(DT)(DC)(DG)(DG)(DA)(DA)(DG)(DG)(DC)(DA)(DT)(DG)
(DC)(DT)(DC)(DT)(DG)(DT)(DG)(DG)(DC)(DT)(DT)(DT)(DG)(DC)(DT)(DA)(DA)(DG)(DA)(DG)
(DA)(DT)(DT)(DC)
;
T
#
# COMPACT_ATOMS: atom_id res chain seq x y z
N MET A 1 -5.38 19.36 -50.79
CA MET A 1 -5.68 20.69 -51.28
C MET A 1 -5.40 21.76 -50.23
N LYS A 2 -6.48 22.33 -49.70
CA LYS A 2 -6.40 23.27 -48.59
C LYS A 2 -6.26 22.59 -47.24
N GLU A 3 -6.33 21.25 -47.19
CA GLU A 3 -6.19 20.53 -45.95
C GLU A 3 -4.72 20.47 -45.53
N VAL A 4 -4.45 20.85 -44.30
CA VAL A 4 -3.11 20.81 -43.75
C VAL A 4 -2.82 19.39 -43.26
N VAL A 5 -1.59 18.94 -43.45
CA VAL A 5 -1.18 17.59 -43.05
C VAL A 5 -1.25 17.50 -41.53
N VAL A 6 -1.83 16.41 -41.03
CA VAL A 6 -1.93 16.18 -39.59
C VAL A 6 -0.88 15.15 -39.21
N SER A 7 0.02 15.53 -38.32
CA SER A 7 1.10 14.65 -37.88
C SER A 7 0.85 14.19 -36.46
N GLU A 8 1.01 12.90 -36.25
CA GLU A 8 0.83 12.34 -34.90
C GLU A 8 1.98 11.39 -34.61
N THR A 9 2.62 11.59 -33.47
CA THR A 9 3.71 10.72 -33.01
C THR A 9 3.36 10.18 -31.63
N PRO A 10 3.27 8.87 -31.45
CA PRO A 10 2.95 8.33 -30.11
C PRO A 10 4.05 8.61 -29.11
N LYS A 11 3.65 8.86 -27.86
CA LYS A 11 4.56 9.31 -26.83
C LYS A 11 4.38 8.49 -25.55
N ARG A 12 5.38 8.57 -24.69
CA ARG A 12 5.37 7.98 -23.35
C ARG A 12 5.90 9.01 -22.38
N ILE A 13 5.75 8.73 -21.08
CA ILE A 13 6.30 9.61 -20.05
C ILE A 13 7.78 9.30 -19.93
N LYS A 14 8.62 10.32 -20.11
CA LYS A 14 10.05 10.12 -19.88
C LYS A 14 10.40 10.27 -18.41
N GLY A 15 9.82 11.26 -17.73
CA GLY A 15 10.11 11.48 -16.33
C GLY A 15 9.44 12.71 -15.77
N LEU A 16 9.05 12.64 -14.50
CA LEU A 16 8.40 13.76 -13.84
C LEU A 16 9.43 14.78 -13.38
N GLU A 17 9.05 16.05 -13.41
CA GLU A 17 9.85 17.14 -12.87
C GLU A 17 9.01 17.87 -11.83
N PHE A 18 9.38 17.72 -10.57
CA PHE A 18 8.61 18.30 -9.48
C PHE A 18 9.13 19.69 -9.15
N SER A 19 8.23 20.66 -9.14
CA SER A 19 8.58 22.05 -8.84
C SER A 19 7.40 22.69 -8.14
N ALA A 20 7.48 23.99 -7.94
CA ALA A 20 6.37 24.78 -7.43
C ALA A 20 5.89 25.73 -8.51
N LEU A 21 4.75 26.36 -8.27
CA LEU A 21 4.12 27.24 -9.25
C LEU A 21 4.32 28.68 -8.80
N SER A 22 4.95 29.48 -9.65
CA SER A 22 5.07 30.90 -9.41
C SER A 22 3.71 31.57 -9.54
N ALA A 23 3.67 32.86 -9.22
CA ALA A 23 2.42 33.62 -9.32
C ALA A 23 1.88 33.60 -10.74
N ALA A 24 2.77 33.71 -11.72
CA ALA A 24 2.36 33.73 -13.11
C ALA A 24 1.70 32.42 -13.50
N ASP A 25 2.24 31.30 -13.02
CA ASP A 25 1.67 30.01 -13.38
C ASP A 25 0.33 29.76 -12.70
N ILE A 26 0.18 30.22 -11.45
CA ILE A 26 -1.10 30.03 -10.78
C ILE A 26 -2.19 30.90 -11.38
N VAL A 27 -1.88 32.13 -11.78
CA VAL A 27 -2.92 32.99 -12.33
C VAL A 27 -3.20 32.61 -13.78
N ALA A 28 -2.14 32.29 -14.53
CA ALA A 28 -2.29 32.08 -15.97
C ALA A 28 -3.18 30.90 -16.29
N GLN A 29 -3.07 29.81 -15.54
CA GLN A 29 -3.89 28.64 -15.81
C GLN A 29 -5.31 28.76 -15.27
N SER A 30 -5.61 29.81 -14.51
CA SER A 30 -6.92 29.94 -13.88
C SER A 30 -7.95 30.44 -14.88
N GLU A 31 -9.20 30.33 -14.48
CA GLU A 31 -10.32 30.80 -15.28
C GLU A 31 -11.19 31.82 -14.56
N VAL A 32 -11.37 31.67 -13.25
CA VAL A 32 -12.23 32.57 -12.48
C VAL A 32 -11.48 32.98 -11.23
N GLU A 33 -11.68 34.22 -10.80
CA GLU A 33 -11.06 34.75 -9.58
C GLU A 33 -12.10 34.67 -8.46
N VAL A 34 -11.87 33.76 -7.52
CA VAL A 34 -12.81 33.52 -6.44
C VAL A 34 -12.72 34.64 -5.41
N SER A 35 -13.76 35.46 -5.33
CA SER A 35 -13.74 36.62 -4.43
C SER A 35 -15.10 36.82 -3.77
N THR A 36 -15.81 35.74 -3.47
CA THR A 36 -17.09 35.87 -2.81
C THR A 36 -17.32 34.64 -1.94
N ARG A 37 -17.77 34.86 -0.70
CA ARG A 37 -17.98 33.79 0.24
C ARG A 37 -19.36 33.15 0.12
N ASP A 38 -20.17 33.59 -0.85
CA ASP A 38 -21.49 33.02 -1.09
C ASP A 38 -21.38 31.90 -2.10
N LEU A 39 -21.83 30.71 -1.74
CA LEU A 39 -21.81 29.59 -2.68
C LEU A 39 -22.99 29.65 -3.63
N PHE A 40 -24.21 29.57 -3.10
CA PHE A 40 -25.43 29.54 -3.89
C PHE A 40 -26.23 30.80 -3.63
N ASP A 41 -26.62 31.48 -4.70
CA ASP A 41 -27.50 32.63 -4.56
C ASP A 41 -28.91 32.13 -4.27
N LEU A 42 -29.49 32.58 -3.16
CA LEU A 42 -30.79 32.09 -2.74
C LEU A 42 -31.92 32.66 -3.59
N GLU A 43 -31.67 33.71 -4.36
CA GLU A 43 -32.75 34.41 -5.04
C GLU A 43 -33.23 33.66 -6.28
N LYS A 44 -32.34 32.96 -6.98
CA LYS A 44 -32.68 32.40 -8.29
C LYS A 44 -32.23 30.93 -8.37
N ASP A 45 -33.16 30.03 -8.11
CA ASP A 45 -33.10 28.62 -8.53
C ASP A 45 -31.91 27.85 -7.97
N ARG A 46 -31.30 28.34 -6.89
CA ARG A 46 -30.21 27.64 -6.20
C ARG A 46 -29.04 27.36 -7.14
N ALA A 47 -28.77 28.30 -8.03
CA ALA A 47 -27.71 28.19 -9.03
C ALA A 47 -26.35 28.40 -8.40
N PRO A 48 -25.28 27.96 -9.06
CA PRO A 48 -23.94 28.32 -8.59
C PRO A 48 -23.63 29.78 -8.92
N LYS A 49 -23.28 30.54 -7.89
CA LYS A 49 -23.04 31.96 -8.04
C LYS A 49 -21.78 32.21 -8.86
N ALA A 50 -21.84 33.21 -9.73
CA ALA A 50 -20.66 33.59 -10.49
C ALA A 50 -19.62 34.21 -9.59
N ASN A 51 -18.34 33.95 -9.89
CA ASN A 51 -17.19 34.36 -9.08
C ASN A 51 -17.33 33.81 -7.65
N GLY A 52 -17.44 32.49 -7.55
CA GLY A 52 -17.62 31.86 -6.26
C GLY A 52 -16.79 30.59 -6.14
N ALA A 53 -16.74 30.05 -4.92
CA ALA A 53 -16.00 28.83 -4.67
C ALA A 53 -16.60 27.63 -5.40
N LEU A 54 -17.87 27.75 -5.80
CA LEU A 54 -18.46 26.85 -6.79
C LEU A 54 -18.96 27.69 -7.96
N ASP A 55 -18.63 27.28 -9.15
CA ASP A 55 -18.79 28.13 -10.32
C ASP A 55 -18.74 27.24 -11.55
N PRO A 56 -19.58 27.49 -12.56
CA PRO A 56 -19.46 26.73 -13.81
C PRO A 56 -18.09 26.84 -14.46
N LYS A 57 -17.38 27.95 -14.27
CA LYS A 57 -16.06 28.11 -14.88
C LYS A 57 -15.06 27.11 -14.33
N MET A 58 -15.25 26.63 -13.11
CA MET A 58 -14.39 25.62 -12.52
C MET A 58 -14.96 24.21 -12.65
N GLY A 59 -16.05 24.04 -13.38
CA GLY A 59 -16.61 22.73 -13.64
C GLY A 59 -18.04 22.65 -13.16
N VAL A 60 -18.58 21.43 -13.20
CA VAL A 60 -19.92 21.15 -12.74
C VAL A 60 -19.90 19.96 -11.80
N SER A 61 -20.94 19.85 -10.99
CA SER A 61 -21.10 18.75 -10.07
C SER A 61 -22.31 17.87 -10.34
N SER A 62 -23.27 18.34 -11.13
CA SER A 62 -24.45 17.57 -11.51
C SER A 62 -24.34 17.18 -12.98
N SER A 63 -25.40 16.55 -13.50
CA SER A 63 -25.45 16.10 -14.87
C SER A 63 -26.30 16.98 -15.77
N SER A 64 -26.82 18.10 -15.25
CA SER A 64 -27.67 18.99 -16.03
C SER A 64 -27.13 20.41 -16.11
N LEU A 65 -25.87 20.64 -15.73
CA LEU A 65 -25.25 21.94 -15.83
C LEU A 65 -24.04 21.87 -16.76
N GLU A 66 -23.80 22.95 -17.49
CA GLU A 66 -22.67 23.03 -18.41
C GLU A 66 -21.58 23.91 -17.84
N CYS A 67 -20.34 23.68 -18.31
CA CYS A 67 -19.20 24.39 -17.76
C CYS A 67 -19.10 25.81 -18.29
N ALA A 68 -19.48 26.02 -19.55
CA ALA A 68 -19.30 27.27 -20.30
C ALA A 68 -17.84 27.69 -20.41
N THR A 69 -16.90 26.75 -20.22
CA THR A 69 -15.51 26.96 -20.58
C THR A 69 -15.11 25.87 -21.58
N CYS A 70 -15.66 24.68 -21.39
CA CYS A 70 -15.49 23.59 -22.35
C CYS A 70 -16.81 22.98 -22.79
N HIS A 71 -17.92 23.29 -22.13
CA HIS A 71 -19.27 22.86 -22.50
C HIS A 71 -19.37 21.33 -22.53
N GLY A 72 -19.23 20.74 -21.36
CA GLY A 72 -19.39 19.31 -21.22
C GLY A 72 -20.14 18.97 -19.94
N ASN A 73 -20.55 17.71 -19.85
CA ASN A 73 -21.25 17.22 -18.68
C ASN A 73 -20.25 16.74 -17.62
N LEU A 74 -20.75 16.06 -16.60
CA LEU A 74 -19.92 15.60 -15.50
C LEU A 74 -18.91 14.54 -15.96
N ALA A 75 -19.20 13.83 -17.03
CA ALA A 75 -18.32 12.78 -17.53
C ALA A 75 -17.37 13.27 -18.63
N SER A 76 -17.37 14.57 -18.94
CA SER A 76 -16.55 15.03 -20.05
C SER A 76 -15.76 16.28 -19.75
N CYS A 77 -15.64 16.67 -18.48
CA CYS A 77 -14.79 17.79 -18.08
C CYS A 77 -13.68 17.29 -17.18
N HIS A 78 -12.44 17.57 -17.55
CA HIS A 78 -11.30 17.14 -16.77
C HIS A 78 -11.03 18.01 -15.56
N GLY A 79 -11.68 19.16 -15.47
CA GLY A 79 -11.42 20.10 -14.40
C GLY A 79 -10.78 21.38 -14.91
N HIS A 80 -11.15 22.49 -14.29
CA HIS A 80 -10.65 23.80 -14.68
C HIS A 80 -10.29 24.57 -13.42
N PHE A 81 -9.04 25.00 -13.32
CA PHE A 81 -8.54 25.58 -12.08
C PHE A 81 -9.07 26.99 -11.87
N GLY A 82 -9.12 27.39 -10.60
CA GLY A 82 -9.37 28.77 -10.22
C GLY A 82 -8.17 29.33 -9.48
N HIS A 83 -8.21 30.64 -9.22
CA HIS A 83 -7.17 31.27 -8.44
C HIS A 83 -7.78 32.20 -7.42
N LEU A 84 -7.04 32.43 -6.33
CA LEU A 84 -7.51 33.25 -5.23
C LEU A 84 -6.34 34.09 -4.75
N LYS A 85 -6.58 35.39 -4.57
CA LYS A 85 -5.53 36.29 -4.13
C LYS A 85 -5.70 36.57 -2.65
N LEU A 86 -4.59 36.50 -1.90
CA LEU A 86 -4.61 36.75 -0.48
C LEU A 86 -4.22 38.18 -0.18
N ALA A 87 -4.90 38.78 0.79
CA ALA A 87 -4.64 40.19 1.13
C ALA A 87 -3.22 40.38 1.66
N LEU A 88 -2.76 39.46 2.50
CA LEU A 88 -1.38 39.43 2.98
C LEU A 88 -0.82 38.04 2.80
N PRO A 89 0.47 37.92 2.48
CA PRO A 89 1.06 36.60 2.29
C PRO A 89 1.09 35.80 3.58
N VAL A 90 0.90 34.48 3.44
CA VAL A 90 0.95 33.55 4.57
C VAL A 90 1.91 32.42 4.23
N PHE A 91 2.33 31.71 5.28
CA PHE A 91 3.32 30.67 5.10
C PHE A 91 2.67 29.36 4.66
N HIS A 92 3.49 28.47 4.16
CA HIS A 92 3.05 27.17 3.66
C HIS A 92 3.32 26.14 4.73
N ILE A 93 2.32 25.30 5.03
CA ILE A 93 2.47 24.33 6.10
C ILE A 93 3.40 23.18 5.72
N GLY A 94 3.66 23.00 4.44
CA GLY A 94 4.55 21.94 4.01
C GLY A 94 6.00 22.37 3.90
N TYR A 95 6.24 23.52 3.28
CA TYR A 95 7.60 24.03 3.11
C TYR A 95 8.08 24.83 4.31
N PHE A 96 7.45 24.68 5.48
CA PHE A 96 7.85 25.49 6.64
C PHE A 96 9.25 25.13 7.11
N LYS A 97 9.56 23.83 7.17
CA LYS A 97 10.92 23.43 7.51
C LYS A 97 11.91 23.92 6.47
N ALA A 98 11.48 23.94 5.20
CA ALA A 98 12.32 24.50 4.13
C ALA A 98 12.57 25.98 4.35
N THR A 99 11.54 26.73 4.77
CA THR A 99 11.71 28.16 5.03
C THR A 99 12.65 28.38 6.21
N ILE A 100 12.52 27.57 7.26
CA ILE A 100 13.42 27.68 8.41
C ILE A 100 14.85 27.41 7.97
N GLN A 101 15.06 26.40 7.11
CA GLN A 101 16.39 26.09 6.63
C GLN A 101 16.98 27.23 5.79
N ILE A 102 16.19 27.79 4.89
CA ILE A 102 16.74 28.81 4.00
C ILE A 102 17.04 30.10 4.76
N LEU A 103 16.19 30.47 5.73
CA LEU A 103 16.54 31.64 6.54
C LEU A 103 17.66 31.34 7.53
N GLN A 104 17.89 30.07 7.85
CA GLN A 104 19.12 29.73 8.55
C GLN A 104 20.33 29.99 7.66
N GLY A 105 20.20 29.70 6.37
CA GLY A 105 21.32 29.77 5.46
C GLY A 105 21.64 31.12 4.85
N ILE A 106 20.91 32.18 5.21
CA ILE A 106 21.15 33.50 4.65
C ILE A 106 21.27 34.52 5.77
N CYS A 107 21.87 35.65 5.44
CA CYS A 107 21.86 36.79 6.33
C CYS A 107 20.46 37.38 6.41
N LYS A 108 20.14 37.95 7.56
CA LYS A 108 18.81 38.50 7.80
C LYS A 108 18.77 40.01 7.65
N ASN A 109 19.82 40.62 7.12
CA ASN A 109 19.88 42.06 6.93
C ASN A 109 20.15 42.47 5.50
N CYS A 110 20.87 41.67 4.72
CA CYS A 110 21.13 42.00 3.32
C CYS A 110 20.75 40.89 2.36
N SER A 111 20.28 39.74 2.83
CA SER A 111 19.87 38.60 2.01
C SER A 111 21.01 38.12 1.10
N ALA A 112 22.08 37.66 1.73
CA ALA A 112 23.19 37.02 1.03
C ALA A 112 23.62 35.83 1.86
N ILE A 113 24.35 34.91 1.22
CA ILE A 113 24.77 33.70 1.93
C ILE A 113 25.87 34.05 2.91
N LEU A 114 26.11 33.14 3.87
CA LEU A 114 27.06 33.41 4.92
C LEU A 114 28.45 32.85 4.63
N LEU A 115 28.58 32.03 3.60
CA LEU A 115 29.86 31.42 3.27
C LEU A 115 30.77 32.43 2.58
N SER A 116 32.08 32.23 2.73
CA SER A 116 33.02 32.96 1.92
C SER A 116 33.09 32.34 0.53
N GLU A 117 33.79 33.01 -0.38
CA GLU A 117 33.80 32.56 -1.77
C GLU A 117 34.57 31.24 -1.94
N THR A 118 35.58 31.00 -1.11
CA THR A 118 36.37 29.77 -1.24
C THR A 118 35.54 28.53 -0.91
N ASP A 119 34.87 28.55 0.26
CA ASP A 119 34.03 27.43 0.64
C ASP A 119 32.84 27.28 -0.29
N LYS A 120 32.31 28.40 -0.78
CA LYS A 120 31.21 28.36 -1.74
C LYS A 120 31.64 27.68 -3.03
N ARG A 121 32.83 28.01 -3.53
CA ARG A 121 33.35 27.37 -4.74
C ARG A 121 33.57 25.87 -4.51
N GLN A 122 34.12 25.51 -3.35
CA GLN A 122 34.35 24.10 -3.05
C GLN A 122 33.04 23.32 -3.01
N PHE A 123 32.02 23.88 -2.36
CA PHE A 123 30.75 23.17 -2.27
C PHE A 123 30.03 23.12 -3.61
N LEU A 124 30.13 24.18 -4.41
CA LEU A 124 29.53 24.15 -5.74
C LEU A 124 30.21 23.12 -6.64
N HIS A 125 31.53 22.99 -6.53
CA HIS A 125 32.22 21.92 -7.24
C HIS A 125 31.80 20.55 -6.71
N GLU A 126 31.47 20.47 -5.42
CA GLU A 126 31.03 19.21 -4.86
C GLU A 126 29.66 18.78 -5.36
N LEU A 127 28.72 19.72 -5.54
CA LEU A 127 27.39 19.34 -6.00
C LEU A 127 27.36 18.80 -7.42
N ARG A 128 28.20 19.32 -8.31
CA ARG A 128 28.01 19.11 -9.74
C ARG A 128 28.92 18.04 -10.33
N ARG A 129 29.25 17.02 -9.53
CA ARG A 129 29.86 15.82 -10.07
C ARG A 129 28.83 15.04 -10.87
N PRO A 130 29.24 14.28 -11.89
CA PRO A 130 28.26 13.56 -12.70
C PRO A 130 27.60 12.39 -11.97
N GLY A 131 28.18 11.91 -10.89
CA GLY A 131 27.67 10.77 -10.17
C GLY A 131 26.87 11.07 -8.92
N VAL A 132 26.33 12.27 -8.78
CA VAL A 132 25.64 12.64 -7.55
C VAL A 132 24.26 11.99 -7.53
N ASP A 133 23.84 11.57 -6.34
CA ASP A 133 22.54 10.99 -6.10
C ASP A 133 21.81 11.82 -5.06
N ASN A 134 20.69 11.30 -4.55
CA ASN A 134 19.89 12.04 -3.58
C ASN A 134 20.59 12.11 -2.22
N LEU A 135 21.17 10.99 -1.78
CA LEU A 135 21.75 10.94 -0.44
C LEU A 135 22.95 11.87 -0.33
N ARG A 136 23.84 11.84 -1.32
CA ARG A 136 25.00 12.73 -1.29
C ARG A 136 24.59 14.18 -1.41
N ARG A 137 23.58 14.48 -2.23
CA ARG A 137 23.15 15.85 -2.41
C ARG A 137 22.56 16.42 -1.12
N MET A 138 21.70 15.64 -0.45
CA MET A 138 21.17 16.10 0.82
C MET A 138 22.25 16.19 1.89
N GLY A 139 23.25 15.30 1.85
CA GLY A 139 24.35 15.43 2.79
C GLY A 139 25.15 16.70 2.58
N ILE A 140 25.39 17.05 1.32
CA ILE A 140 26.13 18.28 1.04
C ILE A 140 25.30 19.50 1.43
N LEU A 141 23.99 19.47 1.20
CA LEU A 141 23.15 20.57 1.67
C LEU A 141 23.16 20.69 3.18
N LYS A 142 23.17 19.55 3.89
CA LYS A 142 23.26 19.58 5.34
C LYS A 142 24.58 20.19 5.80
N LYS A 143 25.68 19.85 5.12
CA LYS A 143 26.97 20.42 5.50
C LYS A 143 27.04 21.91 5.20
N ILE A 144 26.44 22.35 4.07
CA ILE A 144 26.41 23.77 3.75
C ILE A 144 25.63 24.53 4.82
N LEU A 145 24.49 23.99 5.24
CA LEU A 145 23.67 24.68 6.23
C LEU A 145 24.34 24.68 7.61
N ASP A 146 25.02 23.59 7.96
CA ASP A 146 25.79 23.53 9.19
C ASP A 146 26.98 24.47 9.17
N GLN A 147 27.55 24.74 7.99
CA GLN A 147 28.54 25.80 7.85
C GLN A 147 27.93 27.19 7.93
N CYS A 148 26.69 27.35 7.43
CA CYS A 148 26.00 28.64 7.54
C CYS A 148 25.78 29.02 9.00
N LYS A 149 25.36 28.06 9.83
CA LYS A 149 25.08 28.38 11.22
C LYS A 149 26.34 28.84 11.95
N LYS A 150 27.48 28.22 11.66
CA LYS A 150 28.71 28.49 12.40
C LYS A 150 29.24 29.90 12.18
N GLN A 151 28.79 30.60 11.15
CA GLN A 151 29.29 31.93 10.86
C GLN A 151 28.85 32.91 11.94
N ARG A 152 29.78 33.79 12.32
CA ARG A 152 29.52 34.80 13.33
C ARG A 152 28.83 36.03 12.76
N ARG A 153 29.37 36.58 11.66
CA ARG A 153 28.86 37.78 11.02
C ARG A 153 28.81 37.58 9.52
N CYS A 154 27.93 38.32 8.85
CA CYS A 154 27.83 38.25 7.40
C CYS A 154 29.09 38.83 6.76
N LEU A 155 29.24 38.58 5.46
CA LEU A 155 30.44 39.00 4.75
C LEU A 155 30.21 40.15 3.77
N HIS A 156 28.98 40.58 3.57
CA HIS A 156 28.70 41.81 2.82
C HIS A 156 28.29 42.94 3.73
N CYS A 157 28.12 42.68 5.02
CA CYS A 157 27.71 43.67 6.01
C CYS A 157 28.15 43.16 7.37
N GLY A 158 28.19 44.06 8.34
CA GLY A 158 28.65 43.71 9.67
C GLY A 158 27.56 43.25 10.59
N ALA A 159 26.44 42.78 10.04
CA ALA A 159 25.27 42.46 10.84
C ALA A 159 25.51 41.20 11.66
N LEU A 160 24.62 40.99 12.65
CA LEU A 160 24.63 39.81 13.49
C LEU A 160 23.58 38.82 13.02
N ASN A 161 23.98 37.56 12.92
CA ASN A 161 23.10 36.48 12.48
C ASN A 161 23.04 35.44 13.60
N GLY A 162 21.87 35.29 14.21
CA GLY A 162 21.72 34.43 15.36
C GLY A 162 21.19 33.06 15.03
N VAL A 163 20.11 32.66 15.70
CA VAL A 163 19.55 31.32 15.52
C VAL A 163 18.08 31.46 15.17
N VAL A 164 17.67 30.75 14.12
CA VAL A 164 16.29 30.74 13.65
C VAL A 164 15.62 29.45 14.10
N LYS A 165 14.44 29.59 14.69
CA LYS A 165 13.71 28.42 15.17
C LYS A 165 12.22 28.75 15.22
N LYS A 166 11.43 27.75 15.61
CA LYS A 166 9.99 27.94 15.80
C LYS A 166 9.72 28.65 17.12
N ALA A 167 8.44 28.79 17.45
CA ALA A 167 8.04 29.52 18.66
C ALA A 167 7.69 28.59 19.81
N ALA A 168 6.69 27.73 19.62
CA ALA A 168 6.24 26.83 20.69
C ALA A 168 6.50 25.37 20.41
N ALA A 169 6.74 25.01 19.14
CA ALA A 169 6.99 23.62 18.71
C ALA A 169 5.86 22.70 19.15
N GLY A 170 4.62 23.18 18.98
CA GLY A 170 3.46 22.40 19.36
C GLY A 170 2.36 22.41 18.32
N ALA A 171 1.12 22.25 18.77
CA ALA A 171 -0.04 22.25 17.87
C ALA A 171 -0.86 23.54 17.98
N GLY A 172 -0.28 24.57 18.60
CA GLY A 172 -0.99 25.83 18.78
C GLY A 172 -0.82 26.76 17.59
N SER A 173 -1.37 27.97 17.75
CA SER A 173 -1.23 28.99 16.73
C SER A 173 0.21 29.49 16.62
N ALA A 174 1.01 29.29 17.67
CA ALA A 174 2.42 29.65 17.64
C ALA A 174 3.27 28.74 16.78
N ALA A 175 2.71 27.62 16.30
CA ALA A 175 3.49 26.64 15.55
C ALA A 175 3.94 27.16 14.19
N LEU A 176 3.41 28.30 13.74
CA LEU A 176 3.71 28.83 12.42
C LEU A 176 4.42 30.19 12.53
N LYS A 177 5.15 30.40 13.61
CA LYS A 177 5.98 31.59 13.75
C LYS A 177 7.45 31.23 13.62
N ILE A 178 8.26 32.26 13.37
CA ILE A 178 9.70 32.15 13.26
C ILE A 178 10.34 33.16 14.19
N ILE A 179 11.22 32.68 15.05
CA ILE A 179 12.00 33.53 15.95
C ILE A 179 13.44 33.55 15.45
N HIS A 180 13.97 34.76 15.30
CA HIS A 180 15.37 34.99 14.91
C HIS A 180 16.05 35.59 16.13
N ASP A 181 16.56 34.73 17.01
CA ASP A 181 17.30 35.21 18.18
C ASP A 181 18.62 35.79 17.71
N THR A 182 18.77 37.11 17.86
CA THR A 182 19.90 37.80 17.26
C THR A 182 21.00 38.17 18.23
N PHE A 183 20.80 37.97 19.53
CA PHE A 183 21.81 38.31 20.52
C PHE A 183 22.16 37.13 21.43
N ARG A 184 21.90 35.90 21.00
CA ARG A 184 22.37 34.78 21.81
C ARG A 184 23.83 34.48 21.51
N TRP A 185 24.37 35.11 20.47
CA TRP A 185 25.76 34.95 20.06
C TRP A 185 26.54 36.24 20.23
N VAL A 186 25.95 37.21 20.94
CA VAL A 186 26.49 38.57 20.96
C VAL A 186 27.75 38.63 21.81
N GLY A 187 27.91 37.70 22.75
CA GLY A 187 29.11 37.61 23.54
C GLY A 187 29.32 38.76 24.51
N LYS A 188 30.57 39.15 24.70
CA LYS A 188 30.93 40.22 25.62
C LYS A 188 31.73 41.34 24.97
N LYS A 189 31.78 41.39 23.64
CA LYS A 189 32.54 42.43 22.94
C LYS A 189 31.73 43.72 22.87
N SER A 190 32.18 44.66 22.04
CA SER A 190 31.56 45.98 21.98
C SER A 190 30.12 45.89 21.46
N ALA A 191 29.92 45.24 20.31
CA ALA A 191 28.61 44.88 19.78
C ALA A 191 27.68 46.07 19.57
N PRO A 192 27.90 46.90 18.55
CA PRO A 192 27.04 48.08 18.34
C PRO A 192 25.57 47.76 18.15
N GLU A 193 25.24 46.58 17.64
CA GLU A 193 23.84 46.19 17.52
C GLU A 193 23.19 46.05 18.88
N LYS A 194 23.93 45.53 19.85
CA LYS A 194 23.43 45.47 21.23
C LYS A 194 23.21 46.87 21.78
N ASP A 195 24.10 47.82 21.41
CA ASP A 195 23.91 49.20 21.83
C ASP A 195 22.65 49.80 21.21
N ILE A 196 22.39 49.49 19.94
CA ILE A 196 21.17 50.00 19.29
C ILE A 196 19.94 49.43 19.97
N TRP A 197 19.98 48.13 20.30
CA TRP A 197 18.85 47.50 20.97
C TRP A 197 18.60 48.10 22.34
N VAL A 198 19.66 48.31 23.13
CA VAL A 198 19.48 48.84 24.47
C VAL A 198 19.07 50.30 24.41
N GLY A 199 19.51 51.06 23.40
CA GLY A 199 19.04 52.42 23.25
C GLY A 199 17.57 52.49 22.86
N GLU A 200 17.14 51.59 21.97
CA GLU A 200 15.74 51.51 21.60
C GLU A 200 14.88 51.22 22.83
N TRP A 201 15.32 50.28 23.66
CA TRP A 201 14.52 49.94 24.82
C TRP A 201 14.61 51.02 25.90
N LYS A 202 15.73 51.72 26.01
CA LYS A 202 15.82 52.89 26.89
C LYS A 202 14.88 54.00 26.45
N GLU A 203 14.61 54.11 25.15
CA GLU A 203 13.60 55.05 24.69
C GLU A 203 12.19 54.57 24.99
N VAL A 204 11.90 53.29 24.74
CA VAL A 204 10.51 52.84 24.77
C VAL A 204 10.05 52.57 26.21
N LEU A 205 10.98 52.31 27.12
CA LEU A 205 10.58 51.99 28.49
C LEU A 205 10.16 53.22 29.28
N ALA A 206 10.32 54.43 28.74
CA ALA A 206 9.92 55.62 29.46
C ALA A 206 8.41 55.70 29.64
N HIS A 207 7.64 55.15 28.69
CA HIS A 207 6.19 55.27 28.72
C HIS A 207 5.48 53.95 29.00
N ASN A 208 6.17 52.82 28.93
CA ASN A 208 5.59 51.51 29.22
C ASN A 208 6.56 50.71 30.09
N PRO A 209 6.69 51.08 31.37
CA PRO A 209 7.61 50.31 32.23
C PRO A 209 7.16 48.89 32.48
N GLU A 210 5.86 48.61 32.35
CA GLU A 210 5.34 47.27 32.60
C GLU A 210 5.88 46.26 31.61
N LEU A 211 6.36 46.72 30.45
CA LEU A 211 6.95 45.84 29.46
C LEU A 211 8.38 45.43 29.80
N GLU A 212 8.98 46.07 30.81
CA GLU A 212 10.38 45.79 31.16
C GLU A 212 10.56 44.33 31.58
N ARG A 213 9.53 43.71 32.15
CA ARG A 213 9.59 42.32 32.54
C ARG A 213 9.70 41.38 31.34
N TYR A 214 9.28 41.82 30.15
CA TYR A 214 9.26 40.97 28.97
C TYR A 214 10.34 41.33 27.97
N VAL A 215 11.42 41.97 28.41
CA VAL A 215 12.47 42.38 27.47
C VAL A 215 13.31 41.18 27.03
N LYS A 216 13.28 40.09 27.81
CA LYS A 216 14.10 38.94 27.48
C LYS A 216 13.52 38.13 26.33
N ARG A 217 12.20 38.05 26.24
CA ARG A 217 11.53 37.25 25.22
C ARG A 217 11.20 38.03 23.96
N CYS A 218 11.45 39.34 23.93
CA CYS A 218 11.19 40.13 22.73
C CYS A 218 12.32 39.91 21.75
N MET A 219 12.08 39.07 20.76
CA MET A 219 13.07 38.66 19.79
C MET A 219 12.59 39.06 18.40
N ASP A 220 13.54 39.30 17.49
CA ASP A 220 13.19 39.87 16.20
C ASP A 220 12.45 38.85 15.36
N ASP A 221 11.12 38.86 15.44
CA ASP A 221 10.32 37.90 14.71
C ASP A 221 10.28 38.26 13.23
N LEU A 222 10.07 37.23 12.41
CA LEU A 222 10.06 37.36 10.96
C LEU A 222 8.68 36.95 10.45
N ASN A 223 7.81 37.93 10.29
CA ASN A 223 6.51 37.67 9.69
C ASN A 223 6.67 37.38 8.19
N PRO A 224 5.69 36.73 7.56
CA PRO A 224 5.79 36.42 6.13
C PRO A 224 5.98 37.62 5.23
N LEU A 225 5.58 38.83 5.63
CA LEU A 225 5.81 39.98 4.75
C LEU A 225 7.30 40.30 4.68
N LYS A 226 7.95 40.40 5.84
CA LYS A 226 9.39 40.64 5.84
C LYS A 226 10.15 39.42 5.35
N THR A 227 9.65 38.22 5.62
CA THR A 227 10.28 37.01 5.09
C THR A 227 10.24 36.99 3.57
N LEU A 228 9.09 37.35 3.00
CA LEU A 228 8.95 37.43 1.55
C LEU A 228 9.87 38.48 0.97
N ASN A 229 9.96 39.64 1.60
CA ASN A 229 10.85 40.66 1.06
C ASN A 229 12.32 40.34 1.28
N LEU A 230 12.66 39.47 2.23
CA LEU A 230 14.01 38.91 2.28
C LEU A 230 14.24 37.86 1.21
N PHE A 231 13.18 37.18 0.79
CA PHE A 231 13.33 36.19 -0.28
C PHE A 231 13.58 36.86 -1.62
N LYS A 232 12.88 37.96 -1.91
CA LYS A 232 12.98 38.59 -3.23
C LYS A 232 14.37 39.11 -3.51
N GLN A 233 15.11 39.51 -2.47
CA GLN A 233 16.42 40.10 -2.66
C GLN A 233 17.54 39.08 -2.66
N ILE A 234 17.24 37.78 -2.49
CA ILE A 234 18.28 36.76 -2.54
C ILE A 234 18.80 36.66 -3.97
N LYS A 235 20.13 36.72 -4.11
CA LYS A 235 20.73 36.63 -5.43
C LYS A 235 20.46 35.27 -6.06
N SER A 236 20.20 35.27 -7.36
CA SER A 236 19.86 34.03 -8.04
C SER A 236 21.02 33.05 -8.07
N ALA A 237 22.25 33.54 -7.99
CA ALA A 237 23.41 32.67 -7.93
C ALA A 237 23.53 31.94 -6.60
N ASP A 238 22.73 32.33 -5.61
CA ASP A 238 22.75 31.71 -4.30
C ASP A 238 21.74 30.59 -4.14
N CYS A 239 20.95 30.31 -5.17
CA CYS A 239 19.90 29.32 -5.01
C CYS A 239 20.45 27.89 -5.03
N GLU A 240 21.60 27.68 -5.68
CA GLU A 240 22.14 26.33 -5.82
C GLU A 240 22.54 25.75 -4.47
N LEU A 241 23.14 26.54 -3.60
CA LEU A 241 23.59 26.07 -2.30
C LEU A 241 22.46 25.97 -1.30
N LEU A 242 21.22 26.25 -1.71
CA LEU A 242 20.05 26.02 -0.88
C LEU A 242 19.15 24.95 -1.46
N GLY A 243 19.61 24.23 -2.48
CA GLY A 243 18.89 23.11 -3.05
C GLY A 243 17.97 23.44 -4.20
N ILE A 244 17.85 24.72 -4.58
CA ILE A 244 16.91 25.14 -5.60
C ILE A 244 17.67 25.48 -6.88
N ASP A 245 17.31 24.83 -7.98
CA ASP A 245 17.89 25.15 -9.27
C ASP A 245 17.26 26.44 -9.79
N ALA A 246 18.10 27.38 -10.21
CA ALA A 246 17.65 28.72 -10.56
C ALA A 246 17.48 28.93 -12.05
N THR A 247 17.55 27.87 -12.86
CA THR A 247 17.42 28.04 -14.30
C THR A 247 15.97 28.32 -14.69
N VAL A 248 15.04 27.49 -14.25
CA VAL A 248 13.62 27.65 -14.58
C VAL A 248 13.07 28.85 -13.81
N PRO A 249 12.08 29.56 -14.35
CA PRO A 249 11.55 30.74 -13.63
C PRO A 249 10.81 30.41 -12.35
N SER A 250 10.32 29.18 -12.21
CA SER A 250 9.65 28.80 -10.97
C SER A 250 10.63 28.50 -9.85
N GLY A 251 11.90 28.26 -10.17
CA GLY A 251 12.88 27.90 -9.18
C GLY A 251 13.44 29.10 -8.43
N ARG A 252 12.59 29.71 -7.61
CA ARG A 252 12.98 30.82 -6.76
C ARG A 252 12.42 30.57 -5.37
N PRO A 253 13.09 31.07 -4.32
CA PRO A 253 12.51 30.96 -2.98
C PRO A 253 11.18 31.67 -2.82
N GLU A 254 10.98 32.76 -3.55
CA GLU A 254 9.75 33.54 -3.44
C GLU A 254 8.53 32.72 -3.81
N THR A 255 8.72 31.67 -4.60
CA THR A 255 7.63 30.79 -5.01
C THR A 255 7.05 30.00 -3.84
N TYR A 256 7.85 29.73 -2.81
CA TYR A 256 7.41 28.87 -1.72
C TYR A 256 6.65 29.63 -0.63
N ILE A 257 6.13 30.82 -0.93
CA ILE A 257 5.33 31.60 -0.02
C ILE A 257 3.98 31.84 -0.67
N TRP A 258 2.90 31.59 0.08
CA TRP A 258 1.56 31.73 -0.46
C TRP A 258 1.23 33.18 -0.76
N ARG A 259 1.23 33.55 -2.04
CA ARG A 259 0.63 34.80 -2.49
C ARG A 259 -0.57 34.57 -3.39
N TYR A 260 -0.71 33.37 -3.96
CA TYR A 260 -1.84 33.04 -4.82
C TYR A 260 -2.23 31.60 -4.53
N LEU A 261 -3.43 31.40 -3.99
CA LEU A 261 -3.89 30.07 -3.64
C LEU A 261 -4.75 29.53 -4.77
N PRO A 262 -4.36 28.44 -5.42
CA PRO A 262 -5.16 27.93 -6.54
C PRO A 262 -6.41 27.22 -6.04
N ALA A 263 -7.55 27.70 -6.48
CA ALA A 263 -8.82 27.07 -6.13
C ALA A 263 -8.98 25.77 -6.90
N PRO A 264 -9.08 24.63 -6.21
CA PRO A 264 -9.09 23.36 -6.92
C PRO A 264 -10.41 23.16 -7.65
N PRO A 265 -10.41 22.39 -8.73
CA PRO A 265 -11.63 22.19 -9.51
C PRO A 265 -12.69 21.47 -8.72
N VAL A 266 -13.95 21.70 -9.10
CA VAL A 266 -15.04 21.03 -8.42
C VAL A 266 -15.05 19.54 -8.72
N CYS A 267 -14.34 19.11 -9.76
CA CYS A 267 -14.23 17.68 -10.06
C CYS A 267 -13.41 16.92 -9.02
N ILE A 268 -12.58 17.62 -8.25
CA ILE A 268 -11.82 16.98 -7.18
C ILE A 268 -12.34 17.38 -5.82
N ARG A 269 -13.56 17.94 -5.76
CA ARG A 269 -14.29 18.21 -4.53
C ARG A 269 -15.80 18.26 -4.78
N PRO A 270 -16.40 17.14 -5.19
CA PRO A 270 -17.81 17.18 -5.62
C PRO A 270 -18.75 17.29 -4.43
N SER A 271 -20.04 17.43 -4.75
CA SER A 271 -21.07 17.65 -3.75
C SER A 271 -21.36 16.35 -3.01
N VAL A 272 -21.23 16.38 -1.68
CA VAL A 272 -21.41 15.19 -0.86
C VAL A 272 -22.85 14.70 -0.98
N MET A 273 -23.01 13.38 -1.05
CA MET A 273 -24.31 12.76 -1.26
C MET A 273 -25.25 13.04 -0.09
N MET A 274 -26.53 13.18 -0.43
CA MET A 274 -27.59 13.49 0.52
C MET A 274 -28.62 12.36 0.48
N GLN A 275 -29.21 12.07 1.64
CA GLN A 275 -30.11 10.92 1.73
C GLN A 275 -31.56 11.33 1.47
N ASP A 276 -32.09 12.24 2.29
CA ASP A 276 -33.47 12.67 2.18
C ASP A 276 -33.66 14.17 2.23
N SER A 277 -32.60 14.95 2.48
CA SER A 277 -32.73 16.39 2.61
C SER A 277 -33.02 17.02 1.25
N PRO A 278 -33.84 18.07 1.21
CA PRO A 278 -34.11 18.76 -0.06
C PRO A 278 -32.97 19.65 -0.53
N ALA A 279 -32.01 19.98 0.34
CA ALA A 279 -30.84 20.76 -0.01
C ALA A 279 -29.64 19.84 -0.23
N SER A 280 -28.48 20.45 -0.42
CA SER A 280 -27.25 19.73 -0.67
C SER A 280 -26.17 20.16 0.33
N ASN A 281 -25.08 19.39 0.36
CA ASN A 281 -23.94 19.67 1.22
C ASN A 281 -22.69 19.81 0.36
N GLU A 282 -21.67 20.46 0.92
CA GLU A 282 -20.42 20.67 0.22
C GLU A 282 -19.26 20.10 1.03
N ASP A 283 -18.21 19.73 0.31
CA ASP A 283 -17.05 19.12 0.95
C ASP A 283 -16.31 20.15 1.79
N ASP A 284 -15.43 19.65 2.67
CA ASP A 284 -14.73 20.52 3.60
C ASP A 284 -13.79 21.49 2.88
N LEU A 285 -13.31 21.10 1.70
CA LEU A 285 -12.45 22.00 0.93
C LEU A 285 -13.19 23.24 0.47
N THR A 286 -14.43 23.08 -0.02
CA THR A 286 -15.21 24.22 -0.47
C THR A 286 -15.52 25.17 0.68
N VAL A 287 -15.93 24.62 1.82
CA VAL A 287 -16.24 25.44 2.98
C VAL A 287 -14.99 26.17 3.47
N LYS A 288 -13.85 25.48 3.50
CA LYS A 288 -12.66 26.10 4.05
C LYS A 288 -12.07 27.14 3.08
N LEU A 289 -12.26 26.93 1.77
CA LEU A 289 -11.85 27.94 0.81
C LEU A 289 -12.72 29.19 0.92
N THR A 290 -14.03 29.01 1.15
CA THR A 290 -14.90 30.14 1.44
C THR A 290 -14.46 30.86 2.71
N GLU A 291 -14.03 30.09 3.71
CA GLU A 291 -13.48 30.65 4.94
C GLU A 291 -12.26 31.53 4.66
N ILE A 292 -11.38 31.05 3.77
CA ILE A 292 -10.20 31.81 3.37
C ILE A 292 -10.60 33.11 2.69
N VAL A 293 -11.59 33.04 1.79
CA VAL A 293 -12.01 34.23 1.05
C VAL A 293 -12.57 35.27 2.00
N TRP A 294 -13.37 34.84 2.98
CA TRP A 294 -13.94 35.77 3.95
C TRP A 294 -12.86 36.41 4.80
N THR A 295 -11.88 35.61 5.25
CA THR A 295 -10.84 36.17 6.10
C THR A 295 -9.97 37.16 5.32
N SER A 296 -9.67 36.86 4.06
CA SER A 296 -8.90 37.81 3.25
C SER A 296 -9.69 39.08 2.98
N SER A 297 -11.00 38.96 2.78
CA SER A 297 -11.84 40.15 2.64
C SER A 297 -11.78 41.00 3.90
N LEU A 298 -11.83 40.36 5.06
CA LEU A 298 -11.75 41.09 6.32
C LEU A 298 -10.41 41.81 6.44
N ILE A 299 -9.33 41.14 6.07
CA ILE A 299 -8.00 41.74 6.19
C ILE A 299 -7.87 42.95 5.26
N LYS A 300 -8.33 42.82 4.02
CA LYS A 300 -8.22 43.94 3.08
C LYS A 300 -9.10 45.11 3.50
N ALA A 301 -10.34 44.83 3.93
CA ALA A 301 -11.20 45.91 4.39
C ALA A 301 -10.65 46.58 5.65
N GLY A 302 -9.95 45.82 6.49
CA GLY A 302 -9.33 46.42 7.66
C GLY A 302 -8.11 47.24 7.32
N LEU A 303 -7.40 46.88 6.26
CA LEU A 303 -6.27 47.69 5.83
C LEU A 303 -6.74 48.95 5.12
N ASP A 304 -7.94 48.91 4.54
CA ASP A 304 -8.49 50.10 3.90
C ASP A 304 -8.80 51.19 4.92
N LYS A 305 -9.52 50.84 5.99
CA LYS A 305 -9.87 51.77 7.06
C LYS A 305 -9.33 51.21 8.37
N GLY A 306 -8.50 52.00 9.05
CA GLY A 306 -7.67 51.52 10.13
C GLY A 306 -8.35 50.84 11.30
N ILE A 307 -7.83 49.67 11.67
CA ILE A 307 -8.23 48.97 12.88
C ILE A 307 -6.97 48.80 13.73
N SER A 308 -7.17 48.57 15.03
CA SER A 308 -6.06 48.30 15.93
C SER A 308 -5.25 47.10 15.43
N ILE A 309 -3.92 47.22 15.53
CA ILE A 309 -3.02 46.25 14.90
C ILE A 309 -3.20 44.87 15.50
N ASN A 310 -3.64 44.79 16.76
CA ASN A 310 -3.88 43.50 17.40
C ASN A 310 -4.93 42.69 16.65
N ASN A 311 -6.04 43.34 16.29
CA ASN A 311 -7.11 42.64 15.59
C ASN A 311 -6.67 42.20 14.19
N MET A 312 -5.94 43.07 13.48
CA MET A 312 -5.49 42.73 12.13
C MET A 312 -4.52 41.55 12.18
N MET A 313 -3.57 41.58 13.11
CA MET A 313 -2.64 40.46 13.23
C MET A 313 -3.34 39.19 13.69
N GLU A 314 -4.38 39.31 14.52
CA GLU A 314 -5.14 38.14 14.94
C GLU A 314 -5.86 37.49 13.77
N HIS A 315 -6.54 38.29 12.95
CA HIS A 315 -7.23 37.73 11.80
C HIS A 315 -6.27 37.23 10.75
N TRP A 316 -5.10 37.86 10.65
CA TRP A 316 -4.05 37.39 9.76
C TRP A 316 -3.51 36.03 10.21
N ASP A 317 -3.35 35.84 11.52
CA ASP A 317 -2.97 34.54 12.05
C ASP A 317 -4.07 33.51 11.80
N TYR A 318 -5.33 33.91 11.90
CA TYR A 318 -6.42 32.98 11.60
C TYR A 318 -6.39 32.56 10.13
N LEU A 319 -6.07 33.50 9.24
CA LEU A 319 -5.92 33.15 7.83
C LEU A 319 -4.77 32.17 7.62
N GLN A 320 -3.65 32.40 8.29
CA GLN A 320 -2.52 31.47 8.18
C GLN A 320 -2.89 30.08 8.66
N LEU A 321 -3.57 29.99 9.80
CA LEU A 321 -4.01 28.70 10.32
C LEU A 321 -4.99 28.03 9.36
N THR A 322 -5.87 28.81 8.74
CA THR A 322 -6.88 28.21 7.89
C THR A 322 -6.26 27.71 6.58
N VAL A 323 -5.28 28.44 6.03
CA VAL A 323 -4.53 27.94 4.89
C VAL A 323 -3.80 26.65 5.25
N ALA A 324 -3.12 26.65 6.40
CA ALA A 324 -2.33 25.50 6.81
C ALA A 324 -3.21 24.27 6.99
N MET A 325 -4.35 24.44 7.64
CA MET A 325 -5.25 23.32 7.87
C MET A 325 -6.02 22.92 6.60
N TYR A 326 -6.15 23.84 5.64
CA TYR A 326 -6.65 23.46 4.33
C TYR A 326 -5.68 22.53 3.63
N ILE A 327 -4.39 22.84 3.68
CA ILE A 327 -3.40 21.95 3.07
C ILE A 327 -3.18 20.71 3.95
N ASN A 328 -3.03 20.89 5.25
CA ASN A 328 -2.67 19.79 6.14
C ASN A 328 -3.34 19.99 7.49
N SER A 329 -4.18 19.02 7.89
CA SER A 329 -5.01 19.15 9.08
C SER A 329 -4.63 18.11 10.12
N ASP A 330 -3.33 17.97 10.37
CA ASP A 330 -2.85 17.12 11.45
C ASP A 330 -1.92 17.90 12.37
N SER A 331 -1.17 18.85 11.82
CA SER A 331 -0.26 19.63 12.63
C SER A 331 -0.99 20.61 13.53
N VAL A 332 -2.12 21.13 13.09
CA VAL A 332 -2.85 22.17 13.82
C VAL A 332 -4.27 21.69 14.09
N ASN A 333 -4.78 22.03 15.25
CA ASN A 333 -6.12 21.63 15.67
C ASN A 333 -7.12 22.71 15.36
N PRO A 334 -8.40 22.36 15.15
CA PRO A 334 -9.42 23.39 14.96
C PRO A 334 -9.80 24.14 16.22
N ALA A 335 -9.21 23.78 17.38
CA ALA A 335 -9.57 24.43 18.63
C ALA A 335 -9.17 25.89 18.66
N MET A 336 -8.10 26.27 17.95
CA MET A 336 -7.60 27.63 17.98
C MET A 336 -8.43 28.60 17.15
N LEU A 337 -9.25 28.10 16.23
CA LEU A 337 -10.14 28.95 15.47
C LEU A 337 -11.29 29.44 16.36
N PRO A 338 -11.85 30.61 16.05
CA PRO A 338 -13.02 31.08 16.82
C PRO A 338 -14.22 30.18 16.62
N GLY A 339 -15.01 30.04 17.69
CA GLY A 339 -16.19 29.20 17.66
C GLY A 339 -16.41 28.44 18.95
N PRO A 349 -11.74 15.01 12.23
CA PRO A 349 -11.26 16.26 11.66
C PRO A 349 -11.64 16.42 10.19
N ILE A 350 -11.42 17.62 9.65
CA ILE A 350 -11.84 17.91 8.29
C ILE A 350 -10.92 17.19 7.30
N ARG A 351 -11.49 16.81 6.16
CA ARG A 351 -10.78 16.04 5.15
C ARG A 351 -9.95 17.02 4.32
N GLY A 352 -8.69 17.20 4.71
CA GLY A 352 -7.81 18.08 3.99
C GLY A 352 -7.08 17.38 2.87
N PHE A 353 -6.15 18.10 2.25
CA PHE A 353 -5.40 17.55 1.13
C PHE A 353 -4.39 16.51 1.60
N CYS A 354 -3.66 16.81 2.67
CA CYS A 354 -2.65 15.88 3.14
C CYS A 354 -3.25 14.62 3.72
N GLN A 355 -4.49 14.66 4.18
CA GLN A 355 -5.18 13.47 4.67
C GLN A 355 -5.89 12.71 3.56
N ARG A 356 -5.84 13.20 2.33
CA ARG A 356 -6.31 12.45 1.19
C ARG A 356 -5.18 11.82 0.39
N LEU A 357 -3.94 11.99 0.81
CA LEU A 357 -2.80 11.40 0.14
C LEU A 357 -2.05 10.38 0.98
N LYS A 358 -2.42 10.20 2.24
CA LYS A 358 -1.76 9.24 3.12
C LYS A 358 -2.80 8.34 3.76
N GLY A 359 -2.37 7.15 4.17
CA GLY A 359 -3.22 6.21 4.87
C GLY A 359 -3.55 5.00 4.02
N LYS A 360 -4.26 4.07 4.65
CA LYS A 360 -4.67 2.84 3.97
C LYS A 360 -5.72 3.12 2.91
N GLN A 361 -6.73 3.91 3.26
CA GLN A 361 -7.77 4.30 2.32
C GLN A 361 -7.53 5.68 1.72
N GLY A 362 -6.27 6.06 1.54
CA GLY A 362 -5.95 7.34 0.91
C GLY A 362 -6.06 7.26 -0.60
N ARG A 363 -5.09 7.83 -1.31
CA ARG A 363 -5.01 7.67 -2.76
C ARG A 363 -3.81 6.84 -3.17
N PHE A 364 -2.63 7.12 -2.60
CA PHE A 364 -1.43 6.42 -2.99
C PHE A 364 -1.46 4.94 -2.64
N ARG A 365 -2.26 4.55 -1.66
CA ARG A 365 -2.43 3.14 -1.34
C ARG A 365 -3.87 2.69 -1.45
N GLY A 366 -4.76 3.54 -1.93
CA GLY A 366 -6.16 3.18 -2.04
C GLY A 366 -6.69 3.18 -3.46
N ASN A 367 -6.17 4.06 -4.32
CA ASN A 367 -6.68 4.15 -5.67
C ASN A 367 -5.61 4.31 -6.73
N LEU A 368 -4.32 4.28 -6.37
CA LEU A 368 -3.26 4.31 -7.38
C LEU A 368 -2.41 3.05 -7.37
N SER A 369 -1.82 2.67 -6.24
CA SER A 369 -0.99 1.48 -6.19
C SER A 369 -1.80 0.20 -6.18
N GLY A 370 -3.10 0.30 -5.95
CA GLY A 370 -4.00 -0.83 -6.06
C GLY A 370 -5.43 -0.34 -6.11
N LYS A 371 -6.20 -0.78 -7.11
CA LYS A 371 -7.49 -0.18 -7.37
C LYS A 371 -8.49 -1.25 -7.72
N ARG A 372 -9.76 -0.94 -7.48
CA ARG A 372 -10.84 -1.87 -7.78
C ARG A 372 -11.00 -2.02 -9.28
N VAL A 373 -11.16 -3.27 -9.73
CA VAL A 373 -11.20 -3.58 -11.14
C VAL A 373 -12.61 -4.01 -11.51
N ASP A 374 -12.93 -3.88 -12.79
CA ASP A 374 -14.16 -4.42 -13.34
C ASP A 374 -13.94 -5.89 -13.65
N PHE A 375 -15.00 -6.54 -14.14
CA PHE A 375 -14.93 -7.89 -14.69
C PHE A 375 -14.42 -8.90 -13.66
N SER A 376 -14.83 -8.76 -12.42
CA SER A 376 -14.45 -9.64 -11.33
C SER A 376 -15.70 -10.32 -10.77
N GLY A 377 -15.46 -11.33 -9.95
CA GLY A 377 -16.56 -12.02 -9.30
C GLY A 377 -16.07 -12.79 -8.10
N ARG A 378 -16.82 -12.71 -7.01
CA ARG A 378 -16.41 -13.30 -5.76
C ARG A 378 -17.42 -14.35 -5.33
N THR A 379 -16.95 -15.54 -4.96
CA THR A 379 -17.87 -16.62 -4.66
C THR A 379 -17.25 -17.54 -3.61
N VAL A 380 -18.12 -18.21 -2.84
CA VAL A 380 -17.69 -19.26 -1.94
C VAL A 380 -17.17 -20.45 -2.73
N ILE A 381 -16.47 -21.34 -2.05
CA ILE A 381 -15.65 -22.36 -2.69
C ILE A 381 -16.10 -23.75 -2.27
N SER A 382 -16.21 -24.64 -3.25
CA SER A 382 -16.59 -26.04 -3.08
C SER A 382 -15.63 -26.92 -3.87
N PRO A 383 -15.38 -28.14 -3.42
CA PRO A 383 -14.45 -29.02 -4.12
C PRO A 383 -15.05 -29.63 -5.39
N ASP A 384 -14.14 -30.07 -6.27
CA ASP A 384 -14.49 -30.79 -7.50
C ASP A 384 -13.29 -31.57 -8.02
N PRO A 385 -13.10 -32.82 -7.61
CA PRO A 385 -11.90 -33.56 -8.03
C PRO A 385 -11.95 -34.03 -9.46
N ASN A 386 -13.13 -34.16 -10.05
CA ASN A 386 -13.25 -34.65 -11.42
C ASN A 386 -12.88 -33.60 -12.46
N LEU A 387 -12.32 -32.48 -12.03
CA LEU A 387 -11.89 -31.40 -12.91
C LEU A 387 -10.37 -31.43 -12.97
N SER A 388 -9.81 -31.15 -14.15
CA SER A 388 -8.37 -31.15 -14.29
C SER A 388 -7.77 -30.02 -13.47
N ILE A 389 -6.48 -30.17 -13.12
CA ILE A 389 -5.84 -29.25 -12.18
C ILE A 389 -5.58 -27.88 -12.77
N ASP A 390 -5.99 -27.62 -14.00
CA ASP A 390 -5.86 -26.31 -14.61
C ASP A 390 -7.23 -25.70 -14.92
N GLU A 391 -8.27 -26.22 -14.30
CA GLU A 391 -9.64 -25.88 -14.66
C GLU A 391 -10.41 -25.49 -13.41
N VAL A 392 -10.96 -24.30 -13.41
CA VAL A 392 -11.86 -23.85 -12.35
C VAL A 392 -13.27 -23.86 -12.92
N ALA A 393 -14.24 -24.11 -12.07
CA ALA A 393 -15.64 -24.21 -12.48
C ALA A 393 -16.35 -22.91 -12.18
N VAL A 394 -16.85 -22.26 -13.22
CA VAL A 394 -17.60 -21.03 -13.09
C VAL A 394 -19.08 -21.40 -13.20
N PRO A 395 -19.94 -20.90 -12.32
CA PRO A 395 -21.36 -21.25 -12.42
C PRO A 395 -22.01 -20.66 -13.65
N ASP A 396 -23.15 -21.24 -14.02
CA ASP A 396 -23.87 -20.79 -15.20
C ASP A 396 -24.33 -19.34 -15.05
N ARG A 397 -24.78 -18.97 -13.85
CA ARG A 397 -25.32 -17.65 -13.60
C ARG A 397 -24.24 -16.60 -13.35
N VAL A 398 -22.98 -17.00 -13.30
CA VAL A 398 -21.88 -16.05 -13.23
C VAL A 398 -21.27 -15.78 -14.60
N ALA A 399 -21.17 -16.79 -15.46
CA ALA A 399 -20.61 -16.59 -16.78
C ALA A 399 -21.53 -15.84 -17.71
N LYS A 400 -22.80 -15.66 -17.37
CA LYS A 400 -23.71 -14.88 -18.18
C LYS A 400 -23.53 -13.38 -17.98
N VAL A 401 -22.83 -12.95 -16.94
CA VAL A 401 -22.54 -11.55 -16.72
C VAL A 401 -21.09 -11.22 -17.01
N LEU A 402 -20.16 -12.08 -16.59
CA LEU A 402 -18.77 -11.94 -17.00
C LEU A 402 -18.65 -12.20 -18.49
N THR A 403 -17.92 -11.35 -19.19
CA THR A 403 -17.85 -11.42 -20.64
C THR A 403 -16.42 -11.17 -21.10
N TYR A 404 -16.12 -11.70 -22.29
CA TYR A 404 -14.86 -11.51 -22.95
C TYR A 404 -15.08 -10.77 -24.26
N PRO A 405 -14.35 -9.69 -24.52
CA PRO A 405 -14.49 -8.99 -25.81
C PRO A 405 -13.69 -9.70 -26.90
N GLU A 406 -14.39 -10.39 -27.79
CA GLU A 406 -13.78 -11.07 -28.90
C GLU A 406 -14.03 -10.27 -30.17
N LYS A 407 -12.98 -9.98 -30.91
CA LYS A 407 -13.09 -9.25 -32.16
C LYS A 407 -13.28 -10.25 -33.29
N VAL A 408 -14.25 -9.99 -34.16
CA VAL A 408 -14.54 -10.89 -35.26
C VAL A 408 -13.36 -10.92 -36.22
N THR A 409 -12.98 -12.11 -36.64
CA THR A 409 -11.97 -12.29 -37.67
C THR A 409 -12.55 -13.14 -38.78
N ARG A 410 -11.72 -13.47 -39.76
CA ARG A 410 -12.18 -14.35 -40.83
C ARG A 410 -12.29 -15.80 -40.37
N TYR A 411 -11.80 -16.10 -39.16
CA TYR A 411 -11.78 -17.46 -38.64
C TYR A 411 -12.92 -17.75 -37.67
N ASN A 412 -13.53 -16.73 -37.09
CA ASN A 412 -14.58 -16.95 -36.09
C ASN A 412 -15.80 -16.09 -36.40
N ARG A 413 -16.25 -16.10 -37.66
CA ARG A 413 -17.43 -15.34 -38.02
C ARG A 413 -18.70 -16.12 -37.69
N HIS A 414 -18.78 -17.37 -38.13
CA HIS A 414 -19.99 -18.17 -37.93
C HIS A 414 -20.25 -18.45 -36.46
N LYS A 415 -19.19 -18.70 -35.69
CA LYS A 415 -19.32 -18.95 -34.26
C LYS A 415 -19.89 -17.74 -33.54
N LEU A 416 -19.37 -16.55 -33.87
CA LEU A 416 -19.86 -15.35 -33.21
C LEU A 416 -21.26 -14.97 -33.70
N GLN A 417 -21.59 -15.30 -34.94
CA GLN A 417 -22.95 -15.12 -35.41
C GLN A 417 -23.92 -15.96 -34.61
N GLU A 418 -23.57 -17.22 -34.36
CA GLU A 418 -24.42 -18.09 -33.56
C GLU A 418 -24.51 -17.60 -32.12
N LEU A 419 -23.39 -17.13 -31.57
CA LEU A 419 -23.40 -16.59 -30.21
C LEU A 419 -24.31 -15.38 -30.11
N ILE A 420 -24.28 -14.51 -31.12
CA ILE A 420 -25.13 -13.33 -31.14
C ILE A 420 -26.61 -13.68 -31.28
N VAL A 421 -26.94 -14.64 -32.13
CA VAL A 421 -28.32 -15.07 -32.26
C VAL A 421 -28.83 -15.74 -30.98
N ASN A 422 -27.98 -16.50 -30.28
CA ASN A 422 -28.42 -17.21 -29.08
C ASN A 422 -28.88 -16.25 -27.98
N GLY A 423 -28.26 -15.08 -27.88
CA GLY A 423 -28.78 -14.03 -27.05
C GLY A 423 -28.19 -13.97 -25.66
N PRO A 424 -28.62 -12.97 -24.88
CA PRO A 424 -28.08 -12.78 -23.54
C PRO A 424 -28.80 -13.54 -22.44
N ASN A 425 -29.62 -14.53 -22.80
CA ASN A 425 -30.34 -15.31 -21.79
C ASN A 425 -30.11 -16.81 -21.88
N VAL A 426 -29.36 -17.28 -22.88
CA VAL A 426 -28.94 -18.67 -22.98
C VAL A 426 -27.42 -18.67 -22.98
N HIS A 427 -26.81 -19.61 -22.24
CA HIS A 427 -25.41 -19.51 -21.87
C HIS A 427 -24.39 -19.35 -23.01
N PRO A 428 -24.43 -20.13 -24.10
CA PRO A 428 -23.49 -19.83 -25.19
C PRO A 428 -23.99 -18.65 -26.01
N GLY A 429 -23.93 -17.45 -25.43
CA GLY A 429 -24.54 -16.29 -26.05
C GLY A 429 -23.71 -15.03 -25.85
N ALA A 430 -24.16 -13.96 -26.49
CA ALA A 430 -23.47 -12.69 -26.50
C ALA A 430 -24.31 -11.65 -25.78
N ASN A 431 -23.64 -10.65 -25.22
CA ASN A 431 -24.29 -9.69 -24.35
C ASN A 431 -24.14 -8.24 -24.81
N TYR A 432 -23.12 -7.94 -25.62
CA TYR A 432 -22.92 -6.60 -26.15
C TYR A 432 -22.27 -6.70 -27.51
N LEU A 433 -22.58 -5.73 -28.38
CA LEU A 433 -21.96 -5.62 -29.69
C LEU A 433 -21.55 -4.18 -29.94
N LEU A 434 -20.36 -3.99 -30.49
CA LEU A 434 -19.85 -2.66 -30.79
C LEU A 434 -19.23 -2.67 -32.18
N LYS A 435 -19.53 -1.64 -32.95
CA LYS A 435 -19.13 -1.54 -34.35
C LYS A 435 -18.06 -0.48 -34.53
N ARG A 436 -17.44 -0.49 -35.72
CA ARG A 436 -16.39 0.48 -36.02
C ARG A 436 -16.95 1.87 -36.25
N ASN A 437 -18.08 1.96 -36.94
CA ASN A 437 -18.70 3.25 -37.22
C ASN A 437 -19.35 3.89 -36.00
N GLU A 438 -19.44 3.17 -34.89
CA GLU A 438 -20.17 3.63 -33.73
C GLU A 438 -19.20 3.84 -32.57
N ASP A 439 -19.62 4.68 -31.63
CA ASP A 439 -18.84 4.99 -30.43
C ASP A 439 -19.45 4.43 -29.15
N ALA A 440 -20.71 4.00 -29.17
CA ALA A 440 -21.38 3.45 -28.00
C ALA A 440 -21.85 2.04 -28.31
N ARG A 441 -21.58 1.12 -27.40
CA ARG A 441 -22.04 -0.25 -27.57
C ARG A 441 -23.56 -0.31 -27.43
N ARG A 442 -24.16 -1.31 -28.07
CA ARG A 442 -25.60 -1.48 -28.08
C ARG A 442 -25.98 -2.73 -27.32
N ASN A 443 -27.00 -2.63 -26.49
CA ASN A 443 -27.53 -3.79 -25.78
C ASN A 443 -28.10 -4.79 -26.77
N LEU A 444 -27.93 -6.07 -26.46
CA LEU A 444 -28.44 -7.11 -27.34
C LEU A 444 -29.81 -7.62 -26.90
N ARG A 445 -30.41 -7.01 -25.87
CA ARG A 445 -31.77 -7.37 -25.49
C ARG A 445 -32.81 -6.36 -25.94
N TYR A 446 -32.42 -5.11 -26.23
CA TYR A 446 -33.31 -4.13 -26.83
C TYR A 446 -33.26 -4.12 -28.34
N GLY A 447 -32.94 -5.25 -28.97
CA GLY A 447 -32.79 -5.30 -30.40
C GLY A 447 -33.53 -6.44 -31.07
N ASP A 448 -33.09 -6.83 -32.26
CA ASP A 448 -33.73 -7.88 -33.03
C ASP A 448 -32.98 -9.22 -32.96
N ARG A 449 -31.66 -9.18 -32.78
CA ARG A 449 -30.79 -10.35 -32.65
C ARG A 449 -30.81 -11.25 -33.88
N MET A 450 -31.41 -10.80 -34.97
CA MET A 450 -31.34 -11.50 -36.25
C MET A 450 -30.82 -10.64 -37.37
N LYS A 451 -31.13 -9.34 -37.39
CA LYS A 451 -30.53 -8.42 -38.34
C LYS A 451 -29.05 -8.19 -38.06
N LEU A 452 -28.65 -8.22 -36.79
CA LEU A 452 -27.26 -7.98 -36.43
C LEU A 452 -26.35 -9.13 -36.84
N ALA A 453 -26.89 -10.34 -37.01
CA ALA A 453 -26.06 -11.46 -37.43
C ALA A 453 -25.68 -11.33 -38.90
N LYS A 454 -26.63 -10.95 -39.74
CA LYS A 454 -26.38 -10.87 -41.17
C LYS A 454 -25.48 -9.70 -41.52
N ASN A 455 -25.56 -8.61 -40.76
CA ASN A 455 -24.81 -7.38 -41.05
C ASN A 455 -23.60 -7.21 -40.13
N LEU A 456 -22.89 -8.29 -39.83
CA LEU A 456 -21.74 -8.24 -38.94
C LEU A 456 -20.51 -7.84 -39.73
N GLN A 457 -19.99 -6.65 -39.45
CA GLN A 457 -18.75 -6.20 -40.07
C GLN A 457 -17.58 -7.06 -39.60
N ILE A 458 -16.57 -7.18 -40.45
CA ILE A 458 -15.40 -8.01 -40.14
C ILE A 458 -14.54 -7.42 -39.03
N GLY A 459 -14.73 -6.15 -38.69
CA GLY A 459 -13.93 -5.55 -37.63
C GLY A 459 -14.71 -5.26 -36.37
N ASP A 460 -15.86 -5.90 -36.19
CA ASP A 460 -16.70 -5.65 -35.03
C ASP A 460 -16.07 -6.24 -33.78
N VAL A 461 -16.61 -5.87 -32.63
CA VAL A 461 -16.23 -6.51 -31.37
C VAL A 461 -17.49 -6.92 -30.63
N VAL A 462 -17.55 -8.18 -30.21
CA VAL A 462 -18.71 -8.71 -29.51
C VAL A 462 -18.24 -9.26 -28.17
N GLU A 463 -18.94 -8.89 -27.10
CA GLU A 463 -18.58 -9.35 -25.77
C GLU A 463 -19.34 -10.64 -25.51
N ARG A 464 -18.68 -11.76 -25.78
CA ARG A 464 -19.29 -13.06 -25.64
C ARG A 464 -19.24 -13.51 -24.19
N HIS A 465 -20.06 -14.52 -23.88
CA HIS A 465 -20.08 -15.07 -22.54
C HIS A 465 -18.82 -15.86 -22.25
N LEU A 466 -18.50 -15.97 -20.97
CA LEU A 466 -17.29 -16.68 -20.54
C LEU A 466 -17.53 -18.17 -20.70
N GLU A 467 -17.16 -18.72 -21.85
CA GLU A 467 -17.41 -20.11 -22.17
C GLU A 467 -16.16 -20.93 -21.91
N ASP A 468 -16.20 -22.20 -22.33
CA ASP A 468 -15.10 -23.11 -22.05
C ASP A 468 -13.83 -22.68 -22.78
N GLY A 469 -12.70 -22.80 -22.09
CA GLY A 469 -11.41 -22.50 -22.67
C GLY A 469 -10.89 -21.11 -22.40
N ASP A 470 -11.72 -20.20 -21.88
CA ASP A 470 -11.28 -18.84 -21.62
C ASP A 470 -10.47 -18.77 -20.34
N VAL A 471 -9.50 -17.87 -20.32
CA VAL A 471 -8.53 -17.81 -19.24
C VAL A 471 -9.02 -16.88 -18.14
N VAL A 472 -8.99 -17.35 -16.90
CA VAL A 472 -9.44 -16.55 -15.77
C VAL A 472 -8.35 -16.51 -14.71
N LEU A 473 -8.19 -15.33 -14.09
CA LEU A 473 -7.34 -15.21 -12.92
C LEU A 473 -8.14 -15.59 -11.68
N PHE A 474 -7.53 -16.35 -10.81
CA PHE A 474 -8.22 -16.85 -9.62
C PHE A 474 -7.33 -16.54 -8.44
N ASN A 475 -7.92 -15.98 -7.39
CA ASN A 475 -7.13 -15.34 -6.34
C ASN A 475 -7.80 -15.53 -5.00
N ARG A 476 -6.98 -15.60 -3.95
CA ARG A 476 -7.44 -15.60 -2.58
C ARG A 476 -6.88 -14.37 -1.89
N GLN A 477 -7.70 -13.72 -1.06
CA GLN A 477 -7.41 -12.35 -0.65
C GLN A 477 -6.11 -12.18 0.13
N PRO A 478 -5.79 -13.00 1.16
CA PRO A 478 -4.45 -12.86 1.74
C PRO A 478 -3.39 -13.42 0.82
N SER A 479 -2.67 -12.55 0.12
CA SER A 479 -1.70 -12.95 -0.88
C SER A 479 -0.33 -12.95 -0.24
N LEU A 480 -0.03 -14.02 0.49
CA LEU A 480 1.24 -14.13 1.20
C LEU A 480 2.43 -14.30 0.28
N HIS A 481 2.27 -15.04 -0.82
CA HIS A 481 3.37 -15.25 -1.75
C HIS A 481 2.80 -15.34 -3.17
N ARG A 482 3.70 -15.57 -4.13
CA ARG A 482 3.35 -15.38 -5.53
C ARG A 482 2.35 -16.41 -6.03
N LEU A 483 2.25 -17.56 -5.37
CA LEU A 483 1.31 -18.57 -5.81
C LEU A 483 -0.13 -18.26 -5.45
N SER A 484 -0.38 -17.15 -4.75
CA SER A 484 -1.74 -16.86 -4.30
C SER A 484 -2.66 -16.51 -5.48
N ILE A 485 -2.11 -15.91 -6.53
CA ILE A 485 -2.88 -15.60 -7.72
C ILE A 485 -2.40 -16.52 -8.84
N LEU A 486 -3.33 -17.25 -9.46
CA LEU A 486 -2.99 -18.19 -10.51
C LEU A 486 -3.94 -18.00 -11.67
N SER A 487 -3.72 -18.76 -12.75
CA SER A 487 -4.57 -18.69 -13.93
C SER A 487 -5.12 -20.08 -14.24
N HIS A 488 -6.42 -20.13 -14.49
CA HIS A 488 -7.12 -21.37 -14.77
C HIS A 488 -7.87 -21.26 -16.09
N TYR A 489 -8.13 -22.41 -16.69
CA TYR A 489 -9.10 -22.53 -17.76
C TYR A 489 -10.47 -22.71 -17.14
N ALA A 490 -11.47 -22.03 -17.69
CA ALA A 490 -12.81 -22.09 -17.13
C ALA A 490 -13.60 -23.25 -17.72
N LYS A 491 -14.43 -23.84 -16.88
CA LYS A 491 -15.42 -24.82 -17.31
C LYS A 491 -16.75 -24.46 -16.66
N ILE A 492 -17.83 -24.57 -17.42
CA ILE A 492 -19.14 -24.10 -16.99
C ILE A 492 -19.94 -25.27 -16.45
N ARG A 493 -20.27 -25.20 -15.16
CA ARG A 493 -21.04 -26.21 -14.46
C ARG A 493 -22.04 -25.48 -13.56
N PRO A 494 -23.30 -25.88 -13.58
CA PRO A 494 -24.37 -25.12 -12.87
C PRO A 494 -24.64 -25.48 -11.41
N TRP A 495 -23.80 -24.98 -10.49
CA TRP A 495 -24.11 -25.13 -9.07
C TRP A 495 -23.75 -23.94 -8.20
N ARG A 496 -23.69 -22.72 -8.73
CA ARG A 496 -23.64 -21.47 -7.98
C ARG A 496 -22.35 -21.25 -7.19
N THR A 497 -21.38 -22.15 -7.25
CA THR A 497 -20.15 -22.01 -6.48
C THR A 497 -18.94 -22.23 -7.37
N PHE A 498 -17.88 -21.50 -7.10
CA PHE A 498 -16.61 -21.77 -7.76
C PHE A 498 -16.05 -23.10 -7.28
N ARG A 499 -15.53 -23.88 -8.22
CA ARG A 499 -14.97 -25.18 -7.89
C ARG A 499 -13.63 -25.34 -8.56
N LEU A 500 -12.63 -25.73 -7.79
CA LEU A 500 -11.28 -25.95 -8.31
C LEU A 500 -10.77 -27.27 -7.79
N ASN A 501 -9.80 -27.84 -8.50
CA ASN A 501 -9.27 -29.13 -8.08
C ASN A 501 -8.51 -28.98 -6.76
N GLU A 502 -8.56 -30.03 -5.95
CA GLU A 502 -8.09 -29.91 -4.58
C GLU A 502 -6.57 -29.90 -4.48
N CYS A 503 -5.89 -30.44 -5.48
CA CYS A 503 -4.44 -30.36 -5.50
C CYS A 503 -3.97 -28.92 -5.69
N VAL A 504 -4.84 -28.05 -6.21
CA VAL A 504 -4.53 -26.65 -6.44
C VAL A 504 -4.81 -25.80 -5.21
N CYS A 505 -5.53 -26.33 -4.24
CA CYS A 505 -5.90 -25.57 -3.05
C CYS A 505 -4.76 -25.38 -2.06
N THR A 506 -3.65 -26.11 -2.21
CA THR A 506 -2.54 -25.94 -1.26
C THR A 506 -1.87 -24.57 -1.37
N PRO A 507 -1.50 -24.06 -2.57
CA PRO A 507 -0.95 -22.69 -2.60
C PRO A 507 -1.93 -21.62 -2.17
N TYR A 508 -3.23 -21.80 -2.44
CA TYR A 508 -4.21 -20.81 -2.01
C TYR A 508 -4.41 -20.80 -0.50
N ASN A 509 -3.90 -21.80 0.22
CA ASN A 509 -4.19 -22.00 1.64
C ASN A 509 -5.69 -22.07 1.88
N ALA A 510 -6.41 -22.69 0.95
CA ALA A 510 -7.86 -22.64 0.95
C ALA A 510 -8.44 -23.79 1.76
N ASP A 511 -9.47 -23.49 2.54
CA ASP A 511 -10.18 -24.50 3.31
C ASP A 511 -11.66 -24.31 3.07
N PHE A 512 -12.35 -25.36 2.64
CA PHE A 512 -13.74 -25.23 2.27
C PHE A 512 -14.61 -25.09 3.52
N ASP A 513 -14.45 -23.97 4.21
CA ASP A 513 -15.10 -23.69 5.49
C ASP A 513 -15.82 -22.36 5.40
N GLY A 514 -16.47 -22.09 4.29
CA GLY A 514 -17.00 -20.78 4.01
C GLY A 514 -16.03 -19.85 3.35
N ASP A 515 -14.94 -20.39 2.79
CA ASP A 515 -13.90 -19.56 2.20
C ASP A 515 -14.41 -18.87 0.95
N GLU A 516 -13.85 -17.70 0.68
CA GLU A 516 -14.32 -16.79 -0.35
C GLU A 516 -13.15 -16.52 -1.29
N MET A 517 -13.27 -16.89 -2.57
CA MET A 517 -12.22 -16.52 -3.50
C MET A 517 -12.77 -15.77 -4.72
N ASN A 518 -11.83 -15.09 -5.38
CA ASN A 518 -12.08 -14.09 -6.40
C ASN A 518 -11.68 -14.63 -7.77
N LEU A 519 -12.34 -14.09 -8.80
CA LEU A 519 -12.16 -14.51 -10.18
C LEU A 519 -12.17 -13.26 -11.04
N HIS A 520 -11.02 -12.88 -11.56
CA HIS A 520 -10.92 -11.84 -12.56
C HIS A 520 -10.87 -12.45 -13.95
N VAL A 521 -11.25 -11.65 -14.95
CA VAL A 521 -11.21 -12.07 -16.35
C VAL A 521 -10.46 -11.00 -17.13
N PRO A 522 -9.38 -11.33 -17.81
CA PRO A 522 -8.71 -10.33 -18.65
C PRO A 522 -9.54 -9.98 -19.87
N GLN A 523 -9.20 -8.85 -20.48
CA GLN A 523 -9.95 -8.36 -21.63
C GLN A 523 -9.15 -8.44 -22.92
N THR A 524 -7.96 -7.83 -22.99
CA THR A 524 -7.19 -7.90 -24.22
C THR A 524 -6.57 -9.28 -24.37
N GLU A 525 -6.33 -9.69 -25.61
CA GLU A 525 -5.77 -11.01 -25.86
C GLU A 525 -4.34 -11.11 -25.35
N GLU A 526 -3.61 -9.99 -25.32
CA GLU A 526 -2.23 -10.00 -24.86
C GLU A 526 -2.13 -10.39 -23.39
N ALA A 527 -3.00 -9.82 -22.56
CA ALA A 527 -3.01 -10.18 -21.14
C ALA A 527 -3.48 -11.60 -20.94
N ARG A 528 -4.39 -12.08 -21.80
CA ARG A 528 -4.84 -13.45 -21.72
C ARG A 528 -3.69 -14.42 -21.99
N ALA A 529 -2.92 -14.15 -23.04
CA ALA A 529 -1.76 -15.00 -23.33
C ALA A 529 -0.72 -14.93 -22.23
N GLU A 530 -0.50 -13.72 -21.68
CA GLU A 530 0.38 -13.55 -20.55
C GLU A 530 -0.04 -14.43 -19.37
N ALA A 531 -1.32 -14.38 -19.01
CA ALA A 531 -1.81 -15.14 -17.87
C ALA A 531 -1.71 -16.65 -18.11
N ILE A 532 -2.06 -17.10 -19.32
CA ILE A 532 -2.08 -18.54 -19.53
C ILE A 532 -0.67 -19.12 -19.69
N ASN A 533 0.29 -18.33 -20.20
CA ASN A 533 1.62 -18.89 -20.44
C ASN A 533 2.62 -18.66 -19.32
N LEU A 534 2.52 -17.58 -18.55
CA LEU A 534 3.41 -17.40 -17.41
C LEU A 534 2.72 -17.68 -16.07
N MET A 535 1.47 -17.24 -15.92
CA MET A 535 0.82 -17.43 -14.64
C MET A 535 0.15 -18.78 -14.52
N GLY A 536 0.23 -19.62 -15.55
CA GLY A 536 -0.56 -20.84 -15.57
C GLY A 536 -0.13 -21.82 -14.49
N VAL A 537 -1.10 -22.60 -14.03
CA VAL A 537 -0.84 -23.52 -12.94
C VAL A 537 0.04 -24.68 -13.40
N LYS A 538 -0.09 -25.09 -14.66
CA LYS A 538 0.79 -26.13 -15.17
C LYS A 538 2.22 -25.61 -15.32
N ASN A 539 2.38 -24.35 -15.73
CA ASN A 539 3.71 -23.78 -15.86
C ASN A 539 4.31 -23.34 -14.54
N ASN A 540 3.51 -23.29 -13.47
CA ASN A 540 3.98 -22.88 -12.15
C ASN A 540 3.50 -23.93 -11.15
N LEU A 541 4.22 -25.04 -11.08
CA LEU A 541 4.01 -26.07 -10.07
C LEU A 541 5.05 -26.02 -8.97
N LEU A 542 6.01 -25.12 -9.07
CA LEU A 542 7.11 -25.02 -8.12
C LEU A 542 7.11 -23.63 -7.52
N THR A 543 6.97 -23.55 -6.21
CA THR A 543 7.17 -22.30 -5.52
C THR A 543 8.65 -21.90 -5.60
N PRO A 544 8.95 -20.60 -5.71
CA PRO A 544 10.35 -20.16 -5.71
C PRO A 544 10.93 -19.96 -4.32
N LYS A 545 10.20 -20.38 -3.29
CA LYS A 545 10.75 -20.39 -1.93
C LYS A 545 11.99 -21.25 -1.85
N SER A 546 11.88 -22.50 -2.29
CA SER A 546 13.03 -23.39 -2.34
C SER A 546 13.03 -24.29 -3.56
N GLY A 547 12.09 -24.16 -4.47
CA GLY A 547 11.98 -25.06 -5.60
C GLY A 547 11.19 -26.30 -5.33
N GLU A 548 10.69 -26.48 -4.12
CA GLU A 548 9.91 -27.66 -3.78
C GLU A 548 8.57 -27.65 -4.52
N PRO A 549 8.00 -28.82 -4.79
CA PRO A 549 6.65 -28.86 -5.35
C PRO A 549 5.62 -28.45 -4.31
N ILE A 550 4.70 -27.57 -4.73
CA ILE A 550 3.66 -27.09 -3.85
C ILE A 550 2.27 -27.44 -4.33
N ILE A 551 2.10 -27.86 -5.57
CA ILE A 551 0.83 -28.32 -6.09
C ILE A 551 0.97 -29.84 -6.25
N ALA A 552 0.52 -30.57 -5.24
CA ALA A 552 0.67 -32.01 -5.20
C ALA A 552 -0.55 -32.58 -4.51
N ALA A 553 -0.48 -33.84 -4.10
CA ALA A 553 -1.59 -34.45 -3.39
C ALA A 553 -1.75 -33.81 -2.02
N THR A 554 -3.00 -33.70 -1.60
CA THR A 554 -3.38 -33.13 -0.31
C THR A 554 -4.01 -34.25 0.52
N GLN A 555 -4.64 -33.86 1.61
CA GLN A 555 -5.27 -34.84 2.49
C GLN A 555 -6.36 -35.62 1.74
N ASP A 556 -6.48 -36.90 2.10
CA ASP A 556 -7.40 -37.93 1.66
C ASP A 556 -7.04 -38.42 0.25
N PHE A 557 -6.15 -37.73 -0.47
CA PHE A 557 -5.55 -38.28 -1.66
C PHE A 557 -4.32 -39.10 -1.33
N ILE A 558 -3.54 -38.67 -0.35
CA ILE A 558 -2.38 -39.42 0.09
C ILE A 558 -2.82 -40.67 0.82
N THR A 559 -3.94 -40.59 1.56
CA THR A 559 -4.50 -41.77 2.22
C THR A 559 -4.92 -42.82 1.20
N GLY A 560 -5.56 -42.41 0.11
CA GLY A 560 -5.93 -43.36 -0.92
C GLY A 560 -4.72 -43.99 -1.57
N SER A 561 -3.66 -43.19 -1.78
CA SER A 561 -2.42 -43.73 -2.31
C SER A 561 -1.82 -44.76 -1.37
N TYR A 562 -1.83 -44.49 -0.07
CA TYR A 562 -1.28 -45.43 0.90
C TYR A 562 -2.09 -46.72 0.92
N LEU A 563 -3.41 -46.60 0.86
CA LEU A 563 -4.24 -47.80 0.94
C LEU A 563 -4.13 -48.64 -0.33
N ILE A 564 -3.94 -48.00 -1.48
CA ILE A 564 -3.72 -48.77 -2.70
C ILE A 564 -2.36 -49.44 -2.67
N SER A 565 -1.32 -48.71 -2.26
CA SER A 565 0.04 -49.21 -2.30
C SER A 565 0.42 -50.00 -1.07
N HIS A 566 -0.54 -50.41 -0.25
CA HIS A 566 -0.22 -51.18 0.93
C HIS A 566 0.24 -52.58 0.54
N LYS A 567 1.03 -53.20 1.43
CA LYS A 567 1.57 -54.52 1.14
C LYS A 567 0.49 -55.60 1.13
N ASP A 568 -0.53 -55.46 1.96
CA ASP A 568 -1.56 -56.50 2.09
C ASP A 568 -2.76 -56.23 1.21
N SER A 569 -2.53 -55.65 0.02
CA SER A 569 -3.58 -55.45 -0.96
C SER A 569 -3.29 -56.31 -2.18
N PHE A 570 -4.31 -56.98 -2.69
CA PHE A 570 -4.19 -57.80 -3.88
C PHE A 570 -5.50 -57.73 -4.65
N TYR A 571 -5.47 -57.13 -5.83
CA TYR A 571 -6.66 -56.96 -6.66
C TYR A 571 -6.70 -58.03 -7.74
N ASP A 572 -7.89 -58.59 -7.96
CA ASP A 572 -8.08 -59.49 -9.09
C ASP A 572 -8.16 -58.68 -10.38
N ARG A 573 -8.46 -59.37 -11.48
CA ARG A 573 -8.37 -58.71 -12.79
C ARG A 573 -9.51 -57.73 -13.00
N ALA A 574 -10.72 -58.08 -12.56
CA ALA A 574 -11.87 -57.19 -12.76
C ALA A 574 -11.72 -55.91 -11.95
N THR A 575 -11.28 -56.03 -10.69
CA THR A 575 -11.07 -54.83 -9.88
C THR A 575 -9.92 -54.00 -10.43
N LEU A 576 -8.89 -54.65 -10.96
CA LEU A 576 -7.78 -53.94 -11.59
C LEU A 576 -8.25 -53.12 -12.77
N THR A 577 -8.97 -53.75 -13.70
CA THR A 577 -9.41 -53.03 -14.88
C THR A 577 -10.44 -51.96 -14.53
N GLN A 578 -11.24 -52.19 -13.47
CA GLN A 578 -12.19 -51.19 -13.04
C GLN A 578 -11.47 -49.95 -12.51
N LEU A 579 -10.43 -50.14 -11.68
CA LEU A 579 -9.67 -49.00 -11.17
C LEU A 579 -8.95 -48.28 -12.30
N LEU A 580 -8.35 -49.05 -13.22
CA LEU A 580 -7.61 -48.45 -14.33
C LEU A 580 -8.51 -47.62 -15.22
N SER A 581 -9.70 -48.13 -15.54
CA SER A 581 -10.64 -47.32 -16.30
C SER A 581 -11.25 -46.20 -15.46
N MET A 582 -11.21 -46.32 -14.14
CA MET A 582 -11.73 -45.27 -13.29
C MET A 582 -10.81 -44.06 -13.24
N MET A 583 -9.51 -44.26 -13.25
CA MET A 583 -8.58 -43.13 -13.10
C MET A 583 -8.36 -42.35 -14.39
N SER A 584 -8.90 -42.79 -15.52
CA SER A 584 -8.70 -42.07 -16.76
C SER A 584 -9.97 -41.79 -17.54
N ASP A 585 -11.13 -42.24 -17.07
CA ASP A 585 -12.46 -42.08 -17.68
C ASP A 585 -12.59 -42.76 -19.03
N GLY A 586 -11.81 -43.80 -19.31
CA GLY A 586 -11.91 -44.48 -20.59
C GLY A 586 -11.50 -43.62 -21.76
N ILE A 587 -10.37 -42.92 -21.63
CA ILE A 587 -9.85 -42.05 -22.68
C ILE A 587 -8.47 -42.48 -23.15
N GLU A 588 -7.74 -43.26 -22.36
CA GLU A 588 -6.39 -43.66 -22.71
C GLU A 588 -6.32 -45.18 -22.82
N HIS A 589 -5.44 -45.65 -23.70
CA HIS A 589 -5.24 -47.07 -23.92
C HIS A 589 -4.28 -47.63 -22.88
N PHE A 590 -4.71 -48.65 -22.16
CA PHE A 590 -3.94 -49.23 -21.07
C PHE A 590 -3.49 -50.63 -21.46
N ASP A 591 -2.23 -50.95 -21.16
CA ASP A 591 -1.67 -52.28 -21.40
C ASP A 591 -1.35 -52.95 -20.07
N ILE A 592 -1.81 -54.19 -19.92
CA ILE A 592 -1.77 -54.84 -18.60
C ILE A 592 -0.42 -55.52 -18.41
N PRO A 593 0.28 -55.27 -17.30
CA PRO A 593 1.54 -55.94 -17.05
C PRO A 593 1.31 -57.33 -16.49
N PRO A 594 2.31 -58.21 -16.52
CA PRO A 594 2.14 -59.57 -15.98
C PRO A 594 1.84 -59.55 -14.50
N PRO A 595 1.02 -60.49 -14.02
CA PRO A 595 0.60 -60.45 -12.62
C PRO A 595 1.73 -60.76 -11.66
N ALA A 596 1.61 -60.23 -10.45
CA ALA A 596 2.59 -60.47 -9.41
C ALA A 596 2.42 -61.84 -8.75
N ILE A 597 1.24 -62.45 -8.86
CA ILE A 597 0.99 -63.80 -8.35
C ILE A 597 0.28 -64.57 -9.45
N MET A 598 0.79 -65.75 -9.78
CA MET A 598 0.28 -66.48 -10.93
C MET A 598 -0.36 -67.83 -10.60
N LYS A 599 0.18 -68.59 -9.65
CA LYS A 599 -0.27 -69.99 -9.52
C LYS A 599 -1.66 -70.11 -8.90
N PRO A 600 -1.92 -69.67 -7.65
CA PRO A 600 -3.25 -69.89 -7.09
C PRO A 600 -4.33 -69.11 -7.82
N TYR A 601 -4.15 -67.79 -7.89
CA TYR A 601 -5.06 -66.91 -8.62
C TYR A 601 -4.24 -65.79 -9.22
N TYR A 602 -4.65 -65.31 -10.39
CA TYR A 602 -3.95 -64.19 -11.01
C TYR A 602 -4.26 -62.93 -10.22
N LEU A 603 -3.26 -62.42 -9.50
CA LEU A 603 -3.43 -61.24 -8.67
C LEU A 603 -2.41 -60.19 -9.06
N TRP A 604 -2.79 -58.93 -8.94
CA TRP A 604 -1.91 -57.80 -9.22
C TRP A 604 -1.69 -57.05 -7.92
N THR A 605 -0.44 -56.67 -7.67
CA THR A 605 -0.15 -55.91 -6.47
C THR A 605 -0.70 -54.50 -6.61
N GLY A 606 -0.86 -53.83 -5.46
CA GLY A 606 -1.41 -52.49 -5.49
C GLY A 606 -0.44 -51.49 -6.08
N LYS A 607 0.85 -51.82 -6.07
CA LYS A 607 1.85 -50.88 -6.59
C LYS A 607 1.85 -50.85 -8.11
N GLN A 608 1.46 -51.95 -8.75
CA GLN A 608 1.36 -51.93 -10.22
C GLN A 608 0.23 -51.03 -10.67
N VAL A 609 -0.76 -50.76 -9.82
CA VAL A 609 -1.78 -49.77 -10.14
C VAL A 609 -1.15 -48.39 -10.32
N PHE A 610 -0.28 -48.00 -9.39
CA PHE A 610 0.39 -46.72 -9.52
C PHE A 610 1.43 -46.76 -10.63
N SER A 611 2.00 -47.94 -10.90
CA SER A 611 2.90 -48.08 -12.03
C SER A 611 2.19 -47.79 -13.34
N LEU A 612 0.98 -48.31 -13.50
CA LEU A 612 0.19 -48.01 -14.68
C LEU A 612 -0.35 -46.59 -14.66
N LEU A 613 -0.48 -45.98 -13.49
CA LEU A 613 -0.82 -44.56 -13.43
C LEU A 613 0.30 -43.70 -13.98
N ILE A 614 1.55 -44.03 -13.65
CA ILE A 614 2.67 -43.24 -14.13
C ILE A 614 2.86 -43.40 -15.64
N LYS A 615 2.84 -44.64 -16.13
CA LYS A 615 3.05 -44.92 -17.55
C LYS A 615 1.94 -45.84 -18.04
N PRO A 616 0.84 -45.27 -18.53
CA PRO A 616 -0.29 -46.11 -18.96
C PRO A 616 0.02 -47.06 -20.12
N ASN A 617 0.87 -46.67 -21.07
CA ASN A 617 1.17 -47.53 -22.21
C ASN A 617 2.57 -47.21 -22.69
N HIS A 618 2.89 -47.67 -23.90
CA HIS A 618 4.20 -47.43 -24.50
C HIS A 618 4.23 -46.17 -25.36
N ASN A 619 3.12 -45.43 -25.43
CA ASN A 619 3.12 -44.16 -26.16
C ASN A 619 3.49 -42.99 -25.28
N SER A 620 3.12 -43.01 -24.01
CA SER A 620 3.53 -41.97 -23.08
C SER A 620 5.00 -42.19 -22.71
N PRO A 621 5.88 -41.23 -22.94
CA PRO A 621 7.32 -41.46 -22.71
C PRO A 621 7.77 -41.35 -21.27
N VAL A 622 6.84 -41.29 -20.31
CA VAL A 622 7.19 -41.06 -18.91
C VAL A 622 7.90 -42.29 -18.37
N VAL A 623 9.22 -42.19 -18.22
CA VAL A 623 10.05 -43.26 -17.68
C VAL A 623 10.88 -42.64 -16.57
N ILE A 624 10.46 -42.81 -15.32
CA ILE A 624 11.08 -42.14 -14.20
C ILE A 624 11.84 -43.15 -13.35
N ASN A 625 12.91 -42.67 -12.73
CA ASN A 625 13.80 -43.52 -11.93
C ASN A 625 14.23 -42.72 -10.71
N LEU A 626 13.82 -43.17 -9.53
CA LEU A 626 14.15 -42.40 -8.33
C LEU A 626 14.08 -43.29 -7.10
N ASP A 627 14.55 -42.75 -5.98
CA ASP A 627 14.42 -43.37 -4.68
C ASP A 627 14.18 -42.29 -3.63
N ALA A 628 13.40 -42.64 -2.61
CA ALA A 628 13.00 -41.65 -1.61
C ALA A 628 12.63 -42.35 -0.32
N LYS A 629 12.66 -41.59 0.77
CA LYS A 629 12.30 -42.07 2.10
C LYS A 629 10.93 -41.52 2.49
N ASN A 630 10.14 -42.32 3.18
CA ASN A 630 8.81 -41.92 3.61
C ASN A 630 8.89 -41.09 4.90
N LYS A 631 7.73 -40.72 5.42
CA LYS A 631 7.70 -39.82 6.57
C LYS A 631 8.16 -40.50 7.85
N VAL A 632 7.76 -41.75 8.06
CA VAL A 632 8.22 -42.52 9.22
C VAL A 632 8.97 -43.74 8.68
N PHE A 633 10.29 -43.64 8.71
CA PHE A 633 11.16 -44.69 8.19
C PHE A 633 11.76 -45.48 9.35
N VAL A 634 11.91 -46.78 9.15
CA VAL A 634 12.52 -47.68 10.12
C VAL A 634 13.76 -48.29 9.48
N PRO A 635 14.94 -48.21 10.09
CA PRO A 635 16.12 -48.84 9.53
C PRO A 635 15.98 -50.35 9.55
N PRO A 636 16.68 -51.07 8.67
CA PRO A 636 16.49 -52.53 8.57
C PRO A 636 17.01 -53.29 9.78
N LYS A 637 16.92 -54.62 9.75
CA LYS A 637 17.27 -55.43 10.90
C LYS A 637 18.77 -55.32 11.22
N SER A 638 19.60 -55.28 10.19
CA SER A 638 21.04 -55.16 10.39
C SER A 638 21.62 -54.17 9.40
N LYS A 639 22.81 -53.66 9.73
CA LYS A 639 23.49 -52.71 8.87
C LYS A 639 23.92 -53.32 7.53
N SER A 640 24.09 -54.65 7.49
CA SER A 640 24.51 -55.31 6.26
C SER A 640 23.51 -55.14 5.13
N LEU A 641 22.23 -55.02 5.44
CA LEU A 641 21.29 -54.79 4.37
C LEU A 641 21.28 -53.31 3.98
N PRO A 642 20.96 -53.00 2.74
CA PRO A 642 20.72 -51.61 2.35
C PRO A 642 19.33 -51.18 2.82
N ASN A 643 18.93 -49.98 2.40
CA ASN A 643 17.65 -49.42 2.82
C ASN A 643 16.46 -50.09 2.14
N GLU A 644 16.70 -50.98 1.18
CA GLU A 644 15.62 -51.56 0.39
C GLU A 644 14.76 -52.50 1.23
N MET A 645 15.39 -53.38 1.99
CA MET A 645 14.72 -54.42 2.73
C MET A 645 14.18 -53.89 4.08
N SER A 646 14.13 -52.57 4.23
CA SER A 646 13.82 -51.95 5.51
C SER A 646 12.41 -52.31 5.99
N GLN A 647 12.28 -52.47 7.30
CA GLN A 647 10.99 -52.79 7.90
C GLN A 647 10.03 -51.63 7.70
N ASN A 648 8.77 -51.96 7.46
CA ASN A 648 7.56 -51.18 7.07
C ASN A 648 7.68 -50.63 5.66
N ASP A 649 8.77 -50.93 4.94
CA ASP A 649 8.92 -50.61 3.52
C ASP A 649 8.83 -49.12 3.26
N GLY A 650 9.60 -48.34 4.02
CA GLY A 650 9.59 -46.90 3.88
C GLY A 650 10.45 -46.34 2.78
N PHE A 651 11.22 -47.18 2.09
CA PHE A 651 12.15 -46.73 1.05
C PHE A 651 11.55 -47.09 -0.30
N VAL A 652 11.12 -46.08 -1.04
CA VAL A 652 10.47 -46.31 -2.32
C VAL A 652 11.49 -46.16 -3.43
N ILE A 653 11.47 -47.11 -4.35
CA ILE A 653 12.36 -47.13 -5.51
C ILE A 653 11.54 -47.39 -6.76
N ILE A 654 11.66 -46.48 -7.74
CA ILE A 654 10.99 -46.61 -9.02
C ILE A 654 12.05 -46.74 -10.09
N ARG A 655 12.08 -47.90 -10.77
CA ARG A 655 12.92 -48.11 -11.93
C ARG A 655 12.04 -48.40 -13.13
N GLY A 656 12.38 -47.76 -14.26
CA GLY A 656 11.52 -47.85 -15.43
C GLY A 656 10.24 -47.09 -15.21
N SER A 657 9.15 -47.82 -14.99
CA SER A 657 7.90 -47.22 -14.58
C SER A 657 7.24 -47.98 -13.44
N GLN A 658 7.75 -49.16 -13.10
CA GLN A 658 7.23 -49.97 -12.01
C GLN A 658 7.71 -49.42 -10.68
N ILE A 659 6.84 -49.50 -9.68
CA ILE A 659 7.20 -49.15 -8.31
C ILE A 659 7.53 -50.45 -7.61
N LEU A 660 8.80 -50.63 -7.28
CA LEU A 660 9.31 -51.93 -6.84
C LEU A 660 9.16 -52.11 -5.34
N SER A 661 9.64 -51.16 -4.55
CA SER A 661 9.52 -51.22 -3.11
C SER A 661 9.07 -49.86 -2.60
N GLY A 662 8.27 -49.89 -1.53
CA GLY A 662 7.87 -48.64 -0.88
C GLY A 662 6.39 -48.36 -1.04
N VAL A 663 5.79 -47.89 0.06
CA VAL A 663 4.39 -47.48 0.04
C VAL A 663 4.32 -45.99 -0.18
N MET A 664 3.25 -45.53 -0.81
CA MET A 664 3.12 -44.13 -1.18
C MET A 664 2.73 -43.31 0.04
N ASP A 665 3.51 -42.28 0.33
CA ASP A 665 3.28 -41.45 1.51
C ASP A 665 3.25 -39.99 1.07
N LYS A 666 3.21 -39.10 2.06
CA LYS A 666 3.27 -37.67 1.77
C LYS A 666 4.65 -37.27 1.28
N SER A 667 5.69 -37.95 1.73
CA SER A 667 7.05 -37.62 1.36
C SER A 667 7.38 -37.94 -0.10
N VAL A 668 6.48 -38.62 -0.81
CA VAL A 668 6.75 -39.01 -2.19
C VAL A 668 5.71 -38.49 -3.17
N LEU A 669 4.45 -38.27 -2.76
CA LEU A 669 3.45 -37.73 -3.67
C LEU A 669 2.88 -36.41 -3.17
N GLY A 670 3.52 -35.77 -2.21
CA GLY A 670 2.97 -34.58 -1.61
C GLY A 670 3.98 -33.44 -1.59
N ASP A 671 3.49 -32.27 -1.19
CA ASP A 671 4.32 -31.09 -1.13
C ASP A 671 5.28 -31.18 0.05
N GLY A 672 6.54 -30.83 -0.17
CA GLY A 672 7.46 -30.70 0.94
C GLY A 672 8.88 -31.16 0.69
N LYS A 673 9.10 -32.01 -0.31
CA LYS A 673 10.44 -32.53 -0.54
C LYS A 673 10.75 -32.54 -2.03
N LYS A 674 12.02 -32.31 -2.37
CA LYS A 674 12.46 -32.15 -3.75
C LYS A 674 12.85 -33.46 -4.42
N HIS A 675 12.38 -34.59 -3.91
CA HIS A 675 12.56 -35.87 -4.59
C HIS A 675 11.25 -36.64 -4.59
N SER A 676 10.16 -35.96 -4.92
CA SER A 676 8.86 -36.60 -5.05
C SER A 676 8.77 -37.22 -6.45
N VAL A 677 7.63 -37.83 -6.76
CA VAL A 677 7.45 -38.44 -8.07
C VAL A 677 7.06 -37.38 -9.10
N PHE A 678 6.07 -36.55 -8.76
CA PHE A 678 5.62 -35.53 -9.70
C PHE A 678 6.71 -34.50 -9.95
N TYR A 679 7.56 -34.24 -8.95
CA TYR A 679 8.69 -33.35 -9.18
C TYR A 679 9.66 -33.94 -10.19
N THR A 680 9.91 -35.26 -10.10
CA THR A 680 10.76 -35.92 -11.07
C THR A 680 10.17 -35.85 -12.47
N ILE A 681 8.86 -36.09 -12.59
CA ILE A 681 8.21 -36.03 -13.90
C ILE A 681 8.29 -34.61 -14.47
N LEU A 682 8.06 -33.61 -13.62
CA LEU A 682 8.11 -32.22 -14.08
C LEU A 682 9.52 -31.82 -14.50
N ARG A 683 10.54 -32.25 -13.75
CA ARG A 683 11.90 -31.82 -14.06
C ARG A 683 12.50 -32.65 -15.18
N ASP A 684 11.90 -33.79 -15.53
CA ASP A 684 12.48 -34.58 -16.61
C ASP A 684 11.72 -34.43 -17.94
N TYR A 685 10.39 -34.51 -17.93
CA TYR A 685 9.64 -34.54 -19.18
C TYR A 685 8.77 -33.33 -19.44
N GLY A 686 8.52 -32.50 -18.44
CA GLY A 686 7.77 -31.27 -18.68
C GLY A 686 6.54 -31.15 -17.82
N PRO A 687 5.75 -30.11 -18.06
CA PRO A 687 4.58 -29.86 -17.23
C PRO A 687 3.35 -30.62 -17.65
N GLN A 688 3.22 -30.92 -18.94
CA GLN A 688 1.99 -31.56 -19.42
C GLN A 688 1.84 -32.97 -18.87
N GLU A 689 2.91 -33.75 -18.88
CA GLU A 689 2.84 -35.10 -18.31
C GLU A 689 2.63 -35.05 -16.80
N ALA A 690 3.20 -34.05 -16.13
CA ALA A 690 2.99 -33.92 -14.69
C ALA A 690 1.53 -33.63 -14.38
N ALA A 691 0.92 -32.75 -15.16
CA ALA A 691 -0.50 -32.45 -14.97
C ALA A 691 -1.36 -33.66 -15.26
N ASN A 692 -1.01 -34.42 -16.31
CA ASN A 692 -1.75 -35.64 -16.61
C ASN A 692 -1.66 -36.65 -15.47
N ALA A 693 -0.46 -36.81 -14.89
CA ALA A 693 -0.29 -37.75 -13.80
C ALA A 693 -1.08 -37.34 -12.58
N MET A 694 -1.07 -36.04 -12.25
CA MET A 694 -1.88 -35.57 -11.13
C MET A 694 -3.36 -35.75 -11.37
N ASN A 695 -3.83 -35.49 -12.60
CA ASN A 695 -5.25 -35.67 -12.91
C ASN A 695 -5.66 -37.12 -12.74
N ARG A 696 -4.82 -38.05 -13.22
CA ARG A 696 -5.13 -39.46 -13.08
C ARG A 696 -5.16 -39.89 -11.63
N MET A 697 -4.19 -39.43 -10.83
CA MET A 697 -4.18 -39.82 -9.42
C MET A 697 -5.36 -39.23 -8.67
N ALA A 698 -5.73 -37.99 -9.00
CA ALA A 698 -6.85 -37.35 -8.34
C ALA A 698 -8.15 -38.09 -8.65
N LYS A 699 -8.38 -38.41 -9.92
CA LYS A 699 -9.59 -39.14 -10.28
C LYS A 699 -9.58 -40.55 -9.70
N LEU A 700 -8.40 -41.12 -9.48
CA LEU A 700 -8.32 -42.44 -8.85
C LEU A 700 -8.71 -42.38 -7.39
N CYS A 701 -8.04 -41.53 -6.62
CA CYS A 701 -8.33 -41.42 -5.20
C CYS A 701 -9.66 -40.75 -4.92
N ALA A 702 -10.32 -40.19 -5.93
CA ALA A 702 -11.63 -39.60 -5.73
C ALA A 702 -12.78 -40.60 -5.86
N ARG A 703 -12.56 -41.73 -6.53
CA ARG A 703 -13.62 -42.72 -6.71
C ARG A 703 -13.17 -44.12 -6.32
N PHE A 704 -12.12 -44.24 -5.50
CA PHE A 704 -11.70 -45.53 -4.98
C PHE A 704 -12.09 -45.72 -3.53
N LEU A 705 -12.05 -44.66 -2.73
CA LEU A 705 -12.41 -44.77 -1.33
C LEU A 705 -13.91 -44.91 -1.13
N GLY A 706 -14.71 -44.68 -2.15
CA GLY A 706 -16.11 -45.02 -2.09
C GLY A 706 -16.40 -46.50 -2.27
N ASN A 707 -15.43 -47.25 -2.78
CA ASN A 707 -15.54 -48.69 -2.89
C ASN A 707 -14.72 -49.41 -1.83
N ARG A 708 -14.07 -48.67 -0.93
CA ARG A 708 -13.34 -49.24 0.20
C ARG A 708 -13.30 -48.17 1.28
N GLY A 709 -14.04 -48.40 2.35
CA GLY A 709 -14.23 -47.35 3.33
C GLY A 709 -12.98 -47.09 4.15
N PHE A 710 -13.04 -46.00 4.91
CA PHE A 710 -11.95 -45.63 5.80
C PHE A 710 -12.56 -44.73 6.87
N SER A 711 -12.73 -45.27 8.08
CA SER A 711 -13.50 -44.58 9.10
C SER A 711 -12.75 -44.58 10.42
N ILE A 712 -13.00 -43.54 11.22
CA ILE A 712 -12.45 -43.42 12.57
C ILE A 712 -13.61 -43.44 13.54
N GLY A 713 -13.56 -44.35 14.50
CA GLY A 713 -14.58 -44.43 15.51
C GLY A 713 -13.98 -44.21 16.88
N ILE A 714 -14.66 -44.66 17.94
CA ILE A 714 -14.04 -44.53 19.24
C ILE A 714 -13.16 -45.75 19.50
N ASN A 715 -13.40 -46.84 18.78
CA ASN A 715 -12.53 -48.01 18.84
C ASN A 715 -11.14 -47.67 18.34
N ASP A 716 -11.04 -46.69 17.45
CA ASP A 716 -9.77 -46.20 16.95
C ASP A 716 -9.09 -45.22 17.90
N VAL A 717 -9.77 -44.80 18.97
CA VAL A 717 -9.19 -43.88 19.94
C VAL A 717 -9.04 -44.50 21.33
N THR A 718 -9.89 -45.46 21.70
CA THR A 718 -9.86 -46.04 23.03
C THR A 718 -8.55 -46.80 23.26
N PRO A 719 -8.04 -46.82 24.50
CA PRO A 719 -6.81 -47.55 24.79
C PRO A 719 -7.06 -48.98 25.22
N ALA A 720 -6.01 -49.78 25.12
CA ALA A 720 -6.08 -51.18 25.50
C ALA A 720 -6.02 -51.32 27.03
N ASP A 721 -5.95 -52.57 27.48
CA ASP A 721 -5.89 -52.83 28.92
C ASP A 721 -4.54 -52.47 29.51
N ASP A 722 -3.47 -52.59 28.72
CA ASP A 722 -2.13 -52.40 29.26
C ASP A 722 -1.83 -50.92 29.50
N LEU A 723 -2.31 -50.04 28.62
CA LEU A 723 -2.00 -48.63 28.74
C LEU A 723 -2.60 -48.02 29.99
N LYS A 724 -3.79 -48.47 30.38
CA LYS A 724 -4.48 -47.89 31.54
C LYS A 724 -3.68 -48.05 32.82
N GLN A 725 -3.05 -49.21 33.00
CA GLN A 725 -2.23 -49.44 34.19
C GLN A 725 -0.79 -48.95 34.03
N LYS A 726 -0.22 -49.04 32.82
CA LYS A 726 1.14 -48.56 32.61
C LYS A 726 1.24 -47.05 32.81
N LYS A 727 0.28 -46.31 32.25
CA LYS A 727 0.25 -44.87 32.41
C LYS A 727 0.10 -44.49 33.88
N GLU A 728 -0.74 -45.23 34.62
CA GLU A 728 -0.89 -44.98 36.04
C GLU A 728 0.41 -45.21 36.80
N GLU A 729 1.12 -46.30 36.46
CA GLU A 729 2.37 -46.59 37.16
C GLU A 729 3.42 -45.51 36.92
N LEU A 730 3.57 -45.08 35.66
CA LEU A 730 4.56 -44.04 35.38
C LEU A 730 4.16 -42.68 35.95
N VAL A 731 2.87 -42.34 35.93
CA VAL A 731 2.52 -41.05 36.53
C VAL A 731 2.66 -41.12 38.05
N GLU A 732 2.48 -42.30 38.65
CA GLU A 732 2.75 -42.45 40.08
C GLU A 732 4.23 -42.22 40.39
N ILE A 733 5.10 -42.81 39.57
CA ILE A 733 6.53 -42.61 39.76
C ILE A 733 6.91 -41.14 39.57
N ALA A 734 6.34 -40.50 38.54
CA ALA A 734 6.64 -39.10 38.27
C ALA A 734 6.14 -38.20 39.40
N TYR A 735 4.96 -38.48 39.93
CA TYR A 735 4.42 -37.66 41.01
C TYR A 735 5.22 -37.85 42.28
N HIS A 736 5.69 -39.07 42.55
CA HIS A 736 6.59 -39.30 43.67
C HIS A 736 7.87 -38.49 43.53
N LYS A 737 8.47 -38.51 42.34
CA LYS A 737 9.71 -37.77 42.10
C LYS A 737 9.52 -36.27 42.29
N CYS A 738 8.48 -35.71 41.67
CA CYS A 738 8.29 -34.26 41.74
C CYS A 738 7.91 -33.83 43.14
N ASP A 739 7.13 -34.64 43.86
CA ASP A 739 6.81 -34.32 45.25
C ASP A 739 8.07 -34.29 46.11
N GLU A 740 8.97 -35.26 45.91
CA GLU A 740 10.21 -35.28 46.69
C GLU A 740 11.06 -34.04 46.38
N LEU A 741 11.18 -33.68 45.10
CA LEU A 741 11.96 -32.50 44.76
C LEU A 741 11.32 -31.22 45.30
N ILE A 742 9.99 -31.15 45.31
CA ILE A 742 9.31 -29.95 45.81
C ILE A 742 9.46 -29.83 47.33
N THR A 743 9.39 -30.96 48.04
CA THR A 743 9.66 -30.91 49.48
C THR A 743 11.09 -30.49 49.77
N LEU A 744 12.05 -31.00 49.00
CA LEU A 744 13.45 -30.63 49.23
C LEU A 744 13.68 -29.16 48.87
N PHE A 745 12.95 -28.64 47.89
CA PHE A 745 13.00 -27.22 47.59
C PHE A 745 12.39 -26.39 48.72
N ASN A 746 11.33 -26.88 49.34
CA ASN A 746 10.70 -26.16 50.44
C ASN A 746 11.62 -26.13 51.66
N LYS A 747 12.38 -27.20 51.89
CA LYS A 747 13.33 -27.21 53.00
C LYS A 747 14.45 -26.20 52.78
N GLY A 748 14.93 -26.08 51.55
CA GLY A 748 15.91 -25.06 51.22
C GLY A 748 17.31 -25.53 50.95
N GLU A 749 17.46 -26.69 50.31
CA GLU A 749 18.76 -27.25 49.98
C GLU A 749 18.78 -27.77 48.54
N LEU A 750 18.11 -27.06 47.63
CA LEU A 750 18.06 -27.49 46.24
C LEU A 750 19.30 -27.01 45.50
N GLU A 751 19.69 -27.78 44.49
CA GLU A 751 20.86 -27.44 43.68
C GLU A 751 20.64 -26.13 42.94
N THR A 752 21.71 -25.33 42.84
CA THR A 752 21.65 -24.02 42.22
C THR A 752 22.47 -24.03 40.95
N GLN A 753 21.86 -23.60 39.86
CA GLN A 753 22.54 -23.49 38.58
C GLN A 753 23.54 -22.33 38.61
N PRO A 754 24.60 -22.41 37.81
CA PRO A 754 25.61 -21.32 37.79
C PRO A 754 25.07 -19.99 37.29
N GLY A 755 23.95 -19.98 36.54
CA GLY A 755 23.43 -18.74 36.02
C GLY A 755 21.96 -18.53 36.27
N CYS A 756 21.39 -19.25 37.23
CA CYS A 756 19.97 -19.16 37.54
C CYS A 756 19.77 -19.30 39.04
N ASN A 757 18.64 -18.79 39.52
CA ASN A 757 18.26 -18.90 40.91
C ASN A 757 17.54 -20.23 41.14
N GLU A 758 17.02 -20.44 42.36
CA GLU A 758 16.44 -21.74 42.70
C GLU A 758 15.09 -21.96 42.01
N GLU A 759 14.33 -20.88 41.75
CA GLU A 759 13.05 -21.04 41.08
C GLU A 759 13.23 -21.60 39.67
N GLN A 760 14.24 -21.10 38.96
CA GLN A 760 14.52 -21.62 37.62
C GLN A 760 14.99 -23.07 37.68
N THR A 761 15.72 -23.45 38.73
CA THR A 761 16.13 -24.85 38.86
C THR A 761 14.93 -25.76 39.04
N LEU A 762 14.00 -25.36 39.92
CA LEU A 762 12.78 -26.14 40.11
C LEU A 762 11.96 -26.22 38.83
N GLU A 763 11.84 -25.10 38.13
CA GLU A 763 11.09 -25.06 36.88
C GLU A 763 11.71 -25.98 35.83
N ALA A 764 13.03 -25.92 35.68
CA ALA A 764 13.72 -26.76 34.70
C ALA A 764 13.58 -28.23 35.03
N LYS A 765 13.77 -28.59 36.30
CA LYS A 765 13.68 -29.99 36.70
C LYS A 765 12.28 -30.54 36.46
N ILE A 766 11.26 -29.82 36.92
CA ILE A 766 9.88 -30.31 36.76
C ILE A 766 9.50 -30.38 35.29
N GLY A 767 9.85 -29.35 34.50
CA GLY A 767 9.48 -29.35 33.10
C GLY A 767 10.13 -30.46 32.32
N GLY A 768 11.44 -30.68 32.53
CA GLY A 768 12.12 -31.76 31.86
C GLY A 768 11.59 -33.12 32.25
N LEU A 769 11.34 -33.34 33.55
CA LEU A 769 10.85 -34.62 34.01
C LEU A 769 9.47 -34.92 33.42
N LEU A 770 8.58 -33.92 33.43
CA LEU A 770 7.23 -34.11 32.89
C LEU A 770 7.26 -34.35 31.38
N SER A 771 8.11 -33.61 30.65
CA SER A 771 8.19 -33.80 29.20
C SER A 771 8.71 -35.19 28.87
N LYS A 772 9.71 -35.67 29.62
CA LYS A 772 10.22 -37.02 29.40
C LYS A 772 9.15 -38.07 29.69
N VAL A 773 8.36 -37.86 30.75
CA VAL A 773 7.29 -38.79 31.09
C VAL A 773 6.26 -38.86 29.97
N ARG A 774 5.85 -37.69 29.46
CA ARG A 774 4.89 -37.63 28.38
C ARG A 774 5.42 -38.33 27.13
N GLU A 775 6.67 -38.05 26.76
CA GLU A 775 7.23 -38.65 25.55
C GLU A 775 7.31 -40.16 25.66
N GLU A 776 7.75 -40.67 26.82
CA GLU A 776 7.92 -42.12 26.95
C GLU A 776 6.57 -42.83 26.95
N VAL A 777 5.58 -42.28 27.67
CA VAL A 777 4.28 -42.95 27.68
C VAL A 777 3.60 -42.83 26.32
N GLY A 778 3.89 -41.76 25.58
CA GLY A 778 3.40 -41.67 24.23
C GLY A 778 4.00 -42.72 23.31
N ASP A 779 5.30 -42.97 23.48
CA ASP A 779 5.95 -44.05 22.72
C ASP A 779 5.31 -45.39 23.04
N VAL A 780 5.06 -45.65 24.33
CA VAL A 780 4.45 -46.91 24.75
C VAL A 780 3.05 -47.06 24.16
N CYS A 781 2.27 -45.98 24.18
CA CYS A 781 0.92 -46.01 23.65
C CYS A 781 0.91 -46.23 22.14
N ILE A 782 1.82 -45.58 21.42
CA ILE A 782 1.84 -45.71 19.97
C ILE A 782 2.30 -47.10 19.55
N ASN A 783 3.31 -47.65 20.22
CA ASN A 783 3.87 -48.94 19.81
C ASN A 783 2.87 -50.08 19.94
N GLU A 784 1.97 -50.03 20.93
CA GLU A 784 1.05 -51.12 21.16
C GLU A 784 -0.17 -51.09 20.25
N LEU A 785 -0.39 -49.99 19.53
CA LEU A 785 -1.59 -49.88 18.71
C LEU A 785 -1.50 -50.81 17.50
N ASP A 786 -2.59 -51.53 17.24
CA ASP A 786 -2.61 -52.46 16.13
C ASP A 786 -2.75 -51.72 14.81
N ASN A 787 -2.36 -52.40 13.73
CA ASN A 787 -2.54 -51.85 12.40
C ASN A 787 -4.02 -51.82 12.04
N TRP A 788 -4.33 -51.07 10.97
CA TRP A 788 -5.70 -50.70 10.59
C TRP A 788 -6.42 -49.94 11.69
N ASN A 789 -5.67 -49.38 12.63
CA ASN A 789 -6.15 -48.31 13.49
C ASN A 789 -5.97 -47.04 12.70
N ALA A 790 -7.08 -46.40 12.35
CA ALA A 790 -7.03 -45.34 11.35
C ALA A 790 -6.15 -44.14 11.74
N PRO A 791 -6.23 -43.53 12.94
CA PRO A 791 -5.37 -42.36 13.20
C PRO A 791 -3.88 -42.65 13.12
N LEU A 792 -3.44 -43.86 13.47
CA LEU A 792 -2.03 -44.20 13.29
C LEU A 792 -1.69 -44.32 11.81
N ILE A 793 -2.62 -44.80 10.99
CA ILE A 793 -2.42 -44.83 9.55
C ILE A 793 -2.31 -43.41 9.01
N MET A 794 -3.10 -42.49 9.56
CA MET A 794 -3.04 -41.09 9.17
C MET A 794 -1.71 -40.45 9.59
N ALA A 795 -1.15 -40.86 10.72
CA ALA A 795 0.15 -40.35 11.12
C ALA A 795 1.27 -40.92 10.24
N THR A 796 1.25 -42.23 10.00
CA THR A 796 2.27 -42.87 9.17
C THR A 796 2.22 -42.34 7.74
N CYS A 797 1.02 -42.24 7.18
CA CYS A 797 0.85 -41.81 5.80
C CYS A 797 1.18 -40.33 5.63
N GLY A 798 0.97 -39.53 6.67
CA GLY A 798 1.26 -38.12 6.58
C GLY A 798 0.20 -37.30 5.89
N SER A 799 -1.06 -37.75 5.91
CA SER A 799 -2.13 -36.97 5.32
C SER A 799 -2.42 -35.72 6.14
N LYS A 800 -2.81 -35.89 7.39
CA LYS A 800 -3.05 -34.77 8.28
C LYS A 800 -2.97 -35.27 9.71
N GLY A 801 -1.96 -34.83 10.44
CA GLY A 801 -1.83 -35.21 11.82
C GLY A 801 -0.38 -35.44 12.18
N SER A 802 -0.17 -36.05 13.33
CA SER A 802 1.14 -36.36 13.84
C SER A 802 1.00 -37.42 14.92
N THR A 803 2.14 -38.00 15.31
CA THR A 803 2.14 -38.96 16.41
C THR A 803 1.76 -38.29 17.72
N LEU A 804 2.17 -37.03 17.90
CA LEU A 804 1.85 -36.31 19.13
C LEU A 804 0.34 -36.13 19.31
N ASN A 805 -0.39 -35.97 18.20
CA ASN A 805 -1.83 -35.75 18.29
C ASN A 805 -2.55 -37.00 18.78
N VAL A 806 -2.22 -38.16 18.22
CA VAL A 806 -2.81 -39.41 18.69
C VAL A 806 -2.35 -39.71 20.12
N SER A 807 -1.12 -39.32 20.46
CA SER A 807 -0.66 -39.43 21.84
C SER A 807 -1.54 -38.61 22.78
N GLN A 808 -1.92 -37.40 22.35
CA GLN A 808 -2.79 -36.58 23.18
C GLN A 808 -4.19 -37.18 23.28
N MET A 809 -4.65 -37.83 22.21
CA MET A 809 -5.97 -38.46 22.28
C MET A 809 -6.00 -39.64 23.24
N VAL A 810 -4.97 -40.49 23.19
CA VAL A 810 -5.05 -41.77 23.88
C VAL A 810 -4.26 -41.78 25.19
N ALA A 811 -3.16 -41.05 25.29
CA ALA A 811 -2.31 -41.01 26.48
C ALA A 811 -2.37 -39.60 27.07
N VAL A 812 -1.48 -39.32 28.02
CA VAL A 812 -1.53 -38.05 28.74
C VAL A 812 -1.43 -36.88 27.78
N VAL A 813 -2.18 -35.82 28.07
CA VAL A 813 -2.21 -34.65 27.19
C VAL A 813 -0.86 -33.97 27.18
N GLY A 814 -0.29 -33.74 28.35
CA GLY A 814 1.06 -33.23 28.48
C GLY A 814 1.10 -31.91 29.20
N GLN A 815 2.29 -31.32 29.20
CA GLN A 815 2.52 -30.06 29.88
C GLN A 815 1.80 -28.92 29.16
N GLN A 816 1.05 -28.12 29.90
CA GLN A 816 0.35 -26.97 29.35
C GLN A 816 1.29 -25.78 29.41
N ILE A 817 2.13 -25.65 28.40
CA ILE A 817 3.09 -24.55 28.34
C ILE A 817 2.35 -23.27 27.99
N ILE A 818 2.54 -22.24 28.81
CA ILE A 818 1.95 -20.92 28.58
C ILE A 818 3.10 -19.89 28.60
N SER A 819 3.31 -19.24 27.46
CA SER A 819 4.38 -18.25 27.27
C SER A 819 5.75 -18.81 27.65
N GLY A 820 5.99 -20.06 27.27
CA GLY A 820 7.27 -20.70 27.52
C GLY A 820 7.57 -20.93 29.00
N ASN A 821 6.55 -21.32 29.77
CA ASN A 821 6.67 -21.44 31.21
C ASN A 821 5.43 -22.21 31.66
N ARG A 822 5.45 -22.69 32.90
CA ARG A 822 4.29 -23.35 33.47
C ARG A 822 3.18 -22.34 33.76
N VAL A 823 2.06 -22.82 34.32
CA VAL A 823 0.90 -21.96 34.52
C VAL A 823 1.24 -20.87 35.54
N PRO A 824 1.02 -19.60 35.21
CA PRO A 824 1.47 -18.53 36.10
C PRO A 824 0.60 -18.40 37.34
N ASP A 825 0.88 -17.38 38.15
CA ASP A 825 0.14 -17.14 39.38
C ASP A 825 -0.84 -15.99 39.15
N GLY A 826 -2.06 -16.32 38.74
CA GLY A 826 -3.13 -15.35 38.70
C GLY A 826 -3.48 -14.88 40.09
N PHE A 827 -3.58 -15.82 41.02
CA PHE A 827 -3.76 -15.52 42.43
C PHE A 827 -2.40 -15.45 43.13
N GLN A 828 -2.44 -15.39 44.46
CA GLN A 828 -1.24 -15.35 45.27
C GLN A 828 -0.77 -16.79 45.51
N ASP A 829 0.32 -17.16 44.86
CA ASP A 829 1.04 -18.41 45.12
C ASP A 829 0.21 -19.66 44.82
N ARG A 830 -0.83 -19.53 44.01
CA ARG A 830 -1.55 -20.69 43.51
C ARG A 830 -2.31 -20.28 42.26
N SER A 831 -2.79 -21.27 41.51
CA SER A 831 -3.46 -20.99 40.25
C SER A 831 -4.96 -20.78 40.44
N LEU A 832 -5.63 -21.79 40.96
CA LEU A 832 -7.08 -21.84 41.09
C LEU A 832 -7.44 -22.01 42.55
N PRO A 833 -8.64 -21.53 42.98
CA PRO A 833 -8.97 -21.49 44.41
C PRO A 833 -9.34 -22.86 44.99
N HIS A 834 -8.72 -23.91 44.46
CA HIS A 834 -9.07 -25.28 44.81
C HIS A 834 -7.93 -26.06 45.41
N PHE A 835 -6.73 -25.48 45.46
CA PHE A 835 -5.47 -26.18 45.58
C PHE A 835 -4.68 -25.61 46.74
N PRO A 836 -3.80 -26.40 47.35
CA PRO A 836 -3.11 -25.95 48.58
C PRO A 836 -2.27 -24.70 48.36
N LYS A 837 -2.16 -23.89 49.40
CA LYS A 837 -1.41 -22.64 49.34
C LYS A 837 0.07 -22.91 49.15
N ASN A 838 0.71 -22.07 48.32
CA ASN A 838 2.14 -22.11 48.02
C ASN A 838 2.58 -23.45 47.42
N SER A 839 1.67 -24.15 46.75
CA SER A 839 1.98 -25.46 46.20
C SER A 839 2.55 -25.32 44.79
N LYS A 840 3.72 -25.92 44.57
CA LYS A 840 4.35 -25.95 43.26
C LYS A 840 4.18 -27.32 42.59
N THR A 841 3.23 -28.13 43.06
CA THR A 841 3.01 -29.44 42.49
C THR A 841 2.53 -29.32 41.03
N PRO A 842 2.94 -30.24 40.16
CA PRO A 842 2.67 -30.05 38.73
C PRO A 842 1.21 -30.23 38.36
N GLN A 843 0.48 -31.10 39.07
CA GLN A 843 -0.97 -31.16 38.87
C GLN A 843 -1.67 -29.91 39.39
N SER A 844 -0.96 -29.09 40.16
CA SER A 844 -1.42 -27.76 40.55
C SER A 844 -0.84 -26.66 39.69
N LYS A 845 0.02 -26.99 38.73
CA LYS A 845 0.71 -25.97 37.96
C LYS A 845 0.55 -26.18 36.45
N GLY A 846 -0.40 -27.00 36.05
CA GLY A 846 -0.71 -27.11 34.63
C GLY A 846 -0.39 -28.43 33.95
N PHE A 847 -0.58 -29.55 34.63
CA PHE A 847 -0.41 -30.86 34.04
C PHE A 847 -1.77 -31.48 33.80
N VAL A 848 -2.02 -31.91 32.56
CA VAL A 848 -3.28 -32.57 32.22
C VAL A 848 -3.04 -34.06 32.11
N ARG A 849 -3.28 -34.79 33.21
CA ARG A 849 -2.91 -36.20 33.24
C ARG A 849 -3.88 -37.05 32.46
N ASN A 850 -5.17 -36.76 32.55
CA ASN A 850 -6.15 -37.58 31.87
C ASN A 850 -6.14 -37.31 30.38
N SER A 851 -6.41 -38.35 29.59
CA SER A 851 -6.46 -38.24 28.15
C SER A 851 -7.79 -37.64 27.72
N PHE A 852 -7.85 -37.22 26.44
CA PHE A 852 -9.09 -36.69 25.91
C PHE A 852 -10.19 -37.74 25.88
N PHE A 853 -9.81 -39.01 25.72
CA PHE A 853 -10.80 -40.09 25.73
C PHE A 853 -11.48 -40.22 27.09
N SER A 854 -10.73 -40.05 28.17
CA SER A 854 -11.26 -40.30 29.51
C SER A 854 -11.89 -39.06 30.14
N GLY A 855 -11.79 -37.91 29.50
CA GLY A 855 -12.38 -36.69 30.05
C GLY A 855 -11.41 -35.89 30.88
N LEU A 856 -11.59 -34.57 30.89
CA LEU A 856 -10.68 -33.68 31.58
C LEU A 856 -11.30 -33.13 32.86
N SER A 857 -10.46 -33.00 33.90
CA SER A 857 -10.85 -32.44 35.18
C SER A 857 -10.92 -30.91 35.10
N PRO A 858 -11.63 -30.25 36.02
CA PRO A 858 -11.81 -28.79 35.94
C PRO A 858 -10.51 -27.98 35.90
N PRO A 859 -9.51 -28.25 36.75
CA PRO A 859 -8.28 -27.47 36.62
C PRO A 859 -7.60 -27.69 35.28
N GLU A 860 -7.54 -28.95 34.84
CA GLU A 860 -6.96 -29.26 33.54
C GLU A 860 -7.75 -28.61 32.41
N PHE A 861 -9.06 -28.53 32.56
CA PHE A 861 -9.87 -27.91 31.51
C PHE A 861 -9.57 -26.42 31.40
N LEU A 862 -9.46 -25.74 32.53
CA LEU A 862 -9.15 -24.31 32.45
C LEU A 862 -7.74 -24.07 31.93
N PHE A 863 -6.79 -24.95 32.30
CA PHE A 863 -5.43 -24.79 31.79
C PHE A 863 -5.37 -25.02 30.28
N HIS A 864 -6.11 -26.01 29.79
CA HIS A 864 -6.19 -26.24 28.35
C HIS A 864 -6.83 -25.07 27.64
N ALA A 865 -7.84 -24.46 28.27
CA ALA A 865 -8.47 -23.27 27.70
C ALA A 865 -7.47 -22.12 27.60
N ILE A 866 -6.62 -21.95 28.62
CA ILE A 866 -5.61 -20.89 28.58
C ILE A 866 -4.64 -21.12 27.43
N SER A 867 -4.15 -22.36 27.29
CA SER A 867 -3.19 -22.65 26.23
C SER A 867 -3.79 -22.43 24.85
N GLY A 868 -5.03 -22.87 24.65
CA GLY A 868 -5.67 -22.65 23.37
C GLY A 868 -5.92 -21.18 23.05
N ARG A 869 -6.33 -20.41 24.06
CA ARG A 869 -6.56 -18.98 23.83
C ARG A 869 -5.25 -18.27 23.48
N GLU A 870 -4.15 -18.67 24.11
CA GLU A 870 -2.89 -18.04 23.75
C GLU A 870 -2.43 -18.46 22.36
N GLY A 871 -2.74 -19.69 21.95
CA GLY A 871 -2.47 -20.06 20.56
C GLY A 871 -3.24 -19.21 19.58
N LEU A 872 -4.52 -18.95 19.89
CA LEU A 872 -5.35 -18.09 19.03
C LEU A 872 -4.79 -16.67 18.97
N VAL A 873 -4.39 -16.10 20.10
CA VAL A 873 -3.92 -14.72 20.09
C VAL A 873 -2.57 -14.63 19.38
N ASP A 874 -1.72 -15.65 19.53
CA ASP A 874 -0.44 -15.65 18.81
C ASP A 874 -0.68 -15.69 17.30
N THR A 875 -1.60 -16.55 16.86
CA THR A 875 -1.92 -16.61 15.43
C THR A 875 -2.54 -15.32 14.92
N ALA A 876 -3.36 -14.65 15.74
CA ALA A 876 -3.98 -13.41 15.31
C ALA A 876 -3.08 -12.19 15.44
N VAL A 877 -1.97 -12.29 16.16
CA VAL A 877 -1.07 -11.15 16.33
C VAL A 877 0.12 -11.22 15.38
N LYS A 878 0.66 -12.41 15.12
CA LYS A 878 1.84 -12.51 14.25
C LYS A 878 1.57 -12.01 12.84
N THR A 879 0.32 -12.15 12.38
CA THR A 879 -0.02 -11.72 11.03
C THR A 879 0.14 -10.22 10.87
N ALA A 880 -0.24 -9.45 11.89
CA ALA A 880 -0.23 -8.00 11.83
C ALA A 880 1.18 -7.40 11.89
N GLU A 881 2.20 -8.21 12.16
CA GLU A 881 3.58 -7.79 12.00
C GLU A 881 4.22 -8.35 10.74
N THR A 882 3.91 -9.60 10.38
CA THR A 882 4.52 -10.16 9.18
C THR A 882 3.99 -9.52 7.91
N GLY A 883 2.76 -9.00 7.93
CA GLY A 883 2.27 -8.27 6.77
C GLY A 883 3.03 -6.98 6.53
N TYR A 884 3.30 -6.23 7.60
CA TYR A 884 4.09 -5.02 7.48
C TYR A 884 5.51 -5.32 7.05
N MET A 885 6.11 -6.39 7.61
CA MET A 885 7.45 -6.77 7.20
C MET A 885 7.49 -7.19 5.73
N SER A 886 6.46 -7.90 5.26
CA SER A 886 6.40 -8.30 3.86
C SER A 886 6.25 -7.09 2.95
N ARG A 887 5.41 -6.13 3.33
CA ARG A 887 5.25 -4.95 2.50
C ARG A 887 6.54 -4.12 2.45
N ARG A 888 7.26 -4.04 3.58
CA ARG A 888 8.54 -3.33 3.60
C ARG A 888 9.54 -4.00 2.67
N LEU A 889 9.68 -5.33 2.79
CA LEU A 889 10.63 -6.04 1.95
C LEU A 889 10.28 -5.93 0.48
N MET A 890 8.99 -5.97 0.15
CA MET A 890 8.61 -5.84 -1.25
C MET A 890 8.88 -4.44 -1.78
N LYS A 891 8.44 -3.41 -1.05
CA LYS A 891 8.67 -2.04 -1.49
C LYS A 891 10.15 -1.70 -1.55
N SER A 892 11.00 -2.46 -0.88
CA SER A 892 12.44 -2.29 -1.07
C SER A 892 12.94 -3.01 -2.30
N LEU A 893 12.62 -4.31 -2.44
CA LEU A 893 13.26 -5.16 -3.43
C LEU A 893 12.58 -5.16 -4.80
N GLU A 894 11.45 -4.48 -4.98
CA GLU A 894 10.64 -4.73 -6.17
C GLU A 894 11.23 -4.07 -7.42
N ASP A 895 12.15 -3.13 -7.26
CA ASP A 895 12.77 -2.53 -8.45
C ASP A 895 13.84 -3.42 -9.06
N LEU A 896 14.27 -4.48 -8.40
CA LEU A 896 15.36 -5.29 -8.93
C LEU A 896 14.92 -6.11 -10.13
N SER A 897 15.89 -6.45 -10.97
CA SER A 897 15.65 -7.31 -12.12
C SER A 897 16.98 -7.91 -12.55
N CYS A 898 16.90 -8.86 -13.48
CA CYS A 898 18.08 -9.50 -14.03
C CYS A 898 18.15 -9.14 -15.51
N GLN A 899 19.13 -8.33 -15.87
CA GLN A 899 19.28 -7.90 -17.25
C GLN A 899 19.93 -9.00 -18.08
N TYR A 900 20.17 -8.72 -19.35
CA TYR A 900 20.59 -9.75 -20.29
C TYR A 900 22.09 -9.97 -20.31
N ASP A 901 22.80 -9.61 -19.24
CA ASP A 901 24.21 -9.94 -19.10
C ASP A 901 24.50 -10.59 -17.75
N ASN A 902 23.47 -11.19 -17.13
CA ASN A 902 23.58 -11.90 -15.85
C ASN A 902 24.09 -10.98 -14.74
N THR A 903 23.60 -9.74 -14.75
CA THR A 903 23.93 -8.76 -13.73
C THR A 903 22.64 -8.19 -13.16
N VAL A 904 22.46 -8.29 -11.85
CA VAL A 904 21.23 -7.82 -11.21
C VAL A 904 21.36 -6.31 -11.00
N ARG A 905 20.48 -5.55 -11.65
CA ARG A 905 20.53 -4.10 -11.63
C ARG A 905 19.23 -3.52 -11.10
N THR A 906 19.31 -2.37 -10.45
CA THR A 906 18.15 -1.68 -9.94
C THR A 906 17.46 -0.89 -11.05
N SER A 907 16.49 -0.06 -10.66
CA SER A 907 15.75 0.72 -11.65
C SER A 907 16.64 1.73 -12.35
N ALA A 908 17.55 2.37 -11.62
CA ALA A 908 18.47 3.33 -12.20
C ALA A 908 19.73 2.68 -12.74
N ASN A 909 19.68 1.37 -13.05
CA ASN A 909 20.79 0.61 -13.61
C ASN A 909 22.02 0.67 -12.72
N GLY A 910 21.79 0.60 -11.40
CA GLY A 910 22.88 0.47 -10.44
C GLY A 910 23.04 -1.00 -10.06
N ILE A 911 24.26 -1.49 -10.20
CA ILE A 911 24.50 -2.92 -10.03
C ILE A 911 24.48 -3.27 -8.54
N VAL A 912 23.67 -4.28 -8.20
CA VAL A 912 23.67 -4.83 -6.86
C VAL A 912 24.53 -6.07 -6.75
N GLN A 913 24.40 -7.02 -7.67
CA GLN A 913 25.34 -8.14 -7.75
C GLN A 913 25.78 -8.28 -9.20
N PHE A 914 27.01 -8.76 -9.37
CA PHE A 914 27.53 -9.00 -10.71
C PHE A 914 27.13 -10.36 -11.27
N THR A 915 26.73 -11.29 -10.41
CA THR A 915 26.15 -12.56 -10.84
C THR A 915 25.28 -13.04 -9.69
N TYR A 916 24.01 -13.33 -9.98
CA TYR A 916 23.03 -13.52 -8.92
C TYR A 916 23.37 -14.74 -8.05
N GLY A 917 23.64 -14.48 -6.78
CA GLY A 917 23.97 -15.56 -5.87
C GLY A 917 25.31 -16.20 -6.10
N GLY A 918 26.21 -15.53 -6.80
CA GLY A 918 27.53 -16.11 -7.06
C GLY A 918 27.58 -17.11 -8.19
N ASP A 919 26.71 -18.12 -8.16
CA ASP A 919 26.66 -19.10 -9.22
C ASP A 919 25.89 -18.62 -10.44
N GLY A 920 24.82 -17.85 -10.24
CA GLY A 920 23.98 -17.47 -11.34
C GLY A 920 22.94 -18.51 -11.71
N LEU A 921 22.48 -19.29 -10.74
CA LEU A 921 21.53 -20.37 -10.98
C LEU A 921 20.21 -20.06 -10.28
N ASP A 922 19.12 -20.18 -11.03
CA ASP A 922 17.80 -19.92 -10.49
C ASP A 922 17.44 -20.96 -9.42
N PRO A 923 17.03 -20.54 -8.23
CA PRO A 923 16.56 -21.51 -7.23
C PRO A 923 15.28 -22.22 -7.62
N LEU A 924 14.58 -21.77 -8.65
CA LEU A 924 13.39 -22.47 -9.12
C LEU A 924 13.72 -23.79 -9.79
N GLU A 925 14.84 -23.88 -10.51
CA GLU A 925 15.13 -25.01 -11.36
C GLU A 925 16.25 -25.90 -10.86
N MET A 926 16.77 -25.68 -9.67
CA MET A 926 17.82 -26.53 -9.13
C MET A 926 17.24 -27.83 -8.61
N GLU A 927 17.90 -28.94 -8.92
CA GLU A 927 17.39 -30.25 -8.54
C GLU A 927 17.75 -30.60 -7.10
N GLY A 928 19.03 -30.58 -6.78
CA GLY A 928 19.49 -30.86 -5.43
C GLY A 928 19.55 -29.63 -4.57
N ASN A 929 20.33 -29.72 -3.51
CA ASN A 929 20.53 -28.60 -2.59
C ASN A 929 21.92 -28.00 -2.83
N ALA A 930 21.95 -26.74 -3.26
CA ALA A 930 23.17 -25.98 -3.50
C ALA A 930 24.05 -26.64 -4.56
N GLN A 931 23.43 -27.29 -5.54
CA GLN A 931 24.14 -27.81 -6.69
C GLN A 931 23.17 -27.86 -7.86
N PRO A 932 23.64 -27.64 -9.09
CA PRO A 932 22.73 -27.60 -10.25
C PRO A 932 21.93 -28.86 -10.49
N VAL A 933 22.45 -30.04 -10.19
CA VAL A 933 21.78 -31.29 -10.57
C VAL A 933 22.10 -32.36 -9.53
N ASN A 934 21.11 -33.22 -9.28
CA ASN A 934 21.28 -34.34 -8.36
C ASN A 934 21.93 -35.49 -9.12
N PHE A 935 23.14 -35.87 -8.71
CA PHE A 935 23.93 -36.77 -9.53
C PHE A 935 23.45 -38.22 -9.44
N ASN A 936 22.96 -38.65 -8.27
CA ASN A 936 22.59 -40.05 -8.11
C ASN A 936 21.36 -40.41 -8.93
N ARG A 937 20.32 -39.58 -8.86
CA ARG A 937 19.11 -39.84 -9.63
C ARG A 937 19.36 -39.77 -11.12
N SER A 938 20.15 -38.78 -11.57
CA SER A 938 20.46 -38.67 -12.98
C SER A 938 21.30 -39.84 -13.46
N TRP A 939 22.21 -40.32 -12.62
CA TRP A 939 23.01 -41.48 -12.97
C TRP A 939 22.16 -42.73 -13.10
N ASP A 940 21.22 -42.92 -12.18
CA ASP A 940 20.31 -44.06 -12.27
C ASP A 940 19.43 -43.96 -13.50
N HIS A 941 18.95 -42.76 -13.82
CA HIS A 941 18.13 -42.55 -15.00
C HIS A 941 18.92 -42.86 -16.27
N ALA A 942 20.16 -42.40 -16.34
CA ALA A 942 20.99 -42.70 -17.50
C ALA A 942 21.33 -44.18 -17.59
N TYR A 943 21.45 -44.84 -16.43
CA TYR A 943 21.65 -46.29 -16.43
C TYR A 943 20.43 -47.00 -16.99
N ASN A 944 19.23 -46.54 -16.65
CA ASN A 944 18.02 -47.30 -16.95
C ASN A 944 17.44 -47.02 -18.32
N ILE A 945 17.66 -45.83 -18.90
CA ILE A 945 17.05 -45.56 -20.20
C ILE A 945 17.68 -46.40 -21.31
N THR A 946 19.01 -46.47 -21.35
CA THR A 946 19.73 -47.14 -22.43
C THR A 946 20.12 -48.57 -22.08
N PHE A 947 19.36 -49.22 -21.20
CA PHE A 947 19.73 -50.53 -20.69
C PHE A 947 19.68 -51.58 -21.79
N ASN A 948 20.76 -52.34 -21.93
CA ASN A 948 20.85 -53.43 -22.91
C ASN A 948 21.99 -54.34 -22.48
N ASN A 949 21.68 -55.62 -22.28
CA ASN A 949 22.70 -56.57 -21.83
C ASN A 949 23.60 -57.05 -22.96
N GLN A 950 23.24 -56.77 -24.21
CA GLN A 950 24.06 -57.16 -25.35
C GLN A 950 25.13 -56.13 -25.70
N ASP A 951 25.21 -55.04 -24.95
CA ASP A 951 26.21 -54.01 -25.17
C ASP A 951 27.50 -54.35 -24.44
N LYS A 952 28.57 -53.67 -24.84
CA LYS A 952 29.90 -53.93 -24.29
C LYS A 952 30.23 -52.90 -23.22
N GLY A 953 30.72 -53.38 -22.08
CA GLY A 953 31.11 -52.50 -20.99
C GLY A 953 32.54 -52.01 -21.15
N LEU A 954 32.78 -50.80 -20.66
CA LEU A 954 34.10 -50.19 -20.79
C LEU A 954 34.90 -50.40 -19.52
N LEU A 955 36.04 -49.72 -19.46
CA LEU A 955 36.98 -49.80 -18.36
C LEU A 955 37.08 -48.42 -17.73
N PRO A 956 37.63 -48.29 -16.51
CA PRO A 956 37.77 -46.94 -15.93
C PRO A 956 38.56 -45.98 -16.78
N TYR A 957 39.60 -46.44 -17.47
CA TYR A 957 40.35 -45.55 -18.35
C TYR A 957 39.50 -45.11 -19.53
N ALA A 958 38.70 -46.01 -20.09
CA ALA A 958 37.83 -45.64 -21.21
C ALA A 958 36.71 -44.70 -20.76
N ILE A 959 36.15 -44.94 -19.58
CA ILE A 959 35.10 -44.07 -19.04
C ILE A 959 35.65 -42.66 -18.81
N MET A 960 36.82 -42.58 -18.16
CA MET A 960 37.44 -41.28 -17.93
C MET A 960 37.84 -40.61 -19.23
N GLU A 961 38.27 -41.39 -20.23
CA GLU A 961 38.62 -40.81 -21.52
C GLU A 961 37.40 -40.23 -22.21
N THR A 962 36.25 -40.93 -22.14
CA THR A 962 35.03 -40.38 -22.72
C THR A 962 34.59 -39.13 -21.99
N ALA A 963 34.71 -39.13 -20.65
CA ALA A 963 34.36 -37.95 -19.87
C ALA A 963 35.22 -36.76 -20.26
N ASN A 964 36.53 -36.97 -20.41
CA ASN A 964 37.41 -35.90 -20.85
C ASN A 964 37.08 -35.47 -22.28
N GLU A 965 36.79 -36.42 -23.17
CA GLU A 965 36.46 -36.10 -24.55
C GLU A 965 35.22 -35.23 -24.65
N ILE A 966 34.28 -35.38 -23.71
CA ILE A 966 33.08 -34.57 -23.73
C ILE A 966 33.24 -33.25 -22.97
N LEU A 967 34.03 -33.23 -21.90
CA LEU A 967 34.13 -32.04 -21.06
C LEU A 967 35.24 -31.07 -21.47
N GLY A 968 36.40 -31.57 -21.87
CA GLY A 968 37.56 -30.75 -22.16
C GLY A 968 37.37 -29.70 -23.24
N PRO A 969 36.78 -30.08 -24.38
CA PRO A 969 36.41 -29.06 -25.37
C PRO A 969 35.43 -28.03 -24.85
N LEU A 970 34.64 -28.35 -23.82
CA LEU A 970 33.67 -27.41 -23.29
C LEU A 970 34.25 -26.52 -22.19
N GLU A 971 35.20 -27.03 -21.40
CA GLU A 971 35.86 -26.22 -20.39
C GLU A 971 37.09 -25.49 -20.93
N GLU A 972 37.38 -25.64 -22.23
CA GLU A 972 38.42 -24.85 -22.86
C GLU A 972 37.89 -23.50 -23.34
N ARG A 973 36.58 -23.38 -23.59
CA ARG A 973 35.98 -22.12 -23.96
C ARG A 973 36.00 -21.11 -22.83
N LEU A 974 35.97 -21.56 -21.58
CA LEU A 974 36.05 -20.68 -20.42
C LEU A 974 37.49 -20.27 -20.13
N VAL A 975 38.14 -19.63 -21.09
CA VAL A 975 39.56 -19.32 -20.97
C VAL A 975 39.74 -18.19 -19.96
N ARG A 976 40.70 -18.33 -19.06
CA ARG A 976 40.83 -17.41 -17.96
C ARG A 976 41.61 -16.16 -18.37
N TYR A 977 41.08 -15.01 -17.99
CA TYR A 977 41.73 -13.72 -18.19
C TYR A 977 42.24 -13.21 -16.86
N ASP A 978 42.77 -12.00 -16.88
CA ASP A 978 43.16 -11.30 -15.66
C ASP A 978 42.44 -9.95 -15.60
N ASN A 979 42.82 -9.15 -14.60
CA ASN A 979 42.18 -7.86 -14.43
C ASN A 979 42.61 -6.84 -15.48
N SER A 980 43.70 -7.11 -16.22
CA SER A 980 44.14 -6.21 -17.27
C SER A 980 43.47 -6.49 -18.61
N GLY A 981 43.18 -7.75 -18.90
CA GLY A 981 42.46 -8.09 -20.12
C GLY A 981 43.22 -8.97 -21.09
N CYS A 982 44.21 -9.70 -20.60
CA CYS A 982 45.02 -10.59 -21.43
C CYS A 982 44.95 -12.01 -20.88
N LEU A 983 45.73 -12.90 -21.50
CA LEU A 983 45.71 -14.31 -21.13
C LEU A 983 46.46 -14.52 -19.82
N VAL A 984 46.50 -15.77 -19.37
CA VAL A 984 47.19 -16.15 -18.14
C VAL A 984 48.03 -17.39 -18.42
N LYS A 985 49.22 -17.43 -17.82
CA LYS A 985 50.14 -18.54 -18.04
C LYS A 985 49.66 -19.78 -17.29
N ARG A 986 50.11 -20.94 -17.76
CA ARG A 986 49.69 -22.22 -17.20
C ARG A 986 50.64 -22.62 -16.06
N GLU A 987 50.84 -21.66 -15.16
CA GLU A 987 51.57 -21.92 -13.91
C GLU A 987 50.89 -21.31 -12.70
N ASP A 988 50.07 -20.28 -12.86
CA ASP A 988 49.40 -19.57 -11.76
C ASP A 988 47.91 -19.49 -12.03
N LEU A 989 47.32 -20.63 -12.36
CA LEU A 989 45.93 -20.70 -12.79
C LEU A 989 44.94 -20.64 -11.64
N ASN A 990 45.39 -20.68 -10.38
CA ASN A 990 44.41 -20.81 -9.30
C ASN A 990 44.66 -19.90 -8.10
N LYS A 991 45.13 -18.66 -8.30
CA LYS A 991 45.19 -17.74 -7.18
C LYS A 991 43.94 -16.86 -7.13
N ALA A 992 43.88 -15.99 -6.13
CA ALA A 992 42.69 -15.19 -5.90
C ALA A 992 42.67 -13.91 -6.72
N GLU A 993 43.78 -13.55 -7.35
CA GLU A 993 43.87 -12.32 -8.13
C GLU A 993 43.35 -12.47 -9.56
N TYR A 994 42.75 -13.62 -9.90
CA TYR A 994 42.29 -13.84 -11.26
C TYR A 994 40.93 -14.50 -11.36
N VAL A 995 40.14 -14.53 -10.29
CA VAL A 995 38.86 -15.23 -10.33
C VAL A 995 37.87 -14.45 -11.19
N ASP A 996 37.26 -15.14 -12.15
CA ASP A 996 36.34 -14.53 -13.09
C ASP A 996 34.92 -14.95 -12.76
N GLN A 997 33.98 -14.42 -13.55
CA GLN A 997 32.57 -14.77 -13.37
C GLN A 997 32.30 -16.23 -13.74
N TYR A 998 33.11 -16.80 -14.62
CA TYR A 998 32.91 -18.16 -15.10
C TYR A 998 33.34 -19.22 -14.09
N ASP A 999 34.01 -18.81 -13.00
CA ASP A 999 34.70 -19.76 -12.12
C ASP A 999 33.75 -20.83 -11.59
N ALA A 1000 32.56 -20.42 -11.15
CA ALA A 1000 31.58 -21.36 -10.62
C ALA A 1000 31.28 -22.47 -11.63
N GLU A 1001 31.10 -22.09 -12.90
CA GLU A 1001 30.86 -23.06 -13.96
C GLU A 1001 31.96 -24.11 -13.97
N ARG A 1002 33.22 -23.65 -13.96
CA ARG A 1002 34.35 -24.57 -13.98
C ARG A 1002 34.29 -25.53 -12.81
N ASP A 1003 33.96 -24.98 -11.63
CA ASP A 1003 33.87 -25.81 -10.42
C ASP A 1003 32.86 -26.93 -10.65
N PHE A 1004 31.70 -26.58 -11.21
CA PHE A 1004 30.68 -27.59 -11.49
C PHE A 1004 31.23 -28.69 -12.37
N TYR A 1005 31.90 -28.31 -13.46
CA TYR A 1005 32.46 -29.28 -14.37
C TYR A 1005 33.41 -30.21 -13.62
N HIS A 1006 34.29 -29.63 -12.80
CA HIS A 1006 35.27 -30.43 -12.09
C HIS A 1006 34.58 -31.41 -11.15
N SER A 1007 33.54 -30.93 -10.46
CA SER A 1007 32.80 -31.82 -9.56
C SER A 1007 32.21 -32.97 -10.34
N LEU A 1008 31.61 -32.67 -11.50
CA LEU A 1008 31.05 -33.70 -12.34
C LEU A 1008 32.11 -34.73 -12.70
N ARG A 1009 33.29 -34.23 -13.09
CA ARG A 1009 34.38 -35.12 -13.46
C ARG A 1009 34.73 -36.04 -12.31
N GLU A 1010 34.82 -35.45 -11.10
CA GLU A 1010 35.20 -36.23 -9.93
C GLU A 1010 34.22 -37.36 -9.72
N TYR A 1011 32.91 -37.07 -9.87
CA TYR A 1011 31.91 -38.09 -9.64
C TYR A 1011 32.10 -39.26 -10.59
N ILE A 1012 32.31 -38.96 -11.88
CA ILE A 1012 32.54 -40.02 -12.84
C ILE A 1012 33.79 -40.80 -12.46
N ASN A 1013 34.85 -40.05 -12.12
CA ASN A 1013 36.09 -40.69 -11.70
C ASN A 1013 35.84 -41.54 -10.45
N GLY A 1014 35.04 -41.01 -9.52
CA GLY A 1014 34.69 -41.78 -8.34
C GLY A 1014 34.03 -43.09 -8.71
N LYS A 1015 33.04 -43.02 -9.61
CA LYS A 1015 32.39 -44.24 -10.08
C LYS A 1015 33.41 -45.15 -10.73
N ALA A 1016 34.28 -44.56 -11.56
CA ALA A 1016 35.30 -45.34 -12.24
C ALA A 1016 36.19 -46.02 -11.22
N THR A 1017 36.54 -45.30 -10.15
CA THR A 1017 37.41 -45.85 -9.12
C THR A 1017 36.78 -47.09 -8.53
N ALA A 1018 35.46 -47.03 -8.26
CA ALA A 1018 34.75 -48.16 -7.71
C ALA A 1018 34.90 -49.37 -8.61
N LEU A 1019 34.70 -49.15 -9.92
CA LEU A 1019 34.82 -50.24 -10.88
C LEU A 1019 36.22 -50.84 -10.82
N ALA A 1020 37.24 -49.97 -10.79
CA ALA A 1020 38.61 -50.45 -10.74
C ALA A 1020 38.84 -51.26 -9.48
N ASN A 1021 38.29 -50.79 -8.35
CA ASN A 1021 38.46 -51.52 -7.11
C ASN A 1021 37.83 -52.89 -7.20
N LEU A 1022 36.65 -52.97 -7.83
CA LEU A 1022 36.03 -54.27 -8.04
C LEU A 1022 36.92 -55.15 -8.89
N ARG A 1023 37.53 -54.58 -9.94
CA ARG A 1023 38.39 -55.38 -10.79
C ARG A 1023 39.71 -55.73 -10.11
N LYS A 1024 40.04 -55.06 -9.00
CA LYS A 1024 41.22 -55.49 -8.25
C LYS A 1024 40.85 -56.51 -7.19
N SER A 1025 39.55 -56.76 -6.99
CA SER A 1025 39.13 -57.62 -5.90
C SER A 1025 38.75 -59.02 -6.39
N ARG A 1026 38.20 -59.11 -7.59
CA ARG A 1026 37.74 -60.37 -8.13
C ARG A 1026 38.82 -61.12 -8.91
N GLY A 1027 40.03 -60.60 -8.95
CA GLY A 1027 41.12 -61.25 -9.67
C GLY A 1027 41.15 -60.92 -11.15
N MET A 1028 41.23 -59.63 -11.46
CA MET A 1028 41.29 -59.15 -12.84
C MET A 1028 42.48 -58.23 -12.98
N LEU A 1029 42.68 -57.71 -14.19
CA LEU A 1029 43.70 -56.72 -14.47
C LEU A 1029 43.02 -55.50 -15.08
N GLY A 1030 42.97 -54.42 -14.30
CA GLY A 1030 42.32 -53.20 -14.75
C GLY A 1030 42.91 -51.99 -14.08
N LEU A 1031 43.10 -50.92 -14.83
CA LEU A 1031 43.78 -49.73 -14.32
C LEU A 1031 43.02 -48.49 -14.73
N LEU A 1032 43.21 -47.42 -13.96
CA LEU A 1032 42.62 -46.14 -14.27
C LEU A 1032 43.17 -45.50 -15.54
N GLU A 1033 44.29 -46.01 -16.06
CA GLU A 1033 44.94 -45.52 -17.25
C GLU A 1033 45.22 -46.68 -18.19
N PRO A 1034 45.39 -46.43 -19.48
CA PRO A 1034 45.72 -47.52 -20.40
C PRO A 1034 47.06 -48.13 -20.04
N PRO A 1035 47.21 -49.44 -20.24
CA PRO A 1035 48.50 -50.09 -19.88
C PRO A 1035 49.69 -49.56 -20.66
N ALA A 1036 49.50 -49.20 -21.92
CA ALA A 1036 50.57 -48.65 -22.72
C ALA A 1036 49.97 -47.81 -23.84
N LYS A 1037 50.79 -46.91 -24.39
CA LYS A 1037 50.30 -46.03 -25.45
C LYS A 1037 50.14 -46.76 -26.77
N GLU A 1038 50.88 -47.85 -26.98
CA GLU A 1038 50.85 -48.55 -28.25
C GLU A 1038 49.88 -49.72 -28.26
N LEU A 1039 49.54 -50.27 -27.09
CA LEU A 1039 48.63 -51.41 -27.04
C LEU A 1039 47.20 -50.93 -27.25
N GLN A 1040 46.58 -51.41 -28.32
CA GLN A 1040 45.22 -51.02 -28.66
C GLN A 1040 44.32 -52.25 -28.68
N GLY A 1041 43.05 -52.04 -28.36
CA GLY A 1041 42.09 -53.11 -28.31
C GLY A 1041 41.82 -53.58 -26.89
N ILE A 1042 40.69 -54.26 -26.71
CA ILE A 1042 40.33 -54.77 -25.39
C ILE A 1042 41.17 -55.99 -25.09
N ASP A 1043 41.82 -56.00 -23.92
CA ASP A 1043 42.72 -57.12 -23.64
C ASP A 1043 42.87 -57.57 -22.19
N PRO A 1044 41.77 -57.88 -21.43
CA PRO A 1044 41.89 -58.78 -20.28
C PRO A 1044 41.57 -60.23 -20.66
N ASP A 1045 42.22 -60.74 -21.70
CA ASP A 1045 41.87 -62.01 -22.30
C ASP A 1045 42.71 -63.17 -21.76
N GLU A 1046 43.12 -63.10 -20.50
CA GLU A 1046 43.95 -64.15 -19.89
C GLU A 1046 43.34 -64.70 -18.62
N THR A 1047 42.10 -64.35 -18.29
CA THR A 1047 41.44 -64.80 -17.08
C THR A 1047 40.25 -65.69 -17.47
N VAL A 1048 39.74 -66.44 -16.50
CA VAL A 1048 38.66 -67.40 -16.73
C VAL A 1048 37.42 -66.66 -17.23
N PRO A 1049 36.72 -67.16 -18.25
CA PRO A 1049 35.65 -66.38 -18.87
C PRO A 1049 34.28 -66.55 -18.21
N ASP A 1050 34.05 -67.68 -17.56
CA ASP A 1050 32.72 -68.02 -17.06
C ASP A 1050 32.61 -67.91 -15.54
N ASN A 1051 33.62 -67.35 -14.89
CA ASN A 1051 33.58 -67.21 -13.44
C ASN A 1051 33.74 -65.77 -12.97
N VAL A 1052 34.63 -65.00 -13.59
CA VAL A 1052 34.94 -63.65 -13.16
C VAL A 1052 34.49 -62.61 -14.18
N LYS A 1053 34.62 -62.90 -15.47
CA LYS A 1053 34.14 -61.98 -16.50
C LYS A 1053 32.64 -61.77 -16.40
N THR A 1054 31.89 -62.85 -16.19
CA THR A 1054 30.46 -62.72 -15.96
C THR A 1054 30.17 -62.07 -14.62
N SER A 1055 31.09 -62.19 -13.66
CA SER A 1055 30.88 -61.55 -12.36
C SER A 1055 30.90 -60.02 -12.48
N VAL A 1056 31.92 -59.49 -13.15
CA VAL A 1056 31.98 -58.04 -13.32
C VAL A 1056 30.97 -57.58 -14.35
N SER A 1057 30.57 -58.46 -15.27
CA SER A 1057 29.44 -58.13 -16.15
C SER A 1057 28.14 -58.04 -15.36
N GLN A 1058 28.06 -58.76 -14.25
CA GLN A 1058 26.87 -58.75 -13.42
C GLN A 1058 26.81 -57.52 -12.51
N LEU A 1059 27.84 -57.35 -11.67
CA LEU A 1059 27.73 -56.41 -10.56
C LEU A 1059 27.70 -54.96 -11.02
N TYR A 1060 28.80 -54.48 -11.60
CA TYR A 1060 28.90 -53.10 -12.09
C TYR A 1060 29.18 -53.13 -13.58
N ARG A 1061 28.20 -52.69 -14.38
CA ARG A 1061 28.35 -52.60 -15.82
C ARG A 1061 28.00 -51.17 -16.25
N ILE A 1062 28.92 -50.54 -16.97
CA ILE A 1062 28.73 -49.19 -17.46
C ILE A 1062 28.94 -49.20 -18.97
N SER A 1063 28.00 -48.63 -19.70
CA SER A 1063 28.03 -48.63 -21.16
C SER A 1063 28.37 -47.23 -21.68
N GLU A 1064 28.76 -47.18 -22.96
CA GLU A 1064 29.09 -45.91 -23.59
C GLU A 1064 27.89 -45.00 -23.63
N LYS A 1065 26.73 -45.54 -24.04
CA LYS A 1065 25.51 -44.74 -24.08
C LYS A 1065 25.11 -44.28 -22.70
N SER A 1066 25.47 -45.03 -21.66
CA SER A 1066 25.17 -44.62 -20.29
C SER A 1066 25.88 -43.31 -19.94
N VAL A 1067 27.18 -43.23 -20.18
CA VAL A 1067 27.91 -42.02 -19.84
C VAL A 1067 27.53 -40.88 -20.80
N ARG A 1068 27.21 -41.22 -22.06
CA ARG A 1068 26.73 -40.19 -22.98
C ARG A 1068 25.45 -39.55 -22.47
N LYS A 1069 24.49 -40.38 -22.07
CA LYS A 1069 23.23 -39.86 -21.55
C LYS A 1069 23.45 -39.08 -20.26
N PHE A 1070 24.36 -39.56 -19.41
CA PHE A 1070 24.62 -38.87 -18.15
C PHE A 1070 25.14 -37.46 -18.39
N LEU A 1071 26.15 -37.33 -19.27
CA LEU A 1071 26.71 -36.00 -19.50
C LEU A 1071 25.72 -35.10 -20.23
N GLU A 1072 24.95 -35.66 -21.18
CA GLU A 1072 23.97 -34.85 -21.88
C GLU A 1072 22.90 -34.32 -20.93
N ILE A 1073 22.39 -35.19 -20.04
CA ILE A 1073 21.35 -34.77 -19.10
C ILE A 1073 21.90 -33.76 -18.10
N ALA A 1074 23.13 -33.97 -17.63
CA ALA A 1074 23.72 -33.04 -16.68
C ALA A 1074 23.91 -31.66 -17.31
N LEU A 1075 24.44 -31.60 -18.53
CA LEU A 1075 24.64 -30.31 -19.16
C LEU A 1075 23.32 -29.64 -19.50
N PHE A 1076 22.31 -30.41 -19.91
CA PHE A 1076 21.00 -29.83 -20.19
C PHE A 1076 20.37 -29.24 -18.92
N LYS A 1077 20.44 -29.97 -17.81
CA LYS A 1077 19.87 -29.47 -16.57
C LYS A 1077 20.67 -28.31 -16.00
N TYR A 1078 21.95 -28.21 -16.31
CA TYR A 1078 22.69 -27.02 -15.93
C TYR A 1078 22.31 -25.82 -16.78
N ARG A 1079 22.23 -26.01 -18.09
CA ARG A 1079 21.98 -24.89 -18.99
C ARG A 1079 20.56 -24.36 -18.85
N LYS A 1080 19.61 -25.21 -18.47
CA LYS A 1080 18.25 -24.74 -18.22
C LYS A 1080 18.06 -24.37 -16.74
N ALA A 1081 19.15 -24.26 -15.98
CA ALA A 1081 19.07 -23.76 -14.62
C ALA A 1081 19.66 -22.38 -14.46
N ARG A 1082 20.15 -21.77 -15.54
CA ARG A 1082 20.59 -20.38 -15.47
C ARG A 1082 19.40 -19.48 -15.15
N LEU A 1083 19.68 -18.40 -14.43
CA LEU A 1083 18.63 -17.43 -14.15
C LEU A 1083 18.20 -16.78 -15.45
N GLU A 1084 16.94 -16.94 -15.79
CA GLU A 1084 16.43 -16.43 -17.05
C GLU A 1084 16.43 -14.91 -17.02
N PRO A 1085 17.06 -14.24 -17.98
CA PRO A 1085 17.17 -12.78 -17.94
C PRO A 1085 15.81 -12.12 -18.11
N GLY A 1086 15.46 -11.27 -17.15
CA GLY A 1086 14.20 -10.58 -17.18
C GLY A 1086 13.35 -10.88 -15.96
N THR A 1087 13.77 -11.84 -15.17
CA THR A 1087 13.01 -12.25 -14.00
C THR A 1087 13.11 -11.19 -12.91
N ALA A 1088 11.97 -10.80 -12.36
CA ALA A 1088 11.94 -9.92 -11.21
C ALA A 1088 12.36 -10.72 -9.99
N ILE A 1089 13.68 -10.81 -9.81
CA ILE A 1089 14.21 -11.65 -8.74
C ILE A 1089 14.01 -10.99 -7.38
N GLY A 1090 13.88 -9.67 -7.36
CA GLY A 1090 13.65 -8.99 -6.10
C GLY A 1090 12.28 -9.29 -5.50
N ALA A 1091 11.26 -9.33 -6.35
CA ALA A 1091 9.92 -9.67 -5.87
C ALA A 1091 9.87 -11.11 -5.36
N ILE A 1092 10.54 -12.02 -6.07
CA ILE A 1092 10.61 -13.41 -5.65
C ILE A 1092 11.30 -13.53 -4.30
N GLY A 1093 12.41 -12.81 -4.13
CA GLY A 1093 13.09 -12.83 -2.85
C GLY A 1093 12.25 -12.26 -1.72
N ALA A 1094 11.54 -11.16 -1.99
CA ALA A 1094 10.73 -10.53 -0.95
C ALA A 1094 9.60 -11.44 -0.50
N GLN A 1095 8.88 -12.05 -1.45
CA GLN A 1095 7.80 -12.95 -1.07
C GLN A 1095 8.28 -14.34 -0.70
N SER A 1096 9.56 -14.63 -0.84
CA SER A 1096 10.11 -15.87 -0.29
C SER A 1096 10.72 -15.67 1.10
N ILE A 1097 10.97 -14.43 1.50
CA ILE A 1097 11.39 -14.19 2.89
C ILE A 1097 10.22 -13.80 3.79
N GLY A 1098 9.26 -13.01 3.30
CA GLY A 1098 8.15 -12.59 4.13
C GLY A 1098 7.21 -13.69 4.57
N GLU A 1099 6.85 -14.58 3.65
CA GLU A 1099 5.94 -15.68 3.96
C GLU A 1099 6.43 -16.62 5.06
N PRO A 1100 7.73 -17.01 5.16
CA PRO A 1100 8.15 -17.77 6.35
C PRO A 1100 7.91 -17.00 7.65
N GLY A 1101 8.00 -15.67 7.62
CA GLY A 1101 7.67 -14.88 8.79
C GLY A 1101 6.23 -15.08 9.23
N THR A 1102 5.32 -15.24 8.27
CA THR A 1102 3.97 -15.69 8.61
C THR A 1102 4.00 -17.11 9.18
N GLN A 1103 4.83 -17.97 8.61
CA GLN A 1103 4.76 -19.39 8.96
C GLN A 1103 5.39 -19.70 10.32
N MET A 1104 6.49 -19.02 10.67
CA MET A 1104 7.26 -19.43 11.84
C MET A 1104 6.47 -19.27 13.13
N THR A 1105 6.71 -20.20 14.06
CA THR A 1105 5.87 -20.34 15.25
C THR A 1105 6.51 -19.73 16.51
N LEU A 1106 7.69 -20.20 16.89
CA LEU A 1106 8.29 -19.85 18.18
C LEU A 1106 9.11 -18.56 18.09
N LYS A 1107 9.59 -18.12 19.25
CA LYS A 1107 10.37 -16.90 19.38
C LYS A 1107 11.76 -17.15 19.94
N THR A 1108 11.87 -17.85 21.07
CA THR A 1108 13.13 -18.00 21.78
C THR A 1108 13.46 -19.48 21.96
N PHE A 1109 14.72 -19.83 21.73
CA PHE A 1109 15.20 -21.20 21.84
C PHE A 1109 16.40 -21.24 22.77
N HIS A 1110 16.50 -22.33 23.55
CA HIS A 1110 17.56 -22.50 24.52
C HIS A 1110 18.78 -23.11 23.83
N PHE A 1111 19.84 -22.30 23.70
CA PHE A 1111 21.02 -22.71 22.94
C PHE A 1111 22.11 -23.29 23.83
N ALA A 1112 22.61 -22.52 24.80
CA ALA A 1112 23.72 -22.92 25.64
C ALA A 1112 23.29 -22.88 27.10
N GLY A 1113 23.45 -24.02 27.78
CA GLY A 1113 23.08 -24.11 29.19
C GLY A 1113 21.60 -23.93 29.47
N VAL A 1114 20.76 -24.36 28.52
CA VAL A 1114 19.30 -24.30 28.61
C VAL A 1114 18.93 -22.83 28.82
N ALA A 1115 18.53 -22.44 30.04
CA ALA A 1115 18.00 -21.10 30.27
C ALA A 1115 19.06 -20.10 30.69
N SER A 1116 20.33 -20.52 30.81
CA SER A 1116 21.38 -19.60 31.24
C SER A 1116 21.62 -18.52 30.20
N MET A 1117 21.61 -18.88 28.92
CA MET A 1117 21.80 -17.93 27.84
C MET A 1117 20.60 -18.01 26.91
N ASN A 1118 20.01 -16.85 26.60
CA ASN A 1118 18.84 -16.77 25.75
C ASN A 1118 19.18 -16.04 24.46
N VAL A 1119 18.74 -16.59 23.33
CA VAL A 1119 18.94 -15.99 22.02
C VAL A 1119 17.60 -15.97 21.30
N THR A 1120 17.32 -14.88 20.60
CA THR A 1120 16.05 -14.74 19.90
C THR A 1120 16.15 -15.29 18.49
N LEU A 1121 15.19 -16.15 18.13
CA LEU A 1121 15.19 -16.76 16.80
C LEU A 1121 13.76 -16.79 16.29
N GLY A 1122 13.43 -15.87 15.40
CA GLY A 1122 12.10 -15.80 14.83
C GLY A 1122 11.87 -14.44 14.17
N VAL A 1123 10.59 -14.04 14.16
CA VAL A 1123 10.25 -12.71 13.64
C VAL A 1123 10.96 -11.58 14.38
N PRO A 1124 11.10 -11.58 15.72
CA PRO A 1124 11.90 -10.53 16.35
C PRO A 1124 13.39 -10.61 16.09
N ARG A 1125 13.86 -11.53 15.25
CA ARG A 1125 15.21 -11.45 14.74
C ARG A 1125 15.26 -10.83 13.35
N ILE A 1126 14.33 -11.22 12.49
CA ILE A 1126 14.26 -10.65 11.15
C ILE A 1126 13.99 -9.16 11.23
N LYS A 1127 13.15 -8.74 12.20
CA LYS A 1127 12.84 -7.32 12.34
C LYS A 1127 14.08 -6.51 12.68
N GLU A 1128 14.95 -7.01 13.54
CA GLU A 1128 16.16 -6.27 13.90
C GLU A 1128 17.34 -6.54 12.98
N ILE A 1129 17.25 -7.50 12.06
CA ILE A 1129 18.31 -7.63 11.07
C ILE A 1129 18.00 -6.80 9.82
N ILE A 1130 16.80 -6.95 9.25
CA ILE A 1130 16.52 -6.25 8.00
C ILE A 1130 16.33 -4.76 8.25
N ASN A 1131 16.01 -4.40 9.49
CA ASN A 1131 16.02 -2.99 9.90
C ASN A 1131 17.26 -2.81 10.77
N ALA A 1132 18.24 -2.08 10.25
CA ALA A 1132 19.52 -1.96 10.94
C ALA A 1132 19.33 -1.22 12.26
N SER A 1133 19.37 -1.96 13.35
CA SER A 1133 19.07 -1.41 14.67
C SER A 1133 20.35 -1.28 15.47
N LYS A 1134 20.56 -0.10 16.04
CA LYS A 1134 21.74 0.11 16.88
C LYS A 1134 21.66 -0.72 18.15
N VAL A 1135 20.54 -0.65 18.85
CA VAL A 1135 20.32 -1.42 20.07
C VAL A 1135 19.65 -2.73 19.68
N ILE A 1136 19.95 -3.78 20.45
CA ILE A 1136 19.44 -5.11 20.17
C ILE A 1136 19.40 -5.90 21.48
N SER A 1137 18.34 -6.69 21.64
CA SER A 1137 18.25 -7.58 22.79
C SER A 1137 19.16 -8.78 22.59
N THR A 1138 19.84 -9.17 23.66
CA THR A 1138 20.76 -10.31 23.74
C THR A 1138 21.83 -10.29 22.64
N PRO A 1139 22.81 -9.39 22.72
CA PRO A 1139 23.96 -9.47 21.81
C PRO A 1139 25.07 -10.36 22.34
N ILE A 1140 25.37 -11.45 21.64
CA ILE A 1140 26.42 -12.37 22.07
C ILE A 1140 27.67 -12.09 21.25
N ILE A 1141 28.82 -12.41 21.82
CA ILE A 1141 30.10 -12.35 21.11
C ILE A 1141 30.80 -13.67 21.35
N ASN A 1142 30.77 -14.55 20.34
CA ASN A 1142 31.45 -15.83 20.43
C ASN A 1142 32.95 -15.61 20.31
N ALA A 1143 33.72 -16.22 21.21
CA ALA A 1143 35.15 -16.05 21.25
C ALA A 1143 35.84 -17.40 21.29
N VAL A 1144 37.05 -17.45 20.74
CA VAL A 1144 37.87 -18.66 20.74
C VAL A 1144 39.13 -18.39 21.53
N LEU A 1145 39.44 -19.29 22.46
CA LEU A 1145 40.60 -19.13 23.32
C LEU A 1145 41.80 -19.84 22.71
N VAL A 1146 42.99 -19.29 22.98
CA VAL A 1146 44.21 -19.94 22.52
C VAL A 1146 44.39 -21.30 23.19
N ASN A 1147 44.06 -21.37 24.48
CA ASN A 1147 44.05 -22.63 25.22
C ASN A 1147 42.62 -22.96 25.60
N ASP A 1148 42.19 -24.18 25.26
CA ASP A 1148 40.82 -24.61 25.50
C ASP A 1148 40.67 -25.68 26.57
N ASN A 1149 41.72 -26.46 26.84
CA ASN A 1149 41.63 -27.56 27.80
C ASN A 1149 41.86 -27.11 29.23
N ASP A 1150 42.62 -26.05 29.45
CA ASP A 1150 42.89 -25.56 30.81
C ASP A 1150 41.71 -24.69 31.23
N GLU A 1151 40.86 -25.22 32.12
CA GLU A 1151 39.73 -24.45 32.62
C GLU A 1151 40.19 -23.28 33.50
N ARG A 1152 41.35 -23.42 34.15
CA ARG A 1152 41.88 -22.31 34.92
C ARG A 1152 42.35 -21.18 34.00
N ALA A 1153 42.93 -21.52 32.86
CA ALA A 1153 43.27 -20.50 31.87
C ALA A 1153 42.02 -19.88 31.29
N ALA A 1154 40.95 -20.67 31.15
CA ALA A 1154 39.67 -20.13 30.71
C ALA A 1154 39.12 -19.11 31.70
N ARG A 1155 39.21 -19.41 32.99
CA ARG A 1155 38.77 -18.45 33.99
C ARG A 1155 39.67 -17.24 34.05
N VAL A 1156 40.97 -17.41 33.77
CA VAL A 1156 41.88 -16.28 33.67
C VAL A 1156 41.44 -15.35 32.54
N VAL A 1157 41.10 -15.94 31.39
CA VAL A 1157 40.59 -15.16 30.26
C VAL A 1157 39.29 -14.48 30.63
N LYS A 1158 38.44 -15.17 31.39
CA LYS A 1158 37.20 -14.57 31.90
C LYS A 1158 37.49 -13.35 32.75
N GLY A 1159 38.52 -13.42 33.58
CA GLY A 1159 38.86 -12.28 34.41
C GLY A 1159 39.35 -11.09 33.61
N ARG A 1160 39.84 -11.32 32.39
CA ARG A 1160 40.34 -10.23 31.57
C ARG A 1160 39.25 -9.48 30.82
N VAL A 1161 38.04 -10.04 30.73
CA VAL A 1161 36.99 -9.40 29.95
C VAL A 1161 35.77 -9.07 30.81
N GLU A 1162 35.41 -9.97 31.73
CA GLU A 1162 34.24 -9.74 32.56
C GLU A 1162 34.51 -8.61 33.55
N LYS A 1163 33.50 -7.76 33.74
CA LYS A 1163 33.69 -6.58 34.58
C LYS A 1163 33.81 -6.96 36.04
N THR A 1164 34.64 -6.23 36.78
CA THR A 1164 34.87 -6.47 38.20
C THR A 1164 34.54 -5.21 38.97
N LEU A 1165 33.59 -5.33 39.90
CA LEU A 1165 33.18 -4.20 40.73
C LEU A 1165 34.02 -4.18 41.99
N LEU A 1166 34.16 -2.98 42.56
CA LEU A 1166 34.88 -2.84 43.82
C LEU A 1166 34.11 -3.51 44.96
N SER A 1167 32.78 -3.43 44.93
CA SER A 1167 31.97 -4.02 45.99
C SER A 1167 32.12 -5.53 46.05
N ASP A 1168 32.25 -6.17 44.88
CA ASP A 1168 32.40 -7.62 44.84
C ASP A 1168 33.68 -8.07 45.52
N VAL A 1169 34.77 -7.33 45.31
CA VAL A 1169 36.08 -7.75 45.83
C VAL A 1169 36.33 -7.22 47.24
N ALA A 1170 35.61 -6.18 47.67
CA ALA A 1170 35.87 -5.54 48.95
C ALA A 1170 35.29 -6.33 50.12
N PHE A 1171 35.98 -6.28 51.26
CA PHE A 1171 35.38 -6.74 52.51
C PHE A 1171 34.15 -5.92 52.86
N TYR A 1172 34.30 -4.59 52.90
CA TYR A 1172 33.19 -3.70 53.19
C TYR A 1172 33.52 -2.30 52.69
N VAL A 1173 32.49 -1.46 52.66
CA VAL A 1173 32.58 -0.06 52.25
C VAL A 1173 31.83 0.76 53.29
N GLN A 1174 32.55 1.56 54.07
CA GLN A 1174 31.92 2.44 55.06
C GLN A 1174 32.59 3.80 55.00
N ASP A 1175 32.13 4.72 55.86
CA ASP A 1175 32.64 6.09 55.88
C ASP A 1175 33.07 6.44 57.28
N VAL A 1176 34.27 7.01 57.41
CA VAL A 1176 34.80 7.50 58.67
C VAL A 1176 34.80 9.02 58.60
N TYR A 1177 33.97 9.65 59.44
CA TYR A 1177 33.82 11.09 59.47
C TYR A 1177 34.68 11.67 60.58
N LYS A 1178 35.56 12.61 60.23
CA LYS A 1178 36.42 13.28 61.18
C LYS A 1178 36.20 14.78 61.10
N ASP A 1179 36.42 15.46 62.23
CA ASP A 1179 36.27 16.91 62.28
C ASP A 1179 37.35 17.65 61.51
N ASN A 1180 38.41 16.96 61.10
CA ASN A 1180 39.44 17.58 60.27
C ASN A 1180 39.20 17.33 58.78
N LEU A 1181 39.18 16.07 58.36
CA LEU A 1181 38.95 15.71 56.97
C LEU A 1181 38.25 14.36 56.94
N SER A 1182 36.97 14.34 56.62
CA SER A 1182 36.22 13.09 56.54
C SER A 1182 36.66 12.30 55.32
N PHE A 1183 36.44 10.99 55.37
CA PHE A 1183 36.81 10.14 54.24
C PHE A 1183 35.92 8.90 54.22
N ILE A 1184 35.92 8.23 53.08
CA ILE A 1184 35.23 6.96 52.90
C ILE A 1184 36.28 5.87 52.71
N GLN A 1185 36.14 4.80 53.47
CA GLN A 1185 37.10 3.70 53.48
C GLN A 1185 36.46 2.43 52.93
N VAL A 1186 37.17 1.81 51.99
CA VAL A 1186 36.82 0.48 51.49
C VAL A 1186 37.95 -0.46 51.85
N ARG A 1187 37.61 -1.69 52.22
CA ARG A 1187 38.60 -2.71 52.55
C ARG A 1187 38.50 -3.83 51.53
N ILE A 1188 39.57 -4.04 50.78
CA ILE A 1188 39.56 -4.96 49.65
C ILE A 1188 40.16 -6.29 50.07
N ASP A 1189 39.54 -7.39 49.64
CA ASP A 1189 40.02 -8.73 49.90
C ASP A 1189 41.04 -9.10 48.83
N LEU A 1190 42.25 -9.46 49.27
CA LEU A 1190 43.30 -9.91 48.36
C LEU A 1190 43.27 -11.41 48.16
N GLY A 1191 42.32 -12.12 48.76
CA GLY A 1191 42.18 -13.54 48.52
C GLY A 1191 41.33 -13.83 47.31
N THR A 1192 40.29 -13.03 47.09
CA THR A 1192 39.42 -13.20 45.95
C THR A 1192 40.17 -13.00 44.63
N ILE A 1193 41.21 -12.17 44.65
CA ILE A 1193 42.06 -11.99 43.49
C ILE A 1193 42.74 -13.29 43.10
N ASP A 1194 43.26 -14.04 44.08
CA ASP A 1194 43.82 -15.35 43.81
C ASP A 1194 42.76 -16.42 43.60
N LYS A 1195 41.58 -16.27 44.22
CA LYS A 1195 40.53 -17.27 44.06
C LYS A 1195 39.93 -17.22 42.66
N LEU A 1196 39.63 -16.03 42.16
CA LEU A 1196 39.05 -15.87 40.84
C LEU A 1196 40.09 -15.56 39.76
N GLN A 1197 41.38 -15.54 40.12
CA GLN A 1197 42.49 -15.48 39.17
C GLN A 1197 42.46 -14.21 38.32
N LEU A 1198 42.39 -13.06 38.98
CA LEU A 1198 42.46 -11.78 38.29
C LEU A 1198 43.90 -11.28 38.29
N GLU A 1199 44.09 -10.02 37.94
CA GLU A 1199 45.42 -9.39 37.89
C GLU A 1199 45.39 -8.01 38.54
N LEU A 1200 44.46 -7.79 39.46
CA LEU A 1200 44.27 -6.50 40.10
C LEU A 1200 45.46 -6.13 40.99
N THR A 1201 45.78 -4.85 40.98
CA THR A 1201 46.71 -4.25 41.93
C THR A 1201 46.03 -3.06 42.59
N ILE A 1202 46.63 -2.56 43.66
CA ILE A 1202 46.04 -1.46 44.42
C ILE A 1202 45.98 -0.20 43.58
N GLU A 1203 47.05 0.10 42.85
CA GLU A 1203 47.06 1.27 41.99
C GLU A 1203 46.11 1.11 40.80
N ASP A 1204 45.89 -0.13 40.36
CA ASP A 1204 44.88 -0.37 39.33
C ASP A 1204 43.49 -0.03 39.85
N ILE A 1205 43.21 -0.38 41.11
CA ILE A 1205 41.94 -0.01 41.71
C ILE A 1205 41.81 1.50 41.84
N ALA A 1206 42.90 2.17 42.23
CA ALA A 1206 42.88 3.62 42.35
C ALA A 1206 42.63 4.30 41.01
N VAL A 1207 43.29 3.82 39.96
CA VAL A 1207 43.14 4.46 38.65
C VAL A 1207 41.77 4.15 38.06
N ALA A 1208 41.20 2.97 38.37
CA ALA A 1208 39.85 2.67 37.92
C ALA A 1208 38.83 3.52 38.65
N ILE A 1209 39.07 3.80 39.93
CA ILE A 1209 38.17 4.67 40.68
C ILE A 1209 38.23 6.09 40.15
N THR A 1210 39.45 6.62 39.93
CA THR A 1210 39.56 8.00 39.49
C THR A 1210 39.19 8.17 38.02
N ARG A 1211 39.23 7.09 37.23
CA ARG A 1211 38.92 7.21 35.82
C ARG A 1211 37.42 7.26 35.55
N ALA A 1212 36.59 6.86 36.49
CA ALA A 1212 35.14 6.89 36.32
C ALA A 1212 34.66 8.32 36.53
N SER A 1213 34.19 8.95 35.45
CA SER A 1213 33.69 10.32 35.55
C SER A 1213 32.39 10.39 36.35
N LYS A 1214 31.68 9.27 36.50
CA LYS A 1214 30.42 9.25 37.23
C LYS A 1214 30.59 9.43 38.72
N LEU A 1215 31.81 9.28 39.25
CA LEU A 1215 32.06 9.51 40.66
C LEU A 1215 32.35 10.97 40.97
N LYS A 1216 32.60 11.79 39.95
CA LYS A 1216 32.92 13.22 40.09
C LYS A 1216 34.09 13.44 41.03
N ILE A 1217 35.13 12.61 40.88
CA ILE A 1217 36.33 12.69 41.71
C ILE A 1217 37.54 12.57 40.81
N GLN A 1218 38.68 13.05 41.31
CA GLN A 1218 39.95 12.93 40.59
C GLN A 1218 41.00 12.28 41.49
N ALA A 1219 42.26 12.32 41.07
CA ALA A 1219 43.35 11.70 41.82
C ALA A 1219 43.86 12.58 42.95
N SER A 1220 43.24 13.73 43.21
CA SER A 1220 43.71 14.61 44.27
C SER A 1220 43.30 14.09 45.65
N ASP A 1221 42.10 13.52 45.77
CA ASP A 1221 41.56 13.12 47.07
C ASP A 1221 41.81 11.66 47.41
N VAL A 1222 42.44 10.89 46.53
CA VAL A 1222 42.63 9.47 46.78
C VAL A 1222 43.76 9.26 47.78
N ASN A 1223 43.63 8.25 48.64
CA ASN A 1223 44.70 7.89 49.55
C ASN A 1223 44.58 6.41 49.88
N ILE A 1224 45.69 5.83 50.33
CA ILE A 1224 45.77 4.42 50.66
C ILE A 1224 46.17 4.27 52.11
N ILE A 1225 45.49 3.37 52.82
CA ILE A 1225 45.83 3.03 54.19
C ILE A 1225 46.10 1.53 54.24
N GLY A 1226 47.32 1.17 54.62
CA GLY A 1226 47.77 -0.20 54.50
C GLY A 1226 47.81 -0.61 53.04
N LYS A 1227 47.55 -1.88 52.80
CA LYS A 1227 47.32 -2.38 51.45
C LYS A 1227 45.86 -2.70 51.16
N ASP A 1228 45.08 -2.97 52.21
CA ASP A 1228 43.67 -3.30 52.02
C ASP A 1228 42.81 -2.05 51.89
N ARG A 1229 43.14 -1.00 52.64
CA ARG A 1229 42.24 0.13 52.80
C ARG A 1229 42.48 1.19 51.74
N ILE A 1230 41.40 1.61 51.09
CA ILE A 1230 41.42 2.75 50.17
C ILE A 1230 40.46 3.79 50.70
N ALA A 1231 40.94 5.04 50.84
CA ALA A 1231 40.15 6.11 51.42
C ALA A 1231 40.06 7.25 50.42
N ILE A 1232 38.82 7.66 50.13
CA ILE A 1232 38.56 8.82 49.28
C ILE A 1232 38.08 9.95 50.19
N ASN A 1233 38.79 11.07 50.15
CA ASN A 1233 38.46 12.19 51.03
C ASN A 1233 37.44 13.11 50.39
N VAL A 1234 36.83 13.95 51.23
CA VAL A 1234 35.81 14.89 50.80
C VAL A 1234 36.41 16.28 50.82
N PHE A 1235 36.42 16.94 49.66
CA PHE A 1235 37.00 18.28 49.54
C PHE A 1235 36.03 19.16 48.73
N PRO A 1236 35.65 20.33 49.28
CA PRO A 1236 34.76 21.27 48.59
C PRO A 1236 35.47 22.04 47.49
N GLU A 1253 28.23 24.31 56.44
CA GLU A 1253 27.43 23.92 55.28
C GLU A 1253 27.06 22.44 55.38
N ASN A 1254 25.98 22.05 54.69
CA ASN A 1254 25.49 20.68 54.70
C ASN A 1254 25.97 19.88 53.49
N ASP A 1255 26.82 20.45 52.65
CA ASP A 1255 27.25 19.78 51.43
C ASP A 1255 28.15 18.58 51.70
N VAL A 1256 28.73 18.49 52.90
CA VAL A 1256 29.60 17.37 53.23
C VAL A 1256 28.82 16.07 53.24
N PHE A 1257 27.66 16.07 53.91
CA PHE A 1257 26.86 14.86 54.01
C PHE A 1257 26.29 14.46 52.65
N TYR A 1258 25.84 15.45 51.87
CA TYR A 1258 25.35 15.15 50.52
C TYR A 1258 26.46 14.59 49.65
N ARG A 1259 27.67 15.14 49.74
CA ARG A 1259 28.79 14.65 48.94
C ARG A 1259 29.17 13.23 49.31
N MET A 1260 29.26 12.93 50.61
CA MET A 1260 29.63 11.58 51.01
C MET A 1260 28.52 10.58 50.66
N GLN A 1261 27.26 10.98 50.78
CA GLN A 1261 26.17 10.06 50.40
C GLN A 1261 26.16 9.81 48.90
N GLN A 1262 26.38 10.85 48.09
CA GLN A 1262 26.40 10.67 46.64
C GLN A 1262 27.58 9.80 46.20
N LEU A 1263 28.76 10.02 46.81
CA LEU A 1263 29.91 9.21 46.44
C LEU A 1263 29.76 7.79 46.97
N ARG A 1264 29.04 7.61 48.09
CA ARG A 1264 28.75 6.28 48.60
C ARG A 1264 27.78 5.55 47.70
N ARG A 1265 26.86 6.27 47.05
CA ARG A 1265 25.97 5.64 46.08
C ARG A 1265 26.73 5.28 44.80
N ALA A 1266 27.63 6.16 44.36
CA ALA A 1266 28.26 5.99 43.06
C ALA A 1266 29.58 5.22 43.10
N LEU A 1267 30.10 4.88 44.28
CA LEU A 1267 31.38 4.18 44.38
C LEU A 1267 31.31 2.67 44.13
N PRO A 1268 30.47 1.88 44.82
CA PRO A 1268 30.59 0.42 44.70
C PRO A 1268 30.25 -0.13 43.32
N ASP A 1269 29.58 0.63 42.47
CA ASP A 1269 29.24 0.17 41.13
C ASP A 1269 30.31 0.51 40.10
N VAL A 1270 31.42 1.13 40.51
CA VAL A 1270 32.49 1.44 39.58
C VAL A 1270 33.21 0.17 39.17
N VAL A 1271 33.39 0.00 37.87
CA VAL A 1271 34.15 -1.11 37.33
C VAL A 1271 35.62 -0.92 37.69
N VAL A 1272 36.30 -2.03 38.00
CA VAL A 1272 37.68 -1.95 38.45
C VAL A 1272 38.59 -2.67 37.46
N LYS A 1273 38.06 -3.70 36.81
CA LYS A 1273 38.84 -4.44 35.83
C LYS A 1273 37.90 -5.03 34.79
N GLY A 1274 38.33 -4.97 33.53
CA GLY A 1274 37.53 -5.47 32.43
C GLY A 1274 37.23 -4.36 31.42
N LEU A 1275 36.10 -4.52 30.74
CA LEU A 1275 35.67 -3.58 29.73
C LEU A 1275 34.27 -3.10 30.06
N PRO A 1276 33.99 -1.80 29.87
CA PRO A 1276 32.71 -1.23 30.31
C PRO A 1276 31.52 -1.58 29.42
N ASP A 1277 31.63 -2.55 28.51
CA ASP A 1277 30.53 -2.90 27.63
C ASP A 1277 29.94 -4.28 27.94
N ILE A 1278 30.75 -5.22 28.43
CA ILE A 1278 30.28 -6.59 28.62
C ILE A 1278 29.54 -6.70 29.95
N SER A 1279 28.34 -7.26 29.91
CA SER A 1279 27.53 -7.48 31.10
C SER A 1279 27.93 -8.73 31.86
N ARG A 1280 28.01 -9.87 31.17
CA ARG A 1280 28.41 -11.12 31.82
C ARG A 1280 28.96 -12.06 30.76
N ALA A 1281 29.43 -13.21 31.23
CA ALA A 1281 30.09 -14.17 30.35
C ALA A 1281 29.77 -15.58 30.82
N VAL A 1282 29.72 -16.50 29.87
CA VAL A 1282 29.55 -17.92 30.15
C VAL A 1282 30.61 -18.68 29.37
N ILE A 1283 31.13 -19.75 29.97
CA ILE A 1283 32.14 -20.59 29.31
C ILE A 1283 31.40 -21.84 28.84
N ASN A 1284 30.89 -21.77 27.61
CA ASN A 1284 30.09 -22.86 27.07
C ASN A 1284 30.97 -24.03 26.68
N ILE A 1285 30.57 -25.23 27.08
CA ILE A 1285 31.27 -26.45 26.70
C ILE A 1285 30.66 -26.94 25.39
N ARG A 1286 31.43 -26.84 24.31
CA ARG A 1286 30.96 -27.25 23.01
C ARG A 1286 31.03 -28.77 22.88
N ASP A 1287 30.46 -29.28 21.79
CA ASP A 1287 30.41 -30.73 21.58
C ASP A 1287 31.80 -31.34 21.39
N ASP A 1288 32.70 -30.61 20.72
CA ASP A 1288 34.04 -31.11 20.43
C ASP A 1288 35.04 -30.84 21.54
N GLY A 1289 34.57 -30.58 22.76
CA GLY A 1289 35.45 -30.39 23.89
C GLY A 1289 36.32 -29.15 23.81
N LYS A 1290 35.81 -28.07 23.24
CA LYS A 1290 36.50 -26.79 23.21
C LYS A 1290 35.59 -25.75 23.85
N ARG A 1291 35.99 -25.25 25.01
CA ARG A 1291 35.19 -24.24 25.69
C ARG A 1291 35.25 -22.92 24.94
N GLU A 1292 34.08 -22.30 24.77
CA GLU A 1292 33.95 -21.06 24.02
C GLU A 1292 33.43 -19.98 24.96
N LEU A 1293 34.04 -18.81 24.92
CA LEU A 1293 33.63 -17.72 25.79
C LEU A 1293 32.53 -16.90 25.14
N LEU A 1294 31.31 -17.05 25.63
CA LEU A 1294 30.16 -16.28 25.13
C LEU A 1294 29.93 -15.12 26.08
N VAL A 1295 30.21 -13.91 25.62
CA VAL A 1295 30.03 -12.72 26.43
C VAL A 1295 28.84 -11.93 25.90
N GLU A 1296 28.15 -11.26 26.81
CA GLU A 1296 27.02 -10.42 26.47
C GLU A 1296 27.43 -8.96 26.59
N GLY A 1297 27.26 -8.21 25.51
CA GLY A 1297 27.67 -6.82 25.48
C GLY A 1297 27.81 -6.35 24.04
N TYR A 1298 28.60 -5.30 23.87
CA TYR A 1298 28.79 -4.72 22.54
C TYR A 1298 30.24 -4.44 22.20
N GLY A 1299 31.17 -4.54 23.15
CA GLY A 1299 32.54 -4.20 22.87
C GLY A 1299 33.28 -5.28 22.11
N LEU A 1300 33.00 -5.42 20.81
CA LEU A 1300 33.72 -6.40 20.00
C LEU A 1300 35.18 -6.02 19.85
N ARG A 1301 35.46 -4.74 19.63
CA ARG A 1301 36.84 -4.30 19.40
C ARG A 1301 37.68 -4.49 20.66
N ASP A 1302 37.12 -4.14 21.82
CA ASP A 1302 37.86 -4.27 23.07
C ASP A 1302 38.09 -5.75 23.42
N VAL A 1303 37.11 -6.60 23.12
CA VAL A 1303 37.30 -8.04 23.33
C VAL A 1303 38.38 -8.58 22.41
N MET A 1304 38.36 -8.16 21.15
CA MET A 1304 39.35 -8.61 20.18
C MET A 1304 40.75 -8.14 20.56
N CYS A 1305 40.84 -6.98 21.21
CA CYS A 1305 42.14 -6.45 21.63
C CYS A 1305 42.76 -7.28 22.74
N THR A 1306 41.95 -7.93 23.58
CA THR A 1306 42.46 -8.62 24.76
C THR A 1306 43.35 -9.79 24.38
N ASP A 1307 44.48 -9.93 25.07
CA ASP A 1307 45.37 -11.04 24.83
C ASP A 1307 44.77 -12.35 25.35
N GLY A 1308 45.25 -13.46 24.82
CA GLY A 1308 44.79 -14.76 25.25
C GLY A 1308 43.62 -15.32 24.46
N VAL A 1309 43.04 -14.53 23.55
CA VAL A 1309 41.97 -15.00 22.68
C VAL A 1309 42.40 -14.79 21.23
N ILE A 1310 42.02 -15.72 20.36
CA ILE A 1310 42.34 -15.62 18.94
C ILE A 1310 41.30 -14.69 18.33
N GLY A 1311 41.70 -13.46 18.03
CA GLY A 1311 40.75 -12.48 17.52
C GLY A 1311 40.33 -12.72 16.10
N SER A 1312 40.99 -13.65 15.40
CA SER A 1312 40.67 -13.91 14.01
C SER A 1312 39.30 -14.55 13.86
N ARG A 1313 38.85 -15.31 14.86
CA ARG A 1313 37.58 -16.02 14.77
C ARG A 1313 36.52 -15.49 15.74
N THR A 1314 36.75 -14.32 16.33
CA THR A 1314 35.76 -13.72 17.21
C THR A 1314 34.69 -13.02 16.37
N THR A 1315 33.46 -13.52 16.44
CA THR A 1315 32.37 -13.06 15.60
C THR A 1315 31.20 -12.64 16.47
N THR A 1316 30.44 -11.66 15.99
CA THR A 1316 29.27 -11.14 16.69
C THR A 1316 28.02 -11.43 15.87
N ASN A 1317 26.93 -11.78 16.56
CA ASN A 1317 25.67 -12.00 15.87
C ASN A 1317 24.92 -10.70 15.62
N HIS A 1318 25.51 -9.57 15.99
CA HIS A 1318 24.95 -8.27 15.65
C HIS A 1318 25.23 -7.97 14.19
N VAL A 1319 24.87 -6.77 13.74
CA VAL A 1319 25.12 -6.36 12.37
C VAL A 1319 26.01 -5.13 12.35
N LEU A 1320 25.65 -4.12 13.13
CA LEU A 1320 26.36 -2.85 13.09
C LEU A 1320 27.71 -2.92 13.77
N GLU A 1321 27.87 -3.79 14.77
CA GLU A 1321 29.19 -3.99 15.37
C GLU A 1321 30.18 -4.54 14.35
N VAL A 1322 29.74 -5.51 13.55
CA VAL A 1322 30.65 -6.09 12.57
C VAL A 1322 31.01 -5.06 11.50
N PHE A 1323 30.07 -4.17 11.17
CA PHE A 1323 30.40 -3.08 10.26
C PHE A 1323 31.41 -2.12 10.89
N SER A 1324 31.23 -1.80 12.17
CA SER A 1324 32.11 -0.83 12.81
C SER A 1324 33.50 -1.38 13.06
N VAL A 1325 33.64 -2.70 13.17
CA VAL A 1325 34.94 -3.28 13.48
C VAL A 1325 35.64 -3.77 12.22
N LEU A 1326 34.89 -4.41 11.32
CA LEU A 1326 35.49 -5.19 10.24
C LEU A 1326 35.12 -4.73 8.84
N GLY A 1327 34.20 -3.79 8.67
CA GLY A 1327 33.89 -3.26 7.37
C GLY A 1327 32.53 -3.74 6.84
N ILE A 1328 32.15 -3.16 5.71
CA ILE A 1328 30.84 -3.46 5.13
C ILE A 1328 30.80 -4.88 4.58
N GLU A 1329 31.92 -5.37 4.06
CA GLU A 1329 31.92 -6.70 3.45
C GLU A 1329 31.75 -7.78 4.49
N ALA A 1330 32.24 -7.56 5.71
CA ALA A 1330 31.95 -8.48 6.80
C ALA A 1330 30.51 -8.30 7.29
N ALA A 1331 29.96 -7.09 7.16
CA ALA A 1331 28.58 -6.88 7.57
C ALA A 1331 27.62 -7.66 6.70
N ARG A 1332 27.93 -7.75 5.40
CA ARG A 1332 27.12 -8.58 4.50
C ARG A 1332 27.11 -10.03 4.96
N TYR A 1333 28.28 -10.57 5.32
CA TYR A 1333 28.35 -11.95 5.76
C TYR A 1333 27.63 -12.15 7.08
N SER A 1334 27.74 -11.18 7.98
CA SER A 1334 27.02 -11.27 9.25
C SER A 1334 25.52 -11.34 9.02
N ILE A 1335 25.01 -10.50 8.13
CA ILE A 1335 23.58 -10.50 7.84
C ILE A 1335 23.16 -11.83 7.23
N ILE A 1336 23.94 -12.33 6.26
CA ILE A 1336 23.57 -13.56 5.58
C ILE A 1336 23.57 -14.74 6.55
N ARG A 1337 24.60 -14.85 7.39
CA ARG A 1337 24.67 -15.95 8.33
C ARG A 1337 23.57 -15.86 9.37
N GLU A 1338 23.26 -14.65 9.86
CA GLU A 1338 22.20 -14.51 10.85
C GLU A 1338 20.84 -14.90 10.30
N ILE A 1339 20.55 -14.47 9.07
CA ILE A 1339 19.25 -14.81 8.49
C ILE A 1339 19.17 -16.30 8.19
N ASN A 1340 20.25 -16.90 7.71
CA ASN A 1340 20.25 -18.35 7.49
C ASN A 1340 20.04 -19.11 8.78
N TYR A 1341 20.70 -18.68 9.85
CA TYR A 1341 20.53 -19.35 11.14
C TYR A 1341 19.10 -19.23 11.64
N THR A 1342 18.54 -18.02 11.59
CA THR A 1342 17.18 -17.82 12.08
C THR A 1342 16.15 -18.58 11.26
N MET A 1343 16.31 -18.62 9.93
CA MET A 1343 15.34 -19.32 9.11
C MET A 1343 15.46 -20.83 9.24
N SER A 1344 16.69 -21.37 9.24
CA SER A 1344 16.85 -22.82 9.30
C SER A 1344 16.69 -23.36 10.72
N ASN A 1345 16.67 -22.51 11.74
CA ASN A 1345 16.32 -22.97 13.08
C ASN A 1345 14.85 -23.37 13.17
N HIS A 1346 13.98 -22.78 12.34
CA HIS A 1346 12.56 -23.03 12.40
C HIS A 1346 12.08 -23.98 11.31
N GLY A 1347 12.99 -24.56 10.53
CA GLY A 1347 12.62 -25.54 9.52
C GLY A 1347 11.80 -24.99 8.37
N MET A 1348 12.11 -23.77 7.93
CA MET A 1348 11.43 -23.19 6.77
C MET A 1348 12.17 -23.44 5.47
N SER A 1349 13.50 -23.47 5.52
CA SER A 1349 14.36 -23.80 4.38
C SER A 1349 14.11 -22.84 3.21
N VAL A 1350 14.47 -21.58 3.42
CA VAL A 1350 14.53 -20.63 2.32
C VAL A 1350 15.85 -20.82 1.59
N ASP A 1351 15.83 -20.64 0.28
CA ASP A 1351 17.04 -20.83 -0.50
C ASP A 1351 18.04 -19.73 -0.14
N PRO A 1352 19.31 -20.08 0.05
CA PRO A 1352 20.29 -19.06 0.50
C PRO A 1352 20.53 -17.94 -0.52
N ARG A 1353 20.17 -18.14 -1.79
CA ARG A 1353 20.42 -17.09 -2.77
C ARG A 1353 19.50 -15.89 -2.57
N HIS A 1354 18.27 -16.12 -2.09
CA HIS A 1354 17.40 -15.01 -1.73
C HIS A 1354 18.00 -14.21 -0.58
N ILE A 1355 18.60 -14.90 0.37
CA ILE A 1355 19.24 -14.21 1.49
C ILE A 1355 20.45 -13.43 1.00
N GLN A 1356 21.18 -13.97 0.03
CA GLN A 1356 22.30 -13.24 -0.57
C GLN A 1356 21.81 -11.97 -1.25
N LEU A 1357 20.70 -12.06 -1.97
CA LEU A 1357 20.12 -10.89 -2.61
C LEU A 1357 19.72 -9.84 -1.58
N LEU A 1358 19.09 -10.26 -0.49
CA LEU A 1358 18.69 -9.31 0.56
C LEU A 1358 19.91 -8.64 1.18
N GLY A 1359 20.93 -9.43 1.47
CA GLY A 1359 22.13 -8.87 2.09
C GLY A 1359 22.84 -7.89 1.17
N ASP A 1360 22.89 -8.20 -0.12
CA ASP A 1360 23.56 -7.28 -1.03
C ASP A 1360 22.69 -6.09 -1.42
N VAL A 1361 21.38 -6.14 -1.20
CA VAL A 1361 20.58 -4.93 -1.33
C VAL A 1361 20.79 -4.01 -0.15
N MET A 1362 20.82 -4.56 1.06
CA MET A 1362 20.92 -3.66 2.22
C MET A 1362 22.31 -3.06 2.37
N THR A 1363 23.33 -3.61 1.71
CA THR A 1363 24.71 -3.15 1.87
C THR A 1363 25.37 -2.91 0.52
N TYR A 1364 24.71 -2.17 -0.38
CA TYR A 1364 25.33 -1.81 -1.65
C TYR A 1364 25.56 -0.32 -1.82
N LYS A 1365 24.98 0.52 -0.97
CA LYS A 1365 25.32 1.93 -1.00
C LYS A 1365 26.61 2.22 -0.26
N GLY A 1366 27.09 1.29 0.56
CA GLY A 1366 28.33 1.46 1.28
C GLY A 1366 28.19 1.36 2.78
N GLU A 1367 26.96 1.25 3.26
CA GLU A 1367 26.69 1.21 4.69
C GLU A 1367 25.36 0.52 4.91
N VAL A 1368 25.20 -0.06 6.09
CA VAL A 1368 24.03 -0.88 6.39
C VAL A 1368 22.83 0.03 6.56
N LEU A 1369 22.02 0.14 5.50
CA LEU A 1369 20.94 1.11 5.48
C LEU A 1369 19.65 0.55 6.05
N GLY A 1370 19.37 -0.72 5.80
CA GLY A 1370 18.21 -1.37 6.35
C GLY A 1370 16.96 -1.13 5.52
N ILE A 1371 15.89 -1.83 5.92
CA ILE A 1371 14.61 -1.75 5.22
C ILE A 1371 13.63 -1.01 6.10
N THR A 1372 13.54 0.31 5.92
CA THR A 1372 12.58 1.13 6.63
C THR A 1372 12.38 2.39 5.79
N ARG A 1373 11.62 3.35 6.33
CA ARG A 1373 11.46 4.62 5.64
C ARG A 1373 12.79 5.36 5.55
N PHE A 1374 13.59 5.30 6.61
CA PHE A 1374 14.88 5.96 6.66
C PHE A 1374 15.95 5.24 5.86
N GLY A 1375 15.69 4.00 5.44
CA GLY A 1375 16.59 3.29 4.56
C GLY A 1375 16.19 3.47 3.12
N LEU A 1376 14.89 3.44 2.86
CA LEU A 1376 14.40 3.69 1.51
C LEU A 1376 14.64 5.11 1.07
N SER A 1377 14.65 6.07 1.99
CA SER A 1377 15.05 7.43 1.62
C SER A 1377 16.50 7.47 1.16
N LYS A 1378 17.39 6.75 1.85
CA LYS A 1378 18.80 6.79 1.54
C LYS A 1378 19.21 5.86 0.41
N MET A 1379 18.34 4.96 -0.02
CA MET A 1379 18.62 4.07 -1.15
C MET A 1379 18.04 4.58 -2.45
N ARG A 1380 16.74 4.90 -2.45
CA ARG A 1380 16.01 5.18 -3.68
C ARG A 1380 15.96 6.68 -3.94
N ASP A 1381 16.38 7.08 -5.14
CA ASP A 1381 16.33 8.48 -5.53
C ASP A 1381 14.96 8.89 -6.00
N SER A 1382 14.08 7.93 -6.26
CA SER A 1382 12.78 8.22 -6.84
C SER A 1382 11.88 8.92 -5.82
N VAL A 1383 10.93 9.71 -6.33
CA VAL A 1383 10.02 10.43 -5.46
C VAL A 1383 8.72 9.64 -5.27
N LEU A 1384 8.15 9.14 -6.37
CA LEU A 1384 6.83 8.53 -6.32
C LEU A 1384 6.85 7.23 -5.51
N GLN A 1385 7.91 6.44 -5.64
CA GLN A 1385 7.98 5.18 -4.92
C GLN A 1385 8.09 5.40 -3.41
N LEU A 1386 8.86 6.41 -3.00
CA LEU A 1386 8.89 6.78 -1.60
C LEU A 1386 7.55 7.36 -1.16
N ALA A 1387 6.86 8.03 -2.07
CA ALA A 1387 5.57 8.62 -1.73
C ALA A 1387 4.52 7.55 -1.45
N SER A 1388 4.62 6.41 -2.14
CA SER A 1388 3.66 5.35 -1.94
C SER A 1388 3.85 4.60 -0.63
N PHE A 1389 4.98 4.82 0.06
CA PHE A 1389 5.27 4.01 1.24
C PHE A 1389 4.84 4.68 2.54
N GLU A 1390 5.44 5.81 2.88
CA GLU A 1390 5.23 6.42 4.19
C GLU A 1390 5.61 7.89 4.11
N LYS A 1391 4.87 8.72 4.85
CA LYS A 1391 5.07 10.17 4.87
C LYS A 1391 5.00 10.74 3.46
N THR A 1392 3.86 10.52 2.81
CA THR A 1392 3.72 10.86 1.40
C THR A 1392 3.86 12.36 1.17
N THR A 1393 3.19 13.16 2.00
CA THR A 1393 3.19 14.60 1.80
C THR A 1393 4.57 15.20 2.08
N ASP A 1394 5.29 14.67 3.06
CA ASP A 1394 6.61 15.20 3.38
C ASP A 1394 7.59 14.96 2.23
N HIS A 1395 7.59 13.75 1.68
CA HIS A 1395 8.45 13.48 0.52
C HIS A 1395 8.05 14.32 -0.68
N LEU A 1396 6.74 14.47 -0.91
CA LEU A 1396 6.29 15.27 -2.05
C LEU A 1396 6.73 16.73 -1.91
N PHE A 1397 6.60 17.28 -0.71
CA PHE A 1397 6.98 18.67 -0.49
C PHE A 1397 8.49 18.86 -0.59
N ASP A 1398 9.27 17.93 -0.04
CA ASP A 1398 10.72 18.02 -0.16
C ASP A 1398 11.16 17.93 -1.61
N ALA A 1399 10.51 17.05 -2.39
CA ALA A 1399 10.83 16.94 -3.81
C ALA A 1399 10.45 18.19 -4.58
N ALA A 1400 9.34 18.82 -4.21
CA ALA A 1400 8.98 20.07 -4.86
C ALA A 1400 9.93 21.19 -4.49
N PHE A 1401 10.45 21.18 -3.27
CA PHE A 1401 11.37 22.24 -2.84
C PHE A 1401 12.73 22.10 -3.51
N TYR A 1402 13.36 20.92 -3.36
CA TYR A 1402 14.69 20.73 -3.92
C TYR A 1402 14.66 20.59 -5.45
N MET A 1403 13.49 20.46 -6.04
CA MET A 1403 13.31 20.38 -7.50
C MET A 1403 14.14 19.23 -8.08
N LYS A 1404 13.82 18.02 -7.63
CA LYS A 1404 14.54 16.83 -8.04
C LYS A 1404 13.81 16.13 -9.16
N LYS A 1405 14.52 15.81 -10.23
CA LYS A 1405 13.95 15.06 -11.33
C LYS A 1405 13.67 13.63 -10.91
N ASP A 1406 12.64 13.04 -11.51
CA ASP A 1406 12.16 11.71 -11.14
C ASP A 1406 11.98 10.93 -12.44
N ALA A 1407 13.02 10.21 -12.85
CA ALA A 1407 12.91 9.41 -14.06
C ALA A 1407 11.98 8.23 -13.81
N VAL A 1408 10.91 8.16 -14.59
CA VAL A 1408 9.92 7.10 -14.41
C VAL A 1408 10.43 5.79 -14.99
N GLU A 1409 11.08 5.01 -14.13
CA GLU A 1409 11.63 3.72 -14.53
C GLU A 1409 11.26 2.72 -13.45
N GLY A 1410 11.00 3.24 -12.26
CA GLY A 1410 10.56 2.38 -11.17
C GLY A 1410 9.21 1.75 -11.48
N VAL A 1411 9.00 0.55 -10.94
CA VAL A 1411 7.80 -0.21 -11.30
C VAL A 1411 6.56 0.44 -10.70
N SER A 1412 6.63 0.88 -9.44
CA SER A 1412 5.48 1.53 -8.82
C SER A 1412 5.11 2.82 -9.55
N GLU A 1413 6.11 3.58 -10.01
CA GLU A 1413 5.83 4.75 -10.83
C GLU A 1413 5.15 4.38 -12.13
N CYS A 1414 5.59 3.28 -12.75
CA CYS A 1414 4.98 2.85 -14.00
C CYS A 1414 3.52 2.45 -13.80
N ILE A 1415 3.23 1.76 -12.70
CA ILE A 1415 1.85 1.38 -12.43
C ILE A 1415 0.99 2.59 -12.10
N ILE A 1416 1.55 3.58 -11.40
CA ILE A 1416 0.79 4.80 -11.10
C ILE A 1416 0.47 5.56 -12.38
N LEU A 1417 1.48 5.79 -13.21
CA LEU A 1417 1.25 6.58 -14.41
C LEU A 1417 0.69 5.76 -15.57
N GLY A 1418 0.52 4.46 -15.40
CA GLY A 1418 -0.13 3.63 -16.39
C GLY A 1418 0.65 3.43 -17.66
N GLN A 1419 1.78 2.72 -17.57
CA GLN A 1419 2.57 2.39 -18.75
C GLN A 1419 3.37 1.14 -18.45
N THR A 1420 3.98 0.59 -19.49
CA THR A 1420 4.60 -0.73 -19.40
C THR A 1420 5.88 -0.67 -18.57
N MET A 1421 5.95 -1.50 -17.54
CA MET A 1421 7.16 -1.59 -16.74
C MET A 1421 8.26 -2.28 -17.54
N SER A 1422 9.50 -2.10 -17.08
CA SER A 1422 10.66 -2.58 -17.81
C SER A 1422 11.31 -3.80 -17.15
N ILE A 1423 10.52 -4.58 -16.43
CA ILE A 1423 10.97 -5.87 -15.91
C ILE A 1423 9.97 -6.92 -16.38
N GLY A 1424 10.41 -8.16 -16.46
CA GLY A 1424 9.52 -9.22 -16.91
C GLY A 1424 9.29 -9.18 -18.40
N THR A 1425 8.03 -9.12 -18.81
CA THR A 1425 7.66 -9.08 -20.22
C THR A 1425 7.66 -7.66 -20.78
N GLY A 1426 8.44 -6.77 -20.19
CA GLY A 1426 8.59 -5.43 -20.73
C GLY A 1426 10.05 -5.07 -20.90
N SER A 1427 10.91 -6.08 -20.84
CA SER A 1427 12.35 -5.87 -20.95
C SER A 1427 12.81 -5.73 -22.39
N PHE A 1428 11.98 -6.12 -23.34
CA PHE A 1428 12.34 -6.08 -24.75
C PHE A 1428 11.16 -5.58 -25.57
N LYS A 1429 11.46 -5.02 -26.73
CA LYS A 1429 10.43 -4.65 -27.69
C LYS A 1429 10.38 -5.69 -28.79
N VAL A 1430 9.24 -6.33 -28.96
CA VAL A 1430 9.07 -7.25 -30.07
C VAL A 1430 9.03 -6.47 -31.38
N VAL A 1431 9.77 -6.95 -32.37
CA VAL A 1431 10.00 -6.23 -33.62
C VAL A 1431 9.60 -7.12 -34.78
N LYS A 1432 8.92 -6.54 -35.77
CA LYS A 1432 8.60 -7.25 -37.00
C LYS A 1432 9.53 -6.79 -38.09
N GLY A 1433 10.13 -7.74 -38.80
CA GLY A 1433 11.10 -7.43 -39.83
C GLY A 1433 10.44 -7.22 -41.18
N THR A 1434 10.77 -6.09 -41.81
CA THR A 1434 10.34 -5.85 -43.18
C THR A 1434 11.14 -6.73 -44.13
N ASN A 1435 10.45 -7.44 -45.00
CA ASN A 1435 11.07 -8.47 -45.83
C ASN A 1435 11.56 -7.93 -47.16
N ILE A 1436 11.94 -6.65 -47.22
CA ILE A 1436 12.42 -6.04 -48.46
C ILE A 1436 13.94 -5.94 -48.40
N SER A 1437 14.58 -6.13 -49.55
CA SER A 1437 16.03 -6.03 -49.65
C SER A 1437 16.44 -4.61 -49.99
N GLU A 1438 17.74 -4.35 -49.86
CA GLU A 1438 18.27 -3.02 -50.19
C GLU A 1438 18.39 -2.81 -51.68
N LYS A 1439 18.36 -3.89 -52.47
CA LYS A 1439 18.47 -3.75 -53.92
C LYS A 1439 17.17 -3.26 -54.53
N ASP A 1440 16.02 -3.64 -53.96
CA ASP A 1440 14.75 -3.19 -54.51
C ASP A 1440 14.47 -1.73 -54.16
N LEU A 1441 15.04 -1.23 -53.07
CA LEU A 1441 14.85 0.15 -52.65
C LEU A 1441 15.89 1.08 -53.26
N VAL A 1442 16.49 0.70 -54.38
CA VAL A 1442 17.34 1.63 -55.12
C VAL A 1442 16.47 2.74 -55.70
N PRO A 1443 16.87 4.00 -55.59
CA PRO A 1443 16.05 5.08 -56.15
C PRO A 1443 15.94 4.98 -57.65
N LYS A 1444 14.78 5.35 -58.17
CA LYS A 1444 14.59 5.37 -59.61
C LYS A 1444 15.27 6.58 -60.22
N ARG A 1445 15.34 6.58 -61.56
CA ARG A 1445 16.14 7.57 -62.28
C ARG A 1445 15.55 8.97 -62.15
N CYS A 1446 16.44 9.96 -62.11
CA CYS A 1446 16.09 11.37 -62.23
C CYS A 1446 16.66 11.82 -63.58
N LEU A 1447 15.85 11.67 -64.64
CA LEU A 1447 16.36 11.80 -66.00
C LEU A 1447 16.77 13.23 -66.31
N PHE A 1448 15.97 14.21 -65.86
CA PHE A 1448 16.26 15.61 -66.17
C PHE A 1448 17.56 16.05 -65.55
N GLU A 1449 17.81 15.68 -64.30
CA GLU A 1449 19.07 16.04 -63.65
C GLU A 1449 20.23 15.26 -64.25
N SER A 1450 19.98 14.01 -64.66
CA SER A 1450 21.07 13.17 -65.16
C SER A 1450 21.57 13.66 -66.51
N LEU A 1451 20.65 14.07 -67.40
CA LEU A 1451 21.09 14.48 -68.74
C LEU A 1451 21.64 15.90 -68.75
N SER A 1452 21.46 16.64 -67.65
CA SER A 1452 21.86 18.03 -67.62
C SER A 1452 23.37 18.17 -67.50
N ASN A 1453 23.88 19.31 -67.98
CA ASN A 1453 25.27 19.68 -67.83
C ASN A 1453 25.38 21.20 -67.70
N GLU A 1454 26.52 21.66 -67.18
CA GLU A 1454 26.79 23.08 -67.00
C GLU A 1454 28.15 23.39 -67.65
N ALA A 1455 28.13 23.62 -68.97
CA ALA A 1455 29.34 23.96 -69.69
C ALA A 1455 29.18 25.11 -70.67
N ALA A 1456 27.95 25.44 -71.11
CA ALA A 1456 27.78 26.52 -72.08
C ALA A 1456 28.09 27.87 -71.47
N LEU A 1457 27.60 28.13 -70.27
CA LEU A 1457 27.84 29.38 -69.58
C LEU A 1457 28.36 29.21 -68.16
N LYS A 1458 28.16 28.05 -67.55
CA LYS A 1458 28.62 27.83 -66.18
C LYS A 1458 29.06 26.39 -65.96
N ILE B 38 -32.20 -42.42 48.97
CA ILE B 38 -33.05 -41.79 47.98
C ILE B 38 -32.36 -40.55 47.43
N ASN B 39 -31.86 -39.71 48.34
CA ASN B 39 -31.13 -38.51 47.99
C ASN B 39 -29.67 -38.67 48.41
N THR B 40 -28.76 -38.30 47.51
CA THR B 40 -27.33 -38.45 47.75
C THR B 40 -26.66 -37.09 47.65
N ALA B 41 -25.35 -37.08 47.89
CA ALA B 41 -24.56 -35.86 47.72
C ALA B 41 -24.15 -35.64 46.28
N GLN B 42 -24.34 -36.62 45.40
CA GLN B 42 -24.02 -36.47 43.99
C GLN B 42 -25.03 -35.57 43.27
N ASP B 43 -26.31 -35.69 43.60
CA ASP B 43 -27.37 -34.88 42.98
C ASP B 43 -27.59 -33.56 43.74
N LYS B 44 -26.52 -32.79 43.93
CA LYS B 44 -26.61 -31.52 44.61
C LYS B 44 -26.83 -30.35 43.67
N TRP B 45 -26.90 -30.61 42.36
CA TRP B 45 -27.04 -29.52 41.38
C TRP B 45 -28.45 -28.96 41.34
N HIS B 46 -29.40 -29.55 42.07
CA HIS B 46 -30.78 -29.07 42.06
C HIS B 46 -30.92 -27.67 42.65
N LEU B 47 -29.90 -27.17 43.34
CA LEU B 47 -29.92 -25.78 43.79
C LEU B 47 -29.85 -24.82 42.61
N LEU B 48 -29.14 -25.19 41.55
CA LEU B 48 -28.98 -24.32 40.39
C LEU B 48 -30.29 -23.99 39.68
N PRO B 49 -31.23 -24.93 39.43
CA PRO B 49 -32.52 -24.50 38.88
C PRO B 49 -33.25 -23.48 39.74
N ALA B 50 -33.29 -23.71 41.05
CA ALA B 50 -33.99 -22.77 41.95
C ALA B 50 -33.34 -21.40 41.91
N PHE B 51 -32.01 -21.35 41.93
CA PHE B 51 -31.31 -20.08 41.81
C PHE B 51 -31.57 -19.42 40.46
N LEU B 52 -31.89 -20.21 39.44
CA LEU B 52 -32.23 -19.64 38.15
C LEU B 52 -33.71 -19.37 38.00
N LYS B 53 -34.53 -19.80 38.96
CA LYS B 53 -35.96 -19.48 38.87
C LYS B 53 -36.23 -18.03 39.24
N VAL B 54 -35.58 -17.53 40.28
CA VAL B 54 -35.89 -16.21 40.81
C VAL B 54 -34.78 -15.22 40.45
N LYS B 55 -33.55 -15.53 40.85
CA LYS B 55 -32.44 -14.61 40.61
C LYS B 55 -32.15 -14.45 39.13
N GLY B 56 -32.21 -15.54 38.37
CA GLY B 56 -32.12 -15.47 36.91
C GLY B 56 -30.74 -15.19 36.36
N LEU B 57 -30.57 -15.40 35.06
CA LEU B 57 -29.31 -15.14 34.38
C LEU B 57 -29.33 -13.87 33.52
N VAL B 58 -30.49 -13.54 32.94
CA VAL B 58 -30.65 -12.26 32.26
C VAL B 58 -31.04 -11.17 33.25
N LYS B 59 -31.57 -11.54 34.41
CA LYS B 59 -32.19 -10.60 35.34
C LYS B 59 -31.20 -9.70 36.07
N GLN B 60 -29.91 -9.71 35.70
CA GLN B 60 -29.00 -8.70 36.23
C GLN B 60 -29.42 -7.31 35.78
N HIS B 61 -29.71 -7.17 34.48
CA HIS B 61 -30.19 -5.90 33.94
C HIS B 61 -31.52 -5.50 34.56
N LEU B 62 -32.41 -6.47 34.75
CA LEU B 62 -33.70 -6.19 35.37
C LEU B 62 -33.51 -5.70 36.80
N ASP B 63 -32.62 -6.34 37.57
CA ASP B 63 -32.37 -5.92 38.94
C ASP B 63 -31.78 -4.52 39.00
N SER B 64 -30.82 -4.23 38.11
CA SER B 64 -30.23 -2.90 38.09
C SER B 64 -31.26 -1.83 37.73
N PHE B 65 -32.15 -2.14 36.78
CA PHE B 65 -33.16 -1.16 36.39
C PHE B 65 -34.19 -0.97 37.51
N ASN B 66 -34.52 -2.04 38.22
CA ASN B 66 -35.42 -1.90 39.37
C ASN B 66 -34.80 -1.03 40.45
N TYR B 67 -33.52 -1.22 40.70
CA TYR B 67 -32.81 -0.39 41.68
C TYR B 67 -32.80 1.08 41.24
N PHE B 68 -32.58 1.32 39.95
CA PHE B 68 -32.52 2.70 39.47
C PHE B 68 -33.89 3.37 39.55
N VAL B 69 -34.94 2.68 39.10
CA VAL B 69 -36.26 3.30 39.05
C VAL B 69 -36.83 3.50 40.45
N ASP B 70 -36.72 2.49 41.32
CA ASP B 70 -37.43 2.55 42.59
C ASP B 70 -36.73 3.49 43.58
N THR B 71 -35.41 3.56 43.56
CA THR B 71 -34.67 4.27 44.59
C THR B 71 -33.86 5.45 44.06
N ASP B 72 -33.04 5.24 43.02
CA ASP B 72 -32.09 6.26 42.59
C ASP B 72 -32.75 7.49 42.00
N LEU B 73 -33.99 7.37 41.49
CA LEU B 73 -34.69 8.55 40.98
C LEU B 73 -34.97 9.55 42.08
N LYS B 74 -35.28 9.07 43.29
CA LYS B 74 -35.51 9.98 44.41
C LYS B 74 -34.23 10.76 44.73
N LYS B 75 -33.09 10.08 44.78
CA LYS B 75 -31.83 10.76 45.06
C LYS B 75 -31.48 11.76 43.96
N ILE B 76 -31.70 11.37 42.71
CA ILE B 76 -31.39 12.26 41.60
C ILE B 76 -32.28 13.51 41.64
N ILE B 77 -33.57 13.33 41.94
CA ILE B 77 -34.46 14.48 41.94
C ILE B 77 -34.21 15.35 43.17
N LYS B 78 -33.75 14.76 44.28
CA LYS B 78 -33.46 15.57 45.46
C LYS B 78 -32.16 16.34 45.31
N ALA B 79 -31.21 15.80 44.55
CA ALA B 79 -29.91 16.46 44.39
C ALA B 79 -30.01 17.81 43.71
N ASN B 80 -31.08 18.06 42.95
CA ASN B 80 -31.27 19.36 42.34
C ASN B 80 -32.73 19.79 42.46
N GLN B 81 -33.36 19.50 43.61
CA GLN B 81 -34.78 19.80 43.75
C GLN B 81 -35.07 21.28 43.95
N LEU B 82 -34.10 22.06 44.42
CA LEU B 82 -34.30 23.50 44.54
C LEU B 82 -34.11 24.18 43.20
N ILE B 83 -34.77 25.32 43.04
CA ILE B 83 -34.48 26.26 41.97
C ILE B 83 -34.21 27.61 42.61
N LEU B 84 -33.41 28.44 41.96
CA LEU B 84 -33.06 29.76 42.47
C LEU B 84 -33.54 30.82 41.50
N SER B 85 -34.60 31.53 41.87
CA SER B 85 -35.16 32.58 41.03
C SER B 85 -34.29 33.81 41.13
N ASP B 86 -33.55 34.11 40.06
CA ASP B 86 -32.57 35.20 40.07
C ASP B 86 -33.23 36.57 40.09
N VAL B 87 -34.53 36.67 39.81
CA VAL B 87 -35.19 37.96 39.77
C VAL B 87 -35.78 38.34 41.13
N ASP B 88 -36.11 37.35 41.98
CA ASP B 88 -36.79 37.60 43.24
C ASP B 88 -36.65 36.36 44.09
N PRO B 89 -36.20 36.49 45.34
CA PRO B 89 -36.13 35.30 46.22
C PRO B 89 -37.47 34.85 46.75
N GLU B 90 -38.57 35.35 46.19
CA GLU B 90 -39.90 34.95 46.63
C GLU B 90 -40.31 33.61 46.03
N PHE B 91 -40.22 33.47 44.70
CA PHE B 91 -40.64 32.25 44.05
C PHE B 91 -39.61 31.14 44.25
N TYR B 92 -40.10 29.91 44.32
CA TYR B 92 -39.25 28.73 44.36
C TYR B 92 -40.04 27.53 43.84
N LEU B 93 -39.30 26.46 43.51
CA LEU B 93 -39.88 25.23 43.01
C LEU B 93 -39.43 24.08 43.87
N LYS B 94 -40.35 23.15 44.17
CA LYS B 94 -40.08 22.08 45.13
C LYS B 94 -40.64 20.76 44.58
N TYR B 95 -39.76 19.91 44.05
CA TYR B 95 -40.14 18.54 43.75
C TYR B 95 -40.14 17.74 45.03
N VAL B 96 -41.30 17.24 45.45
CA VAL B 96 -41.39 16.52 46.71
C VAL B 96 -41.32 15.01 46.52
N ASP B 97 -41.81 14.51 45.39
CA ASP B 97 -41.79 13.07 45.11
C ASP B 97 -41.84 12.84 43.61
N ILE B 98 -41.36 11.66 43.20
CA ILE B 98 -41.39 11.25 41.79
C ILE B 98 -41.67 9.75 41.74
N ARG B 99 -42.52 9.35 40.80
CA ARG B 99 -42.76 7.94 40.54
C ARG B 99 -42.86 7.73 39.03
N VAL B 100 -42.89 6.46 38.63
CA VAL B 100 -42.97 6.06 37.23
C VAL B 100 -44.20 5.20 37.03
N GLY B 101 -45.04 5.58 36.07
CA GLY B 101 -46.21 4.80 35.73
C GLY B 101 -47.28 4.74 36.80
N LYS B 102 -47.46 5.80 37.57
CA LYS B 102 -48.48 5.87 38.60
C LYS B 102 -49.14 7.23 38.58
N LYS B 103 -50.39 7.27 39.07
CA LYS B 103 -51.12 8.51 39.27
C LYS B 103 -51.54 8.55 40.73
N SER B 104 -50.97 9.48 41.49
CA SER B 104 -51.20 9.51 42.93
C SER B 104 -52.63 9.87 43.30
N SER B 105 -53.41 10.39 42.36
CA SER B 105 -54.83 10.64 42.56
C SER B 105 -55.67 9.41 42.26
N SER B 106 -55.04 8.25 42.09
CA SER B 106 -55.74 7.01 41.78
C SER B 106 -54.89 5.85 42.29
N SER B 107 -55.25 4.63 41.87
CA SER B 107 -54.52 3.45 42.31
C SER B 107 -54.25 2.45 41.20
N THR B 108 -54.55 2.78 39.94
CA THR B 108 -54.39 1.87 38.82
C THR B 108 -53.15 2.22 38.01
N LYS B 109 -52.61 1.23 37.31
CA LYS B 109 -51.41 1.43 36.51
C LYS B 109 -51.71 2.28 35.29
N ASP B 110 -50.73 3.07 34.86
CA ASP B 110 -50.89 3.85 33.64
C ASP B 110 -50.89 2.92 32.43
N TYR B 111 -51.65 3.31 31.40
CA TYR B 111 -51.87 2.45 30.25
C TYR B 111 -50.75 2.65 29.24
N LEU B 112 -49.65 1.94 29.46
CA LEU B 112 -48.59 1.88 28.47
C LEU B 112 -49.07 1.12 27.24
N THR B 113 -48.54 1.49 26.08
CA THR B 113 -48.80 0.72 24.88
C THR B 113 -48.14 -0.65 24.99
N PRO B 114 -48.75 -1.70 24.46
CA PRO B 114 -48.12 -3.02 24.50
C PRO B 114 -46.84 -3.02 23.71
N PRO B 115 -45.85 -3.83 24.10
CA PRO B 115 -44.52 -3.74 23.47
C PRO B 115 -44.49 -4.13 22.01
N HIS B 116 -45.28 -5.12 21.61
CA HIS B 116 -45.30 -5.53 20.21
C HIS B 116 -45.90 -4.45 19.33
N GLU B 117 -46.88 -3.72 19.85
CA GLU B 117 -47.40 -2.56 19.15
C GLU B 117 -46.32 -1.51 18.98
N CYS B 118 -45.47 -1.33 19.99
CA CYS B 118 -44.35 -0.39 19.86
C CYS B 118 -43.32 -0.90 18.86
N ARG B 119 -43.19 -2.20 18.71
CA ARG B 119 -42.30 -2.76 17.70
C ARG B 119 -42.81 -2.44 16.30
N LEU B 120 -44.09 -2.71 16.05
CA LEU B 120 -44.62 -2.57 14.70
C LEU B 120 -44.81 -1.11 14.31
N ARG B 121 -45.31 -0.28 15.23
CA ARG B 121 -45.65 1.10 14.89
C ARG B 121 -44.45 2.03 14.90
N ASP B 122 -43.27 1.55 15.29
CA ASP B 122 -42.06 2.36 15.44
C ASP B 122 -42.26 3.50 16.43
N MET B 123 -42.46 3.13 17.69
CA MET B 123 -42.36 4.06 18.81
C MET B 123 -41.44 3.50 19.87
N THR B 124 -41.28 4.27 20.94
CA THR B 124 -40.49 3.86 22.09
C THR B 124 -41.41 3.34 23.18
N TYR B 125 -41.08 2.17 23.72
CA TYR B 125 -41.85 1.59 24.81
C TYR B 125 -41.57 2.42 26.05
N SER B 126 -42.47 3.37 26.33
CA SER B 126 -42.20 4.42 27.30
C SER B 126 -43.28 4.48 28.37
N ALA B 127 -42.84 4.72 29.57
CA ALA B 127 -43.71 5.00 30.71
C ALA B 127 -43.48 6.43 31.19
N PRO B 128 -44.53 7.20 31.44
CA PRO B 128 -44.34 8.59 31.84
C PRO B 128 -43.82 8.70 33.26
N ILE B 129 -43.02 9.74 33.51
CA ILE B 129 -42.54 10.05 34.85
C ILE B 129 -43.42 11.17 35.41
N TYR B 130 -44.09 10.88 36.51
CA TYR B 130 -44.97 11.84 37.16
C TYR B 130 -44.27 12.42 38.39
N VAL B 131 -44.43 13.73 38.59
CA VAL B 131 -43.76 14.43 39.68
C VAL B 131 -44.81 15.21 40.47
N ASP B 132 -44.60 15.31 41.78
CA ASP B 132 -45.40 16.18 42.62
C ASP B 132 -44.59 17.43 42.94
N ILE B 133 -45.15 18.59 42.60
CA ILE B 133 -44.38 19.82 42.50
C ILE B 133 -45.10 20.94 43.25
N GLU B 134 -44.34 21.73 43.99
CA GLU B 134 -44.88 22.82 44.80
C GLU B 134 -44.30 24.13 44.28
N TYR B 135 -45.19 25.10 44.06
CA TYR B 135 -44.78 26.40 43.53
C TYR B 135 -45.63 27.49 44.15
N THR B 136 -45.13 28.72 44.07
CA THR B 136 -45.79 29.87 44.66
C THR B 136 -46.55 30.65 43.59
N ARG B 137 -47.84 30.86 43.83
CA ARG B 137 -48.65 31.75 43.01
C ARG B 137 -49.00 32.98 43.84
N GLY B 138 -48.79 34.16 43.26
CA GLY B 138 -49.00 35.39 44.01
C GLY B 138 -48.11 35.45 45.23
N ARG B 139 -48.71 35.25 46.40
CA ARG B 139 -47.95 35.15 47.64
C ARG B 139 -48.29 33.91 48.46
N ASN B 140 -48.98 32.93 47.88
CA ASN B 140 -49.28 31.71 48.60
C ASN B 140 -48.81 30.48 47.79
N ILE B 141 -48.44 29.44 48.50
CA ILE B 141 -47.87 28.23 47.92
C ILE B 141 -48.97 27.23 47.61
N ILE B 142 -48.79 26.46 46.54
CA ILE B 142 -49.73 25.42 46.15
C ILE B 142 -48.91 24.23 45.65
N MET B 143 -49.36 23.03 46.02
CA MET B 143 -48.73 21.78 45.63
C MET B 143 -49.65 21.04 44.67
N HIS B 144 -49.15 20.73 43.49
CA HIS B 144 -49.89 20.03 42.45
C HIS B 144 -49.29 18.65 42.26
N LYS B 145 -50.15 17.64 42.17
CA LYS B 145 -49.73 16.26 42.05
C LYS B 145 -49.80 15.83 40.59
N ASP B 146 -48.94 14.86 40.24
CA ASP B 146 -48.95 14.17 38.96
C ASP B 146 -48.77 15.13 37.79
N VAL B 147 -47.57 15.70 37.74
CA VAL B 147 -47.13 16.52 36.61
C VAL B 147 -46.14 15.71 35.78
N GLU B 148 -46.39 15.64 34.48
CA GLU B 148 -45.60 14.82 33.56
C GLU B 148 -44.43 15.63 33.02
N ILE B 149 -43.22 15.08 33.15
CA ILE B 149 -42.03 15.71 32.61
C ILE B 149 -41.51 14.98 31.37
N GLY B 150 -41.47 13.66 31.38
CA GLY B 150 -40.91 12.93 30.28
C GLY B 150 -41.35 11.49 30.27
N ARG B 151 -40.69 10.71 29.42
CA ARG B 151 -41.06 9.32 29.18
C ARG B 151 -39.82 8.45 29.25
N MET B 152 -39.72 7.60 30.27
CA MET B 152 -38.65 6.60 30.34
C MET B 152 -38.86 5.52 29.30
N PRO B 153 -37.88 5.20 28.49
CA PRO B 153 -37.85 3.89 27.82
C PRO B 153 -37.40 2.83 28.82
N ILE B 154 -38.35 2.02 29.28
CA ILE B 154 -38.06 1.00 30.27
C ILE B 154 -37.83 -0.33 29.55
N MET B 155 -36.94 -1.13 30.11
CA MET B 155 -36.66 -2.45 29.53
C MET B 155 -37.77 -3.42 29.89
N LEU B 156 -37.95 -4.43 29.05
CA LEU B 156 -39.00 -5.40 29.24
C LEU B 156 -38.75 -6.21 30.51
N ARG B 157 -39.83 -6.78 31.04
CA ARG B 157 -39.81 -7.62 32.25
C ARG B 157 -39.30 -6.88 33.47
N SER B 158 -39.36 -5.55 33.48
CA SER B 158 -39.03 -4.80 34.68
C SER B 158 -40.28 -4.68 35.57
N ASN B 159 -40.15 -3.95 36.68
CA ASN B 159 -41.29 -3.77 37.56
C ASN B 159 -42.36 -2.87 36.95
N LYS B 160 -42.01 -2.01 36.01
CA LYS B 160 -42.97 -1.08 35.45
C LYS B 160 -43.59 -1.55 34.14
N CYS B 161 -42.97 -2.53 33.47
CA CYS B 161 -43.49 -3.02 32.22
C CYS B 161 -44.76 -3.85 32.45
N ILE B 162 -45.54 -4.00 31.38
CA ILE B 162 -46.80 -4.73 31.46
C ILE B 162 -46.60 -6.24 31.58
N LEU B 163 -45.38 -6.72 31.36
CA LEU B 163 -45.14 -8.16 31.30
C LEU B 163 -44.68 -8.75 32.63
N TYR B 164 -44.66 -7.98 33.71
CA TYR B 164 -44.19 -8.50 34.99
C TYR B 164 -45.16 -9.54 35.53
N ASP B 165 -44.69 -10.78 35.66
CA ASP B 165 -45.45 -11.92 36.20
C ASP B 165 -46.76 -12.05 35.42
N ALA B 166 -46.61 -12.43 34.16
CA ALA B 166 -47.72 -12.61 33.25
C ALA B 166 -47.77 -14.07 32.83
N ASP B 167 -48.95 -14.69 33.00
CA ASP B 167 -49.11 -16.09 32.63
C ASP B 167 -49.12 -16.23 31.11
N GLU B 168 -49.21 -17.48 30.65
CA GLU B 168 -49.03 -17.75 29.22
C GLU B 168 -50.19 -17.20 28.39
N SER B 169 -51.41 -17.18 28.94
CA SER B 169 -52.54 -16.64 28.21
C SER B 169 -52.42 -15.13 28.03
N LYS B 170 -51.99 -14.43 29.09
CA LYS B 170 -51.79 -12.99 28.98
C LYS B 170 -50.62 -12.67 28.05
N MET B 171 -49.60 -13.54 28.05
CA MET B 171 -48.52 -13.39 27.08
C MET B 171 -49.02 -13.61 25.66
N ALA B 172 -50.01 -14.48 25.49
CA ALA B 172 -50.60 -14.67 24.18
C ALA B 172 -51.42 -13.46 23.74
N LYS B 173 -52.13 -12.83 24.68
CA LYS B 173 -53.02 -11.73 24.34
C LYS B 173 -52.26 -10.53 23.79
N LEU B 174 -51.09 -10.24 24.36
CA LEU B 174 -50.34 -9.03 24.03
C LEU B 174 -49.29 -9.27 22.95
N ASN B 175 -49.27 -10.46 22.34
CA ASN B 175 -48.28 -10.85 21.33
C ASN B 175 -46.86 -10.73 21.87
N GLU B 176 -46.55 -11.55 22.87
CA GLU B 176 -45.21 -11.63 23.42
C GLU B 176 -44.86 -13.08 23.67
N CYS B 177 -43.57 -13.39 23.55
CA CYS B 177 -43.09 -14.75 23.71
C CYS B 177 -42.78 -15.03 25.17
N PRO B 178 -43.31 -16.11 25.75
CA PRO B 178 -42.91 -16.48 27.11
C PRO B 178 -41.43 -16.77 27.27
N LEU B 179 -40.78 -17.29 26.23
CA LEU B 179 -39.34 -17.52 26.26
C LEU B 179 -38.57 -16.34 25.65
N ASP B 180 -38.89 -15.14 26.11
CA ASP B 180 -38.20 -13.93 25.68
C ASP B 180 -37.29 -13.47 26.82
N PRO B 181 -35.98 -13.40 26.61
CA PRO B 181 -35.07 -13.10 27.74
C PRO B 181 -35.36 -11.77 28.41
N GLY B 182 -35.75 -10.75 27.65
CA GLY B 182 -36.05 -9.46 28.24
C GLY B 182 -34.81 -8.67 28.56
N GLY B 183 -34.97 -7.47 29.08
CA GLY B 183 -33.88 -6.61 29.42
C GLY B 183 -33.38 -5.68 28.33
N TYR B 184 -34.13 -5.51 27.25
CA TYR B 184 -33.70 -4.67 26.15
C TYR B 184 -34.71 -3.57 25.90
N PHE B 185 -34.21 -2.36 25.65
CA PHE B 185 -35.08 -1.20 25.43
C PHE B 185 -35.56 -1.18 23.99
N ILE B 186 -36.87 -1.01 23.79
CA ILE B 186 -37.43 -0.80 22.46
C ILE B 186 -37.46 0.71 22.23
N VAL B 187 -36.51 1.22 21.46
CA VAL B 187 -36.42 2.64 21.15
C VAL B 187 -36.50 2.81 19.64
N ASN B 188 -37.46 3.63 19.20
CA ASN B 188 -37.64 4.00 17.79
C ASN B 188 -37.79 2.79 16.88
N GLY B 189 -38.42 1.74 17.39
CA GLY B 189 -38.63 0.53 16.63
C GLY B 189 -37.48 -0.44 16.64
N THR B 190 -36.31 -0.03 17.13
CA THR B 190 -35.16 -0.91 17.23
C THR B 190 -34.99 -1.35 18.68
N GLU B 191 -34.70 -2.63 18.87
CA GLU B 191 -34.57 -3.21 20.19
C GLU B 191 -33.10 -3.20 20.60
N LYS B 192 -32.70 -2.11 21.24
CA LYS B 192 -31.34 -1.88 21.68
C LYS B 192 -31.08 -2.60 22.99
N VAL B 193 -29.80 -2.95 23.21
CA VAL B 193 -29.35 -3.54 24.45
C VAL B 193 -28.21 -2.70 24.99
N ILE B 194 -28.28 -2.34 26.26
CA ILE B 194 -27.17 -1.71 26.97
C ILE B 194 -26.35 -2.83 27.60
N LEU B 195 -25.09 -2.90 27.22
CA LEU B 195 -24.21 -3.97 27.65
C LEU B 195 -23.44 -3.57 28.90
N VAL B 196 -23.18 -4.54 29.77
CA VAL B 196 -22.39 -4.30 30.98
C VAL B 196 -21.00 -3.90 30.58
N GLN B 197 -20.50 -2.80 31.14
CA GLN B 197 -19.15 -2.35 30.86
C GLN B 197 -18.21 -2.76 32.00
N GLU B 198 -16.96 -3.03 31.65
CA GLU B 198 -15.94 -3.36 32.63
C GLU B 198 -14.99 -2.18 32.74
N GLN B 199 -14.56 -1.88 33.97
CA GLN B 199 -13.73 -0.72 34.21
C GLN B 199 -12.67 -1.07 35.24
N LEU B 200 -11.60 -0.29 35.25
CA LEU B 200 -10.62 -0.36 36.32
C LEU B 200 -11.30 0.00 37.63
N SER B 201 -10.88 -0.66 38.71
CA SER B 201 -11.57 -0.52 39.98
C SER B 201 -11.38 0.89 40.53
N LYS B 202 -12.50 1.54 40.83
CA LYS B 202 -12.50 2.85 41.46
C LYS B 202 -12.55 2.69 42.97
N ASN B 203 -12.13 3.75 43.67
CA ASN B 203 -12.06 3.77 45.13
C ASN B 203 -11.16 2.66 45.67
N ARG B 204 -10.15 2.28 44.89
CA ARG B 204 -9.21 1.24 45.28
C ARG B 204 -7.81 1.63 44.79
N ILE B 205 -6.92 0.66 44.78
CA ILE B 205 -5.50 0.85 44.48
C ILE B 205 -5.10 -0.13 43.39
N ILE B 206 -4.28 0.32 42.45
CA ILE B 206 -3.71 -0.53 41.42
C ILE B 206 -2.20 -0.37 41.50
N VAL B 207 -1.48 -1.48 41.47
CA VAL B 207 -0.02 -1.46 41.39
C VAL B 207 0.40 -2.07 40.07
N GLU B 208 1.16 -1.32 39.28
CA GLU B 208 1.57 -1.76 37.95
C GLU B 208 3.07 -1.61 37.82
N ALA B 209 3.68 -2.58 37.15
CA ALA B 209 5.12 -2.54 36.94
C ALA B 209 5.44 -3.20 35.60
N ASP B 210 6.61 -2.86 35.07
CA ASP B 210 7.09 -3.42 33.81
C ASP B 210 8.54 -3.85 33.96
N GLU B 211 8.93 -4.87 33.20
CA GLU B 211 10.17 -5.57 33.46
C GLU B 211 11.39 -4.82 32.94
N LYS B 212 11.46 -4.62 31.62
CA LYS B 212 12.66 -4.03 31.01
C LYS B 212 12.85 -2.59 31.49
N LYS B 213 11.78 -1.80 31.52
CA LYS B 213 11.91 -0.41 31.94
C LYS B 213 12.23 -0.33 33.43
N GLY B 214 11.66 -1.22 34.23
CA GLY B 214 11.95 -1.24 35.65
C GLY B 214 11.39 -0.06 36.41
N ILE B 215 10.36 0.59 35.88
CA ILE B 215 9.76 1.77 36.48
C ILE B 215 8.42 1.33 37.07
N VAL B 216 8.38 1.16 38.39
CA VAL B 216 7.17 0.74 39.09
C VAL B 216 6.24 1.93 39.21
N GLN B 217 4.96 1.67 39.44
CA GLN B 217 4.01 2.74 39.71
C GLN B 217 2.83 2.19 40.49
N ALA B 218 2.17 3.09 41.22
CA ALA B 218 0.90 2.79 41.87
C ALA B 218 -0.10 3.87 41.47
N SER B 219 -1.18 3.46 40.84
CA SER B 219 -2.18 4.37 40.33
C SER B 219 -3.48 4.21 41.11
N VAL B 220 -4.14 5.35 41.37
CA VAL B 220 -5.42 5.36 42.05
C VAL B 220 -6.38 6.25 41.27
N THR B 221 -7.56 5.71 40.96
CA THR B 221 -8.58 6.43 40.20
C THR B 221 -9.47 7.16 41.19
N SER B 222 -9.38 8.48 41.21
CA SER B 222 -10.18 9.29 42.11
C SER B 222 -11.60 9.39 41.58
N SER B 223 -12.56 8.82 42.31
CA SER B 223 -13.95 8.74 41.89
C SER B 223 -14.81 9.53 42.87
N THR B 224 -15.33 10.66 42.43
CA THR B 224 -16.37 11.39 43.15
C THR B 224 -17.64 11.37 42.31
N HIS B 225 -18.76 11.76 42.94
CA HIS B 225 -20.01 11.80 42.20
C HIS B 225 -20.04 12.94 41.18
N GLU B 226 -19.14 13.92 41.32
CA GLU B 226 -19.11 15.06 40.42
C GLU B 226 -18.00 14.96 39.39
N ARG B 227 -16.77 14.69 39.83
CA ARG B 227 -15.62 14.67 38.94
C ARG B 227 -14.80 13.41 39.19
N LYS B 228 -13.99 13.06 38.18
CA LYS B 228 -13.10 11.91 38.26
C LYS B 228 -11.71 12.32 37.80
N SER B 229 -10.70 11.70 38.40
CA SER B 229 -9.31 12.02 38.07
C SER B 229 -8.46 10.79 38.39
N LYS B 230 -7.14 10.96 38.37
CA LYS B 230 -6.23 9.85 38.64
C LYS B 230 -4.93 10.37 39.21
N THR B 231 -4.36 9.62 40.16
CA THR B 231 -3.12 9.98 40.82
C THR B 231 -2.10 8.86 40.65
N TYR B 232 -0.87 9.22 40.28
CA TYR B 232 0.19 8.26 40.08
C TYR B 232 1.29 8.47 41.12
N VAL B 233 1.82 7.38 41.64
CA VAL B 233 3.03 7.38 42.46
C VAL B 233 4.06 6.58 41.70
N ILE B 234 5.06 7.26 41.14
CA ILE B 234 5.96 6.64 40.17
C ILE B 234 7.40 6.79 40.64
N THR B 235 8.24 5.87 40.23
CA THR B 235 9.66 5.87 40.58
C THR B 235 10.50 6.26 39.37
N LYS B 236 11.40 7.21 39.58
CA LYS B 236 12.40 7.55 38.58
C LYS B 236 13.77 7.49 39.23
N ASN B 237 14.74 6.90 38.52
CA ASN B 237 16.11 6.59 38.96
C ASN B 237 16.17 6.12 40.43
N GLY B 238 15.23 5.26 40.80
CA GLY B 238 15.22 4.69 42.14
C GLY B 238 14.74 5.59 43.23
N LYS B 239 13.92 6.60 42.90
CA LYS B 239 13.38 7.54 43.87
C LYS B 239 11.91 7.76 43.59
N ILE B 240 11.12 7.90 44.67
CA ILE B 240 9.67 7.99 44.55
C ILE B 240 9.25 9.44 44.29
N TYR B 241 8.23 9.60 43.45
CA TYR B 241 7.73 10.90 43.05
C TYR B 241 6.22 10.79 42.84
N LEU B 242 5.54 11.93 42.90
CA LEU B 242 4.09 12.00 42.72
C LEU B 242 3.78 12.69 41.41
N LYS B 243 2.84 12.12 40.65
CA LYS B 243 2.45 12.66 39.36
C LYS B 243 0.93 12.81 39.32
N HIS B 244 0.48 13.96 38.82
CA HIS B 244 -0.93 14.26 38.66
C HIS B 244 -1.11 15.01 37.35
N ASN B 245 -2.32 14.88 36.78
CA ASN B 245 -2.59 15.51 35.50
C ASN B 245 -2.52 17.03 35.59
N SER B 246 -3.04 17.61 36.66
CA SER B 246 -3.02 19.06 36.81
C SER B 246 -1.64 19.58 37.15
N ILE B 247 -0.82 18.77 37.84
CA ILE B 247 0.51 19.21 38.25
C ILE B 247 1.48 19.05 37.08
N ALA B 248 2.43 19.99 36.97
CA ALA B 248 3.32 20.03 35.82
C ALA B 248 4.39 18.94 35.86
N GLU B 249 5.25 18.94 36.88
CA GLU B 249 6.30 17.91 36.97
C GLU B 249 6.16 17.20 38.31
N GLU B 250 7.15 16.36 38.61
CA GLU B 250 7.12 15.51 39.80
C GLU B 250 7.45 16.31 41.06
N ILE B 251 7.08 15.74 42.21
CA ILE B 251 7.43 16.29 43.51
C ILE B 251 7.99 15.15 44.36
N PRO B 252 9.05 15.38 45.13
CA PRO B 252 9.52 14.35 46.07
C PRO B 252 8.44 13.99 47.08
N ILE B 253 8.41 12.71 47.45
CA ILE B 253 7.32 12.20 48.27
C ILE B 253 7.46 12.67 49.72
N ALA B 254 8.69 12.94 50.16
CA ALA B 254 8.89 13.41 51.52
C ALA B 254 8.24 14.78 51.74
N ILE B 255 8.28 15.63 50.72
CA ILE B 255 7.65 16.93 50.82
C ILE B 255 6.14 16.80 51.00
N VAL B 256 5.51 15.93 50.20
CA VAL B 256 4.06 15.78 50.26
C VAL B 256 3.64 15.12 51.57
N LEU B 257 4.42 14.13 52.03
CA LEU B 257 4.11 13.49 53.30
C LEU B 257 4.27 14.46 54.46
N LYS B 258 5.27 15.34 54.39
CA LYS B 258 5.42 16.38 55.41
C LYS B 258 4.43 17.52 55.23
N ALA B 259 3.75 17.59 54.08
CA ALA B 259 2.82 18.66 53.77
C ALA B 259 1.47 18.48 54.42
N CYS B 260 1.39 17.66 55.46
CA CYS B 260 0.14 17.37 56.14
C CYS B 260 0.30 17.53 57.64
N GLY B 261 -0.67 17.04 58.41
CA GLY B 261 -0.53 17.04 59.86
C GLY B 261 0.68 16.27 60.35
N ILE B 262 1.10 15.25 59.61
CA ILE B 262 2.38 14.60 59.85
C ILE B 262 3.49 15.55 59.44
N LEU B 263 4.31 15.95 60.42
CA LEU B 263 5.22 17.07 60.25
C LEU B 263 6.67 16.76 60.60
N SER B 264 6.96 15.62 61.23
CA SER B 264 8.31 15.28 61.64
C SER B 264 8.84 14.11 60.83
N ASP B 265 10.17 13.96 60.87
CA ASP B 265 10.84 12.96 60.05
C ASP B 265 10.70 11.56 60.65
N LEU B 266 10.66 11.48 61.99
CA LEU B 266 10.49 10.19 62.65
C LEU B 266 9.15 9.56 62.32
N GLU B 267 8.11 10.39 62.15
CA GLU B 267 6.80 9.87 61.77
C GLU B 267 6.85 9.20 60.41
N ILE B 268 7.57 9.80 59.46
CA ILE B 268 7.70 9.19 58.14
C ILE B 268 8.55 7.92 58.22
N MET B 269 9.64 7.95 59.01
CA MET B 269 10.44 6.75 59.17
C MET B 269 9.69 5.61 59.84
N GLN B 270 8.67 5.92 60.65
CA GLN B 270 7.92 4.86 61.33
C GLN B 270 6.68 4.41 60.58
N LEU B 271 6.07 5.30 59.79
CA LEU B 271 4.77 4.98 59.18
C LEU B 271 4.92 4.21 57.88
N VAL B 272 5.57 4.81 56.88
CA VAL B 272 5.72 4.16 55.58
C VAL B 272 6.58 2.91 55.68
N CYS B 273 7.74 3.01 56.34
CA CYS B 273 8.62 1.85 56.44
C CYS B 273 8.08 0.78 57.37
N GLY B 274 7.62 1.18 58.55
CA GLY B 274 7.44 0.22 59.63
C GLY B 274 8.76 -0.02 60.33
N ASN B 275 8.90 -1.17 60.98
CA ASN B 275 10.11 -1.41 61.77
C ASN B 275 11.16 -2.23 61.00
N ASP B 276 10.78 -2.82 59.87
CA ASP B 276 11.69 -3.71 59.15
C ASP B 276 12.79 -2.92 58.45
N SER B 277 13.97 -3.54 58.36
CA SER B 277 15.14 -2.86 57.81
C SER B 277 15.22 -2.96 56.29
N SER B 278 14.62 -4.00 55.71
CA SER B 278 14.72 -4.20 54.26
C SER B 278 14.10 -3.05 53.49
N TYR B 279 12.97 -2.54 53.97
CA TYR B 279 12.33 -1.40 53.31
C TYR B 279 13.13 -0.11 53.53
N GLN B 280 13.75 0.05 54.70
CA GLN B 280 14.68 1.16 54.89
C GLN B 280 15.83 1.10 53.91
N ASP B 281 16.27 -0.10 53.54
CA ASP B 281 17.45 -0.26 52.70
C ASP B 281 17.26 0.37 51.33
N ILE B 282 16.02 0.62 50.93
CA ILE B 282 15.77 1.29 49.65
C ILE B 282 15.05 2.63 49.86
N PHE B 283 14.41 2.82 51.03
CA PHE B 283 13.71 4.07 51.29
C PHE B 283 14.58 5.13 51.96
N ALA B 284 15.82 4.79 52.32
CA ALA B 284 16.69 5.79 52.94
C ALA B 284 17.10 6.89 51.97
N VAL B 285 16.98 6.64 50.66
CA VAL B 285 17.36 7.63 49.67
C VAL B 285 16.39 8.80 49.66
N ASN B 286 15.11 8.53 49.90
CA ASN B 286 14.09 9.55 49.72
C ASN B 286 14.14 10.62 50.80
N LEU B 287 14.74 10.32 51.96
CA LEU B 287 14.69 11.23 53.09
C LEU B 287 15.51 12.49 52.83
N GLU B 288 16.61 12.38 52.09
CA GLU B 288 17.45 13.54 51.82
C GLU B 288 16.81 14.50 50.82
N GLU B 289 15.73 14.08 50.16
CA GLU B 289 15.06 14.95 49.19
C GLU B 289 14.46 16.17 49.87
N SER B 290 13.87 15.99 51.05
CA SER B 290 13.28 17.12 51.77
C SER B 290 14.36 18.00 52.38
N SER B 291 15.56 17.45 52.62
CA SER B 291 16.60 18.20 53.30
C SER B 291 17.50 18.98 52.35
N LYS B 292 17.78 18.46 51.15
CA LYS B 292 18.64 19.18 50.22
C LYS B 292 17.98 20.47 49.74
N LEU B 293 16.66 20.42 49.54
CA LEU B 293 15.84 21.61 49.30
C LEU B 293 14.87 21.68 50.46
N ASP B 294 15.19 22.48 51.46
CA ASP B 294 14.43 22.52 52.69
C ASP B 294 13.02 23.02 52.44
N ILE B 295 12.08 22.56 53.28
CA ILE B 295 10.70 23.05 53.22
C ILE B 295 10.68 24.55 53.39
N TYR B 296 9.81 25.22 52.64
CA TYR B 296 9.75 26.67 52.68
C TYR B 296 9.37 27.16 54.07
N THR B 297 8.30 26.60 54.64
CA THR B 297 7.95 26.78 56.04
C THR B 297 7.52 25.43 56.59
N GLN B 298 7.72 25.23 57.89
CA GLN B 298 7.28 23.99 58.53
C GLN B 298 5.76 23.87 58.46
N GLN B 299 5.06 24.80 59.12
CA GLN B 299 3.63 24.95 58.92
C GLN B 299 3.38 25.66 57.60
N GLN B 300 2.46 25.13 56.80
CA GLN B 300 2.22 25.56 55.42
C GLN B 300 3.48 25.44 54.57
N ALA B 301 3.92 24.19 54.39
CA ALA B 301 4.91 23.89 53.36
C ALA B 301 4.29 23.83 51.97
N LEU B 302 2.97 23.97 51.89
CA LEU B 302 2.21 23.83 50.65
C LEU B 302 2.60 24.89 49.62
N GLU B 303 3.29 25.95 50.06
CA GLU B 303 3.87 26.92 49.14
C GLU B 303 4.72 26.25 48.07
N TYR B 304 5.49 25.22 48.47
CA TYR B 304 6.29 24.49 47.48
C TYR B 304 5.40 23.85 46.44
N ILE B 305 4.27 23.28 46.87
CA ILE B 305 3.34 22.66 45.94
C ILE B 305 2.76 23.69 44.98
N GLY B 306 2.72 24.96 45.42
CA GLY B 306 2.23 26.01 44.55
C GLY B 306 3.15 26.33 43.39
N ALA B 307 4.38 25.81 43.41
CA ALA B 307 5.30 26.10 42.32
C ALA B 307 5.00 25.30 41.07
N LYS B 308 4.40 24.12 41.22
CA LYS B 308 4.24 23.19 40.10
C LYS B 308 2.81 23.07 39.59
N VAL B 309 1.82 23.55 40.34
CA VAL B 309 0.44 23.41 39.91
C VAL B 309 0.16 24.36 38.75
N LYS B 310 -0.68 23.92 37.82
CA LYS B 310 -1.02 24.67 36.62
C LYS B 310 -2.54 24.77 36.50
N THR B 311 -3.20 25.14 37.58
CA THR B 311 -4.66 25.15 37.61
C THR B 311 -5.20 26.40 36.93
N MET B 312 -6.26 26.21 36.15
CA MET B 312 -7.01 27.32 35.54
C MET B 312 -8.28 27.54 36.35
N ARG B 313 -8.49 28.78 36.80
CA ARG B 313 -9.64 29.11 37.63
C ARG B 313 -10.28 30.40 37.12
N ARG B 314 -11.56 30.57 37.46
CA ARG B 314 -12.26 31.79 37.09
C ARG B 314 -11.67 33.01 37.80
N GLN B 315 -11.33 32.85 39.08
CA GLN B 315 -10.66 33.89 39.86
C GLN B 315 -9.31 33.38 40.29
N LYS B 316 -8.28 34.21 40.14
CA LYS B 316 -6.93 33.80 40.45
C LYS B 316 -6.70 33.77 41.97
N LEU B 317 -5.83 32.88 42.40
CA LEU B 317 -5.48 32.74 43.81
C LEU B 317 -3.98 32.87 43.98
N THR B 318 -3.57 33.14 45.22
CA THR B 318 -2.17 33.26 45.55
C THR B 318 -1.50 31.89 45.54
N ILE B 319 -0.19 31.88 45.80
CA ILE B 319 0.56 30.63 45.81
C ILE B 319 0.17 29.77 47.00
N LEU B 320 -0.03 30.40 48.17
CA LEU B 320 -0.37 29.65 49.38
C LEU B 320 -1.75 29.02 49.27
N GLN B 321 -2.75 29.79 48.85
CA GLN B 321 -4.11 29.25 48.73
C GLN B 321 -4.17 28.17 47.65
N GLU B 322 -3.44 28.35 46.55
CA GLU B 322 -3.39 27.33 45.51
C GLU B 322 -2.75 26.04 46.03
N GLY B 323 -1.68 26.17 46.83
CA GLY B 323 -1.09 24.99 47.43
C GLY B 323 -2.03 24.28 48.38
N ILE B 324 -2.76 25.05 49.19
CA ILE B 324 -3.74 24.48 50.11
C ILE B 324 -4.80 23.71 49.34
N GLU B 325 -5.34 24.32 48.28
CA GLU B 325 -6.37 23.67 47.49
C GLU B 325 -5.83 22.43 46.78
N ALA B 326 -4.59 22.50 46.29
CA ALA B 326 -4.00 21.37 45.57
C ALA B 326 -3.79 20.18 46.49
N ILE B 327 -3.27 20.41 47.69
CA ILE B 327 -3.10 19.31 48.64
C ILE B 327 -4.44 18.81 49.17
N ALA B 328 -5.42 19.69 49.37
CA ALA B 328 -6.70 19.24 49.90
C ALA B 328 -7.51 18.45 48.87
N THR B 329 -7.43 18.81 47.59
CA THR B 329 -8.32 18.25 46.59
C THR B 329 -7.60 17.47 45.51
N THR B 330 -6.61 18.07 44.84
CA THR B 330 -6.13 17.54 43.56
C THR B 330 -5.35 16.24 43.74
N VAL B 331 -4.68 16.07 44.87
CA VAL B 331 -3.86 14.86 45.06
C VAL B 331 -4.76 13.65 45.23
N ILE B 332 -5.67 13.69 46.19
CA ILE B 332 -6.62 12.61 46.45
C ILE B 332 -8.01 13.21 46.57
N ALA B 333 -8.98 12.64 45.87
CA ALA B 333 -10.34 13.15 45.87
C ALA B 333 -11.34 12.20 46.53
N HIS B 334 -10.91 11.04 47.02
CA HIS B 334 -11.86 10.10 47.61
C HIS B 334 -12.47 10.64 48.89
N LEU B 335 -11.63 11.10 49.80
CA LEU B 335 -12.06 11.45 51.15
C LEU B 335 -11.60 12.87 51.47
N THR B 336 -12.55 13.71 51.87
CA THR B 336 -12.26 15.02 52.46
C THR B 336 -13.50 15.45 53.22
N VAL B 337 -13.31 16.00 54.41
CA VAL B 337 -14.40 16.37 55.29
C VAL B 337 -14.31 17.82 55.75
N GLU B 338 -13.64 18.67 54.98
CA GLU B 338 -13.42 20.08 55.28
C GLU B 338 -12.70 20.28 56.62
N ALA B 339 -11.93 19.28 57.06
CA ALA B 339 -11.22 19.37 58.31
C ALA B 339 -9.86 20.02 58.10
N LEU B 340 -9.40 20.76 59.11
CA LEU B 340 -8.14 21.47 58.99
C LEU B 340 -6.96 20.52 58.92
N ASP B 341 -6.98 19.46 59.73
CA ASP B 341 -5.89 18.49 59.72
C ASP B 341 -5.93 17.62 58.47
N PHE B 342 -4.75 17.30 57.94
CA PHE B 342 -4.62 16.46 56.76
C PHE B 342 -4.05 15.09 57.12
N ARG B 343 -4.45 14.53 58.26
CA ARG B 343 -3.93 13.24 58.68
C ARG B 343 -4.37 12.12 57.76
N GLU B 344 -5.62 12.16 57.31
CA GLU B 344 -6.17 11.05 56.53
C GLU B 344 -5.49 10.94 55.17
N LYS B 345 -5.33 12.06 54.47
CA LYS B 345 -4.67 12.03 53.17
C LYS B 345 -3.21 11.65 53.31
N ALA B 346 -2.57 12.09 54.40
CA ALA B 346 -1.19 11.71 54.67
C ALA B 346 -1.06 10.21 54.86
N LEU B 347 -1.98 9.62 55.62
CA LEU B 347 -1.95 8.18 55.83
C LEU B 347 -2.24 7.43 54.53
N TYR B 348 -3.14 7.98 53.71
CA TYR B 348 -3.44 7.37 52.42
C TYR B 348 -2.19 7.31 51.53
N ILE B 349 -1.50 8.45 51.39
CA ILE B 349 -0.29 8.47 50.58
C ILE B 349 0.81 7.63 51.24
N ALA B 350 0.79 7.54 52.57
CA ALA B 350 1.75 6.70 53.27
C ALA B 350 1.57 5.23 52.91
N MET B 351 0.33 4.74 52.90
CA MET B 351 0.08 3.36 52.50
C MET B 351 0.39 3.16 51.03
N MET B 352 0.09 4.18 50.21
CA MET B 352 0.39 4.16 48.78
C MET B 352 1.88 3.90 48.54
N THR B 353 2.71 4.72 49.17
CA THR B 353 4.16 4.56 48.99
C THR B 353 4.68 3.36 49.75
N ARG B 354 3.97 2.88 50.78
CA ARG B 354 4.39 1.66 51.45
C ARG B 354 4.31 0.47 50.51
N ARG B 355 3.20 0.35 49.78
CA ARG B 355 3.15 -0.72 48.80
C ARG B 355 4.04 -0.44 47.60
N VAL B 356 4.33 0.82 47.29
CA VAL B 356 5.35 1.11 46.30
C VAL B 356 6.70 0.53 46.73
N VAL B 357 7.07 0.74 48.00
CA VAL B 357 8.33 0.22 48.52
C VAL B 357 8.33 -1.30 48.52
N MET B 358 7.22 -1.92 48.92
CA MET B 358 7.15 -3.38 48.87
C MET B 358 7.32 -3.92 47.46
N ALA B 359 6.66 -3.29 46.48
CA ALA B 359 6.79 -3.73 45.10
C ALA B 359 8.21 -3.49 44.58
N MET B 360 8.88 -2.47 45.11
CA MET B 360 10.24 -2.17 44.72
C MET B 360 11.25 -3.13 45.34
N TYR B 361 10.97 -3.63 46.55
CA TYR B 361 11.90 -4.51 47.24
C TYR B 361 12.00 -5.86 46.55
N ASN B 362 10.86 -6.48 46.26
CA ASN B 362 10.83 -7.70 45.46
C ASN B 362 9.82 -7.57 44.32
N PRO B 363 10.15 -8.07 43.13
CA PRO B 363 9.23 -7.93 41.99
C PRO B 363 7.95 -8.75 42.13
N LYS B 364 7.90 -9.71 43.05
CA LYS B 364 6.72 -10.55 43.16
C LYS B 364 5.50 -9.81 43.71
N MET B 365 5.68 -8.58 44.22
CA MET B 365 4.56 -7.85 44.77
C MET B 365 3.78 -7.06 43.73
N ILE B 366 4.05 -7.28 42.45
CA ILE B 366 3.24 -6.62 41.42
C ILE B 366 1.84 -7.19 41.44
N ASP B 367 0.85 -6.31 41.37
CA ASP B 367 -0.55 -6.71 41.23
C ASP B 367 -0.91 -6.75 39.76
N ASP B 368 -1.60 -7.81 39.35
CA ASP B 368 -1.98 -7.95 37.94
C ASP B 368 -2.99 -6.87 37.57
N ARG B 369 -2.70 -6.17 36.47
CA ARG B 369 -3.63 -5.17 35.96
C ARG B 369 -4.94 -5.79 35.53
N ASP B 370 -4.88 -7.02 34.99
CA ASP B 370 -6.03 -7.68 34.40
C ASP B 370 -6.73 -8.62 35.37
N TYR B 371 -6.34 -8.58 36.65
CA TYR B 371 -7.00 -9.34 37.70
C TYR B 371 -8.48 -8.96 37.78
N VAL B 372 -9.33 -9.98 37.98
CA VAL B 372 -10.77 -9.76 37.97
C VAL B 372 -11.20 -8.93 39.17
N GLY B 373 -10.54 -9.08 40.32
CA GLY B 373 -10.89 -8.29 41.48
C GLY B 373 -10.61 -6.82 41.33
N ASN B 374 -9.76 -6.45 40.38
CA ASN B 374 -9.47 -5.06 40.08
C ASN B 374 -10.31 -4.52 38.93
N LYS B 375 -11.32 -5.27 38.49
CA LYS B 375 -12.29 -4.82 37.50
C LYS B 375 -13.67 -4.73 38.14
N ARG B 376 -14.37 -3.63 37.88
CA ARG B 376 -15.72 -3.42 38.36
C ARG B 376 -16.68 -3.34 37.19
N LEU B 377 -17.90 -3.84 37.40
CA LEU B 377 -18.89 -4.00 36.34
C LEU B 377 -19.96 -2.94 36.51
N GLU B 378 -20.07 -2.06 35.53
CA GLU B 378 -21.12 -1.05 35.50
C GLU B 378 -22.28 -1.58 34.67
N LEU B 379 -23.46 -1.60 35.27
CA LEU B 379 -24.65 -2.18 34.69
C LEU B 379 -25.43 -1.14 33.89
N ALA B 380 -26.64 -1.51 33.47
CA ALA B 380 -27.47 -0.60 32.69
C ALA B 380 -28.04 0.51 33.57
N GLY B 381 -28.48 0.16 34.77
CA GLY B 381 -29.16 1.14 35.62
C GLY B 381 -28.25 2.31 36.01
N GLN B 382 -26.99 2.02 36.30
CA GLN B 382 -26.06 3.09 36.66
C GLN B 382 -25.83 4.04 35.49
N LEU B 383 -25.68 3.50 34.28
CA LEU B 383 -25.48 4.35 33.11
C LEU B 383 -26.71 5.20 32.83
N ILE B 384 -27.90 4.61 32.95
CA ILE B 384 -29.12 5.38 32.77
C ILE B 384 -29.25 6.45 33.84
N SER B 385 -28.81 6.16 35.07
CA SER B 385 -28.80 7.18 36.12
C SER B 385 -27.88 8.33 35.76
N LEU B 386 -26.69 8.02 35.25
CA LEU B 386 -25.73 9.05 34.88
C LEU B 386 -26.26 9.92 33.76
N LEU B 387 -26.99 9.33 32.80
CA LEU B 387 -27.55 10.12 31.71
C LEU B 387 -28.73 10.96 32.19
N PHE B 388 -29.58 10.40 33.04
CA PHE B 388 -30.73 11.14 33.56
C PHE B 388 -30.29 12.31 34.42
N GLU B 389 -29.16 12.16 35.13
CA GLU B 389 -28.62 13.25 35.92
C GLU B 389 -28.28 14.47 35.06
N ASP B 390 -27.51 14.25 33.98
CA ASP B 390 -27.14 15.35 33.09
C ASP B 390 -28.37 15.94 32.41
N LEU B 391 -29.28 15.08 31.96
CA LEU B 391 -30.45 15.58 31.24
C LEU B 391 -31.37 16.37 32.17
N PHE B 392 -31.55 15.90 33.41
CA PHE B 392 -32.40 16.59 34.36
C PHE B 392 -31.81 17.94 34.77
N LYS B 393 -30.50 17.99 34.97
CA LYS B 393 -29.89 19.29 35.32
C LYS B 393 -29.93 20.27 34.15
N LYS B 394 -29.74 19.80 32.92
CA LYS B 394 -29.89 20.68 31.76
C LYS B 394 -31.33 21.20 31.67
N PHE B 395 -32.30 20.32 31.89
CA PHE B 395 -33.71 20.73 31.87
C PHE B 395 -34.00 21.75 32.97
N ASN B 396 -33.45 21.54 34.16
CA ASN B 396 -33.70 22.47 35.27
C ASN B 396 -33.06 23.82 35.00
N ASN B 397 -31.85 23.84 34.43
CA ASN B 397 -31.21 25.11 34.10
C ASN B 397 -32.00 25.85 33.03
N ASP B 398 -32.48 25.13 32.00
CA ASP B 398 -33.29 25.78 30.98
C ASP B 398 -34.60 26.30 31.56
N PHE B 399 -35.20 25.56 32.48
CA PHE B 399 -36.44 26.00 33.12
C PHE B 399 -36.21 27.23 33.98
N LYS B 400 -35.07 27.28 34.68
CA LYS B 400 -34.73 28.48 35.45
C LYS B 400 -34.55 29.68 34.52
N LEU B 401 -33.92 29.46 33.36
CA LEU B 401 -33.82 30.54 32.37
C LEU B 401 -35.20 30.99 31.91
N SER B 402 -36.11 30.04 31.68
CA SER B 402 -37.45 30.39 31.22
C SER B 402 -38.20 31.21 32.26
N ILE B 403 -38.12 30.79 33.54
CA ILE B 403 -38.82 31.52 34.60
C ILE B 403 -38.19 32.89 34.81
N ASP B 404 -36.87 33.00 34.68
CA ASP B 404 -36.20 34.29 34.77
C ASP B 404 -36.66 35.22 33.65
N LYS B 405 -36.80 34.69 32.44
CA LYS B 405 -37.25 35.52 31.33
C LYS B 405 -38.71 35.95 31.51
N VAL B 406 -39.56 35.04 31.96
CA VAL B 406 -40.99 35.36 32.08
C VAL B 406 -41.24 36.34 33.23
N LEU B 407 -40.62 36.10 34.39
CA LEU B 407 -40.87 36.95 35.54
C LEU B 407 -40.32 38.35 35.38
N LYS B 408 -39.48 38.59 34.36
CA LYS B 408 -38.99 39.94 34.10
C LYS B 408 -40.07 40.86 33.56
N LYS B 409 -41.19 40.30 33.11
CA LYS B 409 -42.27 41.11 32.56
C LYS B 409 -42.99 41.85 33.69
N PRO B 410 -43.07 43.19 33.63
CA PRO B 410 -43.72 43.93 34.72
C PRO B 410 -45.24 43.90 34.64
N ASN B 411 -45.80 43.52 33.49
CA ASN B 411 -47.25 43.57 33.32
C ASN B 411 -47.98 42.60 34.24
N ARG B 412 -47.45 41.38 34.37
CA ARG B 412 -48.09 40.35 35.18
C ARG B 412 -47.54 40.44 36.60
N ALA B 413 -48.21 41.25 37.43
CA ALA B 413 -47.85 41.31 38.84
C ALA B 413 -48.12 39.98 39.53
N MET B 414 -49.24 39.34 39.19
CA MET B 414 -49.53 38.00 39.68
C MET B 414 -48.51 37.02 39.12
N GLU B 415 -47.98 36.16 39.98
CA GLU B 415 -46.86 35.30 39.61
C GLU B 415 -47.31 34.23 38.63
N TYR B 416 -46.69 34.20 37.45
CA TYR B 416 -47.08 33.29 36.39
C TYR B 416 -46.83 31.85 36.82
N ASP B 417 -47.77 30.98 36.47
CA ASP B 417 -47.65 29.57 36.81
C ASP B 417 -46.50 28.94 36.05
N ALA B 418 -45.53 28.40 36.78
CA ALA B 418 -44.40 27.72 36.16
C ALA B 418 -44.80 26.41 35.51
N LEU B 419 -45.87 25.78 36.00
CA LEU B 419 -46.30 24.49 35.49
C LEU B 419 -46.87 24.55 34.08
N LEU B 420 -47.11 25.74 33.56
CA LEU B 420 -47.60 25.89 32.19
C LEU B 420 -46.47 26.01 31.17
N SER B 421 -45.21 26.06 31.63
CA SER B 421 -44.06 26.03 30.73
C SER B 421 -43.28 24.73 30.82
N ILE B 422 -43.74 23.78 31.64
CA ILE B 422 -43.09 22.48 31.72
C ILE B 422 -43.29 21.70 30.42
N ASN B 423 -44.47 21.86 29.80
CA ASN B 423 -44.78 21.10 28.58
C ASN B 423 -43.85 21.44 27.43
N VAL B 424 -43.53 22.72 27.25
CA VAL B 424 -42.73 23.14 26.10
C VAL B 424 -41.29 22.64 26.20
N HIS B 425 -40.81 22.36 27.42
CA HIS B 425 -39.52 21.72 27.61
C HIS B 425 -39.64 20.24 27.97
N SER B 426 -40.85 19.68 27.95
CA SER B 426 -41.05 18.29 28.33
C SER B 426 -40.56 17.34 27.25
N ASN B 427 -40.50 17.80 26.01
CA ASN B 427 -40.00 16.95 24.93
C ASN B 427 -38.50 16.75 25.05
N ASN B 428 -37.81 17.63 25.78
CA ASN B 428 -36.35 17.61 25.79
C ASN B 428 -35.80 16.35 26.45
N ILE B 429 -36.36 15.97 27.60
CA ILE B 429 -35.88 14.79 28.32
C ILE B 429 -36.07 13.55 27.47
N THR B 430 -37.28 13.36 26.93
CA THR B 430 -37.57 12.18 26.14
C THR B 430 -36.74 12.15 24.86
N SER B 431 -36.60 13.29 24.18
CA SER B 431 -35.86 13.33 22.92
C SER B 431 -34.39 13.04 23.13
N GLY B 432 -33.77 13.70 24.12
CA GLY B 432 -32.37 13.46 24.39
C GLY B 432 -32.11 12.04 24.86
N LEU B 433 -33.00 11.50 25.70
CA LEU B 433 -32.82 10.16 26.22
C LEU B 433 -32.93 9.12 25.11
N ASN B 434 -33.94 9.25 24.26
CA ASN B 434 -34.09 8.32 23.14
C ASN B 434 -32.95 8.46 22.14
N ARG B 435 -32.50 9.68 21.88
CA ARG B 435 -31.39 9.87 20.94
C ARG B 435 -30.12 9.23 21.47
N ALA B 436 -29.85 9.39 22.78
CA ALA B 436 -28.66 8.79 23.36
C ALA B 436 -28.75 7.27 23.36
N ILE B 437 -29.92 6.71 23.66
CA ILE B 437 -30.04 5.25 23.65
C ILE B 437 -29.98 4.67 22.24
N SER B 438 -30.59 5.31 21.25
CA SER B 438 -30.66 4.77 19.89
C SER B 438 -29.40 5.01 19.08
N THR B 439 -28.89 6.24 19.09
CA THR B 439 -27.66 6.54 18.36
C THR B 439 -26.48 5.79 18.98
N GLY B 440 -26.47 5.64 20.29
CA GLY B 440 -25.42 4.96 20.99
C GLY B 440 -24.36 5.87 21.58
N ASN B 441 -24.26 7.10 21.10
CA ASN B 441 -23.30 8.04 21.66
C ASN B 441 -23.75 8.45 23.07
N TRP B 442 -22.78 8.56 23.98
CA TRP B 442 -23.06 8.87 25.38
C TRP B 442 -22.25 10.13 25.70
N SER B 443 -22.83 11.29 25.46
CA SER B 443 -22.14 12.57 25.61
C SER B 443 -22.74 13.30 26.81
N LEU B 444 -22.22 13.00 27.99
CA LEU B 444 -22.59 13.71 29.22
C LEU B 444 -21.63 14.88 29.38
N LYS B 445 -22.13 16.09 29.14
CA LYS B 445 -21.28 17.26 29.08
C LYS B 445 -20.72 17.62 30.45
N ARG B 446 -21.54 17.48 31.51
CA ARG B 446 -21.11 17.92 32.83
C ARG B 446 -20.02 17.01 33.39
N PHE B 447 -20.12 15.71 33.15
CA PHE B 447 -19.10 14.78 33.62
C PHE B 447 -17.90 14.69 32.69
N LYS B 448 -17.93 15.40 31.56
CA LYS B 448 -16.85 15.42 30.58
C LYS B 448 -16.52 14.03 30.06
N MET B 449 -17.53 13.17 29.95
CA MET B 449 -17.30 11.82 29.46
C MET B 449 -17.31 11.78 27.93
N GLU B 450 -16.49 10.86 27.39
CA GLU B 450 -16.44 10.61 25.95
C GLU B 450 -16.79 9.16 25.65
N ARG B 451 -17.66 8.55 26.44
CA ARG B 451 -18.02 7.15 26.23
C ARG B 451 -18.82 6.99 24.95
N ALA B 452 -18.44 5.98 24.15
CA ALA B 452 -19.06 5.73 22.87
C ALA B 452 -19.37 4.25 22.73
N GLY B 453 -20.36 3.94 21.90
CA GLY B 453 -20.75 2.57 21.66
C GLY B 453 -21.35 1.88 22.86
N VAL B 454 -22.22 2.58 23.60
CA VAL B 454 -22.84 1.98 24.78
C VAL B 454 -23.84 0.90 24.38
N THR B 455 -24.66 1.18 23.38
CA THR B 455 -25.78 0.32 23.01
C THR B 455 -25.48 -0.42 21.72
N HIS B 456 -25.93 -1.68 21.65
CA HIS B 456 -25.85 -2.43 20.40
C HIS B 456 -27.16 -3.14 20.11
N VAL B 457 -27.38 -3.43 18.84
CA VAL B 457 -28.64 -3.97 18.36
C VAL B 457 -28.73 -5.44 18.71
N LEU B 458 -29.83 -5.84 19.34
CA LEU B 458 -30.07 -7.24 19.68
C LEU B 458 -30.35 -8.02 18.42
N SER B 459 -29.37 -8.78 17.94
CA SER B 459 -29.49 -9.51 16.68
C SER B 459 -30.31 -10.75 16.89
N ARG B 460 -31.40 -10.89 16.14
CA ARG B 460 -32.29 -12.04 16.23
C ARG B 460 -31.92 -13.03 15.15
N LEU B 461 -31.12 -14.01 15.50
CA LEU B 461 -30.79 -15.10 14.60
C LEU B 461 -31.19 -16.45 15.18
N SER B 462 -30.97 -16.66 16.46
CA SER B 462 -31.45 -17.84 17.16
C SER B 462 -31.74 -17.42 18.59
N TYR B 463 -32.44 -18.30 19.32
CA TYR B 463 -32.73 -18.00 20.71
C TYR B 463 -31.44 -17.89 21.52
N ILE B 464 -30.48 -18.76 21.22
CA ILE B 464 -29.19 -18.70 21.91
C ILE B 464 -28.44 -17.42 21.54
N SER B 465 -28.68 -16.89 20.34
CA SER B 465 -28.02 -15.64 19.95
C SER B 465 -28.53 -14.46 20.75
N ALA B 466 -29.84 -14.39 20.96
CA ALA B 466 -30.41 -13.32 21.79
C ALA B 466 -30.03 -13.50 23.25
N LEU B 467 -29.89 -14.75 23.69
CA LEU B 467 -29.44 -14.99 25.06
C LEU B 467 -27.95 -14.66 25.21
N GLY B 468 -27.20 -14.70 24.13
CA GLY B 468 -25.76 -14.51 24.22
C GLY B 468 -25.32 -13.08 24.02
N MET B 469 -26.03 -12.32 23.17
CA MET B 469 -25.80 -10.88 23.14
C MET B 469 -26.16 -10.27 24.48
N MET B 470 -27.24 -10.74 25.10
CA MET B 470 -27.49 -10.47 26.49
C MET B 470 -26.41 -11.14 27.32
N THR B 471 -26.13 -10.57 28.50
CA THR B 471 -25.02 -11.00 29.36
C THR B 471 -23.69 -10.97 28.61
N ARG B 472 -23.38 -9.81 28.05
CA ARG B 472 -22.10 -9.53 27.43
C ARG B 472 -21.39 -8.43 28.20
N ILE B 473 -20.06 -8.46 28.18
CA ILE B 473 -19.23 -7.50 28.89
C ILE B 473 -18.23 -6.94 27.89
N SER B 474 -18.21 -5.63 27.73
CA SER B 474 -17.30 -5.00 26.77
C SER B 474 -15.90 -4.89 27.37
N SER B 475 -15.06 -4.10 26.71
CA SER B 475 -13.68 -3.89 27.14
C SER B 475 -13.42 -2.40 27.31
N GLN B 476 -12.70 -2.06 28.39
CA GLN B 476 -12.24 -0.69 28.57
C GLN B 476 -11.14 -0.34 27.57
N PHE B 477 -10.39 -1.34 27.12
CA PHE B 477 -9.35 -1.15 26.11
C PHE B 477 -9.97 -1.39 24.74
N GLU B 478 -10.04 -0.35 23.91
CA GLU B 478 -10.63 -0.48 22.59
C GLU B 478 -9.76 -1.35 21.68
N LYS B 479 -8.46 -1.08 21.65
CA LYS B 479 -7.54 -1.82 20.80
C LYS B 479 -6.31 -2.18 21.59
N SER B 480 -5.67 -3.28 21.19
CA SER B 480 -4.48 -3.77 21.87
C SER B 480 -3.54 -4.40 20.85
N ARG B 481 -2.28 -4.55 21.26
CA ARG B 481 -1.26 -5.11 20.40
C ARG B 481 -0.42 -6.17 21.12
N LYS B 482 -0.48 -6.23 22.45
CA LYS B 482 0.41 -7.04 23.25
C LYS B 482 -0.21 -8.41 23.51
N VAL B 483 0.55 -9.46 23.27
CA VAL B 483 0.15 -10.81 23.64
C VAL B 483 0.21 -10.95 25.15
N SER B 484 -0.71 -11.75 25.71
CA SER B 484 -0.88 -11.92 27.15
C SER B 484 -1.15 -10.61 27.86
N GLY B 485 -1.75 -9.65 27.17
CA GLY B 485 -2.14 -8.39 27.77
C GLY B 485 -3.55 -8.49 28.32
N PRO B 486 -4.41 -7.53 27.97
CA PRO B 486 -5.77 -7.52 28.50
C PRO B 486 -6.67 -8.60 27.93
N ARG B 487 -6.14 -9.43 27.04
CA ARG B 487 -6.92 -10.47 26.38
C ARG B 487 -6.62 -11.88 26.85
N ALA B 488 -5.66 -12.07 27.75
CA ALA B 488 -5.34 -13.41 28.21
C ALA B 488 -6.42 -13.93 29.15
N LEU B 489 -6.67 -15.24 29.08
CA LEU B 489 -7.61 -15.91 29.98
C LEU B 489 -6.87 -16.23 31.27
N GLN B 490 -7.04 -15.40 32.29
CA GLN B 490 -6.36 -15.65 33.54
C GLN B 490 -7.14 -16.64 34.41
N PRO B 491 -6.44 -17.43 35.23
CA PRO B 491 -7.14 -18.39 36.09
C PRO B 491 -7.98 -17.75 37.17
N SER B 492 -7.91 -16.43 37.33
CA SER B 492 -8.83 -15.73 38.21
C SER B 492 -10.28 -15.83 37.73
N GLN B 493 -10.48 -16.18 36.46
CA GLN B 493 -11.77 -16.08 35.79
C GLN B 493 -12.57 -17.39 35.90
N PHE B 494 -12.21 -18.25 36.87
CA PHE B 494 -12.91 -19.52 37.04
C PHE B 494 -14.29 -19.26 37.62
N GLY B 495 -15.31 -19.47 36.81
CA GLY B 495 -16.67 -19.36 37.29
C GLY B 495 -17.21 -17.96 37.39
N MET B 496 -16.40 -16.94 37.15
CA MET B 496 -16.85 -15.56 37.08
C MET B 496 -17.34 -15.23 35.69
N LEU B 497 -16.47 -15.40 34.71
CA LEU B 497 -16.78 -15.24 33.30
C LEU B 497 -16.50 -16.57 32.61
N CYS B 498 -17.17 -16.82 31.50
CA CYS B 498 -17.00 -18.10 30.81
C CYS B 498 -15.59 -18.25 30.28
N THR B 499 -15.09 -19.48 30.37
CA THR B 499 -13.75 -19.84 29.90
C THR B 499 -13.80 -20.48 28.52
N ALA B 500 -14.87 -20.25 27.76
CA ALA B 500 -14.94 -20.79 26.41
C ALA B 500 -15.46 -19.83 25.36
N ASP B 501 -16.07 -18.71 25.73
CA ASP B 501 -16.67 -17.79 24.77
C ASP B 501 -15.81 -16.56 24.61
N THR B 502 -15.39 -16.30 23.38
CA THR B 502 -14.67 -15.09 22.98
C THR B 502 -14.72 -14.95 21.46
N PRO B 503 -14.96 -13.76 20.94
CA PRO B 503 -15.03 -13.59 19.48
C PRO B 503 -13.66 -13.67 18.85
N GLU B 504 -13.45 -14.67 17.98
CA GLU B 504 -12.19 -14.78 17.27
C GLU B 504 -12.00 -13.61 16.32
N GLY B 505 -10.77 -13.15 16.18
CA GLY B 505 -10.46 -12.05 15.30
C GLY B 505 -9.67 -10.98 16.03
N GLU B 506 -9.82 -9.74 15.56
CA GLU B 506 -9.10 -8.63 16.16
C GLU B 506 -9.63 -8.33 17.57
N ALA B 507 -10.92 -8.54 17.80
CA ALA B 507 -11.52 -8.33 19.12
C ALA B 507 -11.61 -9.66 19.87
N CYS B 508 -10.45 -10.25 20.12
CA CYS B 508 -10.35 -11.55 20.78
C CYS B 508 -9.87 -11.34 22.21
N GLY B 509 -10.60 -11.90 23.17
CA GLY B 509 -10.28 -11.76 24.57
C GLY B 509 -10.80 -10.50 25.23
N LEU B 510 -10.97 -9.42 24.46
CA LEU B 510 -11.49 -8.18 25.03
C LEU B 510 -12.96 -8.31 25.40
N VAL B 511 -13.71 -9.11 24.65
CA VAL B 511 -15.13 -9.33 24.90
C VAL B 511 -15.31 -10.71 25.51
N LYS B 512 -15.94 -10.77 26.68
CA LYS B 512 -16.06 -12.02 27.41
C LYS B 512 -17.38 -12.04 28.15
N ASN B 513 -18.21 -13.04 27.87
CA ASN B 513 -19.53 -13.09 28.48
C ASN B 513 -19.47 -13.77 29.85
N LEU B 514 -20.61 -13.81 30.52
CA LEU B 514 -20.71 -14.27 31.90
C LEU B 514 -20.93 -15.77 31.99
N ALA B 515 -20.69 -16.30 33.17
CA ALA B 515 -20.90 -17.71 33.43
C ALA B 515 -22.39 -17.97 33.68
N LEU B 516 -22.72 -19.23 33.91
CA LEU B 516 -24.12 -19.59 34.10
C LEU B 516 -24.66 -19.14 35.44
N MET B 517 -23.87 -19.28 36.50
CA MET B 517 -24.35 -19.03 37.86
C MET B 517 -23.43 -17.98 38.50
N THR B 518 -23.74 -16.71 38.24
CA THR B 518 -23.06 -15.59 38.85
C THR B 518 -24.12 -14.58 39.30
N HIS B 519 -23.69 -13.64 40.14
CA HIS B 519 -24.54 -12.56 40.60
C HIS B 519 -23.69 -11.31 40.71
N ILE B 520 -24.26 -10.17 40.38
CA ILE B 520 -23.53 -8.91 40.47
C ILE B 520 -23.90 -8.22 41.77
N THR B 521 -22.89 -7.81 42.53
CA THR B 521 -23.12 -7.22 43.84
C THR B 521 -23.70 -5.82 43.72
N THR B 522 -24.74 -5.55 44.48
CA THR B 522 -25.32 -4.22 44.56
C THR B 522 -24.69 -3.45 45.71
N ASP B 523 -24.70 -2.12 45.59
CA ASP B 523 -24.02 -1.28 46.57
C ASP B 523 -24.73 -1.33 47.92
N ASP B 524 -23.92 -1.31 48.98
CA ASP B 524 -24.41 -1.32 50.35
C ASP B 524 -23.69 -0.24 51.14
N GLU B 525 -24.39 0.36 52.09
CA GLU B 525 -23.82 1.45 52.89
C GLU B 525 -22.66 0.93 53.73
N GLU B 526 -21.58 1.71 53.78
CA GLU B 526 -20.35 1.29 54.42
C GLU B 526 -20.15 1.86 55.81
N GLU B 527 -20.84 2.95 56.15
CA GLU B 527 -20.74 3.48 57.51
C GLU B 527 -21.22 2.51 58.59
N PRO B 528 -22.35 1.78 58.46
CA PRO B 528 -22.64 0.75 59.46
C PRO B 528 -21.57 -0.33 59.53
N ILE B 529 -20.93 -0.64 58.39
CA ILE B 529 -19.82 -1.57 58.40
C ILE B 529 -18.65 -0.98 59.20
N LYS B 530 -18.44 0.33 59.09
CA LYS B 530 -17.38 0.98 59.86
C LYS B 530 -17.65 0.89 61.36
N LYS B 531 -18.88 1.21 61.77
CA LYS B 531 -19.23 1.12 63.19
C LYS B 531 -19.13 -0.32 63.70
N LEU B 532 -19.59 -1.28 62.89
CA LEU B 532 -19.50 -2.68 63.27
C LEU B 532 -18.05 -3.15 63.40
N CYS B 533 -17.19 -2.73 62.48
CA CYS B 533 -15.79 -3.10 62.56
C CYS B 533 -15.11 -2.47 63.77
N TYR B 534 -15.51 -1.25 64.12
CA TYR B 534 -14.98 -0.63 65.34
C TYR B 534 -15.42 -1.40 66.57
N VAL B 535 -16.69 -1.84 66.60
CA VAL B 535 -17.21 -2.59 67.73
C VAL B 535 -16.51 -3.93 67.87
N LEU B 536 -16.24 -4.60 66.73
CA LEU B 536 -15.75 -5.97 66.76
C LEU B 536 -14.34 -6.12 67.33
N GLY B 537 -13.59 -5.04 67.45
CA GLY B 537 -12.29 -5.14 68.10
C GLY B 537 -11.15 -4.40 67.44
N VAL B 538 -11.45 -3.60 66.42
CA VAL B 538 -10.43 -2.81 65.73
C VAL B 538 -10.33 -1.45 66.41
N GLU B 539 -9.14 -1.14 66.92
CA GLU B 539 -8.91 0.17 67.53
C GLU B 539 -8.89 1.25 66.46
N ASP B 540 -9.39 2.43 66.81
CA ASP B 540 -9.58 3.51 65.85
C ASP B 540 -8.24 4.09 65.41
N ILE B 541 -8.27 4.82 64.29
CA ILE B 541 -7.08 5.52 63.81
C ILE B 541 -6.81 6.78 64.63
N THR B 542 -7.77 7.24 65.42
CA THR B 542 -7.56 8.42 66.25
C THR B 542 -6.64 8.12 67.43
N LEU B 543 -6.64 6.88 67.90
CA LEU B 543 -5.99 6.51 69.15
C LEU B 543 -4.77 5.60 68.94
N ILE B 544 -4.22 5.57 67.73
CA ILE B 544 -3.01 4.82 67.42
C ILE B 544 -1.90 5.79 67.06
N ASP B 545 -0.75 5.65 67.73
CA ASP B 545 0.41 6.47 67.46
C ASP B 545 1.11 6.00 66.19
N SER B 546 1.98 6.86 65.66
CA SER B 546 2.66 6.58 64.40
C SER B 546 3.77 5.54 64.55
N ALA B 547 4.29 5.33 65.76
CA ALA B 547 5.40 4.41 65.94
C ALA B 547 4.96 2.98 66.21
N SER B 548 3.67 2.74 66.42
CA SER B 548 3.15 1.40 66.66
C SER B 548 2.06 1.00 65.68
N LEU B 549 1.92 1.73 64.57
CA LEU B 549 0.87 1.42 63.60
C LEU B 549 1.08 0.06 62.96
N HIS B 550 2.32 -0.27 62.62
CA HIS B 550 2.63 -1.47 61.86
C HIS B 550 3.14 -2.62 62.72
N LEU B 551 3.02 -2.51 64.04
CA LEU B 551 3.16 -3.69 64.88
C LEU B 551 1.86 -4.47 64.97
N ASN B 552 0.80 -3.98 64.33
CA ASN B 552 -0.50 -4.64 64.31
C ASN B 552 -0.95 -4.77 62.85
N TYR B 553 -2.10 -5.40 62.62
CA TYR B 553 -2.50 -5.72 61.26
C TYR B 553 -3.51 -4.70 60.77
N GLY B 554 -3.16 -3.97 59.73
CA GLY B 554 -4.01 -2.89 59.26
C GLY B 554 -5.26 -3.35 58.53
N VAL B 555 -6.41 -2.95 59.03
CA VAL B 555 -7.68 -3.26 58.37
C VAL B 555 -7.97 -2.20 57.33
N TYR B 556 -8.36 -2.64 56.14
CA TYR B 556 -8.64 -1.74 55.02
C TYR B 556 -10.12 -1.84 54.67
N LEU B 557 -10.74 -0.72 54.34
CA LEU B 557 -12.14 -0.66 53.95
C LEU B 557 -12.24 0.22 52.72
N ASN B 558 -12.52 -0.40 51.56
CA ASN B 558 -12.53 0.28 50.27
C ASN B 558 -11.23 1.03 50.02
N GLY B 559 -10.12 0.41 50.38
CA GLY B 559 -8.80 1.01 50.20
C GLY B 559 -8.46 2.10 51.19
N THR B 560 -9.41 2.51 52.04
CA THR B 560 -9.18 3.54 53.05
C THR B 560 -8.95 2.82 54.38
N LEU B 561 -7.80 3.07 54.98
CA LEU B 561 -7.44 2.39 56.21
C LEU B 561 -8.32 2.88 57.35
N ILE B 562 -8.71 1.95 58.23
CA ILE B 562 -9.60 2.26 59.34
C ILE B 562 -8.91 2.10 60.69
N GLY B 563 -8.05 1.09 60.83
CA GLY B 563 -7.46 0.83 62.13
C GLY B 563 -6.66 -0.46 62.10
N SER B 564 -6.49 -1.06 63.27
CA SER B 564 -5.65 -2.23 63.40
C SER B 564 -6.36 -3.33 64.19
N ILE B 565 -6.06 -4.57 63.82
CA ILE B 565 -6.56 -5.75 64.51
C ILE B 565 -5.35 -6.61 64.87
N ARG B 566 -5.49 -7.38 65.95
CA ARG B 566 -4.36 -8.13 66.51
C ARG B 566 -4.24 -9.53 65.92
N PHE B 567 -5.25 -10.37 66.14
CA PHE B 567 -5.26 -11.73 65.60
C PHE B 567 -6.36 -11.85 64.54
N PRO B 568 -6.00 -11.92 63.26
CA PRO B 568 -7.01 -11.85 62.20
C PRO B 568 -7.97 -13.02 62.19
N THR B 569 -7.59 -14.16 62.78
CA THR B 569 -8.44 -15.34 62.70
C THR B 569 -9.78 -15.14 63.42
N LYS B 570 -9.75 -14.53 64.61
CA LYS B 570 -11.01 -14.32 65.32
C LYS B 570 -11.86 -13.25 64.65
N PHE B 571 -11.25 -12.18 64.15
CA PHE B 571 -12.02 -11.13 63.49
C PHE B 571 -12.67 -11.67 62.22
N VAL B 572 -11.91 -12.40 61.42
CA VAL B 572 -12.43 -12.96 60.17
C VAL B 572 -13.49 -14.00 60.45
N THR B 573 -13.29 -14.86 61.46
CA THR B 573 -14.28 -15.87 61.79
C THR B 573 -15.56 -15.24 62.33
N GLN B 574 -15.44 -14.17 63.11
CA GLN B 574 -16.62 -13.47 63.60
C GLN B 574 -17.38 -12.83 62.45
N PHE B 575 -16.67 -12.24 61.49
CA PHE B 575 -17.35 -11.63 60.36
C PHE B 575 -18.02 -12.68 59.48
N ARG B 576 -17.36 -13.84 59.30
CA ARG B 576 -17.96 -14.93 58.55
C ARG B 576 -19.23 -15.45 59.24
N HIS B 577 -19.17 -15.62 60.55
CA HIS B 577 -20.33 -16.07 61.31
C HIS B 577 -21.45 -15.04 61.24
N LEU B 578 -21.10 -13.76 61.26
CA LEU B 578 -22.10 -12.70 61.21
C LEU B 578 -22.77 -12.64 59.84
N ARG B 579 -21.99 -12.90 58.79
CA ARG B 579 -22.58 -12.97 57.45
C ARG B 579 -23.46 -14.20 57.31
N ARG B 580 -23.07 -15.31 57.93
CA ARG B 580 -23.89 -16.52 57.88
C ARG B 580 -25.21 -16.33 58.60
N THR B 581 -25.19 -15.70 59.78
CA THR B 581 -26.42 -15.60 60.57
C THR B 581 -27.38 -14.58 59.99
N GLY B 582 -26.89 -13.65 59.17
CA GLY B 582 -27.74 -12.73 58.47
C GLY B 582 -27.98 -11.40 59.16
N LYS B 583 -27.24 -11.06 60.21
CA LYS B 583 -27.41 -9.75 60.84
C LYS B 583 -26.90 -8.64 59.94
N VAL B 584 -25.94 -8.94 59.08
CA VAL B 584 -25.45 -7.99 58.09
C VAL B 584 -25.84 -8.49 56.71
N SER B 585 -25.53 -7.72 55.68
CA SER B 585 -25.80 -8.15 54.31
C SER B 585 -24.87 -9.30 53.93
N GLU B 586 -25.36 -10.15 53.03
CA GLU B 586 -24.62 -11.32 52.58
C GLU B 586 -23.71 -11.02 51.40
N PHE B 587 -23.33 -9.75 51.21
CA PHE B 587 -22.55 -9.37 50.03
C PHE B 587 -21.20 -8.75 50.38
N ILE B 588 -20.99 -8.33 51.63
CA ILE B 588 -19.73 -7.72 52.02
C ILE B 588 -18.64 -8.78 52.02
N SER B 589 -17.49 -8.45 51.46
CA SER B 589 -16.40 -9.41 51.31
C SER B 589 -15.28 -9.10 52.30
N ILE B 590 -14.65 -10.15 52.81
CA ILE B 590 -13.55 -10.03 53.75
C ILE B 590 -12.49 -11.08 53.39
N TYR B 591 -11.22 -10.66 53.38
CA TYR B 591 -10.14 -11.60 53.09
C TYR B 591 -8.83 -11.08 53.66
N SER B 592 -8.01 -12.01 54.15
CA SER B 592 -6.68 -11.67 54.63
C SER B 592 -5.66 -11.77 53.50
N ASN B 593 -4.52 -11.12 53.69
CA ASN B 593 -3.45 -11.11 52.69
C ASN B 593 -2.13 -11.03 53.43
N SER B 594 -1.34 -12.11 53.39
CA SER B 594 -0.12 -12.18 54.19
C SER B 594 1.01 -11.34 53.59
N HIS B 595 1.04 -11.17 52.27
CA HIS B 595 2.09 -10.36 51.66
C HIS B 595 1.95 -8.89 51.99
N GLN B 596 0.72 -8.38 52.02
CA GLN B 596 0.48 -7.05 52.55
C GLN B 596 0.20 -7.10 54.03
N MET B 597 0.20 -8.32 54.58
CA MET B 597 0.37 -8.58 56.01
C MET B 597 -0.80 -7.97 56.77
N ALA B 598 -1.96 -7.97 56.10
CA ALA B 598 -3.12 -7.19 56.52
C ALA B 598 -4.40 -7.96 56.17
N VAL B 599 -5.53 -7.29 56.37
CA VAL B 599 -6.84 -7.85 56.02
C VAL B 599 -7.67 -6.75 55.36
N HIS B 600 -8.38 -7.11 54.29
CA HIS B 600 -9.25 -6.19 53.57
C HIS B 600 -10.71 -6.57 53.76
N ILE B 601 -11.56 -5.55 53.87
CA ILE B 601 -13.00 -5.68 53.78
C ILE B 601 -13.50 -4.76 52.68
N ALA B 602 -14.25 -5.31 51.73
CA ALA B 602 -14.81 -4.55 50.63
C ALA B 602 -16.33 -4.53 50.72
N THR B 603 -16.89 -3.32 50.55
CA THR B 603 -18.32 -3.09 50.57
C THR B 603 -18.84 -2.51 49.26
N ASP B 604 -18.02 -2.43 48.23
CA ASP B 604 -18.41 -1.77 46.99
C ASP B 604 -19.48 -2.58 46.26
N GLY B 605 -20.20 -1.89 45.37
CA GLY B 605 -21.20 -2.51 44.52
C GLY B 605 -20.75 -2.48 43.07
N GLY B 606 -20.75 -3.65 42.45
CA GLY B 606 -20.24 -3.78 41.10
C GLY B 606 -19.21 -4.87 40.99
N ARG B 607 -19.12 -5.71 42.02
CA ARG B 607 -18.19 -6.83 42.06
C ARG B 607 -18.91 -8.10 41.62
N ILE B 608 -18.14 -9.05 41.11
CA ILE B 608 -18.68 -10.29 40.55
C ILE B 608 -18.53 -11.40 41.58
N CYS B 609 -19.60 -12.16 41.78
CA CYS B 609 -19.66 -13.16 42.84
C CYS B 609 -20.27 -14.45 42.31
N ARG B 610 -20.16 -15.50 43.15
CA ARG B 610 -20.65 -16.84 42.85
C ARG B 610 -21.06 -17.53 44.13
N PRO B 611 -22.18 -18.26 44.13
CA PRO B 611 -22.60 -18.97 45.35
C PRO B 611 -21.96 -20.34 45.49
N LEU B 612 -21.44 -20.62 46.68
CA LEU B 612 -20.78 -21.88 47.01
C LEU B 612 -21.41 -22.43 48.27
N ILE B 613 -21.05 -23.67 48.60
CA ILE B 613 -21.60 -24.35 49.78
C ILE B 613 -20.53 -24.38 50.86
N ILE B 614 -20.82 -23.78 52.02
CA ILE B 614 -19.86 -23.76 53.11
C ILE B 614 -19.68 -25.18 53.64
N VAL B 615 -18.44 -25.57 53.87
CA VAL B 615 -18.12 -26.90 54.40
C VAL B 615 -17.23 -26.72 55.63
N SER B 616 -17.57 -27.43 56.70
CA SER B 616 -16.82 -27.36 57.95
C SER B 616 -16.86 -28.72 58.63
N ASP B 617 -15.77 -29.05 59.32
CA ASP B 617 -15.61 -30.33 60.03
C ASP B 617 -15.75 -31.51 59.06
N GLY B 618 -15.31 -31.30 57.83
CA GLY B 618 -15.34 -32.37 56.83
C GLY B 618 -16.71 -32.89 56.48
N GLN B 619 -17.71 -32.01 56.37
CA GLN B 619 -19.05 -32.42 56.00
C GLN B 619 -19.77 -31.25 55.35
N SER B 620 -20.35 -31.48 54.19
CA SER B 620 -21.08 -30.44 53.49
C SER B 620 -22.28 -30.00 54.31
N ARG B 621 -22.50 -28.68 54.36
CA ARG B 621 -23.58 -28.15 55.17
C ARG B 621 -24.95 -28.49 54.62
N VAL B 622 -25.06 -28.74 53.31
CA VAL B 622 -26.33 -29.17 52.72
C VAL B 622 -26.33 -30.69 52.77
N LYS B 623 -27.07 -31.23 53.75
CA LYS B 623 -27.21 -32.66 53.90
C LYS B 623 -28.26 -33.17 52.91
N ASP B 624 -28.58 -34.46 52.97
CA ASP B 624 -29.60 -35.00 52.09
C ASP B 624 -30.99 -34.52 52.47
N ILE B 625 -31.21 -34.16 53.73
CA ILE B 625 -32.53 -33.76 54.18
C ILE B 625 -32.88 -32.38 53.60
N HIS B 626 -31.90 -31.48 53.54
CA HIS B 626 -32.11 -30.19 52.92
C HIS B 626 -32.37 -30.32 51.43
N LEU B 627 -31.66 -31.25 50.77
CA LEU B 627 -31.95 -31.54 49.37
C LEU B 627 -33.34 -32.10 49.20
N ARG B 628 -33.82 -32.88 50.18
CA ARG B 628 -35.19 -33.39 50.13
C ARG B 628 -36.20 -32.24 50.24
N LYS B 629 -35.93 -31.27 51.13
CA LYS B 629 -36.80 -30.09 51.19
C LYS B 629 -36.80 -29.31 49.88
N LEU B 630 -35.63 -29.18 49.24
CA LEU B 630 -35.58 -28.48 47.96
C LEU B 630 -36.39 -29.23 46.90
N LEU B 631 -36.21 -30.56 46.84
CA LEU B 631 -36.90 -31.34 45.82
C LEU B 631 -38.40 -31.42 46.08
N ASP B 632 -38.82 -31.22 47.33
CA ASP B 632 -40.25 -31.16 47.62
C ASP B 632 -40.89 -29.86 47.16
N GLY B 633 -40.10 -28.87 46.71
CA GLY B 633 -40.60 -27.62 46.23
C GLY B 633 -40.47 -26.46 47.19
N GLU B 634 -40.19 -26.73 48.46
CA GLU B 634 -40.02 -25.69 49.45
C GLU B 634 -38.54 -25.39 49.65
N LEU B 635 -38.26 -24.41 50.52
CA LEU B 635 -36.90 -24.01 50.89
C LEU B 635 -36.11 -23.57 49.65
N ASP B 636 -36.57 -22.46 49.07
CA ASP B 636 -35.95 -21.87 47.91
C ASP B 636 -34.52 -21.43 48.25
N PHE B 637 -33.72 -21.15 47.20
CA PHE B 637 -32.32 -20.77 47.38
C PHE B 637 -32.15 -19.57 48.29
N ASP B 638 -33.15 -18.68 48.33
CA ASP B 638 -33.15 -17.61 49.31
C ASP B 638 -33.18 -18.16 50.73
N ASP B 639 -33.97 -19.21 50.96
CA ASP B 639 -34.03 -19.80 52.29
C ASP B 639 -32.71 -20.44 52.70
N PHE B 640 -32.04 -21.11 51.75
CA PHE B 640 -30.73 -21.67 52.03
C PHE B 640 -29.71 -20.57 52.28
N LEU B 641 -29.89 -19.41 51.65
CA LEU B 641 -29.07 -18.25 51.98
C LEU B 641 -29.30 -17.82 53.42
N LYS B 642 -30.57 -17.76 53.84
CA LYS B 642 -30.89 -17.29 55.19
C LYS B 642 -30.39 -18.25 56.26
N LEU B 643 -30.51 -19.55 56.05
CA LEU B 643 -30.01 -20.51 57.04
C LEU B 643 -28.48 -20.57 57.06
N GLY B 644 -27.81 -19.94 56.11
CA GLY B 644 -26.36 -19.94 56.10
C GLY B 644 -25.72 -21.16 55.48
N LEU B 645 -26.39 -21.83 54.55
CA LEU B 645 -25.82 -23.00 53.90
C LEU B 645 -24.94 -22.60 52.72
N VAL B 646 -25.40 -21.63 51.94
CA VAL B 646 -24.66 -21.17 50.76
C VAL B 646 -24.21 -19.74 51.00
N GLU B 647 -23.06 -19.40 50.42
CA GLU B 647 -22.48 -18.07 50.58
C GLU B 647 -21.97 -17.54 49.25
N TYR B 648 -22.06 -16.23 49.08
CA TYR B 648 -21.53 -15.57 47.91
C TYR B 648 -20.06 -15.26 48.12
N LEU B 649 -19.23 -15.61 47.13
CA LEU B 649 -17.80 -15.35 47.16
C LEU B 649 -17.39 -14.60 45.91
N ASP B 650 -16.55 -13.59 46.07
CA ASP B 650 -15.87 -13.00 44.93
C ASP B 650 -14.42 -13.50 44.87
N VAL B 651 -13.72 -13.12 43.80
CA VAL B 651 -12.35 -13.58 43.61
C VAL B 651 -11.43 -13.07 44.71
N ASN B 652 -11.77 -11.91 45.28
CA ASN B 652 -11.01 -11.43 46.43
C ASN B 652 -11.19 -12.35 47.63
N GLU B 653 -12.40 -12.86 47.84
CA GLU B 653 -12.64 -13.75 48.96
C GLU B 653 -12.10 -15.15 48.70
N GLU B 654 -12.10 -15.59 47.44
CA GLU B 654 -11.62 -16.93 47.13
C GLU B 654 -10.12 -17.05 47.30
N ASN B 655 -9.40 -15.94 47.47
CA ASN B 655 -7.96 -15.97 47.56
C ASN B 655 -7.49 -16.66 48.83
N ASP B 656 -8.21 -16.53 49.95
CA ASP B 656 -7.78 -17.15 51.19
C ASP B 656 -8.60 -18.39 51.58
N SER B 657 -9.67 -18.70 50.86
CA SER B 657 -10.48 -19.86 51.20
C SER B 657 -9.93 -21.09 50.49
N TYR B 658 -10.62 -22.22 50.64
CA TYR B 658 -10.17 -23.49 50.07
C TYR B 658 -11.40 -24.23 49.57
N ILE B 659 -11.55 -24.34 48.25
CA ILE B 659 -12.76 -24.84 47.61
C ILE B 659 -12.52 -26.25 47.10
N ALA B 660 -13.53 -27.10 47.21
CA ALA B 660 -13.47 -28.47 46.72
C ALA B 660 -14.39 -28.65 45.53
N LEU B 661 -14.04 -29.60 44.65
CA LEU B 661 -14.81 -29.82 43.44
C LEU B 661 -15.90 -30.85 43.64
N TYR B 662 -15.53 -32.09 43.89
CA TYR B 662 -16.48 -33.17 44.11
C TYR B 662 -16.56 -33.49 45.60
N GLU B 663 -17.51 -34.36 45.95
CA GLU B 663 -17.65 -34.77 47.34
C GLU B 663 -16.49 -35.69 47.75
N LYS B 664 -15.95 -36.44 46.80
CA LYS B 664 -14.86 -37.37 47.10
C LYS B 664 -13.58 -36.65 47.49
N ASP B 665 -13.43 -35.39 47.11
CA ASP B 665 -12.20 -34.65 47.33
C ASP B 665 -12.29 -33.76 48.57
N ILE B 666 -12.95 -34.23 49.62
CA ILE B 666 -13.05 -33.44 50.85
C ILE B 666 -11.82 -33.70 51.71
N VAL B 667 -11.22 -32.63 52.22
CA VAL B 667 -10.18 -32.73 53.25
C VAL B 667 -10.61 -31.80 54.38
N PRO B 668 -10.14 -32.00 55.61
CA PRO B 668 -10.56 -31.13 56.71
C PRO B 668 -10.16 -29.67 56.53
N SER B 669 -9.23 -29.36 55.64
CA SER B 669 -8.75 -27.99 55.48
C SER B 669 -9.59 -27.17 54.52
N MET B 670 -10.61 -27.74 53.88
CA MET B 670 -11.46 -26.95 53.01
C MET B 670 -12.35 -26.00 53.82
N THR B 671 -12.91 -25.03 53.11
CA THR B 671 -13.85 -24.11 53.73
C THR B 671 -15.12 -24.06 52.90
N HIS B 672 -15.01 -24.26 51.59
CA HIS B 672 -16.17 -24.23 50.71
C HIS B 672 -16.14 -25.41 49.75
N LEU B 673 -17.25 -25.56 49.04
CA LEU B 673 -17.47 -26.60 48.04
C LEU B 673 -18.12 -25.97 46.83
N GLU B 674 -17.65 -26.35 45.64
CA GLU B 674 -18.27 -25.89 44.41
C GLU B 674 -19.60 -26.60 44.21
N ILE B 675 -20.62 -25.82 43.88
CA ILE B 675 -21.98 -26.35 43.88
C ILE B 675 -22.22 -27.27 42.67
N GLU B 676 -21.68 -26.90 41.51
CA GLU B 676 -21.57 -27.83 40.38
C GLU B 676 -20.39 -27.38 39.51
N PRO B 677 -19.64 -28.32 38.92
CA PRO B 677 -18.50 -27.92 38.09
C PRO B 677 -18.90 -27.21 36.81
N PHE B 678 -19.98 -27.64 36.16
CA PHE B 678 -20.30 -27.07 34.83
C PHE B 678 -20.82 -25.64 34.89
N THR B 679 -20.75 -24.98 36.06
CA THR B 679 -20.85 -23.53 36.10
C THR B 679 -19.71 -22.89 35.31
N ILE B 680 -18.55 -23.56 35.21
CA ILE B 680 -17.41 -23.02 34.47
C ILE B 680 -17.72 -22.79 33.00
N LEU B 681 -18.68 -23.50 32.42
CA LEU B 681 -19.12 -23.23 31.05
C LEU B 681 -20.25 -22.22 31.08
N GLY B 682 -20.29 -21.37 30.05
CA GLY B 682 -21.29 -20.33 29.96
C GLY B 682 -22.58 -20.84 29.34
N ALA B 683 -23.47 -19.89 29.06
CA ALA B 683 -24.77 -20.25 28.47
C ALA B 683 -24.63 -20.65 27.02
N VAL B 684 -23.87 -19.89 26.23
CA VAL B 684 -23.68 -20.22 24.82
C VAL B 684 -22.87 -21.49 24.66
N ALA B 685 -21.84 -21.68 25.48
CA ALA B 685 -21.05 -22.90 25.43
C ALA B 685 -21.79 -24.08 26.03
N GLY B 686 -22.93 -23.86 26.67
CA GLY B 686 -23.65 -24.94 27.31
C GLY B 686 -24.25 -25.95 26.34
N LEU B 687 -24.42 -25.56 25.08
CA LEU B 687 -25.01 -26.47 24.12
C LEU B 687 -24.04 -27.57 23.68
N ILE B 688 -22.75 -27.40 23.91
CA ILE B 688 -21.76 -28.32 23.37
C ILE B 688 -21.84 -29.66 24.10
N PRO B 689 -21.99 -30.77 23.39
CA PRO B 689 -22.09 -32.06 24.07
C PRO B 689 -20.72 -32.66 24.34
N TYR B 690 -20.48 -33.06 25.58
CA TYR B 690 -19.19 -33.55 26.04
C TYR B 690 -18.02 -32.64 25.66
N PRO B 691 -18.04 -31.36 26.05
CA PRO B 691 -16.95 -30.47 25.64
C PRO B 691 -15.69 -30.62 26.47
N HIS B 692 -15.72 -31.38 27.56
CA HIS B 692 -14.45 -31.62 28.23
C HIS B 692 -13.60 -32.64 27.48
N HIS B 693 -14.19 -33.40 26.56
CA HIS B 693 -13.41 -34.28 25.70
C HIS B 693 -12.85 -33.57 24.48
N ASN B 694 -13.37 -32.40 24.14
CA ASN B 694 -12.93 -31.71 22.94
C ASN B 694 -11.67 -30.90 23.23
N GLN B 695 -11.24 -30.15 22.24
CA GLN B 695 -10.15 -29.19 22.41
C GLN B 695 -10.72 -27.80 22.65
N SER B 696 -9.94 -26.96 23.31
CA SER B 696 -10.39 -25.60 23.62
C SER B 696 -10.69 -24.74 22.40
N PRO B 697 -9.88 -24.72 21.32
CA PRO B 697 -10.29 -23.93 20.14
C PRO B 697 -11.60 -24.38 19.54
N ARG B 698 -11.94 -25.66 19.63
CA ARG B 698 -13.24 -26.12 19.15
C ARG B 698 -14.38 -25.50 19.94
N ASN B 699 -14.24 -25.42 21.26
CA ASN B 699 -15.26 -24.77 22.08
C ASN B 699 -15.35 -23.29 21.75
N THR B 700 -14.21 -22.64 21.53
CA THR B 700 -14.22 -21.22 21.18
C THR B 700 -14.96 -20.99 19.86
N TYR B 701 -14.69 -21.84 18.87
CA TYR B 701 -15.33 -21.67 17.57
C TYR B 701 -16.82 -21.98 17.66
N GLN B 702 -17.20 -22.95 18.49
CA GLN B 702 -18.61 -23.23 18.68
C GLN B 702 -19.32 -22.06 19.34
N CYS B 703 -18.68 -21.43 20.32
CA CYS B 703 -19.27 -20.25 20.93
C CYS B 703 -19.44 -19.12 19.92
N ALA B 704 -18.45 -18.93 19.05
CA ALA B 704 -18.57 -17.88 18.05
C ALA B 704 -19.53 -18.24 16.92
N MET B 705 -19.86 -19.52 16.75
CA MET B 705 -20.62 -19.98 15.60
C MET B 705 -22.10 -20.27 15.90
N GLY B 706 -22.40 -20.80 17.09
CA GLY B 706 -23.78 -21.14 17.40
C GLY B 706 -24.73 -19.95 17.42
N LYS B 707 -24.19 -18.74 17.54
CA LYS B 707 -25.01 -17.54 17.47
C LYS B 707 -25.46 -17.21 16.06
N GLN B 708 -24.91 -17.88 15.05
CA GLN B 708 -25.34 -17.71 13.67
C GLN B 708 -26.22 -18.86 13.20
N ALA B 709 -26.71 -19.69 14.11
CA ALA B 709 -27.53 -20.83 13.74
C ALA B 709 -28.90 -20.36 13.25
N ILE B 710 -29.48 -21.16 12.38
CA ILE B 710 -30.82 -20.89 11.85
C ILE B 710 -31.81 -21.79 12.55
N GLY B 711 -32.83 -21.18 13.14
CA GLY B 711 -33.89 -21.90 13.81
C GLY B 711 -34.96 -20.91 14.20
N ALA B 712 -35.99 -21.42 14.86
CA ALA B 712 -37.09 -20.56 15.26
C ALA B 712 -36.64 -19.60 16.36
N ILE B 713 -36.97 -18.32 16.19
CA ILE B 713 -36.47 -17.29 17.10
C ILE B 713 -37.31 -17.15 18.36
N ALA B 714 -38.62 -17.32 18.28
CA ALA B 714 -39.52 -17.20 19.42
C ALA B 714 -40.86 -17.81 19.02
N TYR B 715 -41.75 -17.92 20.00
CA TYR B 715 -43.08 -18.44 19.71
C TYR B 715 -43.90 -17.49 18.87
N ASN B 716 -43.55 -16.21 18.84
CA ASN B 716 -44.33 -15.20 18.13
C ASN B 716 -43.64 -14.72 16.86
N GLN B 717 -42.94 -15.62 16.16
CA GLN B 717 -42.10 -15.16 15.05
C GLN B 717 -42.94 -14.76 13.84
N PHE B 718 -44.07 -15.44 13.60
CA PHE B 718 -44.83 -15.16 12.40
C PHE B 718 -45.70 -13.91 12.52
N LYS B 719 -45.87 -13.37 13.73
CA LYS B 719 -46.44 -12.05 13.90
C LYS B 719 -45.38 -10.98 14.05
N ARG B 720 -44.11 -11.36 13.98
CA ARG B 720 -42.99 -10.45 14.16
C ARG B 720 -42.45 -10.00 12.81
N ILE B 721 -42.04 -8.74 12.74
CA ILE B 721 -41.46 -8.15 11.54
C ILE B 721 -40.11 -7.56 11.95
N ASP B 722 -39.03 -8.25 11.62
CA ASP B 722 -37.69 -7.75 11.86
C ASP B 722 -36.99 -7.45 10.55
N THR B 723 -35.81 -6.84 10.66
CA THR B 723 -35.07 -6.43 9.46
C THR B 723 -34.46 -7.62 8.74
N LEU B 724 -34.22 -8.72 9.45
CA LEU B 724 -33.69 -9.94 8.85
C LEU B 724 -34.01 -11.09 9.78
N LEU B 725 -34.51 -12.19 9.21
CA LEU B 725 -34.89 -13.31 10.05
C LEU B 725 -34.73 -14.59 9.25
N TYR B 726 -34.29 -15.65 9.94
CA TYR B 726 -34.15 -16.97 9.35
C TYR B 726 -34.90 -17.96 10.22
N LEU B 727 -35.78 -18.75 9.60
CA LEU B 727 -36.53 -19.78 10.32
C LEU B 727 -36.35 -21.12 9.63
N MET B 728 -36.01 -22.15 10.40
CA MET B 728 -35.97 -23.51 9.89
C MET B 728 -37.37 -24.10 9.89
N THR B 729 -37.72 -24.75 8.77
CA THR B 729 -39.07 -25.28 8.63
C THR B 729 -39.36 -26.42 9.59
N TYR B 730 -38.39 -27.31 9.83
CA TYR B 730 -38.62 -28.49 10.67
C TYR B 730 -37.55 -28.55 11.76
N PRO B 731 -37.73 -27.83 12.85
CA PRO B 731 -36.77 -27.89 13.94
C PRO B 731 -36.79 -29.23 14.64
N GLN B 732 -35.71 -29.52 15.35
CA GLN B 732 -35.59 -30.74 16.14
C GLN B 732 -34.68 -30.46 17.33
N GLN B 733 -35.04 -31.01 18.48
CA GLN B 733 -34.20 -30.82 19.65
C GLN B 733 -32.94 -31.67 19.54
N PRO B 734 -31.84 -31.23 20.14
CA PRO B 734 -30.59 -32.02 20.05
C PRO B 734 -30.72 -33.33 20.82
N MET B 735 -30.38 -34.43 20.16
CA MET B 735 -30.50 -35.74 20.77
C MET B 735 -29.58 -35.91 21.96
N VAL B 736 -28.33 -35.47 21.87
CA VAL B 736 -27.41 -35.45 23.00
C VAL B 736 -27.42 -34.03 23.52
N LYS B 737 -28.19 -33.78 24.58
CA LYS B 737 -28.36 -32.46 25.15
C LYS B 737 -27.61 -32.34 26.48
N THR B 738 -27.78 -31.19 27.12
CA THR B 738 -27.04 -30.81 28.30
C THR B 738 -28.03 -30.20 29.30
N LYS B 739 -27.68 -30.25 30.59
CA LYS B 739 -28.54 -29.64 31.61
C LYS B 739 -28.76 -28.16 31.36
N THR B 740 -27.77 -27.50 30.75
CA THR B 740 -27.94 -26.10 30.37
C THR B 740 -29.08 -25.93 29.38
N ILE B 741 -29.28 -26.91 28.50
CA ILE B 741 -30.36 -26.83 27.53
C ILE B 741 -31.71 -26.92 28.22
N GLU B 742 -31.84 -27.85 29.18
CA GLU B 742 -33.07 -27.94 29.97
C GLU B 742 -33.30 -26.70 30.82
N LEU B 743 -32.23 -25.99 31.19
CA LEU B 743 -32.40 -24.86 32.09
C LEU B 743 -32.74 -23.58 31.36
N ILE B 744 -32.05 -23.29 30.26
CA ILE B 744 -32.21 -22.01 29.57
C ILE B 744 -33.34 -22.10 28.54
N ASP B 745 -34.05 -23.24 28.54
CA ASP B 745 -35.18 -23.48 27.65
C ASP B 745 -34.76 -23.39 26.18
N TYR B 746 -33.87 -24.28 25.78
CA TYR B 746 -33.33 -24.34 24.43
C TYR B 746 -33.96 -25.45 23.60
N ASP B 747 -34.21 -26.61 24.20
CA ASP B 747 -34.83 -27.70 23.45
C ASP B 747 -36.27 -27.39 23.08
N LYS B 748 -36.94 -26.56 23.87
CA LYS B 748 -38.31 -26.17 23.55
C LYS B 748 -38.37 -25.33 22.28
N LEU B 749 -37.33 -24.54 22.01
CA LEU B 749 -37.28 -23.68 20.84
C LEU B 749 -35.95 -23.92 20.13
N PRO B 750 -35.80 -25.08 19.49
CA PRO B 750 -34.46 -25.49 19.02
C PRO B 750 -34.03 -24.82 17.73
N ALA B 751 -32.85 -25.19 17.25
CA ALA B 751 -32.31 -24.64 16.01
C ALA B 751 -31.35 -25.68 15.45
N GLY B 752 -31.80 -26.43 14.44
CA GLY B 752 -30.97 -27.48 13.88
C GLY B 752 -31.68 -28.79 13.68
N GLN B 753 -31.02 -29.78 13.08
CA GLN B 753 -31.66 -31.04 12.72
C GLN B 753 -30.73 -32.20 13.00
N ASN B 754 -31.32 -33.35 13.34
CA ASN B 754 -30.59 -34.57 13.66
C ASN B 754 -30.38 -35.36 12.38
N ALA B 755 -29.15 -35.38 11.88
CA ALA B 755 -28.82 -36.06 10.64
C ALA B 755 -28.09 -37.36 10.95
N THR B 756 -28.48 -38.43 10.27
CA THR B 756 -27.73 -39.68 10.35
C THR B 756 -26.44 -39.54 9.56
N VAL B 757 -25.31 -39.63 10.26
CA VAL B 757 -24.01 -39.32 9.70
C VAL B 757 -23.18 -40.58 9.67
N ALA B 758 -22.63 -40.87 8.49
CA ALA B 758 -21.57 -41.86 8.31
C ALA B 758 -20.26 -41.12 8.12
N VAL B 759 -19.24 -41.55 8.83
CA VAL B 759 -17.94 -40.91 8.81
C VAL B 759 -17.04 -41.74 7.90
N MET B 760 -17.00 -41.39 6.62
CA MET B 760 -16.22 -42.15 5.65
C MET B 760 -15.86 -41.27 4.47
N SER B 761 -14.84 -41.65 3.73
CA SER B 761 -14.43 -40.90 2.55
C SER B 761 -15.24 -41.39 1.37
N TYR B 762 -16.40 -40.76 1.13
CA TYR B 762 -17.29 -41.24 0.08
C TYR B 762 -16.71 -40.99 -1.30
N SER B 763 -16.22 -39.78 -1.55
CA SER B 763 -15.59 -39.46 -2.81
C SER B 763 -14.60 -38.34 -2.59
N GLY B 764 -13.96 -37.91 -3.68
CA GLY B 764 -13.09 -36.76 -3.61
C GLY B 764 -13.81 -35.46 -3.33
N TYR B 765 -15.14 -35.46 -3.46
CA TYR B 765 -15.96 -34.28 -3.20
C TYR B 765 -16.05 -33.92 -1.73
N ASP B 766 -15.47 -34.71 -0.84
CA ASP B 766 -15.69 -34.57 0.59
C ASP B 766 -14.34 -34.46 1.30
N ILE B 767 -13.50 -33.54 0.82
CA ILE B 767 -12.15 -33.37 1.36
C ILE B 767 -11.98 -31.94 1.84
N GLU B 768 -11.20 -31.78 2.91
CA GLU B 768 -10.96 -30.52 3.59
C GLU B 768 -12.27 -29.97 4.17
N ASP B 769 -12.84 -30.75 5.08
CA ASP B 769 -13.95 -30.36 5.94
C ASP B 769 -15.22 -30.04 5.17
N ALA B 770 -15.34 -30.51 3.92
CA ALA B 770 -16.56 -30.35 3.17
C ALA B 770 -17.57 -31.39 3.63
N LEU B 771 -18.76 -31.37 3.04
CA LEU B 771 -19.82 -32.29 3.43
C LEU B 771 -20.56 -32.77 2.20
N VAL B 772 -21.18 -33.95 2.31
CA VAL B 772 -21.96 -34.50 1.22
C VAL B 772 -23.38 -34.75 1.69
N LEU B 773 -24.33 -33.99 1.17
CA LEU B 773 -25.72 -34.15 1.55
C LEU B 773 -26.37 -35.21 0.66
N ASN B 774 -27.59 -35.58 1.02
CA ASN B 774 -28.36 -36.55 0.26
C ASN B 774 -29.46 -35.84 -0.51
N LYS B 775 -29.56 -36.12 -1.81
CA LYS B 775 -30.57 -35.47 -2.64
C LYS B 775 -31.97 -35.91 -2.26
N SER B 776 -32.12 -37.12 -1.75
CA SER B 776 -33.40 -37.57 -1.25
C SER B 776 -33.61 -37.23 0.21
N SER B 777 -32.68 -36.49 0.82
CA SER B 777 -32.90 -35.92 2.14
C SER B 777 -33.24 -34.44 2.09
N ILE B 778 -32.56 -33.69 1.23
CA ILE B 778 -32.90 -32.28 1.04
C ILE B 778 -34.33 -32.16 0.51
N ASP B 779 -34.66 -32.97 -0.49
CA ASP B 779 -35.98 -32.91 -1.12
C ASP B 779 -37.08 -33.47 -0.24
N ARG B 780 -36.76 -34.17 0.84
CA ARG B 780 -37.77 -34.56 1.81
C ARG B 780 -37.94 -33.53 2.92
N GLY B 781 -37.07 -32.54 3.01
CA GLY B 781 -37.27 -31.46 3.96
C GLY B 781 -36.14 -31.24 4.95
N PHE B 782 -34.92 -31.65 4.61
CA PHE B 782 -33.78 -31.47 5.51
C PHE B 782 -33.11 -30.13 5.23
N GLY B 783 -32.96 -29.33 6.28
CA GLY B 783 -32.30 -28.04 6.12
C GLY B 783 -33.08 -27.04 5.32
N ARG B 784 -34.39 -27.25 5.18
CA ARG B 784 -35.24 -26.34 4.42
C ARG B 784 -35.46 -25.09 5.26
N CYS B 785 -34.77 -24.02 4.93
CA CYS B 785 -34.82 -22.78 5.69
C CYS B 785 -35.48 -21.68 4.87
N GLU B 786 -36.22 -20.81 5.55
CA GLU B 786 -36.87 -19.67 4.92
C GLU B 786 -36.37 -18.38 5.53
N THR B 787 -36.26 -17.36 4.69
CA THR B 787 -35.67 -16.08 5.09
C THR B 787 -36.70 -14.98 4.89
N ARG B 788 -36.79 -14.10 5.87
CA ARG B 788 -37.74 -12.99 5.87
C ARG B 788 -36.99 -11.67 5.98
N ARG B 789 -37.44 -10.70 5.20
CA ARG B 789 -36.87 -9.37 5.13
C ARG B 789 -38.00 -8.34 5.23
N LYS B 790 -37.64 -7.12 5.60
CA LYS B 790 -38.59 -6.05 5.85
C LYS B 790 -38.30 -4.87 4.93
N THR B 791 -39.36 -4.27 4.40
CA THR B 791 -39.24 -3.04 3.62
C THR B 791 -40.19 -2.01 4.20
N THR B 792 -39.67 -0.83 4.56
CA THR B 792 -40.44 0.20 5.24
C THR B 792 -40.47 1.46 4.41
N THR B 793 -41.66 2.04 4.27
CA THR B 793 -41.85 3.33 3.61
C THR B 793 -42.65 4.25 4.51
N VAL B 794 -42.17 5.47 4.69
CA VAL B 794 -42.86 6.48 5.47
C VAL B 794 -43.30 7.59 4.52
N LEU B 795 -44.60 7.88 4.49
CA LEU B 795 -45.15 8.89 3.60
C LEU B 795 -45.13 10.23 4.32
N LYS B 796 -44.01 10.93 4.23
CA LYS B 796 -43.82 12.16 4.99
C LYS B 796 -44.69 13.28 4.42
N ARG B 797 -45.25 14.08 5.32
CA ARG B 797 -46.06 15.24 4.95
C ARG B 797 -45.16 16.47 4.98
N TYR B 798 -44.89 17.02 3.80
CA TYR B 798 -44.00 18.16 3.69
C TYR B 798 -44.68 19.43 4.20
N ALA B 799 -43.89 20.51 4.28
CA ALA B 799 -44.40 21.76 4.86
C ALA B 799 -45.47 22.40 3.99
N ASN B 800 -45.51 22.07 2.71
CA ASN B 800 -46.50 22.59 1.77
C ASN B 800 -47.84 21.92 1.87
N HIS B 801 -48.07 21.12 2.92
CA HIS B 801 -49.26 20.29 3.07
C HIS B 801 -49.42 19.35 1.88
N THR B 802 -48.30 18.84 1.37
CA THR B 802 -48.28 17.86 0.30
C THR B 802 -47.65 16.58 0.82
N GLN B 803 -48.29 15.44 0.54
CA GLN B 803 -47.82 14.16 1.05
C GLN B 803 -47.88 13.12 -0.05
N ASP B 804 -47.12 12.05 0.15
CA ASP B 804 -47.05 10.98 -0.84
C ASP B 804 -48.38 10.26 -0.98
N ILE B 805 -48.68 9.82 -2.20
CA ILE B 805 -49.90 9.11 -2.51
C ILE B 805 -49.53 7.75 -3.09
N ILE B 806 -50.10 6.69 -2.53
CA ILE B 806 -49.78 5.33 -2.93
C ILE B 806 -50.63 4.91 -4.14
N GLY B 807 -51.62 5.71 -4.49
CA GLY B 807 -52.63 5.30 -5.44
C GLY B 807 -52.10 5.10 -6.85
N GLY B 808 -52.82 4.29 -7.61
CA GLY B 808 -52.49 4.02 -8.99
C GLY B 808 -51.98 2.63 -9.25
N MET B 809 -52.58 1.96 -10.23
CA MET B 809 -52.07 0.71 -10.78
C MET B 809 -52.05 0.85 -12.29
N ARG B 810 -50.85 0.82 -12.88
CA ARG B 810 -50.72 1.09 -14.30
C ARG B 810 -51.30 -0.04 -15.13
N VAL B 811 -52.05 0.34 -16.17
CA VAL B 811 -52.66 -0.61 -17.10
C VAL B 811 -52.35 -0.12 -18.50
N ASP B 812 -51.96 -1.03 -19.39
CA ASP B 812 -51.59 -0.66 -20.75
C ASP B 812 -52.84 -0.46 -21.60
N GLU B 813 -52.64 -0.34 -22.92
CA GLU B 813 -53.76 -0.16 -23.83
C GLU B 813 -54.57 -1.43 -24.01
N ASN B 814 -53.99 -2.59 -23.66
CA ASN B 814 -54.70 -3.86 -23.80
C ASN B 814 -55.79 -4.03 -22.75
N GLY B 815 -55.71 -3.31 -21.64
CA GLY B 815 -56.67 -3.45 -20.56
C GLY B 815 -56.28 -4.41 -19.47
N ASP B 816 -55.03 -4.84 -19.41
CA ASP B 816 -54.52 -5.80 -18.45
C ASP B 816 -53.37 -5.17 -17.66
N PRO B 817 -53.08 -5.67 -16.46
CA PRO B 817 -51.96 -5.13 -15.69
C PRO B 817 -50.64 -5.31 -16.42
N ILE B 818 -49.77 -4.32 -16.29
CA ILE B 818 -48.45 -4.40 -16.90
C ILE B 818 -47.60 -5.42 -16.16
N TRP B 819 -46.53 -5.87 -16.81
CA TRP B 819 -45.63 -6.85 -16.20
C TRP B 819 -44.92 -6.27 -14.99
N GLN B 820 -44.64 -4.96 -15.00
CA GLN B 820 -43.98 -4.33 -13.86
C GLN B 820 -44.88 -4.28 -12.63
N HIS B 821 -46.20 -4.40 -12.80
CA HIS B 821 -47.15 -4.30 -11.70
C HIS B 821 -48.04 -5.53 -11.61
N GLN B 822 -47.51 -6.71 -11.93
CA GLN B 822 -48.35 -7.91 -11.95
C GLN B 822 -48.85 -8.30 -10.57
N SER B 823 -48.21 -7.81 -9.50
CA SER B 823 -48.61 -8.12 -8.14
C SER B 823 -48.68 -6.85 -7.32
N LEU B 824 -49.33 -5.83 -7.87
CA LEU B 824 -49.42 -4.53 -7.21
C LEU B 824 -50.70 -4.35 -6.40
N GLY B 825 -51.81 -4.93 -6.83
CA GLY B 825 -53.06 -4.81 -6.11
C GLY B 825 -53.81 -3.54 -6.46
N PRO B 826 -55.04 -3.41 -5.95
CA PRO B 826 -55.87 -2.27 -6.36
C PRO B 826 -55.44 -0.95 -5.76
N ASP B 827 -55.14 -0.92 -4.46
CA ASP B 827 -54.81 0.33 -3.79
C ASP B 827 -53.43 0.83 -4.14
N GLY B 828 -52.44 -0.04 -4.19
CA GLY B 828 -51.08 0.36 -4.47
C GLY B 828 -50.07 -0.39 -3.64
N LEU B 829 -50.54 -1.26 -2.77
CA LEU B 829 -49.68 -2.11 -1.95
C LEU B 829 -49.80 -3.53 -2.45
N GLY B 830 -48.65 -4.16 -2.72
CA GLY B 830 -48.58 -5.50 -3.27
C GLY B 830 -49.30 -6.53 -2.45
N GLU B 831 -50.14 -7.34 -3.11
CA GLU B 831 -51.01 -8.27 -2.41
C GLU B 831 -50.21 -9.38 -1.75
N VAL B 832 -50.65 -9.75 -0.55
CA VAL B 832 -50.03 -10.86 0.16
C VAL B 832 -50.33 -12.17 -0.54
N GLY B 833 -49.30 -13.01 -0.70
CA GLY B 833 -49.45 -14.30 -1.32
C GLY B 833 -48.91 -14.36 -2.73
N MET B 834 -49.00 -13.25 -3.46
CA MET B 834 -48.56 -13.22 -4.85
C MET B 834 -47.05 -13.31 -4.94
N LYS B 835 -46.58 -13.96 -6.01
CA LYS B 835 -45.14 -14.04 -6.27
C LYS B 835 -44.60 -12.68 -6.70
N VAL B 836 -43.39 -12.39 -6.29
CA VAL B 836 -42.68 -11.18 -6.71
C VAL B 836 -41.33 -11.58 -7.28
N GLN B 837 -41.05 -11.14 -8.50
CA GLN B 837 -39.81 -11.44 -9.19
C GLN B 837 -38.92 -10.21 -9.25
N SER B 838 -37.83 -10.32 -10.00
CA SER B 838 -36.84 -9.25 -10.09
C SER B 838 -37.34 -8.17 -11.03
N GLY B 839 -37.51 -6.96 -10.52
CA GLY B 839 -37.87 -5.84 -11.35
C GLY B 839 -39.34 -5.49 -11.31
N GLN B 840 -39.99 -5.72 -10.18
CA GLN B 840 -41.40 -5.43 -10.01
C GLN B 840 -41.61 -4.46 -8.86
N ILE B 841 -42.87 -4.07 -8.67
CA ILE B 841 -43.26 -3.04 -7.72
C ILE B 841 -44.23 -3.66 -6.73
N TYR B 842 -43.97 -3.46 -5.43
CA TYR B 842 -44.94 -3.84 -4.43
C TYR B 842 -45.41 -2.70 -3.55
N ILE B 843 -44.79 -1.52 -3.63
CA ILE B 843 -45.32 -0.29 -3.04
C ILE B 843 -45.17 0.78 -4.11
N ASN B 844 -46.26 1.08 -4.81
CA ASN B 844 -46.21 2.03 -5.93
C ASN B 844 -46.31 3.44 -5.36
N LYS B 845 -45.22 3.90 -4.78
CA LYS B 845 -45.16 5.20 -4.14
C LYS B 845 -45.13 6.30 -5.19
N SER B 846 -45.38 7.52 -4.73
CA SER B 846 -45.29 8.70 -5.59
C SER B 846 -44.97 9.91 -4.73
N VAL B 847 -44.00 10.70 -5.14
CA VAL B 847 -43.55 11.83 -4.32
C VAL B 847 -43.93 13.13 -5.02
N PRO B 848 -44.19 14.22 -4.29
CA PRO B 848 -44.57 15.48 -4.93
C PRO B 848 -43.46 16.01 -5.83
N THR B 849 -43.86 16.61 -6.95
CA THR B 849 -42.87 17.03 -7.95
C THR B 849 -42.11 18.26 -7.49
N ASN B 850 -42.65 19.00 -6.52
CA ASN B 850 -41.99 20.20 -6.02
C ASN B 850 -41.14 19.78 -4.84
N SER B 851 -39.91 19.34 -5.14
CA SER B 851 -39.04 18.78 -4.11
C SER B 851 -38.63 19.84 -3.09
N ALA B 852 -38.18 20.99 -3.56
CA ALA B 852 -37.91 22.12 -2.67
C ALA B 852 -39.21 22.59 -2.05
N ASP B 853 -39.18 22.88 -0.75
CA ASP B 853 -40.39 23.28 -0.05
C ASP B 853 -40.93 24.60 -0.60
N ALA B 854 -40.19 25.70 -0.36
CA ALA B 854 -40.55 27.06 -0.75
C ALA B 854 -42.00 27.37 -0.39
N PRO B 855 -42.34 27.54 0.91
CA PRO B 855 -43.74 27.68 1.32
C PRO B 855 -44.46 28.82 0.62
N ASN B 856 -45.59 28.50 0.00
CA ASN B 856 -46.25 29.40 -0.95
C ASN B 856 -47.53 29.95 -0.37
N PRO B 857 -47.65 31.28 -0.22
CA PRO B 857 -48.96 31.89 0.04
C PRO B 857 -49.84 31.96 -1.19
N ASN B 858 -49.31 31.58 -2.36
CA ASN B 858 -50.09 31.62 -3.60
C ASN B 858 -51.18 30.56 -3.58
N ASN B 859 -52.05 30.62 -4.59
CA ASN B 859 -53.16 29.68 -4.67
C ASN B 859 -52.66 28.24 -4.85
N VAL B 860 -52.04 27.96 -6.00
CA VAL B 860 -51.60 26.64 -6.49
C VAL B 860 -52.49 25.51 -5.99
N ASN B 861 -53.80 25.69 -6.11
CA ASN B 861 -54.75 24.79 -5.47
C ASN B 861 -54.78 23.41 -6.12
N VAL B 862 -54.67 23.35 -7.45
CA VAL B 862 -54.83 22.11 -8.20
C VAL B 862 -53.61 21.88 -9.06
N GLN B 863 -53.60 20.73 -9.74
CA GLN B 863 -52.52 20.31 -10.64
C GLN B 863 -51.17 20.28 -9.92
N THR B 864 -51.16 19.73 -8.70
CA THR B 864 -49.93 19.46 -7.97
C THR B 864 -49.57 17.99 -8.20
N GLN B 865 -49.00 17.73 -9.37
CA GLN B 865 -48.76 16.36 -9.81
C GLN B 865 -47.61 15.73 -9.01
N TYR B 866 -47.50 14.41 -9.12
CA TYR B 866 -46.48 13.64 -8.44
C TYR B 866 -45.61 12.92 -9.47
N ARG B 867 -44.36 12.68 -9.09
CA ARG B 867 -43.48 11.84 -9.90
C ARG B 867 -43.35 10.47 -9.25
N GLU B 868 -43.14 9.47 -10.11
CA GLU B 868 -43.03 8.10 -9.64
C GLU B 868 -41.68 7.87 -8.96
N ALA B 869 -41.72 7.55 -7.68
CA ALA B 869 -40.53 7.15 -6.93
C ALA B 869 -40.84 5.86 -6.19
N PRO B 870 -40.94 4.74 -6.90
CA PRO B 870 -41.34 3.48 -6.27
C PRO B 870 -40.15 2.71 -5.72
N VAL B 871 -40.47 1.71 -4.91
CA VAL B 871 -39.48 0.72 -4.49
C VAL B 871 -39.57 -0.48 -5.42
N ILE B 872 -38.42 -0.92 -5.92
CA ILE B 872 -38.35 -1.94 -6.95
C ILE B 872 -37.66 -3.15 -6.35
N TYR B 873 -38.30 -4.30 -6.42
CA TYR B 873 -37.67 -5.52 -5.91
C TYR B 873 -36.61 -5.97 -6.91
N ARG B 874 -35.36 -5.63 -6.62
CA ARG B 874 -34.22 -5.98 -7.47
C ARG B 874 -33.39 -7.12 -6.88
N GLY B 875 -34.05 -8.04 -6.19
CA GLY B 875 -33.39 -9.23 -5.70
C GLY B 875 -33.14 -10.22 -6.82
N PRO B 876 -32.23 -11.16 -6.57
CA PRO B 876 -31.83 -12.10 -7.63
C PRO B 876 -32.68 -13.37 -7.78
N GLU B 877 -33.41 -13.81 -6.76
CA GLU B 877 -34.28 -14.97 -6.88
C GLU B 877 -35.67 -14.61 -6.36
N PRO B 878 -36.71 -15.36 -6.76
CA PRO B 878 -38.09 -14.96 -6.42
C PRO B 878 -38.36 -14.94 -4.92
N SER B 879 -39.27 -14.05 -4.53
CA SER B 879 -39.71 -13.93 -3.15
C SER B 879 -41.21 -13.71 -3.11
N HIS B 880 -41.81 -14.06 -1.98
CA HIS B 880 -43.25 -13.94 -1.78
C HIS B 880 -43.56 -12.97 -0.65
N ILE B 881 -44.60 -12.17 -0.85
CA ILE B 881 -45.08 -11.23 0.16
C ILE B 881 -45.92 -12.03 1.17
N ASP B 882 -45.53 -11.99 2.44
CA ASP B 882 -46.28 -12.72 3.46
C ASP B 882 -47.02 -11.80 4.44
N GLN B 883 -46.67 -10.53 4.52
CA GLN B 883 -47.39 -9.60 5.38
C GLN B 883 -47.29 -8.20 4.81
N VAL B 884 -48.40 -7.48 4.85
CA VAL B 884 -48.39 -6.05 4.55
C VAL B 884 -49.13 -5.33 5.66
N MET B 885 -48.43 -4.42 6.34
CA MET B 885 -48.95 -3.78 7.54
C MET B 885 -48.90 -2.27 7.34
N MET B 886 -49.93 -1.57 7.81
CA MET B 886 -50.00 -0.12 7.74
C MET B 886 -50.29 0.44 9.13
N SER B 887 -49.70 1.60 9.41
CA SER B 887 -49.78 2.18 10.75
C SER B 887 -49.75 3.70 10.64
N VAL B 888 -50.11 4.34 11.74
CA VAL B 888 -49.96 5.77 11.93
C VAL B 888 -48.91 5.99 13.01
N SER B 889 -47.88 6.75 12.69
CA SER B 889 -46.74 6.92 13.58
C SER B 889 -47.06 7.91 14.70
N ASP B 890 -46.03 8.25 15.48
CA ASP B 890 -46.22 9.20 16.59
C ASP B 890 -46.53 10.60 16.08
N ASN B 891 -45.88 11.02 15.00
CA ASN B 891 -46.13 12.32 14.40
C ASN B 891 -47.34 12.33 13.48
N ASP B 892 -48.14 11.26 13.50
CA ASP B 892 -49.36 11.12 12.71
C ASP B 892 -49.06 11.21 11.21
N GLN B 893 -48.29 10.25 10.73
CA GLN B 893 -48.02 10.05 9.31
C GLN B 893 -48.48 8.66 8.91
N ALA B 894 -48.16 8.26 7.68
CA ALA B 894 -48.49 6.95 7.16
C ALA B 894 -47.23 6.10 7.10
N LEU B 895 -47.30 4.89 7.65
CA LEU B 895 -46.16 3.99 7.71
C LEU B 895 -46.56 2.65 7.12
N ILE B 896 -45.81 2.16 6.14
CA ILE B 896 -46.13 0.93 5.45
C ILE B 896 -44.94 -0.01 5.58
N LYS B 897 -45.19 -1.22 6.08
CA LYS B 897 -44.19 -2.26 6.22
C LYS B 897 -44.62 -3.47 5.40
N VAL B 898 -43.67 -4.05 4.66
CA VAL B 898 -43.92 -5.25 3.88
C VAL B 898 -42.88 -6.29 4.26
N LEU B 899 -43.34 -7.49 4.60
CA LEU B 899 -42.49 -8.63 4.92
C LEU B 899 -42.40 -9.54 3.70
N LEU B 900 -41.21 -9.63 3.13
CA LEU B 900 -40.94 -10.56 2.04
C LEU B 900 -40.28 -11.81 2.59
N ARG B 901 -40.50 -12.93 1.90
CA ARG B 901 -39.92 -14.19 2.34
C ARG B 901 -39.54 -15.02 1.13
N GLN B 902 -38.55 -15.88 1.31
CA GLN B 902 -38.18 -16.85 0.29
C GLN B 902 -37.71 -18.13 0.97
N ASN B 903 -38.16 -19.27 0.44
CA ASN B 903 -37.90 -20.58 1.03
C ASN B 903 -36.76 -21.23 0.27
N ARG B 904 -35.53 -20.87 0.61
CA ARG B 904 -34.35 -21.40 -0.03
C ARG B 904 -34.18 -22.88 0.30
N ARG B 905 -33.40 -23.56 -0.51
CA ARG B 905 -33.12 -24.97 -0.27
C ARG B 905 -31.62 -25.19 -0.17
N PRO B 906 -31.19 -26.21 0.56
CA PRO B 906 -29.76 -26.52 0.63
C PRO B 906 -29.20 -26.85 -0.74
N GLU B 907 -27.96 -26.43 -0.97
CA GLU B 907 -27.29 -26.61 -2.24
C GLU B 907 -25.79 -26.53 -1.99
N LEU B 908 -25.02 -26.39 -3.06
CA LEU B 908 -23.60 -26.17 -2.89
C LEU B 908 -23.37 -24.77 -2.33
N GLY B 909 -22.54 -24.69 -1.28
CA GLY B 909 -22.10 -23.43 -0.72
C GLY B 909 -22.57 -23.18 0.70
N ASP B 910 -23.71 -23.76 1.09
CA ASP B 910 -24.26 -23.46 2.41
C ASP B 910 -23.42 -24.08 3.50
N LYS B 911 -23.33 -23.40 4.64
CA LYS B 911 -22.46 -23.85 5.71
C LYS B 911 -23.21 -24.76 6.68
N PHE B 912 -22.45 -25.64 7.33
CA PHE B 912 -23.00 -26.56 8.32
C PHE B 912 -22.01 -26.75 9.45
N SER B 913 -22.53 -26.91 10.66
CA SER B 913 -21.72 -27.01 11.86
C SER B 913 -22.22 -28.18 12.69
N SER B 914 -21.39 -28.61 13.64
CA SER B 914 -21.61 -29.87 14.34
C SER B 914 -21.71 -29.74 15.86
N ARG B 915 -21.80 -28.51 16.38
CA ARG B 915 -21.64 -28.20 17.80
C ARG B 915 -20.29 -28.61 18.36
N HIS B 916 -19.30 -28.86 17.51
CA HIS B 916 -17.91 -28.97 17.95
C HIS B 916 -17.01 -28.29 16.94
N GLY B 917 -17.45 -27.15 16.41
CA GLY B 917 -16.75 -26.60 15.27
C GLY B 917 -17.01 -27.49 14.07
N GLN B 918 -15.92 -27.84 13.37
CA GLN B 918 -15.98 -28.70 12.18
C GLN B 918 -16.95 -28.15 11.15
N LYS B 919 -16.88 -26.84 10.93
CA LYS B 919 -17.71 -26.17 9.95
C LYS B 919 -17.30 -26.61 8.54
N GLY B 920 -18.18 -26.33 7.58
CA GLY B 920 -17.86 -26.66 6.20
C GLY B 920 -19.04 -26.39 5.30
N VAL B 921 -18.77 -26.45 4.01
CA VAL B 921 -19.77 -26.18 2.98
C VAL B 921 -20.11 -27.50 2.29
N CYS B 922 -21.33 -27.59 1.76
CA CYS B 922 -21.71 -28.73 0.95
C CYS B 922 -20.90 -28.74 -0.34
N GLY B 923 -20.38 -29.91 -0.69
CA GLY B 923 -19.56 -30.03 -1.87
C GLY B 923 -20.28 -30.65 -3.03
N ILE B 924 -21.07 -31.69 -2.76
CA ILE B 924 -21.83 -32.38 -3.79
C ILE B 924 -23.13 -32.86 -3.19
N ILE B 925 -24.10 -33.11 -4.06
CA ILE B 925 -25.42 -33.59 -3.66
C ILE B 925 -25.66 -34.85 -4.49
N VAL B 926 -25.49 -36.01 -3.87
CA VAL B 926 -25.59 -37.29 -4.56
C VAL B 926 -26.97 -37.88 -4.32
N LYS B 927 -27.45 -38.66 -5.28
CA LYS B 927 -28.76 -39.27 -5.16
C LYS B 927 -28.74 -40.40 -4.13
N GLN B 928 -29.93 -40.83 -3.72
CA GLN B 928 -30.04 -41.82 -2.65
C GLN B 928 -29.48 -43.16 -3.08
N GLU B 929 -29.55 -43.46 -4.37
CA GLU B 929 -29.04 -44.75 -4.87
C GLU B 929 -27.53 -44.87 -4.75
N ASP B 930 -26.79 -43.76 -4.74
CA ASP B 930 -25.34 -43.81 -4.68
C ASP B 930 -24.78 -43.77 -3.27
N MET B 931 -25.62 -43.65 -2.27
CA MET B 931 -25.16 -43.55 -0.90
C MET B 931 -25.05 -44.94 -0.30
N PRO B 932 -24.17 -45.12 0.69
CA PRO B 932 -24.07 -46.43 1.35
C PRO B 932 -25.33 -46.77 2.13
N PHE B 933 -25.44 -48.06 2.50
CA PHE B 933 -26.57 -48.51 3.30
C PHE B 933 -26.15 -49.69 4.16
N ASN B 934 -26.94 -49.95 5.21
CA ASN B 934 -26.63 -50.99 6.17
C ASN B 934 -27.60 -52.16 6.06
N ASP B 935 -27.51 -53.08 7.01
CA ASP B 935 -28.35 -54.28 7.00
C ASP B 935 -29.82 -53.92 7.16
N GLN B 936 -30.13 -52.95 8.02
CA GLN B 936 -31.51 -52.53 8.21
C GLN B 936 -32.05 -51.92 6.93
N GLY B 937 -31.24 -51.10 6.26
CA GLY B 937 -31.64 -50.49 5.01
C GLY B 937 -31.52 -48.98 5.01
N ILE B 938 -30.93 -48.43 6.08
CA ILE B 938 -30.84 -46.98 6.17
C ILE B 938 -29.62 -46.46 5.43
N VAL B 939 -29.80 -45.35 4.73
CA VAL B 939 -28.73 -44.60 4.10
C VAL B 939 -28.43 -43.40 4.99
N PRO B 940 -27.18 -42.95 5.08
CA PRO B 940 -26.90 -41.74 5.85
C PRO B 940 -27.44 -40.52 5.12
N ASP B 941 -27.44 -39.41 5.85
CA ASP B 941 -27.87 -38.13 5.30
C ASP B 941 -26.69 -37.24 4.97
N ILE B 942 -25.76 -37.08 5.90
CA ILE B 942 -24.58 -36.26 5.69
C ILE B 942 -23.34 -37.10 5.97
N ILE B 943 -22.40 -37.09 5.03
CA ILE B 943 -21.13 -37.81 5.17
C ILE B 943 -20.04 -36.78 5.38
N MET B 944 -19.22 -36.99 6.40
CA MET B 944 -18.11 -36.09 6.68
C MET B 944 -16.77 -36.80 6.53
N ASN B 945 -15.74 -35.99 6.27
CA ASN B 945 -14.41 -36.53 6.06
C ASN B 945 -13.79 -36.98 7.38
N PRO B 946 -13.16 -38.15 7.42
CA PRO B 946 -12.45 -38.57 8.65
C PRO B 946 -11.16 -37.83 8.89
N HIS B 947 -10.78 -36.88 8.03
CA HIS B 947 -9.57 -36.10 8.19
C HIS B 947 -9.77 -34.89 9.07
N GLY B 948 -10.97 -34.70 9.61
CA GLY B 948 -11.25 -33.59 10.48
C GLY B 948 -11.06 -33.94 11.94
N PHE B 949 -10.88 -35.22 12.23
CA PHE B 949 -10.68 -35.64 13.61
C PHE B 949 -9.24 -35.61 14.11
N PRO B 950 -8.22 -36.13 13.36
CA PRO B 950 -6.84 -36.11 13.88
C PRO B 950 -6.29 -34.74 14.21
N SER B 951 -6.64 -33.73 13.40
CA SER B 951 -6.05 -32.42 13.61
C SER B 951 -6.89 -31.51 14.49
N ARG B 952 -8.05 -31.97 14.96
CA ARG B 952 -8.94 -31.10 15.72
C ARG B 952 -9.39 -31.66 17.06
N MET B 953 -8.90 -32.83 17.47
CA MET B 953 -9.13 -33.39 18.81
C MET B 953 -10.63 -33.56 19.12
N THR B 954 -11.42 -33.81 18.09
CA THR B 954 -12.87 -33.79 18.25
C THR B 954 -13.40 -35.16 18.64
N VAL B 955 -13.03 -35.58 19.86
CA VAL B 955 -13.52 -36.84 20.39
C VAL B 955 -14.94 -36.69 20.91
N GLY B 956 -15.30 -35.47 21.30
CA GLY B 956 -16.64 -35.22 21.79
C GLY B 956 -17.70 -35.52 20.76
N LYS B 957 -17.39 -35.29 19.48
CA LYS B 957 -18.32 -35.62 18.42
C LYS B 957 -18.54 -37.12 18.32
N MET B 958 -17.48 -37.91 18.51
CA MET B 958 -17.62 -39.36 18.47
C MET B 958 -18.45 -39.87 19.64
N ILE B 959 -18.19 -39.34 20.83
CA ILE B 959 -18.99 -39.75 21.98
C ILE B 959 -20.43 -39.31 21.82
N GLU B 960 -20.64 -38.14 21.18
CA GLU B 960 -21.99 -37.69 20.88
C GLU B 960 -22.68 -38.65 19.93
N LEU B 961 -21.96 -39.15 18.93
CA LEU B 961 -22.56 -40.08 17.99
C LEU B 961 -22.98 -41.37 18.68
N ILE B 962 -22.12 -41.91 19.54
CA ILE B 962 -22.45 -43.15 20.23
C ILE B 962 -23.61 -42.94 21.20
N SER B 963 -23.58 -41.84 21.95
CA SER B 963 -24.66 -41.56 22.89
C SER B 963 -25.97 -41.34 22.17
N GLY B 964 -25.95 -40.66 21.02
CA GLY B 964 -27.17 -40.46 20.26
C GLY B 964 -27.72 -41.74 19.68
N LYS B 965 -26.84 -42.62 19.20
CA LYS B 965 -27.29 -43.92 18.71
C LYS B 965 -27.93 -44.73 19.83
N ALA B 966 -27.28 -44.73 21.00
CA ALA B 966 -27.85 -45.44 22.14
C ALA B 966 -29.17 -44.82 22.57
N GLY B 967 -29.30 -43.50 22.45
CA GLY B 967 -30.54 -42.85 22.82
C GLY B 967 -31.69 -43.20 21.89
N VAL B 968 -31.44 -43.13 20.59
CA VAL B 968 -32.52 -43.41 19.64
C VAL B 968 -32.90 -44.88 19.67
N LEU B 969 -31.93 -45.77 19.92
CA LEU B 969 -32.27 -47.18 20.04
C LEU B 969 -33.01 -47.46 21.35
N ASN B 970 -32.55 -46.87 22.44
CA ASN B 970 -33.17 -47.12 23.74
C ASN B 970 -34.50 -46.39 23.86
N GLY B 971 -34.55 -45.15 23.37
CA GLY B 971 -35.77 -44.37 23.37
C GLY B 971 -35.76 -43.12 24.21
N THR B 972 -34.67 -42.80 24.88
CA THR B 972 -34.63 -41.67 25.79
C THR B 972 -33.57 -40.68 25.37
N LEU B 973 -33.84 -39.39 25.57
CA LEU B 973 -32.81 -38.37 25.42
C LEU B 973 -31.71 -38.59 26.45
N GLU B 974 -30.47 -38.52 26.00
CA GLU B 974 -29.33 -38.84 26.84
C GLU B 974 -28.52 -37.58 27.10
N TYR B 975 -28.26 -37.31 28.38
CA TYR B 975 -27.50 -36.14 28.78
C TYR B 975 -26.05 -36.28 28.37
N GLY B 976 -25.44 -35.14 28.03
CA GLY B 976 -24.03 -35.08 27.75
C GLY B 976 -23.44 -33.87 28.43
N THR B 977 -23.93 -33.55 29.63
CA THR B 977 -23.49 -32.34 30.31
C THR B 977 -22.02 -32.43 30.67
N CYS B 978 -21.37 -31.28 30.72
CA CYS B 978 -19.93 -31.28 30.86
C CYS B 978 -19.53 -31.65 32.29
N PHE B 979 -18.39 -32.32 32.41
CA PHE B 979 -17.86 -32.88 33.65
C PHE B 979 -18.84 -33.88 34.25
N GLY B 980 -19.16 -34.92 33.49
CA GLY B 980 -20.10 -35.91 33.98
C GLY B 980 -21.00 -36.43 32.89
N GLY B 981 -22.31 -36.24 33.08
CA GLY B 981 -23.25 -36.68 32.08
C GLY B 981 -23.48 -38.17 32.12
N SER B 982 -23.58 -38.74 30.93
CA SER B 982 -23.78 -40.17 30.76
C SER B 982 -22.49 -40.80 30.27
N LYS B 983 -22.07 -41.88 30.93
CA LYS B 983 -20.81 -42.51 30.63
C LYS B 983 -20.90 -43.28 29.31
N LEU B 984 -19.77 -43.88 28.93
CA LEU B 984 -19.64 -44.57 27.67
C LEU B 984 -20.01 -46.05 27.77
N GLU B 985 -19.68 -46.68 28.90
CA GLU B 985 -19.87 -48.12 29.04
C GLU B 985 -21.36 -48.50 29.02
N ASP B 986 -22.20 -47.70 29.69
CA ASP B 986 -23.62 -48.00 29.69
C ASP B 986 -24.23 -47.86 28.30
N MET B 987 -23.81 -46.84 27.55
CA MET B 987 -24.29 -46.68 26.18
C MET B 987 -23.82 -47.83 25.30
N SER B 988 -22.59 -48.29 25.51
CA SER B 988 -22.09 -49.46 24.79
C SER B 988 -22.92 -50.69 25.12
N LYS B 989 -23.29 -50.84 26.39
CA LYS B 989 -24.13 -51.97 26.78
C LYS B 989 -25.50 -51.90 26.12
N ILE B 990 -26.07 -50.70 26.01
CA ILE B 990 -27.36 -50.56 25.32
C ILE B 990 -27.21 -50.91 23.84
N LEU B 991 -26.12 -50.46 23.23
CA LEU B 991 -25.88 -50.74 21.81
C LEU B 991 -25.73 -52.24 21.55
N VAL B 992 -25.06 -52.95 22.44
CA VAL B 992 -24.95 -54.40 22.25
C VAL B 992 -26.26 -55.10 22.61
N ASP B 993 -27.05 -54.54 23.53
CA ASP B 993 -28.31 -55.15 23.89
C ASP B 993 -29.31 -55.10 22.74
N GLN B 994 -29.38 -53.96 22.04
CA GLN B 994 -30.27 -53.89 20.89
C GLN B 994 -29.72 -54.60 19.66
N GLY B 995 -28.45 -55.01 19.68
CA GLY B 995 -27.89 -55.77 18.59
C GLY B 995 -27.05 -54.98 17.60
N PHE B 996 -26.12 -54.17 18.12
CA PHE B 996 -25.21 -53.40 17.28
C PHE B 996 -23.79 -53.52 17.82
N ASN B 997 -22.84 -52.96 17.08
CA ASN B 997 -21.46 -52.90 17.53
C ASN B 997 -21.31 -51.95 18.71
N TYR B 998 -20.28 -52.19 19.52
CA TYR B 998 -20.06 -51.36 20.70
C TYR B 998 -19.57 -49.97 20.35
N SER B 999 -18.88 -49.80 19.23
CA SER B 999 -18.37 -48.49 18.81
C SER B 999 -19.16 -47.89 17.67
N GLY B 1000 -20.37 -48.40 17.42
CA GLY B 1000 -21.17 -47.87 16.34
C GLY B 1000 -20.66 -48.20 14.96
N LYS B 1001 -19.64 -49.05 14.84
CA LYS B 1001 -19.01 -49.35 13.57
C LYS B 1001 -19.81 -50.44 12.89
N ASP B 1002 -20.89 -50.04 12.23
CA ASP B 1002 -21.74 -50.97 11.50
C ASP B 1002 -21.20 -51.18 10.10
N MET B 1003 -21.42 -52.39 9.58
CA MET B 1003 -20.96 -52.74 8.25
C MET B 1003 -21.90 -52.20 7.21
N LEU B 1004 -21.35 -51.57 6.18
CA LEU B 1004 -22.15 -50.91 5.16
C LEU B 1004 -21.96 -51.60 3.81
N TYR B 1005 -22.76 -51.17 2.84
CA TYR B 1005 -22.69 -51.68 1.47
C TYR B 1005 -22.63 -50.49 0.53
N SER B 1006 -21.61 -50.46 -0.33
CA SER B 1006 -21.41 -49.32 -1.22
C SER B 1006 -22.41 -49.39 -2.36
N GLY B 1007 -23.22 -48.33 -2.49
CA GLY B 1007 -24.29 -48.35 -3.48
C GLY B 1007 -23.82 -48.24 -4.91
N ILE B 1008 -22.57 -47.80 -5.12
CA ILE B 1008 -22.06 -47.69 -6.48
C ILE B 1008 -21.82 -49.06 -7.08
N THR B 1009 -21.26 -49.99 -6.31
CA THR B 1009 -20.94 -51.31 -6.84
C THR B 1009 -21.53 -52.47 -6.06
N GLY B 1010 -22.31 -52.22 -5.00
CA GLY B 1010 -22.98 -53.30 -4.31
C GLY B 1010 -22.10 -54.18 -3.46
N GLU B 1011 -20.84 -53.82 -3.27
CA GLU B 1011 -19.91 -54.64 -2.54
C GLU B 1011 -19.88 -54.25 -1.07
N CYS B 1012 -19.44 -55.19 -0.23
CA CYS B 1012 -19.23 -54.88 1.18
C CYS B 1012 -18.05 -53.94 1.32
N LEU B 1013 -18.19 -52.94 2.19
CA LEU B 1013 -17.07 -52.06 2.47
C LEU B 1013 -15.99 -52.84 3.22
N GLN B 1014 -14.75 -52.71 2.76
CA GLN B 1014 -13.66 -53.47 3.35
C GLN B 1014 -13.27 -52.97 4.74
N ALA B 1015 -13.78 -51.81 5.16
CA ALA B 1015 -13.55 -51.32 6.51
C ALA B 1015 -14.88 -50.87 7.09
N TYR B 1016 -15.04 -51.03 8.40
CA TYR B 1016 -16.27 -50.62 9.05
C TYR B 1016 -16.38 -49.10 9.07
N ILE B 1017 -17.60 -48.61 9.21
CA ILE B 1017 -17.91 -47.19 9.12
C ILE B 1017 -18.62 -46.72 10.39
N PHE B 1018 -18.18 -45.59 10.92
CA PHE B 1018 -18.79 -44.94 12.07
C PHE B 1018 -20.13 -44.36 11.65
N PHE B 1019 -21.20 -44.78 12.33
CA PHE B 1019 -22.56 -44.53 11.85
C PHE B 1019 -23.44 -44.12 13.02
N GLY B 1020 -24.08 -42.96 12.93
CA GLY B 1020 -24.99 -42.56 13.97
C GLY B 1020 -25.56 -41.17 13.84
N PRO B 1021 -26.51 -40.80 14.69
CA PRO B 1021 -27.16 -39.48 14.58
C PRO B 1021 -26.34 -38.39 15.22
N ILE B 1022 -25.99 -37.37 14.44
CA ILE B 1022 -25.33 -36.19 14.96
C ILE B 1022 -26.22 -34.99 14.67
N TYR B 1023 -26.23 -34.04 15.59
CA TYR B 1023 -27.03 -32.84 15.46
C TYR B 1023 -26.25 -31.77 14.71
N TYR B 1024 -26.79 -31.30 13.59
CA TYR B 1024 -26.12 -30.28 12.81
C TYR B 1024 -26.98 -29.04 12.68
N GLN B 1025 -26.32 -27.91 12.57
CA GLN B 1025 -26.95 -26.61 12.38
C GLN B 1025 -26.65 -26.12 10.98
N LYS B 1026 -27.61 -25.42 10.38
CA LYS B 1026 -27.38 -24.74 9.12
C LYS B 1026 -27.11 -23.27 9.42
N LEU B 1027 -25.92 -22.80 9.07
CA LEU B 1027 -25.55 -21.43 9.36
C LEU B 1027 -26.16 -20.47 8.34
N LYS B 1028 -26.15 -19.19 8.68
CA LYS B 1028 -26.79 -18.19 7.83
C LYS B 1028 -25.92 -17.77 6.66
N HIS B 1029 -24.63 -18.11 6.67
CA HIS B 1029 -23.74 -17.70 5.58
C HIS B 1029 -23.95 -18.65 4.42
N MET B 1030 -24.81 -18.28 3.49
CA MET B 1030 -25.19 -19.12 2.36
C MET B 1030 -24.69 -18.50 1.07
N VAL B 1031 -24.62 -19.35 0.04
CA VAL B 1031 -24.02 -18.94 -1.23
C VAL B 1031 -24.86 -17.87 -1.90
N LEU B 1032 -26.17 -17.93 -1.72
CA LEU B 1032 -27.08 -17.14 -2.55
C LEU B 1032 -27.06 -15.67 -2.20
N ASP B 1033 -26.50 -15.32 -1.04
CA ASP B 1033 -26.24 -13.92 -0.69
C ASP B 1033 -24.80 -13.50 -0.90
N LYS B 1034 -23.93 -14.37 -1.40
CA LYS B 1034 -22.53 -14.04 -1.59
C LYS B 1034 -22.03 -14.16 -3.03
N MET B 1035 -22.85 -14.62 -3.96
CA MET B 1035 -22.48 -14.61 -5.36
C MET B 1035 -22.34 -13.18 -5.84
N HIS B 1036 -21.39 -12.94 -6.74
CA HIS B 1036 -21.16 -11.59 -7.22
C HIS B 1036 -20.54 -11.58 -8.62
N ALA B 1037 -20.92 -10.60 -9.43
CA ALA B 1037 -20.33 -10.40 -10.74
C ALA B 1037 -20.40 -8.92 -11.07
N ARG B 1038 -19.41 -8.44 -11.81
CA ARG B 1038 -19.26 -7.00 -12.00
C ARG B 1038 -19.57 -6.54 -13.41
N ALA B 1039 -18.87 -7.05 -14.41
CA ALA B 1039 -18.98 -6.61 -15.81
C ALA B 1039 -18.73 -5.10 -15.85
N ARG B 1040 -19.58 -4.31 -16.50
CA ARG B 1040 -19.47 -2.86 -16.50
C ARG B 1040 -20.64 -2.29 -15.71
N GLY B 1041 -20.34 -1.43 -14.74
CA GLY B 1041 -21.34 -0.99 -13.80
C GLY B 1041 -21.10 0.41 -13.28
N PRO B 1042 -21.77 0.74 -12.18
CA PRO B 1042 -21.71 2.11 -11.65
C PRO B 1042 -20.31 2.47 -11.18
N ARG B 1043 -19.99 3.76 -11.30
CA ARG B 1043 -18.69 4.31 -10.94
C ARG B 1043 -18.86 5.45 -9.95
N ALA B 1044 -17.89 5.58 -9.05
CA ALA B 1044 -17.85 6.71 -8.13
C ALA B 1044 -17.54 7.99 -8.88
N VAL B 1045 -18.09 9.10 -8.41
CA VAL B 1045 -17.96 10.37 -9.12
C VAL B 1045 -16.64 11.08 -8.83
N LEU B 1046 -15.89 10.64 -7.82
CA LEU B 1046 -14.64 11.28 -7.45
C LEU B 1046 -13.41 10.57 -7.99
N THR B 1047 -13.46 9.25 -8.15
CA THR B 1047 -12.32 8.50 -8.66
C THR B 1047 -12.58 7.81 -10.00
N ARG B 1048 -13.84 7.65 -10.41
CA ARG B 1048 -14.22 6.98 -11.66
C ARG B 1048 -13.63 5.57 -11.74
N GLN B 1049 -13.62 4.88 -10.61
CA GLN B 1049 -13.29 3.49 -10.48
C GLN B 1049 -14.51 2.71 -10.02
N PRO B 1050 -14.49 1.39 -10.08
CA PRO B 1050 -15.60 0.60 -9.53
C PRO B 1050 -15.85 0.89 -8.06
N THR B 1051 -17.14 0.88 -7.70
CA THR B 1051 -17.54 1.11 -6.32
C THR B 1051 -17.29 -0.15 -5.48
N GLU B 1052 -17.60 -0.04 -4.19
CA GLU B 1052 -17.35 -1.12 -3.25
C GLU B 1052 -18.67 -1.70 -2.75
N GLY B 1053 -18.66 -3.01 -2.48
CA GLY B 1053 -19.82 -3.67 -1.93
C GLY B 1053 -20.72 -4.32 -2.95
N ARG B 1054 -21.36 -5.43 -2.58
CA ARG B 1054 -22.35 -6.07 -3.44
C ARG B 1054 -23.71 -5.40 -3.36
N SER B 1055 -23.89 -4.47 -2.43
CA SER B 1055 -25.11 -3.68 -2.36
C SER B 1055 -25.09 -2.50 -3.33
N ARG B 1056 -24.00 -2.30 -4.06
CA ARG B 1056 -23.95 -1.25 -5.07
C ARG B 1056 -23.42 -1.77 -6.41
N ASP B 1057 -23.54 -3.06 -6.67
CA ASP B 1057 -23.02 -3.71 -7.87
C ASP B 1057 -21.53 -3.43 -8.05
N GLY B 1058 -20.78 -3.51 -6.96
CA GLY B 1058 -19.38 -3.17 -6.98
C GLY B 1058 -18.50 -4.30 -7.49
N GLY B 1059 -17.19 -4.04 -7.46
CA GLY B 1059 -16.20 -4.99 -7.91
C GLY B 1059 -15.28 -5.41 -6.78
N LEU B 1060 -14.24 -6.14 -7.16
CA LEU B 1060 -13.30 -6.70 -6.21
C LEU B 1060 -12.02 -5.89 -6.17
N ARG B 1061 -11.47 -5.73 -4.97
CA ARG B 1061 -10.22 -5.01 -4.83
C ARG B 1061 -9.05 -5.86 -5.30
N LEU B 1062 -8.08 -5.21 -5.93
CA LEU B 1062 -6.81 -5.82 -6.32
C LEU B 1062 -5.77 -5.04 -5.52
N GLY B 1063 -5.50 -5.50 -4.31
CA GLY B 1063 -4.71 -4.74 -3.37
C GLY B 1063 -3.24 -4.68 -3.74
N GLU B 1064 -2.47 -4.07 -2.85
CA GLU B 1064 -1.03 -3.93 -3.08
C GLU B 1064 -0.33 -5.28 -3.08
N MET B 1065 -0.76 -6.21 -2.22
CA MET B 1065 -0.13 -7.53 -2.18
C MET B 1065 -0.34 -8.30 -3.47
N GLU B 1066 -1.54 -8.22 -4.04
CA GLU B 1066 -1.78 -8.88 -5.33
C GLU B 1066 -0.98 -8.21 -6.44
N ARG B 1067 -0.82 -6.89 -6.37
CA ARG B 1067 -0.01 -6.19 -7.35
C ARG B 1067 1.44 -6.65 -7.30
N ASP B 1068 1.97 -6.81 -6.09
CA ASP B 1068 3.32 -7.33 -5.92
C ASP B 1068 3.44 -8.76 -6.42
N CYS B 1069 2.42 -9.59 -6.16
CA CYS B 1069 2.45 -10.96 -6.65
C CYS B 1069 2.39 -11.04 -8.17
N VAL B 1070 1.65 -10.15 -8.82
CA VAL B 1070 1.66 -10.13 -10.29
C VAL B 1070 3.00 -9.62 -10.81
N ILE B 1071 3.62 -8.67 -10.13
CA ILE B 1071 4.98 -8.25 -10.50
C ILE B 1071 5.94 -9.42 -10.37
N ALA B 1072 5.74 -10.27 -9.37
CA ALA B 1072 6.63 -11.40 -9.11
C ALA B 1072 6.66 -12.41 -10.24
N TYR B 1073 5.70 -12.38 -11.16
CA TYR B 1073 5.74 -13.32 -12.27
C TYR B 1073 6.40 -12.74 -13.51
N GLY B 1074 6.55 -11.42 -13.57
CA GLY B 1074 6.98 -10.77 -14.78
C GLY B 1074 5.86 -10.40 -15.72
N ALA B 1075 4.62 -10.37 -15.23
CA ALA B 1075 3.47 -10.02 -16.04
C ALA B 1075 3.35 -8.50 -16.10
N SER B 1076 3.74 -7.93 -17.23
CA SER B 1076 3.62 -6.49 -17.41
C SER B 1076 2.31 -6.12 -18.08
N GLN B 1077 1.99 -6.80 -19.18
CA GLN B 1077 0.79 -6.50 -19.94
C GLN B 1077 -0.47 -6.75 -19.12
N LEU B 1078 -0.47 -7.81 -18.32
CA LEU B 1078 -1.62 -8.10 -17.47
C LEU B 1078 -1.83 -7.01 -16.43
N LEU B 1079 -0.75 -6.54 -15.81
CA LEU B 1079 -0.86 -5.47 -14.82
C LEU B 1079 -1.37 -4.19 -15.46
N LEU B 1080 -0.86 -3.87 -16.66
CA LEU B 1080 -1.34 -2.69 -17.37
C LEU B 1080 -2.81 -2.81 -17.72
N GLU B 1081 -3.25 -4.01 -18.13
CA GLU B 1081 -4.66 -4.21 -18.43
C GLU B 1081 -5.51 -4.08 -17.18
N ARG B 1082 -5.05 -4.66 -16.07
CA ARG B 1082 -5.88 -4.71 -14.87
C ARG B 1082 -6.04 -3.33 -14.24
N LEU B 1083 -4.96 -2.55 -14.18
CA LEU B 1083 -5.01 -1.32 -13.43
C LEU B 1083 -5.13 -0.07 -14.28
N MET B 1084 -5.07 -0.17 -15.60
CA MET B 1084 -5.28 1.00 -16.45
C MET B 1084 -6.37 0.80 -17.49
N ILE B 1085 -6.35 -0.30 -18.24
CA ILE B 1085 -7.28 -0.48 -19.36
C ILE B 1085 -8.70 -0.64 -18.87
N SER B 1086 -8.92 -1.53 -17.90
CA SER B 1086 -10.27 -1.92 -17.50
C SER B 1086 -10.68 -1.42 -16.13
N SER B 1087 -9.90 -0.52 -15.52
CA SER B 1087 -10.25 0.01 -14.22
C SER B 1087 -10.59 1.50 -14.26
N ASP B 1088 -9.66 2.35 -14.69
CA ASP B 1088 -9.94 3.78 -14.71
C ASP B 1088 -9.31 4.48 -15.91
N ALA B 1089 -9.43 3.91 -17.12
CA ALA B 1089 -8.77 4.47 -18.29
C ALA B 1089 -9.30 5.87 -18.59
N PHE B 1090 -8.39 6.76 -19.01
CA PHE B 1090 -8.81 8.12 -19.30
C PHE B 1090 -7.90 8.71 -20.36
N GLU B 1091 -8.52 9.42 -21.31
CA GLU B 1091 -7.78 10.13 -22.34
C GLU B 1091 -7.54 11.56 -21.88
N VAL B 1092 -6.26 11.96 -21.89
CA VAL B 1092 -5.86 13.27 -21.42
C VAL B 1092 -5.05 13.92 -22.53
N ASP B 1093 -4.96 15.23 -22.49
CA ASP B 1093 -4.13 15.99 -23.42
C ASP B 1093 -3.03 16.68 -22.62
N VAL B 1094 -1.79 16.49 -23.04
CA VAL B 1094 -0.63 17.01 -22.32
C VAL B 1094 0.18 17.88 -23.27
N CYS B 1095 0.58 19.04 -22.79
CA CYS B 1095 1.44 19.96 -23.54
C CYS B 1095 2.89 19.66 -23.19
N ASP B 1096 3.63 19.12 -24.15
CA ASP B 1096 5.01 18.73 -23.86
C ASP B 1096 6.01 19.86 -24.08
N LYS B 1097 5.69 21.03 -23.58
CA LYS B 1097 6.67 22.10 -23.46
C LYS B 1097 6.66 22.68 -22.05
N CYS B 1098 5.49 22.78 -21.42
CA CYS B 1098 5.38 23.12 -20.01
C CYS B 1098 5.18 21.86 -19.16
N GLY B 1099 4.16 21.07 -19.47
CA GLY B 1099 4.02 19.76 -18.87
C GLY B 1099 2.76 19.56 -18.06
N LEU B 1100 1.80 20.45 -18.17
CA LEU B 1100 0.58 20.37 -17.39
C LEU B 1100 -0.59 19.88 -18.25
N MET B 1101 -1.62 19.39 -17.58
CA MET B 1101 -2.79 18.88 -18.30
C MET B 1101 -3.55 20.03 -18.93
N GLY B 1102 -4.21 19.75 -20.05
CA GLY B 1102 -5.07 20.73 -20.67
C GLY B 1102 -6.50 20.25 -20.74
N TYR B 1103 -7.21 20.64 -21.80
CA TYR B 1103 -8.54 20.13 -22.06
C TYR B 1103 -8.87 20.35 -23.53
N SER B 1104 -9.45 19.33 -24.16
CA SER B 1104 -10.03 19.40 -25.51
C SER B 1104 -9.01 19.91 -26.53
N GLY B 1105 -7.79 19.40 -26.43
CA GLY B 1105 -6.74 19.80 -27.35
C GLY B 1105 -6.33 21.24 -27.21
N TRP B 1106 -6.14 21.70 -25.98
CA TRP B 1106 -5.77 23.09 -25.71
C TRP B 1106 -5.10 23.15 -24.36
N CYS B 1107 -3.95 23.82 -24.29
CA CYS B 1107 -3.23 24.03 -23.05
C CYS B 1107 -3.57 25.43 -22.52
N THR B 1108 -4.12 25.48 -21.31
CA THR B 1108 -4.60 26.74 -20.77
C THR B 1108 -3.52 27.59 -20.13
N THR B 1109 -2.24 27.30 -20.38
CA THR B 1109 -1.15 28.14 -19.92
C THR B 1109 -0.40 28.83 -21.05
N CYS B 1110 -0.07 28.11 -22.12
CA CYS B 1110 0.64 28.67 -23.25
C CYS B 1110 -0.27 29.38 -24.24
N LYS B 1111 -1.60 29.22 -24.10
CA LYS B 1111 -2.60 29.79 -25.00
C LYS B 1111 -2.35 29.37 -26.46
N SER B 1112 -2.07 28.09 -26.64
CA SER B 1112 -1.82 27.56 -27.97
C SER B 1112 -2.01 26.05 -27.95
N ALA B 1113 -2.36 25.49 -29.11
CA ALA B 1113 -2.50 24.05 -29.29
C ALA B 1113 -1.35 23.45 -30.07
N GLU B 1114 -0.20 24.12 -30.08
CA GLU B 1114 0.93 23.72 -30.92
C GLU B 1114 1.66 22.48 -30.42
N ASN B 1115 1.52 22.16 -29.12
CA ASN B 1115 2.27 21.04 -28.55
C ASN B 1115 1.37 20.03 -27.86
N ILE B 1116 0.07 20.04 -28.12
CA ILE B 1116 -0.85 19.13 -27.44
C ILE B 1116 -0.68 17.72 -27.98
N ILE B 1117 -0.58 16.76 -27.07
CA ILE B 1117 -0.44 15.35 -27.41
C ILE B 1117 -1.43 14.54 -26.60
N LYS B 1118 -2.19 13.69 -27.29
CA LYS B 1118 -3.16 12.81 -26.64
C LYS B 1118 -2.43 11.65 -25.98
N MET B 1119 -2.79 11.35 -24.74
CA MET B 1119 -2.18 10.24 -24.00
C MET B 1119 -3.25 9.55 -23.18
N THR B 1120 -2.92 8.37 -22.68
CA THR B 1120 -3.81 7.57 -21.86
C THR B 1120 -3.20 7.40 -20.48
N ILE B 1121 -3.93 7.85 -19.46
CA ILE B 1121 -3.50 7.68 -18.07
C ILE B 1121 -4.68 7.21 -17.24
N PRO B 1122 -4.41 6.60 -16.08
CA PRO B 1122 -5.49 6.36 -15.12
C PRO B 1122 -6.08 7.67 -14.62
N TYR B 1123 -7.37 7.65 -14.33
CA TYR B 1123 -8.02 8.85 -13.82
C TYR B 1123 -7.51 9.21 -12.44
N ALA B 1124 -7.06 8.21 -11.68
CA ALA B 1124 -6.45 8.48 -10.39
C ALA B 1124 -5.16 9.27 -10.54
N ALA B 1125 -4.44 9.07 -11.65
CA ALA B 1125 -3.24 9.87 -11.90
C ALA B 1125 -3.59 11.35 -12.12
N LYS B 1126 -4.65 11.61 -12.88
CA LYS B 1126 -5.06 12.99 -13.10
C LYS B 1126 -5.56 13.62 -11.81
N LEU B 1127 -6.29 12.84 -11.02
CA LEU B 1127 -6.75 13.30 -9.70
C LEU B 1127 -5.57 13.64 -8.81
N LEU B 1128 -4.54 12.79 -8.79
CA LEU B 1128 -3.35 13.07 -8.00
C LEU B 1128 -2.65 14.32 -8.48
N PHE B 1129 -2.56 14.49 -9.80
CA PHE B 1129 -1.87 15.67 -10.33
C PHE B 1129 -2.59 16.95 -9.96
N GLN B 1130 -3.93 16.95 -10.04
CA GLN B 1130 -4.66 18.16 -9.68
C GLN B 1130 -4.61 18.40 -8.18
N GLU B 1131 -4.63 17.34 -7.37
CA GLU B 1131 -4.49 17.51 -5.93
C GLU B 1131 -3.13 18.10 -5.58
N LEU B 1132 -2.08 17.64 -6.25
CA LEU B 1132 -0.75 18.20 -6.03
C LEU B 1132 -0.68 19.65 -6.47
N LEU B 1133 -1.33 19.98 -7.59
CA LEU B 1133 -1.32 21.35 -8.09
C LEU B 1133 -2.03 22.29 -7.12
N SER B 1134 -3.10 21.83 -6.49
CA SER B 1134 -3.76 22.66 -5.49
C SER B 1134 -2.90 22.84 -4.25
N MET B 1135 -1.92 21.97 -4.04
CA MET B 1135 -1.01 22.02 -2.92
C MET B 1135 0.27 22.79 -3.24
N ASN B 1136 0.28 23.51 -4.36
CA ASN B 1136 1.45 24.21 -4.89
C ASN B 1136 2.63 23.26 -5.10
N ILE B 1137 2.35 22.08 -5.64
CA ILE B 1137 3.36 21.19 -6.21
C ILE B 1137 3.03 20.99 -7.67
N ALA B 1138 4.01 21.21 -8.54
CA ALA B 1138 3.75 21.13 -9.97
C ALA B 1138 4.27 19.83 -10.53
N PRO B 1139 3.42 18.88 -10.88
CA PRO B 1139 3.90 17.62 -11.47
C PRO B 1139 4.04 17.74 -12.97
N ARG B 1140 5.07 18.47 -13.39
CA ARG B 1140 5.32 18.65 -14.81
C ARG B 1140 5.73 17.35 -15.47
N LEU B 1141 5.09 17.03 -16.58
CA LEU B 1141 5.38 15.83 -17.34
C LEU B 1141 6.30 16.14 -18.51
N ARG B 1142 7.25 15.24 -18.74
CA ARG B 1142 8.17 15.34 -19.86
C ARG B 1142 8.01 14.11 -20.73
N LEU B 1143 7.98 14.30 -22.04
CA LEU B 1143 7.64 13.22 -22.97
C LEU B 1143 8.80 12.94 -23.93
N GLU B 1144 9.06 11.65 -24.14
CA GLU B 1144 10.01 11.18 -25.13
C GLU B 1144 9.28 10.33 -26.15
N ASP B 1145 9.93 10.13 -27.30
CA ASP B 1145 9.34 9.32 -28.36
C ASP B 1145 9.30 7.86 -27.94
N ILE B 1146 8.17 7.20 -28.21
CA ILE B 1146 8.04 5.77 -27.89
C ILE B 1146 8.93 4.95 -28.80
N PHE B 1147 9.30 5.49 -29.96
CA PHE B 1147 10.14 4.82 -30.92
C PHE B 1147 11.48 5.53 -31.03
N GLN B 1148 12.53 4.74 -31.27
CA GLN B 1148 13.87 5.31 -31.36
C GLN B 1148 14.05 6.21 -32.57
N GLN B 1149 13.31 5.95 -33.65
CA GLN B 1149 13.26 6.76 -34.87
C GLN B 1149 14.61 7.24 -35.39
N SER C 2 -14.30 -70.00 -0.63
CA SER C 2 -13.78 -69.11 -1.67
C SER C 2 -14.62 -67.85 -1.79
N ASN C 3 -15.91 -67.96 -1.47
CA ASN C 3 -16.82 -66.82 -1.50
C ASN C 3 -17.33 -66.42 -0.12
N ILE C 4 -16.74 -66.98 0.95
CA ILE C 4 -17.15 -66.63 2.31
C ILE C 4 -16.43 -65.34 2.67
N VAL C 5 -17.18 -64.23 2.66
CA VAL C 5 -16.63 -62.93 2.99
C VAL C 5 -16.38 -62.89 4.49
N GLY C 6 -15.11 -62.91 4.88
CA GLY C 6 -14.80 -63.02 6.30
C GLY C 6 -14.87 -61.68 7.01
N ILE C 7 -15.25 -61.72 8.28
CA ILE C 7 -15.44 -60.51 9.08
C ILE C 7 -14.41 -60.58 10.20
N GLU C 8 -13.24 -60.03 9.97
CA GLU C 8 -12.22 -59.95 11.00
C GLU C 8 -12.48 -58.73 11.87
N TYR C 9 -11.95 -58.76 13.10
CA TYR C 9 -12.31 -57.79 14.13
C TYR C 9 -12.03 -56.36 13.72
N ASN C 10 -11.13 -56.14 12.75
CA ASN C 10 -10.86 -54.81 12.25
C ASN C 10 -10.94 -54.67 10.74
N ARG C 11 -11.42 -55.68 10.01
CA ARG C 11 -11.44 -55.59 8.56
C ARG C 11 -12.44 -56.57 7.98
N VAL C 12 -12.68 -56.45 6.68
CA VAL C 12 -13.53 -57.36 5.93
C VAL C 12 -12.70 -57.93 4.78
N THR C 13 -12.66 -59.25 4.67
CA THR C 13 -11.76 -59.89 3.72
C THR C 13 -12.54 -60.72 2.70
N ASN C 14 -11.94 -60.82 1.51
CA ASN C 14 -12.48 -61.56 0.37
C ASN C 14 -13.83 -61.00 -0.08
N THR C 15 -13.86 -59.69 -0.30
CA THR C 15 -15.08 -59.01 -0.69
C THR C 15 -15.26 -58.90 -2.20
N THR C 16 -14.17 -58.92 -2.95
CA THR C 16 -14.26 -58.77 -4.40
C THR C 16 -14.90 -60.01 -5.03
N SER C 17 -15.53 -59.81 -6.18
CA SER C 17 -16.12 -60.92 -6.92
C SER C 17 -15.01 -61.87 -7.37
N THR C 18 -15.28 -63.18 -7.24
CA THR C 18 -14.24 -64.19 -7.33
C THR C 18 -14.42 -65.13 -8.51
N ASP C 19 -15.26 -64.80 -9.49
CA ASP C 19 -15.45 -65.67 -10.65
C ASP C 19 -15.54 -64.85 -11.92
N PHE C 20 -14.66 -65.17 -12.88
CA PHE C 20 -14.67 -64.72 -14.27
C PHE C 20 -13.52 -65.42 -14.99
N PRO C 21 -13.60 -65.61 -16.30
CA PRO C 21 -12.42 -66.07 -17.04
C PRO C 21 -11.30 -65.04 -16.93
N GLY C 22 -10.08 -65.53 -16.72
CA GLY C 22 -8.92 -64.69 -16.50
C GLY C 22 -8.49 -64.61 -15.05
N PHE C 23 -9.39 -64.98 -14.14
CA PHE C 23 -9.04 -65.00 -12.72
C PHE C 23 -8.05 -66.10 -12.41
N SER C 24 -8.22 -67.28 -13.01
CA SER C 24 -7.34 -68.41 -12.77
C SER C 24 -6.97 -69.06 -14.09
N LYS C 25 -5.96 -69.93 -14.02
CA LYS C 25 -5.49 -70.63 -15.22
C LYS C 25 -6.56 -71.56 -15.77
N ASP C 26 -7.43 -72.08 -14.91
CA ASP C 26 -8.48 -72.98 -15.35
C ASP C 26 -9.48 -72.31 -16.30
N ALA C 27 -9.60 -70.98 -16.24
CA ALA C 27 -10.53 -70.20 -17.05
C ALA C 27 -11.97 -70.70 -16.89
N GLU C 28 -12.34 -71.01 -15.65
CA GLU C 28 -13.68 -71.49 -15.37
C GLU C 28 -14.65 -70.32 -15.24
N ASN C 29 -15.91 -70.65 -14.98
CA ASN C 29 -16.99 -69.68 -14.79
C ASN C 29 -17.15 -68.75 -15.99
N GLU C 30 -17.17 -69.34 -17.18
CA GLU C 30 -17.57 -68.59 -18.36
C GLU C 30 -19.08 -68.35 -18.32
N TRP C 31 -19.53 -67.41 -19.14
CA TRP C 31 -20.96 -67.13 -19.22
C TRP C 31 -21.70 -68.28 -19.88
N ASN C 32 -22.85 -68.64 -19.30
CA ASN C 32 -23.71 -69.68 -19.88
C ASN C 32 -25.09 -69.51 -19.26
N VAL C 33 -26.12 -69.40 -20.10
CA VAL C 33 -27.47 -69.18 -19.59
C VAL C 33 -27.98 -70.41 -18.87
N GLU C 34 -27.53 -71.60 -19.29
CA GLU C 34 -27.98 -72.83 -18.66
C GLU C 34 -27.48 -72.93 -17.22
N LYS C 35 -26.28 -72.40 -16.96
CA LYS C 35 -25.73 -72.46 -15.60
C LYS C 35 -26.55 -71.61 -14.64
N PHE C 36 -26.88 -70.39 -15.04
CA PHE C 36 -27.69 -69.53 -14.19
C PHE C 36 -29.13 -70.01 -14.13
N LYS C 37 -29.61 -70.69 -15.17
CA LYS C 37 -30.93 -71.31 -15.10
C LYS C 37 -30.95 -72.41 -14.06
N LYS C 38 -29.89 -73.22 -14.01
CA LYS C 38 -29.87 -74.35 -13.10
C LYS C 38 -29.59 -73.93 -11.66
N ASP C 39 -28.76 -72.91 -11.43
CA ASP C 39 -28.28 -72.64 -10.09
C ASP C 39 -29.03 -71.53 -9.35
N PHE C 40 -29.58 -70.56 -10.07
CA PHE C 40 -30.23 -69.43 -9.41
C PHE C 40 -31.50 -69.85 -8.69
N GLU C 41 -31.74 -69.26 -7.52
CA GLU C 41 -32.89 -69.63 -6.71
C GLU C 41 -33.54 -68.40 -6.09
N VAL C 42 -34.86 -68.50 -5.91
CA VAL C 42 -35.64 -67.47 -5.22
C VAL C 42 -36.49 -68.14 -4.16
N ASN C 43 -36.42 -67.62 -2.93
CA ASN C 43 -37.23 -68.15 -1.83
C ASN C 43 -37.89 -67.00 -1.09
N ILE C 44 -39.22 -67.02 -1.01
CA ILE C 44 -39.98 -65.96 -0.38
C ILE C 44 -40.25 -66.36 1.07
N SER C 45 -39.63 -65.64 2.02
CA SER C 45 -39.83 -65.97 3.42
C SER C 45 -41.20 -65.51 3.90
N SER C 46 -41.62 -64.31 3.51
CA SER C 46 -42.91 -63.78 3.89
C SER C 46 -43.36 -62.77 2.84
N LEU C 47 -44.67 -62.63 2.69
CA LEU C 47 -45.25 -61.72 1.72
C LEU C 47 -46.51 -61.12 2.33
N ASP C 48 -46.50 -59.79 2.51
CA ASP C 48 -47.61 -59.10 3.14
C ASP C 48 -48.13 -58.03 2.19
N ALA C 49 -49.13 -57.28 2.67
CA ALA C 49 -49.71 -56.22 1.85
C ALA C 49 -48.74 -55.06 1.69
N ARG C 50 -47.86 -54.84 2.66
CA ARG C 50 -46.95 -53.71 2.65
C ARG C 50 -45.49 -54.13 2.45
N GLU C 51 -45.04 -55.17 3.14
CA GLU C 51 -43.64 -55.55 3.16
C GLU C 51 -43.45 -56.93 2.56
N ALA C 52 -42.34 -57.11 1.83
CA ALA C 52 -41.96 -58.38 1.26
C ALA C 52 -40.52 -58.71 1.64
N ASN C 53 -40.29 -59.97 1.97
CA ASN C 53 -38.98 -60.46 2.37
C ASN C 53 -38.67 -61.72 1.59
N PHE C 54 -37.61 -61.66 0.76
CA PHE C 54 -37.27 -62.83 -0.03
C PHE C 54 -35.77 -62.93 -0.18
N ASP C 55 -35.32 -64.00 -0.85
CA ASP C 55 -33.92 -64.35 -0.93
C ASP C 55 -33.59 -64.72 -2.37
N LEU C 56 -32.50 -64.15 -2.87
CA LEU C 56 -31.95 -64.48 -4.18
C LEU C 56 -30.62 -65.20 -3.99
N ILE C 57 -30.51 -66.41 -4.54
CA ILE C 57 -29.38 -67.29 -4.28
C ILE C 57 -28.67 -67.57 -5.60
N ASN C 58 -27.34 -67.61 -5.56
CA ASN C 58 -26.46 -67.84 -6.71
C ASN C 58 -26.61 -66.76 -7.77
N ILE C 59 -26.37 -65.51 -7.37
CA ILE C 59 -26.31 -64.37 -8.28
C ILE C 59 -25.28 -63.40 -7.74
N ASP C 60 -24.62 -62.68 -8.65
CA ASP C 60 -23.53 -61.82 -8.22
C ASP C 60 -24.03 -60.47 -7.75
N THR C 61 -23.13 -59.71 -7.12
CA THR C 61 -23.53 -58.54 -6.36
C THR C 61 -23.94 -57.37 -7.24
N SER C 62 -23.37 -57.26 -8.44
CA SER C 62 -23.68 -56.12 -9.30
C SER C 62 -25.14 -56.16 -9.74
N ILE C 63 -25.67 -57.36 -9.96
CA ILE C 63 -27.03 -57.49 -10.46
C ILE C 63 -28.04 -57.10 -9.37
N ALA C 64 -27.83 -57.58 -8.14
CA ALA C 64 -28.70 -57.22 -7.04
C ALA C 64 -28.61 -55.72 -6.74
N ASN C 65 -27.39 -55.16 -6.82
CA ASN C 65 -27.25 -53.73 -6.64
C ASN C 65 -28.03 -52.97 -7.71
N ALA C 66 -27.95 -53.42 -8.96
CA ALA C 66 -28.68 -52.77 -10.05
C ALA C 66 -30.18 -52.84 -9.81
N PHE C 67 -30.67 -53.97 -9.33
CA PHE C 67 -32.10 -54.10 -9.01
C PHE C 67 -32.51 -53.10 -7.93
N ARG C 68 -31.67 -52.96 -6.90
CA ARG C 68 -31.98 -52.02 -5.82
C ARG C 68 -32.01 -50.58 -6.34
N ARG C 69 -31.06 -50.23 -7.20
CA ARG C 69 -31.00 -48.86 -7.73
C ARG C 69 -32.21 -48.57 -8.61
N ILE C 70 -32.62 -49.54 -9.43
CA ILE C 70 -33.81 -49.35 -10.26
C ILE C 70 -35.05 -49.21 -9.38
N MET C 71 -35.12 -49.97 -8.30
CA MET C 71 -36.26 -49.83 -7.39
C MET C 71 -36.32 -48.46 -6.74
N ILE C 72 -35.18 -47.96 -6.26
CA ILE C 72 -35.19 -46.67 -5.59
C ILE C 72 -35.43 -45.51 -6.55
N SER C 73 -34.80 -45.51 -7.72
CA SER C 73 -34.76 -44.30 -8.54
C SER C 73 -35.44 -44.37 -9.89
N GLU C 74 -35.77 -45.56 -10.41
CA GLU C 74 -36.27 -45.64 -11.78
C GLU C 74 -37.66 -46.26 -11.94
N VAL C 75 -38.24 -46.86 -10.91
CA VAL C 75 -39.60 -47.37 -11.01
C VAL C 75 -40.56 -46.21 -10.79
N PRO C 76 -41.44 -45.92 -11.73
CA PRO C 76 -42.29 -44.73 -11.62
C PRO C 76 -43.40 -44.90 -10.60
N SER C 77 -43.86 -43.77 -10.09
CA SER C 77 -44.99 -43.69 -9.17
C SER C 77 -45.61 -42.31 -9.32
N VAL C 78 -46.65 -42.04 -8.53
CA VAL C 78 -47.39 -40.79 -8.64
C VAL C 78 -47.25 -40.00 -7.36
N ALA C 79 -47.21 -38.68 -7.51
CA ALA C 79 -47.16 -37.75 -6.39
C ALA C 79 -47.65 -36.40 -6.88
N ALA C 80 -47.91 -35.50 -5.93
CA ALA C 80 -48.42 -34.17 -6.24
C ALA C 80 -47.26 -33.28 -6.69
N GLU C 81 -47.27 -32.89 -7.96
CA GLU C 81 -46.24 -32.02 -8.51
C GLU C 81 -46.65 -30.56 -8.52
N TYR C 82 -47.94 -30.24 -8.68
CA TYR C 82 -48.35 -28.86 -8.73
C TYR C 82 -49.47 -28.62 -7.72
N VAL C 83 -49.49 -27.41 -7.16
CA VAL C 83 -50.57 -26.99 -6.29
C VAL C 83 -51.06 -25.63 -6.75
N TYR C 84 -52.38 -25.44 -6.74
CA TYR C 84 -52.99 -24.12 -6.90
C TYR C 84 -53.71 -23.79 -5.61
N PHE C 85 -53.40 -22.63 -5.04
CA PHE C 85 -53.94 -22.22 -3.76
C PHE C 85 -55.11 -21.28 -3.93
N PHE C 86 -56.21 -21.59 -3.25
CA PHE C 86 -57.41 -20.76 -3.25
C PHE C 86 -57.62 -20.30 -1.81
N ASN C 87 -57.14 -19.11 -1.48
CA ASN C 87 -57.39 -18.46 -0.19
C ASN C 87 -56.90 -19.33 0.97
N ASN C 88 -55.58 -19.54 1.01
CA ASN C 88 -54.92 -20.34 2.03
C ASN C 88 -54.51 -19.40 3.16
N THR C 89 -55.41 -19.22 4.12
CA THR C 89 -55.13 -18.44 5.33
C THR C 89 -54.77 -19.43 6.44
N SER C 90 -53.47 -19.64 6.64
CA SER C 90 -52.99 -20.54 7.69
C SER C 90 -51.65 -20.01 8.19
N VAL C 91 -51.28 -20.43 9.39
CA VAL C 91 -49.99 -20.04 9.94
C VAL C 91 -48.87 -20.88 9.34
N ILE C 92 -49.17 -22.12 8.93
CA ILE C 92 -48.21 -22.87 8.13
C ILE C 92 -48.16 -22.21 6.76
N GLN C 93 -46.94 -22.04 6.23
CA GLN C 93 -46.77 -21.27 5.01
C GLN C 93 -47.35 -22.03 3.82
N ASP C 94 -47.48 -21.30 2.71
CA ASP C 94 -48.00 -21.90 1.49
C ASP C 94 -47.09 -23.01 0.97
N GLU C 95 -45.78 -22.76 0.94
CA GLU C 95 -44.89 -23.72 0.32
C GLU C 95 -44.66 -24.94 1.22
N VAL C 96 -44.83 -24.78 2.54
CA VAL C 96 -44.73 -25.95 3.41
C VAL C 96 -45.91 -26.89 3.20
N LEU C 97 -47.12 -26.32 3.06
CA LEU C 97 -48.28 -27.15 2.73
C LEU C 97 -48.12 -27.77 1.35
N ALA C 98 -47.53 -27.03 0.42
CA ALA C 98 -47.24 -27.57 -0.90
C ALA C 98 -46.30 -28.76 -0.80
N HIS C 99 -45.28 -28.64 0.04
CA HIS C 99 -44.29 -29.69 0.20
C HIS C 99 -44.90 -30.94 0.81
N ARG C 100 -45.72 -30.77 1.85
CA ARG C 100 -46.39 -31.92 2.47
C ARG C 100 -47.38 -32.58 1.53
N ILE C 101 -48.12 -31.79 0.74
CA ILE C 101 -49.02 -32.37 -0.23
C ILE C 101 -48.22 -33.10 -1.31
N GLY C 102 -47.04 -32.58 -1.65
CA GLY C 102 -46.19 -33.28 -2.61
C GLY C 102 -45.71 -34.61 -2.11
N LEU C 103 -45.30 -34.68 -0.84
CA LEU C 103 -44.72 -35.93 -0.36
C LEU C 103 -45.72 -36.91 0.21
N VAL C 104 -47.02 -36.66 0.08
CA VAL C 104 -47.97 -37.68 0.52
C VAL C 104 -47.96 -38.83 -0.49
N PRO C 105 -48.08 -40.08 -0.06
CA PRO C 105 -48.15 -41.18 -1.02
C PRO C 105 -49.56 -41.44 -1.51
N LEU C 106 -49.69 -41.64 -2.81
CA LEU C 106 -50.98 -41.90 -3.43
C LEU C 106 -51.14 -43.40 -3.68
N LYS C 107 -52.37 -43.89 -3.49
CA LYS C 107 -52.69 -45.28 -3.77
C LYS C 107 -53.28 -45.38 -5.18
N VAL C 108 -52.40 -45.14 -6.15
CA VAL C 108 -52.74 -45.20 -7.56
C VAL C 108 -51.77 -46.16 -8.24
N ASP C 109 -52.30 -47.07 -9.05
CA ASP C 109 -51.43 -47.83 -9.93
C ASP C 109 -50.94 -46.92 -11.04
N PRO C 110 -49.63 -46.82 -11.27
CA PRO C 110 -49.12 -45.82 -12.23
C PRO C 110 -49.32 -46.22 -13.69
N ASP C 111 -49.76 -47.45 -13.96
CA ASP C 111 -49.96 -47.89 -15.33
C ASP C 111 -51.16 -47.24 -16.00
N MET C 112 -52.02 -46.58 -15.23
CA MET C 112 -53.23 -45.97 -15.76
C MET C 112 -53.02 -44.51 -16.15
N LEU C 113 -51.79 -44.11 -16.41
CA LEU C 113 -51.47 -42.74 -16.79
C LEU C 113 -50.39 -42.77 -17.86
N THR C 114 -49.87 -41.59 -18.20
CA THR C 114 -48.82 -41.45 -19.20
C THR C 114 -47.94 -40.28 -18.79
N TRP C 115 -46.68 -40.32 -19.22
CA TRP C 115 -45.72 -39.29 -18.86
C TRP C 115 -46.12 -37.94 -19.46
N VAL C 116 -45.79 -36.87 -18.74
CA VAL C 116 -46.15 -35.52 -19.12
C VAL C 116 -45.02 -34.91 -19.94
N ASP C 117 -45.37 -34.42 -21.13
CA ASP C 117 -44.39 -33.78 -22.02
C ASP C 117 -44.23 -32.34 -21.56
N SER C 118 -43.09 -32.04 -20.95
CA SER C 118 -42.92 -30.75 -20.27
C SER C 118 -42.72 -29.61 -21.25
N ASN C 119 -42.17 -29.89 -22.44
CA ASN C 119 -41.86 -28.83 -23.39
C ASN C 119 -43.12 -28.20 -24.00
N LEU C 120 -44.26 -28.87 -23.91
CA LEU C 120 -45.52 -28.33 -24.40
C LEU C 120 -45.93 -27.12 -23.55
N PRO C 121 -46.71 -26.20 -24.14
CA PRO C 121 -47.16 -25.03 -23.38
C PRO C 121 -48.07 -25.41 -22.23
N ASP C 122 -48.09 -24.54 -21.21
CA ASP C 122 -48.71 -24.88 -19.93
C ASP C 122 -50.23 -24.96 -20.03
N ASP C 123 -50.83 -24.40 -21.07
CA ASP C 123 -52.28 -24.45 -21.21
C ASP C 123 -52.76 -25.85 -21.58
N GLU C 124 -51.95 -26.59 -22.34
CA GLU C 124 -52.33 -27.91 -22.83
C GLU C 124 -51.43 -29.03 -22.33
N LYS C 125 -50.51 -28.75 -21.40
CA LYS C 125 -49.61 -29.80 -20.94
C LYS C 125 -50.33 -30.81 -20.07
N PHE C 126 -51.36 -30.37 -19.34
CA PHE C 126 -52.14 -31.28 -18.51
C PHE C 126 -53.43 -31.64 -19.20
N THR C 127 -53.66 -32.94 -19.36
CA THR C 127 -54.91 -33.45 -19.90
C THR C 127 -55.51 -34.36 -18.84
N ASP C 128 -56.66 -34.95 -19.15
CA ASP C 128 -57.31 -35.84 -18.20
C ASP C 128 -56.72 -37.24 -18.20
N GLU C 129 -55.86 -37.57 -19.15
CA GLU C 129 -55.27 -38.90 -19.19
C GLU C 129 -53.91 -38.98 -18.50
N ASN C 130 -53.33 -37.85 -18.10
CA ASN C 130 -52.02 -37.84 -17.45
C ASN C 130 -51.98 -36.86 -16.28
N THR C 131 -53.06 -36.81 -15.51
CA THR C 131 -53.12 -35.90 -14.37
C THR C 131 -54.21 -36.37 -13.41
N ILE C 132 -53.84 -36.49 -12.14
CA ILE C 132 -54.80 -36.78 -11.07
C ILE C 132 -55.08 -35.47 -10.34
N VAL C 133 -56.34 -35.10 -10.24
CA VAL C 133 -56.73 -33.81 -9.69
C VAL C 133 -57.35 -34.06 -8.32
N LEU C 134 -56.70 -33.56 -7.27
CA LEU C 134 -57.22 -33.63 -5.92
C LEU C 134 -57.70 -32.25 -5.48
N SER C 135 -58.63 -32.24 -4.53
CA SER C 135 -59.16 -30.99 -3.99
C SER C 135 -59.26 -31.11 -2.47
N LEU C 136 -58.87 -30.04 -1.78
CA LEU C 136 -58.94 -29.97 -0.33
C LEU C 136 -59.66 -28.69 0.07
N ASN C 137 -60.72 -28.83 0.86
CA ASN C 137 -61.57 -27.69 1.23
C ASN C 137 -61.95 -27.85 2.70
N VAL C 138 -61.22 -27.17 3.58
CA VAL C 138 -61.49 -27.25 5.01
C VAL C 138 -61.59 -25.83 5.58
N LYS C 139 -62.49 -25.66 6.54
CA LYS C 139 -62.69 -24.40 7.23
C LYS C 139 -62.99 -24.71 8.69
N CYS C 140 -62.13 -24.23 9.60
CA CYS C 140 -62.27 -24.51 11.01
C CYS C 140 -63.18 -23.49 11.67
N THR C 141 -64.09 -23.97 12.51
CA THR C 141 -64.98 -23.10 13.27
C THR C 141 -65.21 -23.72 14.65
N ARG C 142 -65.53 -22.85 15.61
CA ARG C 142 -65.64 -23.27 17.00
C ARG C 142 -66.94 -24.04 17.22
N ASN C 143 -66.89 -25.01 18.13
CA ASN C 143 -68.02 -25.86 18.43
C ASN C 143 -68.66 -25.37 19.73
N PRO C 144 -69.90 -24.91 19.71
CA PRO C 144 -70.49 -24.29 20.91
C PRO C 144 -70.62 -25.21 22.12
N ASP C 145 -70.91 -26.51 21.93
CA ASP C 145 -71.15 -27.40 23.06
C ASP C 145 -69.90 -28.16 23.48
N ALA C 146 -68.72 -27.58 23.28
CA ALA C 146 -67.48 -28.19 23.72
C ALA C 146 -67.38 -28.15 25.24
N PRO C 147 -66.65 -29.08 25.85
CA PRO C 147 -66.46 -29.05 27.30
C PRO C 147 -65.65 -27.84 27.73
N LYS C 148 -65.78 -27.49 29.01
CA LYS C 148 -65.10 -26.33 29.56
C LYS C 148 -63.60 -26.57 29.77
N GLY C 149 -63.19 -27.84 29.85
CA GLY C 149 -61.79 -28.13 30.14
C GLY C 149 -60.84 -27.65 29.06
N SER C 150 -61.19 -27.92 27.81
CA SER C 150 -60.45 -27.47 26.62
C SER C 150 -59.01 -27.96 26.58
N THR C 151 -58.70 -29.05 27.28
CA THR C 151 -57.34 -29.59 27.24
C THR C 151 -57.06 -30.25 25.90
N ASP C 152 -58.00 -31.02 25.39
CA ASP C 152 -57.83 -31.66 24.09
C ASP C 152 -58.31 -30.72 22.99
N PRO C 153 -57.45 -30.36 22.03
CA PRO C 153 -57.86 -29.37 21.02
C PRO C 153 -58.95 -29.85 20.08
N LYS C 154 -59.15 -31.16 19.96
CA LYS C 154 -60.10 -31.66 18.96
C LYS C 154 -61.54 -31.46 19.41
N GLU C 155 -61.76 -31.36 20.73
CA GLU C 155 -63.12 -31.17 21.22
C GLU C 155 -63.62 -29.74 20.94
N LEU C 156 -62.74 -28.75 21.08
CA LEU C 156 -63.15 -27.36 20.90
C LEU C 156 -63.56 -27.08 19.46
N TYR C 157 -62.84 -27.64 18.49
CA TYR C 157 -62.93 -27.23 17.11
C TYR C 157 -63.34 -28.39 16.22
N ASN C 158 -64.13 -28.07 15.19
CA ASN C 158 -64.72 -29.11 14.36
C ASN C 158 -63.72 -29.72 13.39
N ASN C 159 -62.80 -28.92 12.85
CA ASN C 159 -61.85 -29.39 11.86
C ASN C 159 -60.46 -28.87 12.19
N ALA C 160 -60.04 -29.05 13.44
CA ALA C 160 -58.74 -28.56 13.90
C ALA C 160 -57.57 -29.28 13.28
N HIS C 161 -57.78 -30.40 12.58
CA HIS C 161 -56.70 -31.17 11.98
C HIS C 161 -57.01 -31.37 10.50
N VAL C 162 -56.14 -30.87 9.63
CA VAL C 162 -56.25 -31.14 8.19
C VAL C 162 -55.49 -32.44 7.97
N TYR C 163 -56.24 -33.54 7.93
CA TYR C 163 -55.69 -34.86 7.70
C TYR C 163 -55.51 -35.12 6.21
N ALA C 164 -54.94 -36.28 5.90
CA ALA C 164 -54.73 -36.65 4.50
C ALA C 164 -56.03 -37.09 3.84
N ARG C 165 -56.92 -37.72 4.61
CA ARG C 165 -58.12 -38.33 4.05
C ARG C 165 -59.08 -37.30 3.48
N ASP C 166 -58.96 -36.03 3.87
CA ASP C 166 -59.83 -34.99 3.32
C ASP C 166 -59.47 -34.64 1.88
N LEU C 167 -58.38 -35.18 1.34
CA LEU C 167 -58.02 -34.95 -0.06
C LEU C 167 -59.00 -35.73 -0.92
N LYS C 168 -60.09 -35.09 -1.29
CA LYS C 168 -61.07 -35.72 -2.15
C LYS C 168 -60.54 -35.82 -3.58
N PHE C 169 -61.02 -36.83 -4.29
CA PHE C 169 -60.68 -37.03 -5.68
C PHE C 169 -61.73 -36.37 -6.56
N GLU C 170 -61.27 -35.53 -7.50
CA GLU C 170 -62.16 -34.84 -8.44
C GLU C 170 -61.84 -35.34 -9.84
N PRO C 171 -62.55 -36.35 -10.34
CA PRO C 171 -62.25 -36.88 -11.68
C PRO C 171 -62.60 -35.87 -12.76
N GLN C 172 -61.86 -35.94 -13.86
CA GLN C 172 -62.11 -35.11 -15.03
C GLN C 172 -62.17 -36.00 -16.27
N GLY C 173 -63.21 -35.80 -17.08
CA GLY C 173 -63.31 -36.48 -18.36
C GLY C 173 -63.41 -37.98 -18.22
N ARG C 174 -62.64 -38.69 -19.06
CA ARG C 174 -62.73 -40.15 -19.11
C ARG C 174 -62.31 -40.82 -17.81
N GLN C 175 -61.61 -40.10 -16.92
CA GLN C 175 -61.28 -40.65 -15.62
C GLN C 175 -62.53 -41.01 -14.83
N SER C 176 -63.67 -40.36 -15.14
CA SER C 176 -64.94 -40.69 -14.49
C SER C 176 -65.31 -42.15 -14.67
N THR C 177 -64.84 -42.79 -15.75
CA THR C 177 -65.01 -44.23 -15.88
C THR C 177 -63.72 -45.01 -15.71
N THR C 178 -62.57 -44.32 -15.65
CA THR C 178 -61.31 -45.04 -15.52
C THR C 178 -61.11 -45.57 -14.10
N PHE C 179 -61.45 -44.76 -13.09
CA PHE C 179 -61.28 -45.14 -11.69
C PHE C 179 -62.62 -45.30 -10.99
N ALA C 180 -63.68 -45.64 -11.73
CA ALA C 180 -65.01 -45.77 -11.12
C ALA C 180 -65.07 -46.93 -10.14
N ASP C 181 -64.48 -48.07 -10.51
CA ASP C 181 -64.51 -49.23 -9.62
C ASP C 181 -63.49 -49.08 -8.48
N CYS C 182 -62.33 -48.50 -8.76
CA CYS C 182 -61.26 -48.33 -7.78
C CYS C 182 -60.92 -46.85 -7.70
N PRO C 183 -61.54 -46.12 -6.77
CA PRO C 183 -61.28 -44.67 -6.67
C PRO C 183 -59.86 -44.39 -6.21
N VAL C 184 -59.39 -43.19 -6.54
CA VAL C 184 -58.06 -42.72 -6.15
C VAL C 184 -58.16 -42.04 -4.79
N VAL C 185 -57.40 -42.55 -3.82
CA VAL C 185 -57.37 -42.00 -2.47
C VAL C 185 -55.93 -41.93 -2.00
N PRO C 186 -55.65 -41.08 -1.02
CA PRO C 186 -54.34 -41.12 -0.37
C PRO C 186 -54.06 -42.49 0.22
N ALA C 187 -52.81 -42.95 0.05
CA ALA C 187 -52.47 -44.30 0.49
C ALA C 187 -52.54 -44.43 2.01
N ASP C 188 -52.06 -43.43 2.73
CA ASP C 188 -52.11 -43.45 4.19
C ASP C 188 -53.19 -42.50 4.67
N PRO C 189 -54.18 -42.96 5.44
CA PRO C 189 -55.33 -42.09 5.73
C PRO C 189 -55.04 -40.99 6.74
N ASP C 190 -54.32 -41.29 7.82
CA ASP C 190 -54.25 -40.40 8.97
C ASP C 190 -52.95 -39.61 9.04
N ILE C 191 -52.44 -39.16 7.90
CA ILE C 191 -51.29 -38.26 7.92
C ILE C 191 -51.75 -36.87 8.32
N LEU C 192 -51.02 -36.26 9.26
CA LEU C 192 -51.33 -34.91 9.73
C LEU C 192 -50.72 -33.92 8.76
N LEU C 193 -51.50 -33.52 7.75
CA LEU C 193 -51.01 -32.54 6.78
C LEU C 193 -50.87 -31.16 7.41
N ALA C 194 -51.89 -30.71 8.11
CA ALA C 194 -51.87 -29.33 8.62
C ALA C 194 -52.70 -29.20 9.88
N LYS C 195 -52.54 -28.06 10.54
CA LYS C 195 -53.34 -27.71 11.70
C LYS C 195 -54.01 -26.37 11.48
N LEU C 196 -55.25 -26.24 11.95
CA LEU C 196 -55.99 -25.00 11.81
C LEU C 196 -56.74 -24.68 13.10
N ARG C 197 -57.00 -23.39 13.27
CA ARG C 197 -57.76 -22.80 14.37
C ARG C 197 -58.97 -22.11 13.76
N PRO C 198 -60.04 -21.91 14.53
CA PRO C 198 -61.25 -21.32 13.94
C PRO C 198 -61.00 -19.92 13.40
N GLY C 199 -61.63 -19.63 12.27
CA GLY C 199 -61.35 -18.42 11.51
C GLY C 199 -60.33 -18.59 10.41
N GLN C 200 -59.90 -19.83 10.12
CA GLN C 200 -58.88 -20.10 9.13
C GLN C 200 -59.42 -21.10 8.12
N GLU C 201 -58.99 -20.95 6.87
CA GLU C 201 -59.49 -21.79 5.79
C GLU C 201 -58.35 -22.23 4.90
N ILE C 202 -58.43 -23.47 4.44
CA ILE C 202 -57.49 -24.01 3.45
C ILE C 202 -58.31 -24.55 2.28
N SER C 203 -57.98 -24.10 1.07
CA SER C 203 -58.65 -24.59 -0.13
C SER C 203 -57.62 -24.66 -1.25
N LEU C 204 -57.37 -25.87 -1.74
CA LEU C 204 -56.31 -26.09 -2.73
C LEU C 204 -56.73 -27.14 -3.74
N LYS C 205 -56.20 -26.99 -4.96
CA LYS C 205 -56.37 -27.98 -6.03
C LYS C 205 -54.99 -28.48 -6.41
N ALA C 206 -54.78 -29.79 -6.30
CA ALA C 206 -53.47 -30.40 -6.52
C ALA C 206 -53.47 -31.20 -7.81
N HIS C 207 -52.44 -31.00 -8.62
CA HIS C 207 -52.23 -31.76 -9.84
C HIS C 207 -51.10 -32.76 -9.62
N CYS C 208 -51.39 -34.03 -9.89
CA CYS C 208 -50.47 -35.13 -9.63
C CYS C 208 -50.06 -35.77 -10.95
N ILE C 209 -48.76 -35.79 -11.21
CA ILE C 209 -48.18 -36.43 -12.39
C ILE C 209 -47.29 -37.57 -11.93
N LEU C 210 -46.63 -38.25 -12.86
CA LEU C 210 -45.73 -39.34 -12.53
C LEU C 210 -44.35 -39.08 -13.13
N GLY C 211 -43.32 -39.41 -12.35
CA GLY C 211 -41.94 -39.21 -12.76
C GLY C 211 -41.00 -40.16 -12.04
N ILE C 212 -39.75 -40.15 -12.49
CA ILE C 212 -38.75 -41.06 -11.94
C ILE C 212 -38.36 -40.62 -10.53
N GLY C 213 -37.74 -41.54 -9.79
CA GLY C 213 -37.32 -41.23 -8.44
C GLY C 213 -36.12 -40.30 -8.38
N GLY C 214 -35.32 -40.28 -9.45
CA GLY C 214 -34.15 -39.44 -9.49
C GLY C 214 -34.46 -37.96 -9.58
N ASP C 215 -35.67 -37.61 -10.01
CA ASP C 215 -36.05 -36.21 -10.08
C ASP C 215 -36.31 -35.65 -8.69
N HIS C 216 -37.02 -36.39 -7.85
CA HIS C 216 -37.38 -35.94 -6.51
C HIS C 216 -37.74 -37.17 -5.69
N ALA C 217 -37.58 -37.05 -4.37
CA ALA C 217 -37.77 -38.18 -3.48
C ALA C 217 -39.23 -38.59 -3.35
N LYS C 218 -40.17 -37.72 -3.72
CA LYS C 218 -41.58 -38.07 -3.57
C LYS C 218 -42.02 -39.11 -4.59
N PHE C 219 -41.31 -39.21 -5.71
CA PHE C 219 -41.70 -40.16 -6.74
C PHE C 219 -41.24 -41.57 -6.44
N SER C 220 -40.47 -41.78 -5.38
CA SER C 220 -39.96 -43.10 -5.07
C SER C 220 -41.10 -44.02 -4.65
N PRO C 221 -41.29 -45.15 -5.34
CA PRO C 221 -42.37 -46.06 -5.00
C PRO C 221 -42.04 -47.01 -3.85
N VAL C 222 -40.81 -47.00 -3.35
CA VAL C 222 -40.42 -47.84 -2.23
C VAL C 222 -40.15 -46.94 -1.03
N SER C 223 -40.79 -47.25 0.09
CA SER C 223 -40.38 -46.64 1.35
C SER C 223 -38.97 -47.10 1.73
N THR C 224 -38.69 -48.38 1.55
CA THR C 224 -37.36 -48.94 1.77
C THR C 224 -37.20 -50.10 0.81
N ALA C 225 -36.03 -50.21 0.19
CA ALA C 225 -35.78 -51.35 -0.69
C ALA C 225 -34.29 -51.66 -0.56
N SER C 226 -33.96 -52.64 0.27
CA SER C 226 -32.56 -52.88 0.59
C SER C 226 -32.31 -54.38 0.63
N TYR C 227 -31.05 -54.74 0.89
CA TYR C 227 -30.68 -56.14 0.99
C TYR C 227 -29.50 -56.27 1.94
N ARG C 228 -29.36 -57.47 2.49
CA ARG C 228 -28.19 -57.83 3.28
C ARG C 228 -27.71 -59.22 2.90
N LEU C 229 -26.40 -59.42 2.97
CA LEU C 229 -25.83 -60.73 2.71
C LEU C 229 -26.08 -61.64 3.91
N LEU C 230 -26.34 -62.91 3.62
CA LEU C 230 -26.70 -63.88 4.66
C LEU C 230 -25.49 -64.18 5.54
N PRO C 231 -25.59 -64.00 6.86
CA PRO C 231 -24.46 -64.28 7.74
C PRO C 231 -24.28 -65.77 7.98
N GLN C 232 -23.07 -66.11 8.40
CA GLN C 232 -22.68 -67.50 8.60
C GLN C 232 -21.73 -67.56 9.78
N ILE C 233 -22.06 -68.38 10.77
CA ILE C 233 -21.24 -68.58 11.96
C ILE C 233 -20.58 -69.95 11.85
N ASN C 234 -19.26 -69.97 11.80
CA ASN C 234 -18.48 -71.19 11.73
C ASN C 234 -17.77 -71.37 13.06
N ILE C 235 -18.16 -72.39 13.81
CA ILE C 235 -17.59 -72.70 15.12
C ILE C 235 -16.55 -73.80 14.90
N LEU C 236 -15.27 -73.45 15.07
CA LEU C 236 -14.21 -74.42 14.81
C LEU C 236 -14.13 -75.48 15.91
N GLN C 237 -14.29 -75.05 17.17
CA GLN C 237 -14.17 -75.97 18.29
C GLN C 237 -15.37 -75.82 19.21
N PRO C 238 -15.96 -76.92 19.66
CA PRO C 238 -17.15 -76.84 20.51
C PRO C 238 -16.88 -76.19 21.85
N ILE C 239 -17.94 -75.61 22.41
CA ILE C 239 -17.89 -74.91 23.69
C ILE C 239 -18.73 -75.68 24.70
N LYS C 240 -18.30 -75.66 25.96
CA LYS C 240 -18.94 -76.43 27.02
C LYS C 240 -19.22 -75.56 28.23
N GLY C 241 -20.23 -75.95 29.01
CA GLY C 241 -20.50 -75.35 30.29
C GLY C 241 -21.11 -73.96 30.19
N GLU C 242 -20.89 -73.15 31.23
CA GLU C 242 -21.38 -71.78 31.24
C GLU C 242 -20.62 -70.91 30.26
N SER C 243 -19.49 -71.41 29.74
CA SER C 243 -18.83 -70.73 28.62
C SER C 243 -19.74 -70.69 27.41
N ALA C 244 -20.59 -71.71 27.24
CA ALA C 244 -21.60 -71.66 26.19
C ALA C 244 -22.63 -70.57 26.45
N ARG C 245 -22.98 -70.33 27.71
CA ARG C 245 -23.86 -69.20 28.03
C ARG C 245 -23.18 -67.87 27.69
N ARG C 246 -21.89 -67.76 27.99
CA ARG C 246 -21.13 -66.57 27.60
C ARG C 246 -21.15 -66.38 26.09
N PHE C 247 -20.99 -67.48 25.35
CA PHE C 247 -21.05 -67.42 23.89
C PHE C 247 -22.43 -67.00 23.41
N GLN C 248 -23.48 -67.48 24.05
CA GLN C 248 -24.84 -67.10 23.70
C GLN C 248 -25.11 -65.64 23.96
N LYS C 249 -24.50 -65.06 25.01
CA LYS C 249 -24.73 -63.66 25.34
C LYS C 249 -24.26 -62.71 24.24
N CYS C 250 -23.26 -63.09 23.45
CA CYS C 250 -22.72 -62.24 22.41
C CYS C 250 -23.48 -62.34 21.09
N PHE C 251 -24.75 -62.73 21.13
CA PHE C 251 -25.54 -62.90 19.92
C PHE C 251 -26.98 -62.57 20.24
N PRO C 252 -27.80 -62.30 19.22
CA PRO C 252 -29.25 -62.13 19.45
C PRO C 252 -29.86 -63.39 20.01
N PRO C 253 -30.99 -63.28 20.72
CA PRO C 253 -31.53 -64.44 21.46
C PRO C 253 -32.20 -65.49 20.59
N GLY C 254 -32.03 -65.46 19.28
CA GLY C 254 -32.58 -66.51 18.43
C GLY C 254 -31.57 -67.02 17.41
N VAL C 255 -30.29 -66.99 17.78
CA VAL C 255 -29.20 -67.32 16.85
C VAL C 255 -28.43 -68.54 17.32
N ILE C 256 -27.95 -68.52 18.56
CA ILE C 256 -27.10 -69.58 19.10
C ILE C 256 -27.86 -70.31 20.20
N GLY C 257 -27.90 -71.63 20.12
CA GLY C 257 -28.59 -72.45 21.09
C GLY C 257 -27.65 -73.41 21.81
N ILE C 258 -28.17 -74.03 22.86
CA ILE C 258 -27.42 -74.97 23.67
C ILE C 258 -28.08 -76.35 23.56
N ASP C 259 -27.24 -77.38 23.47
CA ASP C 259 -27.73 -78.75 23.34
C ASP C 259 -28.23 -79.26 24.68
N GLU C 260 -29.19 -80.19 24.61
CA GLU C 260 -29.73 -80.85 25.79
C GLU C 260 -29.26 -82.30 25.90
N GLY C 261 -28.34 -82.73 25.04
CA GLY C 261 -27.81 -84.08 25.10
C GLY C 261 -26.36 -84.10 25.51
N SER C 262 -25.64 -83.03 25.17
CA SER C 262 -24.24 -82.92 25.54
C SER C 262 -23.87 -81.54 26.09
N ASP C 263 -24.82 -80.61 26.15
CA ASP C 263 -24.59 -79.25 26.67
C ASP C 263 -23.47 -78.55 25.93
N GLU C 264 -23.49 -78.66 24.60
CA GLU C 264 -22.54 -78.00 23.73
C GLU C 264 -23.28 -77.09 22.76
N ALA C 265 -22.75 -75.88 22.57
CA ALA C 265 -23.43 -74.86 21.80
C ALA C 265 -23.46 -75.21 20.32
N TYR C 266 -24.53 -74.79 19.65
CA TYR C 266 -24.63 -74.88 18.19
C TYR C 266 -25.35 -73.65 17.66
N VAL C 267 -25.44 -73.58 16.34
CA VAL C 267 -26.14 -72.50 15.66
C VAL C 267 -27.59 -72.91 15.45
N LYS C 268 -28.52 -71.95 15.61
CA LYS C 268 -29.93 -72.21 15.37
C LYS C 268 -30.38 -71.63 14.03
N ASP C 269 -30.18 -70.34 13.83
CA ASP C 269 -30.51 -69.70 12.57
C ASP C 269 -29.65 -68.45 12.43
N ALA C 270 -28.76 -68.45 11.46
CA ALA C 270 -27.88 -67.30 11.23
C ALA C 270 -28.55 -66.20 10.42
N ARG C 271 -29.78 -66.42 9.95
CA ARG C 271 -30.49 -65.37 9.24
C ARG C 271 -30.92 -64.23 10.14
N LYS C 272 -31.06 -64.47 11.44
CA LYS C 272 -31.46 -63.44 12.37
C LYS C 272 -30.29 -62.73 13.03
N ASP C 273 -29.06 -63.06 12.63
CA ASP C 273 -27.87 -62.53 13.28
C ASP C 273 -27.47 -61.23 12.59
N THR C 274 -27.85 -60.11 13.20
CA THR C 274 -27.27 -58.83 12.83
C THR C 274 -25.82 -58.84 13.30
N VAL C 275 -24.89 -58.51 12.40
CA VAL C 275 -23.49 -58.73 12.70
C VAL C 275 -23.01 -57.64 13.64
N SER C 276 -23.12 -57.90 14.94
CA SER C 276 -22.58 -57.00 15.94
C SER C 276 -21.13 -57.31 16.27
N ARG C 277 -20.58 -58.39 15.69
CA ARG C 277 -19.17 -58.81 15.78
C ARG C 277 -18.64 -58.75 17.21
N GLU C 278 -19.49 -59.07 18.18
CA GLU C 278 -19.06 -59.03 19.58
C GLU C 278 -18.14 -60.19 19.92
N VAL C 279 -18.35 -61.35 19.29
CA VAL C 279 -17.60 -62.55 19.69
C VAL C 279 -16.12 -62.42 19.33
N LEU C 280 -15.80 -61.53 18.40
CA LEU C 280 -14.39 -61.28 18.09
C LEU C 280 -13.70 -60.43 19.14
N ARG C 281 -14.44 -59.86 20.09
CA ARG C 281 -13.83 -59.08 21.16
C ARG C 281 -13.03 -59.97 22.10
N TYR C 282 -13.73 -60.90 22.75
CA TYR C 282 -13.16 -61.66 23.85
C TYR C 282 -12.12 -62.64 23.33
N GLU C 283 -10.93 -62.61 23.92
CA GLU C 283 -9.85 -63.46 23.46
C GLU C 283 -10.09 -64.94 23.80
N GLU C 284 -10.94 -65.23 24.79
CA GLU C 284 -11.17 -66.62 25.16
C GLU C 284 -11.92 -67.37 24.06
N PHE C 285 -12.72 -66.66 23.26
CA PHE C 285 -13.44 -67.29 22.16
C PHE C 285 -12.79 -67.04 20.82
N ALA C 286 -11.71 -66.27 20.77
CA ALA C 286 -11.00 -66.05 19.53
C ALA C 286 -10.31 -67.33 19.08
N ASP C 287 -10.02 -67.39 17.79
CA ASP C 287 -9.45 -68.56 17.11
C ASP C 287 -10.35 -69.78 17.21
N LYS C 288 -11.65 -69.60 17.48
CA LYS C 288 -12.60 -70.70 17.50
C LYS C 288 -13.85 -70.47 16.67
N VAL C 289 -14.25 -69.22 16.41
CA VAL C 289 -15.38 -68.90 15.56
C VAL C 289 -14.94 -67.87 14.54
N LYS C 290 -15.44 -68.00 13.31
CA LYS C 290 -15.09 -67.09 12.21
C LYS C 290 -16.38 -66.61 11.56
N LEU C 291 -16.85 -65.44 11.98
CA LEU C 291 -18.06 -64.87 11.41
C LEU C 291 -17.82 -64.44 9.97
N GLY C 292 -18.83 -64.66 9.13
CA GLY C 292 -18.69 -64.22 7.77
C GLY C 292 -20.05 -64.00 7.16
N ARG C 293 -20.04 -63.62 5.89
CA ARG C 293 -21.24 -63.52 5.09
C ARG C 293 -21.03 -64.34 3.83
N VAL C 294 -22.13 -64.70 3.18
CA VAL C 294 -22.04 -65.39 1.90
C VAL C 294 -22.38 -64.38 0.80
N ARG C 295 -21.46 -64.24 -0.15
CA ARG C 295 -21.52 -63.11 -1.08
C ARG C 295 -22.57 -63.31 -2.16
N ASN C 296 -22.90 -64.55 -2.50
CA ASN C 296 -23.86 -64.83 -3.56
C ASN C 296 -25.22 -65.27 -3.02
N HIS C 297 -25.63 -64.74 -1.87
CA HIS C 297 -26.93 -65.05 -1.25
C HIS C 297 -27.42 -63.74 -0.63
N PHE C 298 -28.54 -63.24 -1.15
CA PHE C 298 -29.02 -61.90 -0.83
C PHE C 298 -30.38 -61.98 -0.19
N ILE C 299 -30.56 -61.28 0.92
CA ILE C 299 -31.86 -61.16 1.58
C ILE C 299 -32.39 -59.78 1.23
N PHE C 300 -33.35 -59.75 0.31
CA PHE C 300 -34.03 -58.52 -0.08
C PHE C 300 -35.22 -58.26 0.82
N ASN C 301 -35.34 -57.01 1.26
CA ASN C 301 -36.48 -56.53 2.01
C ASN C 301 -36.99 -55.29 1.32
N VAL C 302 -38.26 -55.34 0.89
CA VAL C 302 -38.88 -54.25 0.15
C VAL C 302 -40.17 -53.86 0.85
N GLU C 303 -40.21 -52.66 1.41
CA GLU C 303 -41.40 -52.13 2.07
C GLU C 303 -41.87 -50.92 1.27
N SER C 304 -43.10 -50.98 0.79
CA SER C 304 -43.65 -49.95 -0.07
C SER C 304 -44.44 -48.93 0.72
N ALA C 305 -44.56 -47.72 0.16
CA ALA C 305 -45.33 -46.67 0.81
C ALA C 305 -46.81 -46.97 0.82
N GLY C 306 -47.28 -47.87 -0.04
CA GLY C 306 -48.68 -48.19 -0.13
C GLY C 306 -49.19 -47.99 -1.54
N ALA C 307 -48.30 -47.52 -2.41
CA ALA C 307 -48.67 -47.30 -3.81
C ALA C 307 -48.97 -48.62 -4.51
N MET C 308 -48.07 -49.59 -4.38
CA MET C 308 -48.19 -50.83 -5.12
C MET C 308 -47.55 -51.97 -4.34
N THR C 309 -47.96 -53.19 -4.70
CA THR C 309 -47.52 -54.38 -4.01
C THR C 309 -46.04 -54.64 -4.30
N PRO C 310 -45.26 -55.06 -3.30
CA PRO C 310 -43.80 -55.12 -3.48
C PRO C 310 -43.29 -56.04 -4.58
N GLU C 311 -43.91 -57.20 -4.82
CA GLU C 311 -43.41 -58.04 -5.91
C GLU C 311 -43.70 -57.41 -7.27
N GLU C 312 -44.74 -56.58 -7.35
CA GLU C 312 -44.92 -55.75 -8.54
C GLU C 312 -43.73 -54.80 -8.71
N ILE C 313 -43.19 -54.27 -7.61
CA ILE C 313 -42.02 -53.41 -7.69
C ILE C 313 -40.82 -54.19 -8.20
N PHE C 314 -40.62 -55.41 -7.70
CA PHE C 314 -39.49 -56.21 -8.17
C PHE C 314 -39.61 -56.52 -9.66
N PHE C 315 -40.80 -56.93 -10.10
CA PHE C 315 -40.95 -57.29 -11.52
C PHE C 315 -40.84 -56.05 -12.39
N LYS C 316 -41.33 -54.91 -11.92
CA LYS C 316 -41.17 -53.68 -12.69
C LYS C 316 -39.71 -53.27 -12.76
N SER C 317 -38.95 -53.51 -11.69
CA SER C 317 -37.53 -53.18 -11.71
C SER C 317 -36.78 -54.01 -12.72
N VAL C 318 -37.00 -55.33 -12.71
CA VAL C 318 -36.26 -56.18 -13.65
C VAL C 318 -36.75 -55.93 -15.08
N ARG C 319 -38.03 -55.61 -15.26
CA ARG C 319 -38.54 -55.26 -16.57
C ARG C 319 -37.90 -53.97 -17.09
N ILE C 320 -37.73 -52.99 -16.21
CA ILE C 320 -37.09 -51.72 -16.60
C ILE C 320 -35.64 -51.98 -16.98
N LEU C 321 -34.93 -52.81 -16.22
CA LEU C 321 -33.55 -53.10 -16.56
C LEU C 321 -33.42 -53.82 -17.90
N LYS C 322 -34.28 -54.81 -18.14
CA LYS C 322 -34.23 -55.51 -19.42
C LYS C 322 -34.59 -54.58 -20.58
N ASN C 323 -35.55 -53.68 -20.36
CA ASN C 323 -35.91 -52.72 -21.39
C ASN C 323 -34.76 -51.77 -21.68
N LYS C 324 -34.04 -51.33 -20.64
CA LYS C 324 -32.87 -50.50 -20.84
C LYS C 324 -31.80 -51.24 -21.66
N ALA C 325 -31.55 -52.50 -21.31
CA ALA C 325 -30.55 -53.27 -22.03
C ALA C 325 -30.93 -53.44 -23.50
N GLU C 326 -32.20 -53.73 -23.77
CA GLU C 326 -32.67 -53.87 -25.14
C GLU C 326 -32.57 -52.54 -25.90
N TYR C 327 -32.87 -51.44 -25.22
CA TYR C 327 -32.82 -50.13 -25.86
C TYR C 327 -31.40 -49.78 -26.28
N LEU C 328 -30.41 -50.08 -25.41
CA LEU C 328 -29.02 -49.87 -25.82
C LEU C 328 -28.58 -50.88 -26.88
N LYS C 329 -29.22 -52.06 -26.91
CA LYS C 329 -28.86 -53.04 -27.93
C LYS C 329 -29.31 -52.58 -29.32
N ASN C 330 -30.54 -52.10 -29.43
CA ASN C 330 -31.12 -51.82 -30.74
C ASN C 330 -30.49 -50.59 -31.38
N CYS C 331 -30.20 -49.57 -30.59
CA CYS C 331 -29.71 -48.32 -31.15
C CYS C 331 -28.29 -48.51 -31.71
N PRO C 332 -27.99 -47.94 -32.87
CA PRO C 332 -26.67 -48.15 -33.46
C PRO C 332 -25.66 -47.16 -32.93
N ILE C 333 -24.39 -47.55 -33.01
CA ILE C 333 -23.30 -46.73 -32.51
C ILE C 333 -23.08 -45.56 -33.45
N THR C 334 -22.91 -44.37 -32.89
CA THR C 334 -22.68 -43.19 -33.71
C THR C 334 -21.25 -43.15 -34.19
N GLN C 335 -21.08 -42.94 -35.49
CA GLN C 335 -19.75 -42.92 -36.09
C GLN C 335 -19.02 -41.62 -35.76
N MET D 1 6.29 13.47 -38.53
CA MET D 1 6.93 14.03 -39.72
C MET D 1 8.12 14.91 -39.35
N LYS D 2 9.21 14.74 -40.08
CA LYS D 2 10.34 15.66 -39.98
C LYS D 2 10.95 15.83 -41.36
N VAL D 3 10.92 17.05 -41.88
CA VAL D 3 11.49 17.32 -43.19
C VAL D 3 13.01 17.31 -43.11
N LEU D 4 13.65 16.51 -43.96
CA LEU D 4 15.10 16.39 -43.95
C LEU D 4 15.77 17.32 -44.94
N GLU D 5 15.31 17.35 -46.19
CA GLU D 5 15.81 18.30 -47.16
C GLU D 5 14.68 18.65 -48.12
N GLU D 6 14.65 19.91 -48.54
CA GLU D 6 13.48 20.44 -49.24
C GLU D 6 13.42 19.99 -50.69
N ARG D 7 14.51 20.20 -51.43
CA ARG D 7 14.51 20.01 -52.89
C ARG D 7 15.68 19.12 -53.26
N ASN D 8 15.45 17.82 -53.27
CA ASN D 8 16.52 16.87 -53.58
C ASN D 8 16.89 16.94 -55.06
N ALA D 9 15.91 17.08 -55.94
CA ALA D 9 16.16 17.20 -57.37
C ALA D 9 14.99 17.96 -57.97
N PHE D 10 15.09 18.25 -59.27
CA PHE D 10 14.03 18.91 -60.01
C PHE D 10 13.36 17.89 -60.92
N LEU D 11 12.09 18.13 -61.24
CA LEU D 11 11.31 17.23 -62.09
C LEU D 11 10.86 17.95 -63.34
N SER D 12 11.14 17.37 -64.50
CA SER D 12 10.48 17.79 -65.72
C SER D 12 9.01 17.38 -65.67
N ASP D 13 8.18 18.12 -66.39
CA ASP D 13 6.76 17.78 -66.44
C ASP D 13 6.52 16.46 -67.15
N TYR D 14 7.42 16.10 -68.07
CA TYR D 14 7.30 14.81 -68.75
C TYR D 14 7.48 13.65 -67.78
N GLU D 15 8.42 13.77 -66.84
CA GLU D 15 8.61 12.72 -65.84
C GLU D 15 7.37 12.57 -64.97
N VAL D 16 6.79 13.69 -64.55
CA VAL D 16 5.59 13.67 -63.72
C VAL D 16 4.44 13.01 -64.46
N LEU D 17 4.25 13.41 -65.73
CA LEU D 17 3.16 12.84 -66.52
C LEU D 17 3.35 11.35 -66.73
N LYS D 18 4.58 10.91 -67.04
CA LYS D 18 4.82 9.49 -67.27
C LYS D 18 4.59 8.68 -66.01
N PHE D 19 5.07 9.18 -64.86
CA PHE D 19 4.87 8.46 -63.61
C PHE D 19 3.40 8.37 -63.25
N LEU D 20 2.65 9.45 -63.46
CA LEU D 20 1.24 9.41 -63.11
C LEU D 20 0.45 8.50 -64.05
N THR D 21 0.79 8.49 -65.34
CA THR D 21 0.13 7.55 -66.26
C THR D 21 0.47 6.10 -65.91
N ASP D 22 1.71 5.85 -65.51
CA ASP D 22 2.07 4.49 -65.08
C ASP D 22 1.29 4.07 -63.84
N LEU D 23 1.12 4.99 -62.88
CA LEU D 23 0.32 4.69 -61.70
C LEU D 23 -1.14 4.44 -62.07
N GLU D 24 -1.68 5.25 -63.00
CA GLU D 24 -3.05 5.06 -63.44
C GLU D 24 -3.25 3.72 -64.13
N LYS D 25 -2.27 3.31 -64.94
CA LYS D 25 -2.40 2.06 -65.68
C LYS D 25 -2.23 0.85 -64.77
N LYS D 26 -1.30 0.95 -63.80
CA LYS D 26 -1.04 -0.19 -62.92
C LYS D 26 -2.24 -0.49 -62.03
N HIS D 27 -2.90 0.55 -61.52
CA HIS D 27 -4.08 0.37 -60.69
C HIS D 27 -5.37 0.34 -61.50
N LEU D 28 -5.28 0.39 -62.83
CA LEU D 28 -6.41 0.29 -63.75
C LEU D 28 -7.43 1.41 -63.51
N TRP D 29 -6.91 2.63 -63.40
CA TRP D 29 -7.75 3.82 -63.20
C TRP D 29 -8.14 4.50 -64.50
N ASP D 30 -7.61 4.05 -65.63
CA ASP D 30 -7.82 4.73 -66.90
C ASP D 30 -9.26 4.55 -67.38
N GLN D 31 -9.69 5.43 -68.27
CA GLN D 31 -11.05 5.36 -68.79
C GLN D 31 -11.22 4.13 -69.68
N LYS D 32 -10.15 3.66 -70.31
CA LYS D 32 -10.21 2.43 -71.08
C LYS D 32 -10.52 1.25 -70.17
N SER D 33 -9.96 1.24 -68.96
CA SER D 33 -10.21 0.15 -68.02
C SER D 33 -11.67 0.11 -67.59
N LEU D 34 -12.25 1.27 -67.26
CA LEU D 34 -13.64 1.29 -66.84
C LEU D 34 -14.58 1.04 -68.02
N ALA D 35 -14.18 1.43 -69.23
CA ALA D 35 -15.00 1.13 -70.41
C ALA D 35 -15.00 -0.36 -70.71
N ALA D 36 -13.85 -1.03 -70.53
CA ALA D 36 -13.73 -2.44 -70.88
C ALA D 36 -14.18 -3.36 -69.75
N LEU D 37 -13.86 -3.02 -68.50
CA LEU D 37 -14.15 -3.89 -67.37
C LEU D 37 -15.49 -3.55 -66.72
N LYS D 38 -15.71 -2.27 -66.40
CA LYS D 38 -16.90 -1.89 -65.65
C LYS D 38 -18.10 -1.77 -66.59
N LYS D 39 -17.99 -0.89 -67.58
CA LYS D 39 -19.13 -0.57 -68.42
C LYS D 39 -19.26 -1.59 -69.56
N SER D 40 -20.43 -1.56 -70.21
CA SER D 40 -20.79 -2.32 -71.40
C SER D 40 -20.83 -3.84 -71.17
N ARG D 41 -20.62 -4.31 -69.94
CA ARG D 41 -20.69 -5.74 -69.66
C ARG D 41 -20.91 -5.93 -68.17
N SER D 42 -21.38 -7.12 -67.80
CA SER D 42 -21.58 -7.46 -66.40
C SER D 42 -20.28 -7.93 -65.77
N LYS D 43 -20.12 -7.64 -64.49
CA LYS D 43 -18.90 -8.01 -63.78
C LYS D 43 -19.00 -9.44 -63.25
N GLY D 44 -17.98 -10.24 -63.56
CA GLY D 44 -17.96 -11.61 -63.08
C GLY D 44 -16.71 -11.96 -62.31
N LYS D 45 -15.64 -11.20 -62.51
CA LYS D 45 -14.38 -11.48 -61.84
C LYS D 45 -14.32 -10.85 -60.45
N GLN D 46 -15.08 -9.79 -60.22
CA GLN D 46 -15.07 -9.02 -58.96
C GLN D 46 -13.65 -8.54 -58.62
N ASN D 47 -12.93 -8.07 -59.63
CA ASN D 47 -11.60 -7.49 -59.44
C ASN D 47 -11.78 -5.98 -59.37
N ARG D 48 -12.07 -5.49 -58.17
CA ARG D 48 -12.24 -4.07 -57.95
C ARG D 48 -10.90 -3.34 -58.04
N PRO D 49 -10.89 -2.11 -58.53
CA PRO D 49 -9.66 -1.32 -58.59
C PRO D 49 -9.34 -0.73 -57.21
N TYR D 50 -8.32 0.12 -57.19
CA TYR D 50 -7.88 0.75 -55.95
C TYR D 50 -8.94 1.73 -55.45
N ASN D 51 -9.23 1.66 -54.15
CA ASN D 51 -10.30 2.43 -53.54
C ASN D 51 -9.69 3.50 -52.64
N HIS D 52 -9.45 4.68 -53.23
CA HIS D 52 -9.04 5.84 -52.47
C HIS D 52 -9.41 7.09 -53.26
N PRO D 53 -10.55 7.72 -52.93
CA PRO D 53 -11.07 8.80 -53.80
C PRO D 53 -10.15 10.01 -53.91
N GLU D 54 -9.41 10.33 -52.84
CA GLU D 54 -8.63 11.57 -52.84
C GLU D 54 -7.43 11.49 -53.77
N LEU D 55 -6.68 10.40 -53.69
CA LEU D 55 -5.54 10.21 -54.59
C LEU D 55 -6.00 10.09 -56.03
N GLN D 56 -7.11 9.39 -56.26
CA GLN D 56 -7.64 9.25 -57.61
C GLN D 56 -8.03 10.60 -58.18
N GLY D 57 -8.70 11.42 -57.38
CA GLY D 57 -9.10 12.75 -57.84
C GLY D 57 -7.92 13.64 -58.14
N ILE D 58 -6.92 13.65 -57.25
CA ILE D 58 -5.80 14.55 -57.47
C ILE D 58 -4.96 14.11 -58.66
N THR D 59 -4.79 12.79 -58.84
CA THR D 59 -4.05 12.30 -60.00
C THR D 59 -4.80 12.59 -61.29
N ARG D 60 -6.13 12.42 -61.29
CA ARG D 60 -6.91 12.71 -62.49
C ARG D 60 -6.84 14.18 -62.86
N ASN D 61 -6.96 15.05 -61.87
CA ASN D 61 -6.89 16.49 -62.15
C ASN D 61 -5.51 16.88 -62.67
N VAL D 62 -4.45 16.31 -62.11
CA VAL D 62 -3.11 16.66 -62.56
C VAL D 62 -2.87 16.16 -63.99
N VAL D 63 -3.28 14.92 -64.29
CA VAL D 63 -3.03 14.41 -65.64
C VAL D 63 -3.89 15.16 -66.66
N ASN D 64 -5.10 15.56 -66.29
CA ASN D 64 -5.93 16.35 -67.19
C ASN D 64 -5.33 17.73 -67.43
N TYR D 65 -4.78 18.36 -66.38
CA TYR D 65 -4.17 19.67 -66.56
C TYR D 65 -2.87 19.60 -67.35
N LEU D 66 -2.11 18.51 -67.22
CA LEU D 66 -0.83 18.41 -67.92
C LEU D 66 -0.99 17.98 -69.37
N SER D 67 -1.91 17.06 -69.66
CA SER D 67 -1.95 16.45 -70.98
C SER D 67 -2.53 17.36 -72.06
N ILE D 68 -3.34 18.35 -71.68
CA ILE D 68 -4.08 19.14 -72.65
C ILE D 68 -3.21 20.22 -73.28
N ASN D 69 -3.74 20.86 -74.32
CA ASN D 69 -3.06 21.94 -75.00
C ASN D 69 -2.84 23.11 -74.05
N LYS D 70 -1.68 23.74 -74.17
CA LYS D 70 -1.26 24.82 -73.28
C LYS D 70 -1.35 26.14 -74.05
N ASN D 71 -1.12 27.25 -73.35
CA ASN D 71 -1.28 28.57 -73.95
C ASN D 71 -0.20 28.86 -74.98
N PHE D 72 -0.29 28.20 -76.14
CA PHE D 72 0.52 28.59 -77.29
C PHE D 72 -0.26 28.59 -78.59
N ILE D 73 -1.46 28.00 -78.64
CA ILE D 73 -2.37 28.13 -79.77
C ILE D 73 -3.78 27.86 -79.27
N ASN D 74 -4.72 28.72 -79.66
CA ASN D 74 -6.10 28.58 -79.22
C ASN D 74 -6.92 27.77 -80.24
N GLU D 91 -3.65 21.34 -79.73
CA GLU D 91 -4.46 20.14 -79.71
C GLU D 91 -4.26 19.41 -78.38
N LYS D 92 -3.11 18.77 -78.22
CA LYS D 92 -2.65 18.24 -76.95
C LYS D 92 -1.46 19.07 -76.45
N SER D 93 -0.87 18.62 -75.34
CA SER D 93 0.31 19.28 -74.81
C SER D 93 1.50 19.11 -75.73
N GLY D 94 1.70 17.91 -76.24
CA GLY D 94 2.90 17.57 -76.98
C GLY D 94 3.77 16.67 -76.15
N ILE D 95 3.75 16.88 -74.83
CA ILE D 95 4.44 15.99 -73.91
C ILE D 95 3.83 14.59 -73.94
N SER D 96 2.51 14.49 -74.07
CA SER D 96 1.82 13.21 -74.08
C SER D 96 2.06 12.41 -75.35
N LYS D 97 2.85 12.93 -76.28
CA LYS D 97 3.22 12.22 -77.51
C LYS D 97 4.69 11.89 -77.58
N MET D 98 5.55 12.76 -77.07
CA MET D 98 6.99 12.60 -77.17
C MET D 98 7.51 11.62 -76.11
N SER D 99 8.54 10.87 -76.48
CA SER D 99 9.05 9.75 -75.70
C SER D 99 10.34 10.11 -74.96
N ASP D 100 10.98 9.10 -74.36
CA ASP D 100 12.20 9.32 -73.58
C ASP D 100 13.35 9.77 -74.46
N GLU D 101 13.60 9.02 -75.55
CA GLU D 101 14.71 9.38 -76.43
C GLU D 101 14.45 10.70 -77.13
N SER D 102 13.17 11.03 -77.38
CA SER D 102 12.84 12.36 -77.88
C SER D 102 13.22 13.43 -76.87
N PHE D 103 12.97 13.18 -75.58
CA PHE D 103 13.37 14.14 -74.55
C PHE D 103 14.88 14.28 -74.51
N ALA D 104 15.60 13.17 -74.63
CA ALA D 104 17.05 13.21 -74.61
C ALA D 104 17.58 14.04 -75.77
N GLU D 105 17.08 13.79 -76.99
CA GLU D 105 17.53 14.55 -78.15
C GLU D 105 17.15 16.02 -78.03
N LEU D 106 15.93 16.31 -77.61
CA LEU D 106 15.46 17.69 -77.51
C LEU D 106 16.29 18.47 -76.49
N MET D 107 16.50 17.90 -75.31
CA MET D 107 17.15 18.68 -74.28
C MET D 107 18.67 18.69 -74.48
N THR D 108 19.22 17.69 -75.17
CA THR D 108 20.61 17.79 -75.60
C THR D 108 20.79 18.89 -76.63
N LYS D 109 19.83 19.05 -77.55
CA LYS D 109 19.87 20.18 -78.48
C LYS D 109 19.71 21.51 -77.73
N LEU D 110 18.94 21.50 -76.65
CA LEU D 110 18.85 22.67 -75.78
C LEU D 110 20.20 22.97 -75.14
N ASN D 111 20.94 21.92 -74.76
CA ASN D 111 22.22 22.09 -74.06
C ASN D 111 23.25 22.84 -74.89
N SER D 112 23.07 22.92 -76.21
CA SER D 112 24.02 23.63 -77.05
C SER D 112 23.99 25.14 -76.82
N PHE D 113 22.88 25.67 -76.32
CA PHE D 113 22.72 27.10 -76.15
C PHE D 113 23.08 27.51 -74.72
N LYS D 114 23.05 28.82 -74.48
CA LYS D 114 23.56 29.40 -73.24
C LYS D 114 22.51 29.47 -72.13
N LEU D 115 21.31 28.95 -72.35
CA LEU D 115 20.27 29.01 -71.34
C LEU D 115 20.62 28.11 -70.15
N PHE D 116 20.23 28.55 -68.95
CA PHE D 116 20.64 27.90 -67.72
C PHE D 116 19.80 26.66 -67.44
N LYS D 117 20.04 26.04 -66.28
CA LYS D 117 19.37 24.79 -65.94
C LYS D 117 17.86 25.00 -65.72
N ALA D 118 17.51 25.96 -64.88
CA ALA D 118 16.09 26.24 -64.64
C ALA D 118 15.42 26.79 -65.90
N GLU D 119 16.17 27.52 -66.72
CA GLU D 119 15.64 27.97 -68.00
C GLU D 119 15.28 26.78 -68.88
N LYS D 120 16.18 25.78 -68.97
CA LYS D 120 15.84 24.53 -69.64
C LYS D 120 14.66 23.85 -68.97
N LEU D 121 14.50 24.03 -67.66
CA LEU D 121 13.37 23.41 -66.97
C LEU D 121 12.05 23.98 -67.44
N GLN D 122 11.92 25.31 -67.54
CA GLN D 122 10.64 25.80 -68.09
C GLN D 122 10.54 25.54 -69.59
N ILE D 123 11.68 25.42 -70.30
CA ILE D 123 11.61 25.05 -71.70
C ILE D 123 11.05 23.62 -71.86
N VAL D 124 11.37 22.73 -70.93
CA VAL D 124 10.84 21.37 -71.04
C VAL D 124 9.53 21.18 -70.29
N ASN D 125 9.11 22.18 -69.50
CA ASN D 125 7.83 22.08 -68.80
C ASN D 125 6.68 22.41 -69.75
N GLN D 126 6.59 23.65 -70.18
CA GLN D 126 5.74 24.04 -71.29
C GLN D 126 6.56 23.97 -72.57
N LEU D 127 6.02 24.51 -73.66
CA LEU D 127 6.77 24.65 -74.91
C LEU D 127 6.46 26.03 -75.49
N PRO D 128 7.48 26.87 -75.62
CA PRO D 128 7.25 28.25 -76.08
C PRO D 128 6.79 28.32 -77.52
N ALA D 129 5.92 29.28 -77.81
CA ALA D 129 5.50 29.57 -79.17
C ALA D 129 6.34 30.70 -79.76
N ASN D 130 6.12 30.97 -81.05
CA ASN D 130 6.90 32.00 -81.73
C ASN D 130 6.62 33.38 -81.16
N MET D 131 5.35 33.71 -80.94
CA MET D 131 4.98 35.07 -80.54
C MET D 131 5.27 35.27 -79.06
N VAL D 132 6.40 35.96 -78.79
CA VAL D 132 6.85 36.49 -77.50
C VAL D 132 6.77 35.53 -76.32
N HIS D 133 6.48 34.26 -76.58
CA HIS D 133 6.48 33.28 -75.50
C HIS D 133 7.91 32.96 -75.08
N LEU D 134 8.82 32.90 -76.07
CA LEU D 134 10.24 32.81 -75.75
C LEU D 134 10.72 34.07 -75.03
N TYR D 135 10.11 35.22 -75.35
CA TYR D 135 10.47 36.46 -74.68
C TYR D 135 10.09 36.39 -73.20
N SER D 136 8.94 35.79 -72.90
CA SER D 136 8.51 35.66 -71.51
C SER D 136 9.32 34.60 -70.78
N ILE D 137 9.55 33.46 -71.41
CA ILE D 137 10.17 32.34 -70.72
C ILE D 137 11.67 32.55 -70.57
N VAL D 138 12.32 33.20 -71.53
CA VAL D 138 13.75 33.49 -71.44
C VAL D 138 13.93 34.93 -70.95
N GLU D 139 14.85 35.09 -70.00
CA GLU D 139 15.11 36.39 -69.40
C GLU D 139 16.10 37.16 -70.28
N GLU D 140 15.71 38.37 -70.68
CA GLU D 140 16.53 39.27 -71.48
C GLU D 140 16.97 38.62 -72.79
N CYS D 141 15.97 38.40 -73.66
CA CYS D 141 16.23 37.73 -74.94
C CYS D 141 17.17 38.53 -75.82
N ASP D 142 16.99 39.86 -75.85
CA ASP D 142 17.82 40.70 -76.70
C ASP D 142 19.26 40.72 -76.21
N ALA D 143 19.45 40.68 -74.89
CA ALA D 143 20.80 40.66 -74.32
C ALA D 143 21.49 39.32 -74.51
N ARG D 144 20.76 38.28 -74.91
CA ARG D 144 21.33 36.95 -75.09
C ARG D 144 21.75 36.66 -76.52
N PHE D 145 20.81 36.73 -77.47
CA PHE D 145 20.98 36.16 -78.79
C PHE D 145 20.60 37.15 -79.87
N ASP D 146 21.06 36.86 -81.08
CA ASP D 146 20.59 37.53 -82.28
C ASP D 146 19.32 36.82 -82.77
N GLU D 147 18.87 37.15 -83.98
CA GLU D 147 17.59 36.64 -84.46
C GLU D 147 17.67 35.18 -84.90
N LYS D 148 18.80 34.76 -85.48
CA LYS D 148 18.84 33.45 -86.14
C LYS D 148 18.81 32.31 -85.12
N THR D 149 19.51 32.46 -84.00
CA THR D 149 19.48 31.43 -82.98
C THR D 149 18.10 31.33 -82.34
N ILE D 150 17.44 32.48 -82.14
CA ILE D 150 16.10 32.48 -81.56
C ILE D 150 15.12 31.78 -82.49
N GLU D 151 15.17 32.10 -83.78
CA GLU D 151 14.22 31.47 -84.69
C GLU D 151 14.52 29.99 -84.89
N GLU D 152 15.79 29.59 -84.85
CA GLU D 152 16.09 28.17 -85.02
C GLU D 152 15.70 27.37 -83.77
N MET D 153 15.86 27.94 -82.58
CA MET D 153 15.43 27.19 -81.40
C MET D 153 13.90 27.17 -81.31
N LEU D 154 13.24 28.23 -81.79
CA LEU D 154 11.78 28.20 -81.87
C LEU D 154 11.32 27.13 -82.85
N GLU D 155 12.04 26.96 -83.95
CA GLU D 155 11.72 25.90 -84.90
C GLU D 155 11.92 24.52 -84.27
N ILE D 156 12.99 24.35 -83.49
CA ILE D 156 13.28 23.02 -82.97
C ILE D 156 12.38 22.68 -81.79
N ILE D 157 11.85 23.68 -81.09
CA ILE D 157 10.91 23.38 -80.01
C ILE D 157 9.49 23.24 -80.57
N SER D 158 9.18 23.95 -81.66
CA SER D 158 7.92 23.74 -82.34
C SER D 158 7.91 22.46 -83.16
N GLY D 159 9.08 21.91 -83.46
CA GLY D 159 9.18 20.64 -84.15
C GLY D 159 9.03 19.43 -83.27
N TYR D 160 8.97 19.63 -81.94
CA TYR D 160 8.73 18.58 -80.95
C TYR D 160 9.82 17.49 -81.05
N ALA D 161 11.04 17.90 -80.72
CA ALA D 161 12.23 17.05 -80.74
C ALA D 161 12.48 16.46 -82.13
N MET E 1 54.53 -7.95 39.14
CA MET E 1 55.19 -6.66 39.30
C MET E 1 55.25 -5.91 37.97
N ASP E 2 55.81 -6.55 36.95
CA ASP E 2 55.91 -5.98 35.63
C ASP E 2 54.90 -6.56 34.65
N GLN E 3 53.73 -6.98 35.14
CA GLN E 3 52.75 -7.61 34.27
C GLN E 3 52.10 -6.59 33.34
N GLU E 4 51.70 -5.43 33.87
CA GLU E 4 51.06 -4.41 33.04
C GLU E 4 52.03 -3.82 32.02
N ASN E 5 53.30 -3.68 32.39
CA ASN E 5 54.31 -3.26 31.43
C ASN E 5 54.44 -4.29 30.31
N GLU E 6 54.39 -5.57 30.66
CA GLU E 6 54.44 -6.63 29.65
C GLU E 6 53.24 -6.55 28.72
N ARG E 7 52.05 -6.29 29.27
CA ARG E 7 50.86 -6.16 28.43
C ARG E 7 50.98 -4.99 27.47
N ASN E 8 51.46 -3.84 27.97
CA ASN E 8 51.59 -2.68 27.11
C ASN E 8 52.62 -2.91 26.01
N ILE E 9 53.75 -3.53 26.35
CA ILE E 9 54.78 -3.76 25.35
C ILE E 9 54.33 -4.81 24.34
N SER E 10 53.51 -5.77 24.77
CA SER E 10 52.98 -6.76 23.84
C SER E 10 51.96 -6.14 22.91
N ARG E 11 51.13 -5.21 23.43
CA ARG E 11 50.17 -4.52 22.58
C ARG E 11 50.88 -3.70 21.52
N LEU E 12 51.94 -2.99 21.92
CA LEU E 12 52.72 -2.22 20.94
C LEU E 12 53.39 -3.13 19.93
N TRP E 13 53.88 -4.29 20.37
CA TRP E 13 54.51 -5.24 19.46
C TRP E 13 53.52 -5.76 18.42
N ARG E 14 52.31 -6.13 18.86
CA ARG E 14 51.30 -6.60 17.92
C ARG E 14 50.86 -5.50 16.97
N ALA E 15 50.73 -4.27 17.48
CA ALA E 15 50.36 -3.15 16.61
C ALA E 15 51.44 -2.90 15.57
N PHE E 16 52.70 -3.00 15.97
CA PHE E 16 53.83 -2.78 15.08
C PHE E 16 53.88 -3.84 13.99
N ARG E 17 53.58 -5.10 14.37
CA ARG E 17 53.48 -6.16 13.39
C ARG E 17 52.35 -5.91 12.40
N THR E 18 51.21 -5.41 12.90
CA THR E 18 50.10 -5.11 11.99
C THR E 18 50.45 -3.94 11.06
N VAL E 19 51.26 -3.00 11.55
CA VAL E 19 51.70 -1.90 10.69
C VAL E 19 52.57 -2.42 9.55
N LYS E 20 53.47 -3.37 9.84
CA LYS E 20 54.20 -3.98 8.74
C LYS E 20 53.33 -4.81 7.81
N GLU E 21 52.30 -5.47 8.36
CA GLU E 21 51.33 -6.14 7.47
C GLU E 21 50.64 -5.14 6.56
N MET E 22 50.29 -3.97 7.10
CA MET E 22 49.71 -2.89 6.31
C MET E 22 50.66 -2.42 5.22
N VAL E 23 51.90 -2.10 5.59
CA VAL E 23 52.85 -1.52 4.65
C VAL E 23 53.20 -2.51 3.56
N LYS E 24 53.31 -3.79 3.90
CA LYS E 24 53.55 -4.78 2.86
C LYS E 24 52.31 -4.96 1.98
N ASP E 25 51.11 -4.85 2.57
CA ASP E 25 49.89 -5.08 1.82
C ASP E 25 49.56 -3.95 0.86
N ARG E 26 49.95 -2.70 1.15
CA ARG E 26 49.67 -1.58 0.27
C ARG E 26 50.68 -1.43 -0.85
N GLY E 27 51.47 -2.47 -1.12
CA GLY E 27 52.39 -2.40 -2.22
C GLY E 27 53.74 -1.77 -1.91
N TYR E 28 54.35 -2.10 -0.78
CA TYR E 28 55.67 -1.64 -0.44
C TYR E 28 56.55 -2.84 -0.06
N PHE E 29 57.85 -2.65 -0.15
CA PHE E 29 58.80 -3.73 0.09
C PHE E 29 59.27 -3.71 1.54
N ILE E 30 58.82 -4.71 2.30
CA ILE E 30 59.36 -5.02 3.62
C ILE E 30 59.79 -6.48 3.60
N THR E 31 60.98 -6.75 4.11
CA THR E 31 61.50 -8.12 4.10
C THR E 31 60.61 -9.03 4.93
N GLN E 32 60.43 -10.26 4.45
CA GLN E 32 59.42 -11.15 5.00
C GLN E 32 59.73 -11.55 6.43
N GLU E 33 61.00 -11.76 6.76
CA GLU E 33 61.37 -12.13 8.13
C GLU E 33 61.09 -10.99 9.11
N GLU E 34 61.05 -9.75 8.60
CA GLU E 34 60.78 -8.62 9.46
C GLU E 34 59.33 -8.59 9.92
N VAL E 35 58.41 -9.14 9.11
CA VAL E 35 57.00 -9.17 9.50
C VAL E 35 56.80 -10.04 10.73
N GLU E 36 57.31 -11.27 10.70
CA GLU E 36 57.24 -12.18 11.84
C GLU E 36 58.54 -12.21 12.64
N LEU E 37 59.18 -11.06 12.84
CA LEU E 37 60.35 -11.01 13.71
C LEU E 37 59.97 -11.47 15.12
N PRO E 38 60.79 -12.29 15.76
CA PRO E 38 60.43 -12.79 17.09
C PRO E 38 60.44 -11.70 18.15
N LEU E 39 59.89 -12.03 19.31
CA LEU E 39 59.73 -11.06 20.39
C LEU E 39 61.05 -10.70 21.05
N GLU E 40 62.04 -11.60 21.00
CA GLU E 40 63.28 -11.38 21.73
C GLU E 40 64.06 -10.19 21.18
N ASP E 41 63.93 -9.93 19.88
CA ASP E 41 64.57 -8.76 19.30
C ASP E 41 63.86 -7.47 19.73
N PHE E 42 62.53 -7.49 19.73
CA PHE E 42 61.78 -6.27 19.97
C PHE E 42 61.76 -5.87 21.44
N LYS E 43 61.84 -6.83 22.37
CA LYS E 43 61.77 -6.44 23.77
C LYS E 43 62.99 -5.65 24.25
N ALA E 44 64.05 -5.56 23.46
CA ALA E 44 65.21 -4.80 23.88
C ALA E 44 65.69 -3.82 22.82
N LYS E 45 65.52 -4.17 21.54
CA LYS E 45 66.15 -3.38 20.48
C LYS E 45 65.33 -2.14 20.14
N TYR E 46 64.04 -2.11 20.50
CA TYR E 46 63.25 -0.89 20.46
C TYR E 46 62.72 -0.51 21.85
N CYS E 47 63.31 -1.07 22.90
CA CYS E 47 62.85 -0.81 24.27
C CYS E 47 64.00 -0.27 25.12
N ASP E 48 63.65 0.48 26.16
CA ASP E 48 64.61 1.20 26.97
C ASP E 48 65.27 0.26 27.98
N SER E 49 66.16 0.84 28.80
CA SER E 49 66.87 0.05 29.80
C SER E 49 65.97 -0.31 30.98
N MET E 50 65.16 0.62 31.45
CA MET E 50 64.31 0.37 32.61
C MET E 50 62.99 -0.29 32.23
N GLY E 51 62.77 -0.59 30.96
CA GLY E 51 61.60 -1.34 30.54
C GLY E 51 60.42 -0.48 30.14
N ARG E 52 60.67 0.57 29.39
CA ARG E 52 59.64 1.47 28.91
C ARG E 52 59.73 1.60 27.40
N PRO E 53 58.61 1.78 26.71
CA PRO E 53 58.66 1.97 25.26
C PRO E 53 59.20 3.35 24.89
N GLN E 54 59.88 3.40 23.75
CA GLN E 54 60.37 4.65 23.18
C GLN E 54 59.77 4.78 21.77
N ARG E 55 58.82 5.70 21.63
CA ARG E 55 58.07 5.83 20.39
C ARG E 55 58.94 6.40 19.27
N LYS E 56 59.91 7.25 19.61
CA LYS E 56 60.61 8.02 18.59
C LYS E 56 61.57 7.19 17.73
N MET E 57 62.04 6.05 18.21
CA MET E 57 62.95 5.24 17.41
C MET E 57 62.24 4.19 16.59
N MET E 58 60.92 4.06 16.70
CA MET E 58 60.20 3.07 15.93
C MET E 58 59.38 3.68 14.80
N SER E 59 59.44 5.01 14.64
CA SER E 59 59.00 5.68 13.43
C SER E 59 59.99 5.43 12.29
N PHE E 60 59.48 5.20 11.09
CA PHE E 60 60.39 4.85 10.00
C PHE E 60 59.80 5.29 8.67
N GLN E 61 60.51 4.93 7.60
CA GLN E 61 60.10 5.19 6.22
C GLN E 61 60.03 3.89 5.43
N ALA E 62 59.20 3.89 4.40
CA ALA E 62 59.03 2.77 3.50
C ALA E 62 59.04 3.28 2.07
N ASN E 63 59.35 2.38 1.14
CA ASN E 63 59.52 2.73 -0.26
C ASN E 63 58.76 1.72 -1.12
N PRO E 64 58.37 2.11 -2.33
CA PRO E 64 57.73 1.16 -3.24
C PRO E 64 58.75 0.20 -3.85
N THR E 65 58.22 -0.87 -4.43
CA THR E 65 59.01 -1.93 -5.04
C THR E 65 58.82 -1.92 -6.55
N GLU E 66 59.43 -2.89 -7.22
CA GLU E 66 59.42 -2.89 -8.68
C GLU E 66 58.08 -3.37 -9.24
N GLU E 67 57.42 -4.32 -8.56
CA GLU E 67 56.11 -4.76 -9.06
C GLU E 67 55.04 -3.71 -8.79
N SER E 68 55.09 -3.07 -7.62
CA SER E 68 54.12 -2.02 -7.31
C SER E 68 54.27 -0.84 -8.27
N ILE E 69 55.51 -0.48 -8.61
CA ILE E 69 55.72 0.55 -9.62
C ILE E 69 55.41 0.01 -11.01
N SER E 70 55.35 -1.31 -11.18
CA SER E 70 54.95 -1.86 -12.47
C SER E 70 53.45 -1.69 -12.70
N LYS E 71 52.62 -1.99 -11.69
CA LYS E 71 51.19 -1.70 -11.84
C LYS E 71 50.90 -0.22 -11.61
N PHE E 72 51.17 0.27 -10.40
CA PHE E 72 50.87 1.64 -10.05
C PHE E 72 52.08 2.52 -10.39
N PRO E 73 51.99 3.42 -11.37
CA PRO E 73 53.17 4.14 -11.82
C PRO E 73 53.58 5.34 -10.97
N ASP E 74 52.80 5.72 -9.94
CA ASP E 74 53.05 6.98 -9.25
C ASP E 74 52.93 6.85 -7.73
N MET E 75 53.36 5.73 -7.16
CA MET E 75 53.34 5.63 -5.71
C MET E 75 54.49 6.42 -5.10
N GLY E 76 54.32 6.81 -3.84
CA GLY E 76 55.32 7.59 -3.14
C GLY E 76 55.78 6.94 -1.85
N SER E 77 56.92 7.38 -1.33
CA SER E 77 57.47 6.81 -0.11
C SER E 77 56.64 7.21 1.11
N LEU E 78 56.50 6.27 2.03
CA LEU E 78 55.67 6.44 3.23
C LEU E 78 56.55 6.78 4.42
N TRP E 79 56.01 7.59 5.33
CA TRP E 79 56.64 7.84 6.61
C TRP E 79 55.61 7.63 7.71
N VAL E 80 55.89 6.68 8.59
CA VAL E 80 55.04 6.38 9.73
C VAL E 80 55.72 6.91 10.98
N GLU E 81 54.97 7.65 11.80
CA GLU E 81 55.52 8.32 12.96
C GLU E 81 54.54 8.23 14.11
N PHE E 82 54.97 7.60 15.20
CA PHE E 82 54.16 7.49 16.41
C PHE E 82 54.39 8.71 17.31
N CYS E 83 53.47 8.91 18.25
CA CYS E 83 53.56 10.01 19.19
C CYS E 83 53.68 9.46 20.60
N ASP E 84 54.24 10.28 21.49
CA ASP E 84 54.55 9.86 22.85
C ASP E 84 53.47 10.24 23.86
N GLU E 85 53.01 11.48 23.84
CA GLU E 85 52.00 11.93 24.80
C GLU E 85 50.68 11.24 24.49
N PRO E 86 49.94 10.77 25.50
CA PRO E 86 48.76 9.94 25.22
C PRO E 86 47.64 10.65 24.49
N SER E 87 47.12 11.74 25.03
CA SER E 87 45.97 12.44 24.45
C SER E 87 46.50 13.53 23.52
N VAL E 88 46.77 13.15 22.27
CA VAL E 88 47.48 14.02 21.33
C VAL E 88 46.61 15.20 20.94
N GLY E 89 47.26 16.32 20.65
CA GLY E 89 46.56 17.54 20.33
C GLY E 89 47.02 18.16 19.03
N VAL E 90 46.69 19.45 18.84
CA VAL E 90 46.99 20.11 17.57
C VAL E 90 48.48 20.34 17.41
N LYS E 91 49.23 20.45 18.51
CA LYS E 91 50.67 20.69 18.43
C LYS E 91 51.39 19.51 17.79
N THR E 92 51.09 18.29 18.25
CA THR E 92 51.72 17.11 17.68
C THR E 92 51.33 16.92 16.22
N MET E 93 50.05 17.15 15.90
CA MET E 93 49.58 16.97 14.53
C MET E 93 50.23 17.97 13.59
N LYS E 94 50.33 19.24 14.02
CA LYS E 94 50.98 20.22 13.17
C LYS E 94 52.48 19.97 13.07
N THR E 95 53.08 19.39 14.11
CA THR E 95 54.48 18.97 14.03
C THR E 95 54.66 17.92 12.95
N PHE E 96 53.76 16.93 12.92
CA PHE E 96 53.84 15.89 11.89
C PHE E 96 53.59 16.47 10.50
N VAL E 97 52.65 17.40 10.39
CA VAL E 97 52.34 18.01 9.10
C VAL E 97 53.54 18.77 8.56
N ILE E 98 54.17 19.56 9.44
CA ILE E 98 55.34 20.34 9.03
C ILE E 98 56.50 19.41 8.67
N HIS E 99 56.66 18.32 9.42
CA HIS E 99 57.70 17.34 9.11
C HIS E 99 57.49 16.71 7.74
N ILE E 100 56.23 16.36 7.43
CA ILE E 100 55.91 15.75 6.14
C ILE E 100 56.16 16.75 5.00
N GLN E 101 55.73 17.99 5.20
CA GLN E 101 55.91 19.00 4.16
C GLN E 101 57.39 19.29 3.92
N GLU E 102 58.18 19.34 4.99
CA GLU E 102 59.61 19.62 4.82
C GLU E 102 60.33 18.47 4.15
N LYS E 103 59.95 17.23 4.47
CA LYS E 103 60.62 16.08 3.89
C LYS E 103 60.10 15.71 2.51
N ASN E 104 59.00 16.32 2.07
CA ASN E 104 58.38 16.07 0.76
C ASN E 104 58.02 14.59 0.60
N PHE E 105 57.11 14.13 1.46
CA PHE E 105 56.61 12.77 1.44
C PHE E 105 55.23 12.74 0.81
N GLN E 106 55.00 11.74 -0.06
CA GLN E 106 53.76 11.69 -0.82
C GLN E 106 52.57 11.23 0.01
N THR E 107 52.78 10.37 1.00
CA THR E 107 51.71 9.91 1.86
C THR E 107 52.30 9.55 3.22
N GLY E 108 51.53 9.77 4.27
CA GLY E 108 52.00 9.51 5.62
C GLY E 108 50.90 8.94 6.49
N ILE E 109 51.31 8.14 7.47
CA ILE E 109 50.41 7.51 8.43
C ILE E 109 50.83 7.95 9.83
N PHE E 110 49.88 8.49 10.58
CA PHE E 110 50.07 8.88 11.97
C PHE E 110 49.26 7.94 12.84
N VAL E 111 49.84 7.52 13.96
CA VAL E 111 49.20 6.57 14.88
C VAL E 111 49.10 7.26 16.23
N TYR E 112 47.87 7.61 16.63
CA TYR E 112 47.69 8.14 17.97
C TYR E 112 47.54 7.00 18.96
N GLN E 113 47.51 7.32 20.25
CA GLN E 113 47.62 6.31 21.28
C GLN E 113 46.31 6.11 22.04
N ASN E 114 45.75 7.14 22.66
CA ASN E 114 44.52 6.97 23.42
C ASN E 114 43.39 7.86 22.94
N ASN E 115 43.65 9.12 22.63
CA ASN E 115 42.60 10.01 22.18
C ASN E 115 43.21 11.09 21.29
N ILE E 116 42.49 11.43 20.23
CA ILE E 116 42.90 12.50 19.32
C ILE E 116 41.75 13.51 19.25
N THR E 117 42.11 14.80 19.30
CA THR E 117 41.12 15.85 19.37
C THR E 117 40.40 15.99 18.03
N PRO E 118 39.13 16.45 18.05
CA PRO E 118 38.46 16.77 16.78
C PRO E 118 39.13 17.88 16.00
N SER E 119 39.92 18.73 16.66
CA SER E 119 40.64 19.78 15.94
C SER E 119 41.72 19.21 15.03
N ALA E 120 42.32 18.08 15.42
CA ALA E 120 43.35 17.47 14.59
C ALA E 120 42.78 16.94 13.29
N MET E 121 41.52 16.50 13.31
CA MET E 121 40.87 16.04 12.08
C MET E 121 40.56 17.19 11.14
N LYS E 122 40.55 18.42 11.63
CA LYS E 122 40.39 19.59 10.78
C LYS E 122 41.71 20.08 10.21
N LEU E 123 42.83 19.48 10.61
CA LEU E 123 44.14 19.82 10.07
C LEU E 123 44.80 18.68 9.32
N VAL E 124 44.35 17.43 9.52
CA VAL E 124 44.93 16.30 8.79
C VAL E 124 44.74 16.39 7.27
N PRO E 125 43.54 16.75 6.66
CA PRO E 125 43.42 16.72 5.21
C PRO E 125 43.75 18.06 4.55
N SER E 126 44.95 18.58 4.83
CA SER E 126 45.31 19.94 4.44
C SER E 126 46.19 20.05 3.22
N ILE E 127 47.05 19.06 2.94
CA ILE E 127 47.98 19.12 1.83
C ILE E 127 47.32 18.45 0.62
N PRO E 128 47.13 19.17 -0.48
CA PRO E 128 46.47 18.57 -1.65
C PRO E 128 47.34 17.53 -2.36
N PRO E 129 48.68 17.78 -2.62
CA PRO E 129 49.45 16.69 -3.25
C PRO E 129 49.61 15.49 -2.34
N ALA E 130 50.05 15.72 -1.11
CA ALA E 130 50.27 14.65 -0.17
C ALA E 130 48.94 14.19 0.43
N THR E 131 49.01 13.20 1.32
CA THR E 131 47.84 12.72 2.04
C THR E 131 48.31 12.16 3.38
N ILE E 132 47.60 12.53 4.44
CA ILE E 132 47.92 12.09 5.78
C ILE E 132 46.73 11.29 6.32
N GLU E 133 47.01 10.12 6.86
CA GLU E 133 45.98 9.24 7.40
C GLU E 133 46.20 9.06 8.89
N THR E 134 45.11 8.82 9.63
CA THR E 134 45.17 8.66 11.07
C THR E 134 44.73 7.26 11.46
N PHE E 135 45.39 6.69 12.46
CA PHE E 135 45.11 5.34 12.94
C PHE E 135 45.17 5.31 14.46
N ASN E 136 44.18 4.64 15.05
CA ASN E 136 44.18 4.37 16.48
C ASN E 136 45.05 3.14 16.75
N GLU E 137 45.93 3.25 17.75
CA GLU E 137 46.72 2.09 18.15
C GLU E 137 45.83 1.01 18.75
N ALA E 138 44.69 1.40 19.33
CA ALA E 138 43.76 0.43 19.86
C ALA E 138 43.14 -0.40 18.75
N ALA E 139 42.89 0.21 17.60
CA ALA E 139 42.32 -0.51 16.47
C ALA E 139 43.36 -1.20 15.61
N LEU E 140 44.65 -1.02 15.89
CA LEU E 140 45.71 -1.66 15.15
C LEU E 140 46.26 -2.90 15.84
N VAL E 141 45.58 -3.39 16.87
CA VAL E 141 46.09 -4.53 17.63
C VAL E 141 46.11 -5.79 16.78
N VAL E 142 45.06 -6.02 16.01
CA VAL E 142 44.95 -7.19 15.16
C VAL E 142 44.75 -6.73 13.73
N ASN E 143 45.27 -7.48 12.77
CA ASN E 143 44.98 -7.19 11.38
C ASN E 143 43.52 -7.47 11.09
N ILE E 144 42.81 -6.45 10.61
CA ILE E 144 41.40 -6.63 10.29
C ILE E 144 41.22 -7.61 9.15
N THR E 145 42.15 -7.62 8.19
CA THR E 145 42.05 -8.47 7.01
C THR E 145 42.18 -9.96 7.33
N HIS E 146 42.95 -10.32 8.35
CA HIS E 146 43.10 -11.73 8.73
C HIS E 146 41.84 -12.34 9.31
N HIS E 147 40.83 -11.55 9.62
CA HIS E 147 39.57 -12.08 10.13
C HIS E 147 38.88 -12.92 9.06
N GLU E 148 38.08 -13.89 9.52
CA GLU E 148 37.42 -14.82 8.62
C GLU E 148 36.07 -14.33 8.12
N LEU E 149 35.50 -13.29 8.73
CA LEU E 149 34.30 -12.68 8.18
C LEU E 149 34.59 -11.72 7.05
N VAL E 150 35.83 -11.30 6.87
CA VAL E 150 36.21 -10.37 5.81
C VAL E 150 36.99 -11.15 4.76
N PRO E 151 36.65 -11.01 3.50
CA PRO E 151 37.43 -11.68 2.45
C PRO E 151 38.56 -10.82 1.92
N LYS E 152 39.25 -11.32 0.90
CA LYS E 152 40.38 -10.62 0.32
C LYS E 152 39.90 -9.41 -0.49
N HIS E 153 40.41 -8.23 -0.14
CA HIS E 153 40.24 -7.02 -0.91
C HIS E 153 41.53 -6.72 -1.66
N ILE E 154 41.43 -6.49 -2.96
CA ILE E 154 42.60 -6.22 -3.79
C ILE E 154 42.31 -5.00 -4.64
N ARG E 155 43.15 -3.98 -4.53
CA ARG E 155 42.91 -2.78 -5.32
C ARG E 155 43.22 -3.03 -6.79
N LEU E 156 42.79 -2.09 -7.62
CA LEU E 156 42.97 -2.20 -9.07
C LEU E 156 43.73 -0.99 -9.59
N SER E 157 44.44 -1.20 -10.70
CA SER E 157 45.12 -0.11 -11.37
C SER E 157 44.14 0.64 -12.26
N SER E 158 44.63 1.73 -12.85
CA SER E 158 43.80 2.51 -13.77
C SER E 158 43.43 1.70 -15.00
N ASP E 159 44.38 0.93 -15.54
CA ASP E 159 44.09 0.11 -16.71
C ASP E 159 43.12 -1.00 -16.39
N GLU E 160 43.18 -1.56 -15.18
CA GLU E 160 42.23 -2.59 -14.80
C GLU E 160 40.83 -2.01 -14.61
N LYS E 161 40.73 -0.80 -14.06
CA LYS E 161 39.43 -0.14 -13.96
C LYS E 161 38.86 0.15 -15.34
N ARG E 162 39.70 0.59 -16.27
CA ARG E 162 39.24 0.81 -17.63
C ARG E 162 38.79 -0.49 -18.30
N GLU E 163 39.52 -1.59 -18.04
CA GLU E 163 39.14 -2.88 -18.60
C GLU E 163 37.78 -3.33 -18.08
N LEU E 164 37.54 -3.16 -16.79
CA LEU E 164 36.22 -3.45 -16.22
C LEU E 164 35.15 -2.57 -16.87
N LEU E 165 35.43 -1.28 -16.97
CA LEU E 165 34.48 -0.31 -17.49
C LEU E 165 34.11 -0.59 -18.93
N LYS E 166 35.03 -1.16 -19.73
CA LYS E 166 34.69 -1.47 -21.11
C LYS E 166 34.05 -2.86 -21.23
N ARG E 167 34.48 -3.82 -20.40
CA ARG E 167 33.94 -5.17 -20.51
C ARG E 167 32.50 -5.26 -20.01
N TYR E 168 32.11 -4.44 -19.04
CA TYR E 168 30.74 -4.49 -18.56
C TYR E 168 29.89 -3.31 -18.99
N ARG E 169 30.33 -2.54 -20.00
CA ARG E 169 29.53 -1.56 -20.74
C ARG E 169 28.69 -0.66 -19.84
N LEU E 170 29.33 -0.17 -18.79
CA LEU E 170 28.68 0.62 -17.75
C LEU E 170 29.42 1.93 -17.53
N LYS E 171 28.93 2.72 -16.57
CA LYS E 171 29.65 3.89 -16.11
C LYS E 171 30.12 3.70 -14.68
N GLU E 172 31.21 4.37 -14.33
CA GLU E 172 31.86 4.17 -13.04
C GLU E 172 30.99 4.57 -11.86
N SER E 173 29.96 5.39 -12.08
CA SER E 173 29.09 5.84 -11.01
C SER E 173 27.89 4.91 -10.81
N GLN E 174 28.02 3.64 -11.17
CA GLN E 174 26.93 2.68 -11.01
C GLN E 174 27.31 1.47 -10.18
N LEU E 175 28.60 1.24 -9.92
CA LEU E 175 29.02 0.05 -9.22
C LEU E 175 28.58 0.13 -7.76
N PRO E 176 28.56 -1.00 -7.05
CA PRO E 176 28.38 -0.94 -5.60
C PRO E 176 29.49 -0.13 -4.98
N ARG E 177 29.16 0.60 -3.94
CA ARG E 177 30.07 1.57 -3.36
C ARG E 177 30.56 1.06 -2.00
N ILE E 178 31.82 1.36 -1.69
CA ILE E 178 32.40 1.11 -0.38
C ILE E 178 32.83 2.45 0.20
N GLN E 179 32.41 2.74 1.42
CA GLN E 179 32.76 4.00 2.03
C GLN E 179 34.23 4.04 2.39
N ARG E 180 34.83 5.22 2.23
CA ARG E 180 36.06 5.49 2.95
C ARG E 180 35.73 5.74 4.42
N ALA E 181 36.77 5.77 5.25
CA ALA E 181 36.64 5.83 6.70
C ALA E 181 35.85 4.64 7.23
N ASP E 182 35.93 3.51 6.54
CA ASP E 182 35.64 2.13 6.84
C ASP E 182 36.93 1.41 7.18
N PRO E 183 36.88 0.30 7.92
CA PRO E 183 38.12 -0.40 8.28
C PRO E 183 39.00 -0.79 7.09
N VAL E 184 38.43 -1.52 6.13
CA VAL E 184 39.23 -2.02 5.03
C VAL E 184 39.67 -0.88 4.12
N ALA E 185 38.80 0.11 3.90
CA ALA E 185 39.15 1.23 3.04
C ALA E 185 40.28 2.06 3.66
N LEU E 186 40.25 2.26 4.98
CA LEU E 186 41.35 2.95 5.65
C LEU E 186 42.62 2.12 5.60
N TYR E 187 42.48 0.80 5.72
CA TYR E 187 43.65 -0.08 5.73
C TYR E 187 44.38 -0.06 4.40
N LEU E 188 43.65 -0.25 3.30
CA LEU E 188 44.27 -0.21 1.99
C LEU E 188 44.59 1.19 1.52
N GLY E 189 43.97 2.21 2.13
CA GLY E 189 44.23 3.58 1.72
C GLY E 189 43.71 3.88 0.33
N LEU E 190 42.39 3.91 0.19
CA LEU E 190 41.77 4.09 -1.11
C LEU E 190 41.46 5.56 -1.36
N LYS E 191 41.75 6.01 -2.57
CA LYS E 191 41.38 7.36 -3.00
C LYS E 191 40.00 7.34 -3.65
N ARG E 192 39.47 8.54 -3.91
CA ARG E 192 38.18 8.63 -4.58
C ARG E 192 38.28 8.09 -6.01
N GLY E 193 37.33 7.22 -6.37
CA GLY E 193 37.28 6.63 -7.69
C GLY E 193 38.02 5.33 -7.86
N GLU E 194 38.68 4.82 -6.83
CA GLU E 194 39.42 3.59 -6.95
C GLU E 194 38.49 2.39 -6.82
N VAL E 195 38.77 1.35 -7.60
CA VAL E 195 37.95 0.15 -7.66
C VAL E 195 38.68 -0.97 -6.96
N VAL E 196 38.02 -1.64 -6.02
CA VAL E 196 38.58 -2.74 -5.26
C VAL E 196 37.80 -4.00 -5.57
N LYS E 197 38.52 -5.05 -5.94
CA LYS E 197 37.94 -6.35 -6.23
C LYS E 197 37.92 -7.19 -4.96
N ILE E 198 36.75 -7.71 -4.63
CA ILE E 198 36.51 -8.44 -3.39
C ILE E 198 36.24 -9.89 -3.75
N ILE E 199 37.02 -10.81 -3.19
CA ILE E 199 36.96 -12.21 -3.59
C ILE E 199 36.10 -12.91 -2.54
N ARG E 200 34.81 -13.03 -2.82
CA ARG E 200 33.89 -13.60 -1.85
C ARG E 200 34.00 -15.12 -1.86
N LYS E 201 34.09 -15.71 -0.67
CA LYS E 201 34.18 -17.15 -0.47
C LYS E 201 32.90 -17.61 0.21
N SER E 202 31.93 -18.02 -0.59
CA SER E 202 30.62 -18.41 -0.10
C SER E 202 30.45 -19.92 -0.14
N GLU E 203 29.62 -20.44 0.76
CA GLU E 203 29.53 -21.89 0.95
C GLU E 203 28.86 -22.58 -0.23
N THR E 204 27.93 -21.90 -0.89
CA THR E 204 27.19 -22.52 -1.99
C THR E 204 27.90 -22.35 -3.33
N SER E 205 28.60 -21.23 -3.51
CA SER E 205 29.16 -20.87 -4.81
C SER E 205 30.65 -21.09 -4.93
N GLY E 206 31.37 -21.21 -3.83
CA GLY E 206 32.83 -21.32 -3.88
C GLY E 206 33.49 -19.95 -3.81
N ARG E 207 34.29 -19.64 -4.82
CA ARG E 207 34.94 -18.34 -4.90
C ARG E 207 34.36 -17.56 -6.08
N TYR E 208 33.84 -16.36 -5.81
CA TYR E 208 33.34 -15.54 -6.90
C TYR E 208 33.71 -14.09 -6.64
N ALA E 209 33.84 -13.33 -7.73
CA ALA E 209 34.37 -11.98 -7.67
C ALA E 209 33.26 -10.94 -7.58
N SER E 210 33.55 -9.85 -6.88
CA SER E 210 32.69 -8.69 -6.87
C SER E 210 33.56 -7.45 -6.94
N TYR E 211 32.94 -6.31 -7.25
CA TYR E 211 33.68 -5.07 -7.38
C TYR E 211 33.00 -3.97 -6.58
N ARG E 212 33.81 -3.08 -6.01
CA ARG E 212 33.28 -1.96 -5.25
C ARG E 212 34.10 -0.71 -5.54
N ILE E 213 33.43 0.43 -5.67
CA ILE E 213 34.11 1.69 -5.92
C ILE E 213 34.13 2.51 -4.64
N CYS E 214 35.23 3.26 -4.45
CA CYS E 214 35.49 3.93 -3.18
C CYS E 214 34.63 5.17 -2.96
N MET E 215 34.12 5.76 -4.04
CA MET E 215 33.46 7.08 -4.06
C MET E 215 34.07 8.11 -3.10
N GLU F 71 24.60 0.71 -37.21
CA GLU F 71 24.02 1.70 -36.31
C GLU F 71 24.40 1.36 -34.87
N LYS F 72 23.41 1.43 -33.97
CA LYS F 72 23.60 1.08 -32.57
C LYS F 72 23.50 -0.41 -32.32
N ALA F 73 23.17 -1.20 -33.34
CA ALA F 73 22.90 -2.62 -33.18
C ALA F 73 24.18 -3.43 -33.32
N ILE F 74 24.29 -4.46 -32.50
CA ILE F 74 25.45 -5.37 -32.55
C ILE F 74 25.42 -6.13 -33.87
N PRO F 75 26.56 -6.34 -34.52
CA PRO F 75 26.58 -7.19 -35.72
C PRO F 75 26.15 -8.62 -35.42
N LYS F 76 25.48 -9.23 -36.40
CA LYS F 76 24.85 -10.53 -36.20
C LYS F 76 25.86 -11.67 -36.15
N ASP F 77 27.11 -11.43 -36.54
CA ASP F 77 28.10 -12.51 -36.59
C ASP F 77 28.41 -13.05 -35.20
N GLN F 78 28.57 -12.17 -34.22
CA GLN F 78 28.84 -12.56 -32.84
C GLN F 78 27.77 -11.95 -31.95
N ARG F 79 27.29 -12.76 -31.00
CA ARG F 79 26.27 -12.32 -30.06
C ARG F 79 26.55 -12.92 -28.69
N ALA F 80 26.46 -12.11 -27.65
CA ALA F 80 26.87 -12.51 -26.31
C ALA F 80 25.68 -12.65 -25.35
N THR F 81 24.54 -13.10 -25.87
CA THR F 81 23.38 -13.39 -25.05
C THR F 81 22.94 -14.84 -25.25
N THR F 82 22.16 -15.33 -24.29
CA THR F 82 21.80 -16.73 -24.29
C THR F 82 20.82 -17.03 -25.42
N PRO F 83 21.10 -18.04 -26.25
CA PRO F 83 20.18 -18.38 -27.34
C PRO F 83 18.94 -19.14 -26.90
N TYR F 84 18.90 -19.62 -25.67
CA TYR F 84 17.70 -20.31 -25.18
C TYR F 84 16.60 -19.29 -24.94
N MET F 85 15.44 -19.51 -25.54
CA MET F 85 14.35 -18.56 -25.44
C MET F 85 13.77 -18.56 -24.03
N THR F 86 13.78 -17.39 -23.41
CA THR F 86 13.23 -17.26 -22.06
C THR F 86 11.71 -17.41 -22.09
N LYS F 87 11.13 -17.73 -20.94
CA LYS F 87 9.69 -17.91 -20.87
C LYS F 87 8.95 -16.60 -21.09
N TYR F 88 9.54 -15.47 -20.70
CA TYR F 88 8.92 -14.18 -20.94
C TYR F 88 8.87 -13.86 -22.42
N GLU F 89 9.92 -14.23 -23.16
CA GLU F 89 9.91 -14.01 -24.61
C GLU F 89 8.82 -14.83 -25.28
N ARG F 90 8.65 -16.08 -24.84
CA ARG F 90 7.56 -16.91 -25.37
C ARG F 90 6.21 -16.28 -25.07
N ALA F 91 6.03 -15.77 -23.84
CA ALA F 91 4.76 -15.16 -23.48
C ALA F 91 4.47 -13.93 -24.33
N ARG F 92 5.47 -13.09 -24.54
CA ARG F 92 5.24 -11.87 -25.31
C ARG F 92 5.01 -12.19 -26.79
N ILE F 93 5.70 -13.19 -27.34
CA ILE F 93 5.49 -13.57 -28.73
C ILE F 93 4.08 -14.10 -28.91
N LEU F 94 3.63 -14.98 -28.01
CA LEU F 94 2.26 -15.48 -28.12
C LEU F 94 1.24 -14.37 -27.95
N GLY F 95 1.49 -13.42 -27.05
CA GLY F 95 0.56 -12.32 -26.87
C GLY F 95 0.44 -11.44 -28.10
N THR F 96 1.59 -11.06 -28.67
CA THR F 96 1.56 -10.19 -29.84
C THR F 96 0.96 -10.91 -31.04
N ARG F 97 1.28 -12.19 -31.20
CA ARG F 97 0.69 -12.94 -32.32
C ARG F 97 -0.80 -13.11 -32.15
N ALA F 98 -1.27 -13.37 -30.93
CA ALA F 98 -2.71 -13.48 -30.69
C ALA F 98 -3.41 -12.16 -30.94
N LEU F 99 -2.80 -11.05 -30.54
CA LEU F 99 -3.39 -9.74 -30.79
C LEU F 99 -3.42 -9.42 -32.28
N GLN F 100 -2.40 -9.83 -33.02
CA GLN F 100 -2.38 -9.56 -34.47
C GLN F 100 -3.37 -10.43 -35.22
N ILE F 101 -3.50 -11.71 -34.86
CA ILE F 101 -4.50 -12.56 -35.49
C ILE F 101 -5.90 -12.12 -35.13
N SER F 102 -6.08 -11.59 -33.91
CA SER F 102 -7.39 -11.10 -33.50
C SER F 102 -7.85 -9.90 -34.31
N MET F 103 -6.96 -9.29 -35.09
CA MET F 103 -7.30 -8.19 -35.97
C MET F 103 -7.06 -8.56 -37.42
N ASN F 104 -7.44 -9.78 -37.79
CA ASN F 104 -7.47 -10.26 -39.18
C ASN F 104 -6.09 -10.25 -39.83
N ALA F 105 -5.18 -11.03 -39.24
CA ALA F 105 -3.89 -11.24 -39.87
C ALA F 105 -3.82 -12.65 -40.42
N PRO F 106 -3.08 -12.87 -41.51
CA PRO F 106 -3.00 -14.22 -42.09
C PRO F 106 -2.23 -15.18 -41.19
N VAL F 107 -2.57 -16.46 -41.32
CA VAL F 107 -1.88 -17.53 -40.63
C VAL F 107 -1.17 -18.38 -41.67
N PHE F 108 0.12 -18.63 -41.46
CA PHE F 108 0.88 -19.47 -42.37
C PHE F 108 0.74 -20.95 -42.06
N VAL F 109 0.16 -21.29 -40.91
CA VAL F 109 -0.03 -22.68 -40.52
C VAL F 109 -1.47 -23.06 -40.77
N ASP F 110 -1.69 -24.24 -41.31
CA ASP F 110 -3.05 -24.68 -41.61
C ASP F 110 -3.81 -24.95 -40.32
N LEU F 111 -5.05 -24.48 -40.28
CA LEU F 111 -5.90 -24.65 -39.11
C LEU F 111 -6.90 -25.77 -39.34
N GLU F 112 -7.05 -26.63 -38.33
CA GLU F 112 -7.97 -27.76 -38.42
C GLU F 112 -9.39 -27.36 -38.09
N GLY F 113 -9.64 -26.10 -37.73
CA GLY F 113 -10.98 -25.64 -37.43
C GLY F 113 -11.01 -24.76 -36.20
N GLU F 114 -9.87 -24.62 -35.53
CA GLU F 114 -9.82 -23.81 -34.33
C GLU F 114 -10.06 -22.34 -34.66
N THR F 115 -10.83 -21.67 -33.81
CA THR F 115 -11.30 -20.32 -34.06
C THR F 115 -10.68 -19.28 -33.15
N ASP F 116 -10.48 -19.60 -31.88
CA ASP F 116 -9.93 -18.63 -30.94
C ASP F 116 -8.50 -18.27 -31.33
N PRO F 117 -8.12 -16.98 -31.28
CA PRO F 117 -6.82 -16.60 -31.84
C PRO F 117 -5.63 -17.16 -31.09
N LEU F 118 -5.76 -17.38 -29.78
CA LEU F 118 -4.60 -17.73 -28.98
C LEU F 118 -4.16 -19.17 -29.22
N ARG F 119 -5.12 -20.08 -29.39
CA ARG F 119 -4.75 -21.46 -29.72
C ARG F 119 -4.13 -21.55 -31.10
N ILE F 120 -4.59 -20.72 -32.04
CA ILE F 120 -3.96 -20.65 -33.35
C ILE F 120 -2.54 -20.10 -33.22
N ALA F 121 -2.33 -19.17 -32.28
CA ALA F 121 -0.98 -18.65 -32.06
C ALA F 121 -0.05 -19.72 -31.52
N MET F 122 -0.52 -20.53 -30.57
CA MET F 122 0.29 -21.66 -30.11
C MET F 122 0.58 -22.65 -31.22
N LYS F 123 -0.41 -22.96 -32.04
CA LYS F 123 -0.19 -23.90 -33.14
C LYS F 123 0.76 -23.32 -34.17
N GLU F 124 0.80 -21.99 -34.30
CA GLU F 124 1.74 -21.35 -35.21
C GLU F 124 3.17 -21.45 -34.68
N LEU F 125 3.37 -21.14 -33.39
CA LEU F 125 4.72 -21.19 -32.87
C LEU F 125 5.25 -22.61 -32.70
N ALA F 126 4.36 -23.60 -32.55
CA ALA F 126 4.81 -24.97 -32.37
C ALA F 126 5.63 -25.49 -33.54
N GLU F 127 5.49 -24.88 -34.72
CA GLU F 127 6.25 -25.28 -35.90
C GLU F 127 6.97 -24.10 -36.55
N LYS F 128 7.18 -23.01 -35.80
CA LYS F 128 8.12 -21.95 -36.12
C LYS F 128 7.79 -21.27 -37.46
N LYS F 129 6.64 -20.59 -37.47
CA LYS F 129 6.28 -19.71 -38.58
C LYS F 129 5.80 -18.36 -38.09
N ILE F 130 6.48 -17.80 -37.09
CA ILE F 130 6.16 -16.48 -36.57
C ILE F 130 7.11 -15.47 -37.21
N PRO F 131 6.60 -14.44 -37.89
CA PRO F 131 7.49 -13.50 -38.60
C PRO F 131 8.09 -12.40 -37.74
N LEU F 132 8.08 -12.51 -36.41
CA LEU F 132 8.63 -11.47 -35.56
C LEU F 132 10.11 -11.72 -35.30
N VAL F 133 10.77 -10.70 -34.74
CA VAL F 133 12.12 -10.83 -34.21
C VAL F 133 12.17 -10.15 -32.85
N ILE F 134 12.84 -10.79 -31.89
CA ILE F 134 12.96 -10.27 -30.54
C ILE F 134 14.20 -9.40 -30.46
N ARG F 135 14.03 -8.18 -29.94
CA ARG F 135 15.09 -7.20 -29.83
C ARG F 135 15.49 -7.13 -28.37
N ARG F 136 16.63 -7.71 -28.04
CA ARG F 136 17.12 -7.77 -26.68
C ARG F 136 17.89 -6.51 -26.34
N TYR F 137 17.49 -5.85 -25.24
CA TYR F 137 18.21 -4.70 -24.72
C TYR F 137 19.25 -5.12 -23.68
N LEU F 138 20.52 -4.82 -23.97
CA LEU F 138 21.55 -4.82 -22.98
C LEU F 138 21.37 -3.57 -22.09
N PRO F 139 21.96 -3.56 -20.89
CA PRO F 139 21.79 -2.39 -20.02
C PRO F 139 22.31 -1.08 -20.59
N ASP F 140 23.39 -1.09 -21.38
CA ASP F 140 23.96 0.16 -21.84
C ASP F 140 23.03 0.89 -22.81
N GLY F 141 22.39 0.15 -23.71
CA GLY F 141 21.53 0.76 -24.71
C GLY F 141 21.67 0.11 -26.07
N SER F 142 22.73 -0.67 -26.26
CA SER F 142 22.89 -1.45 -27.46
C SER F 142 21.91 -2.62 -27.44
N PHE F 143 21.39 -2.96 -28.63
CA PHE F 143 20.37 -3.98 -28.74
C PHE F 143 20.76 -5.01 -29.78
N GLU F 144 20.44 -6.27 -29.50
CA GLU F 144 20.71 -7.37 -30.41
C GLU F 144 19.40 -7.90 -30.97
N ASP F 145 19.48 -8.52 -32.14
CA ASP F 145 18.30 -9.04 -32.82
C ASP F 145 18.34 -10.55 -32.88
N TRP F 146 17.22 -11.20 -32.57
CA TRP F 146 17.13 -12.65 -32.61
C TRP F 146 15.86 -13.04 -33.35
N SER F 147 16.01 -13.79 -34.43
CA SER F 147 14.85 -14.31 -35.12
C SER F 147 14.19 -15.41 -34.31
N VAL F 148 12.86 -15.46 -34.34
CA VAL F 148 12.13 -16.51 -33.61
C VAL F 148 12.43 -17.88 -34.20
N GLU F 149 12.79 -17.96 -35.48
CA GLU F 149 13.28 -19.20 -36.04
C GLU F 149 14.58 -19.65 -35.36
N GLU F 150 15.47 -18.73 -35.05
CA GLU F 150 16.76 -19.07 -34.46
C GLU F 150 16.69 -19.47 -33.00
N LEU F 151 15.70 -18.98 -32.26
CA LEU F 151 15.56 -19.36 -30.86
C LEU F 151 15.13 -20.82 -30.74
N ILE F 152 15.61 -21.48 -29.69
CA ILE F 152 15.34 -22.89 -29.48
C ILE F 152 14.52 -23.04 -28.19
N VAL F 153 13.64 -24.03 -28.17
CA VAL F 153 12.73 -24.23 -27.06
C VAL F 153 12.89 -25.63 -26.47
N MET G 1 8.18 23.73 -61.08
CA MET G 1 6.76 23.51 -60.85
C MET G 1 6.55 22.26 -60.01
N PHE G 2 7.30 21.21 -60.31
CA PHE G 2 7.23 19.99 -59.52
C PHE G 2 8.64 19.66 -59.03
N ILE G 3 8.79 19.50 -57.72
CA ILE G 3 10.09 19.23 -57.11
C ILE G 3 9.98 17.94 -56.30
N LEU G 4 11.14 17.44 -55.90
CA LEU G 4 11.22 16.22 -55.10
C LEU G 4 11.66 16.56 -53.69
N SER G 5 10.86 16.14 -52.72
CA SER G 5 11.12 16.41 -51.32
C SER G 5 11.42 15.10 -50.61
N LYS G 6 12.54 15.06 -49.90
CA LYS G 6 12.90 13.92 -49.09
C LYS G 6 12.24 14.09 -47.72
N ILE G 7 11.24 13.26 -47.43
CA ILE G 7 10.42 13.41 -46.23
C ILE G 7 10.55 12.15 -45.41
N ALA G 8 10.82 12.32 -44.11
CA ALA G 8 10.94 11.21 -43.17
C ALA G 8 9.71 11.20 -42.27
N ASP G 9 9.13 10.02 -42.08
CA ASP G 9 7.89 9.94 -41.33
C ASP G 9 7.76 8.57 -40.67
N LEU G 10 6.86 8.50 -39.70
CA LEU G 10 6.48 7.27 -39.04
C LEU G 10 5.15 6.81 -39.60
N VAL G 11 5.16 5.70 -40.31
CA VAL G 11 3.98 5.17 -41.00
C VAL G 11 3.49 3.94 -40.25
N ARG G 12 2.18 3.77 -40.23
CA ARG G 12 1.51 2.76 -39.41
C ARG G 12 0.88 1.73 -40.34
N ILE G 13 1.44 0.52 -40.34
CA ILE G 13 0.87 -0.59 -41.09
C ILE G 13 -0.07 -1.35 -40.16
N PRO G 14 -1.37 -1.39 -40.46
CA PRO G 14 -2.29 -2.15 -39.62
C PRO G 14 -2.05 -3.63 -39.79
N PRO G 15 -2.46 -4.45 -38.80
CA PRO G 15 -2.25 -5.89 -38.93
C PRO G 15 -2.96 -6.52 -40.11
N ASP G 16 -4.11 -5.97 -40.50
CA ASP G 16 -4.91 -6.55 -41.57
C ASP G 16 -4.40 -6.20 -42.96
N GLN G 17 -3.25 -5.52 -43.07
CA GLN G 17 -2.60 -5.28 -44.35
C GLN G 17 -1.26 -6.00 -44.44
N PHE G 18 -1.04 -7.03 -43.63
CA PHE G 18 0.19 -7.80 -43.72
C PHE G 18 0.25 -8.60 -45.01
N HIS G 19 -0.92 -9.03 -45.51
CA HIS G 19 -0.94 -9.95 -46.66
C HIS G 19 -0.46 -9.27 -47.94
N ARG G 20 -0.63 -7.96 -48.05
CA ARG G 20 -0.16 -7.25 -49.23
C ARG G 20 1.36 -7.14 -49.20
N ASP G 21 1.92 -6.63 -50.30
CA ASP G 21 3.35 -6.34 -50.33
C ASP G 21 3.68 -5.21 -49.36
N THR G 22 4.87 -5.27 -48.77
CA THR G 22 5.25 -4.31 -47.75
C THR G 22 5.36 -2.91 -48.33
N ILE G 23 6.04 -2.78 -49.47
CA ILE G 23 6.17 -1.48 -50.13
C ILE G 23 4.80 -0.95 -50.54
N SER G 24 3.90 -1.83 -50.97
CA SER G 24 2.55 -1.42 -51.31
C SER G 24 1.81 -0.88 -50.09
N ALA G 25 1.99 -1.51 -48.93
CA ALA G 25 1.32 -1.03 -47.72
C ALA G 25 1.87 0.34 -47.29
N ILE G 26 3.19 0.49 -47.34
CA ILE G 26 3.80 1.78 -47.01
C ILE G 26 3.29 2.85 -47.95
N THR G 27 3.21 2.53 -49.24
CA THR G 27 2.68 3.46 -50.23
C THR G 27 1.24 3.83 -49.93
N HIS G 28 0.43 2.85 -49.52
CA HIS G 28 -0.98 3.11 -49.26
C HIS G 28 -1.17 4.06 -48.08
N GLN G 29 -0.49 3.79 -46.97
CA GLN G 29 -0.69 4.68 -45.82
C GLN G 29 0.01 6.03 -46.03
N LEU G 30 1.07 6.06 -46.83
CA LEU G 30 1.69 7.35 -47.17
C LEU G 30 0.75 8.19 -48.03
N ASN G 31 0.02 7.56 -48.95
CA ASN G 31 -0.98 8.28 -49.72
C ASN G 31 -2.14 8.71 -48.82
N ASN G 32 -2.45 7.90 -47.80
CA ASN G 32 -3.50 8.28 -46.86
C ASN G 32 -3.13 9.54 -46.10
N LYS G 33 -1.87 9.63 -45.65
CA LYS G 33 -1.46 10.75 -44.81
C LYS G 33 -0.98 11.96 -45.60
N PHE G 34 -0.52 11.78 -46.83
CA PHE G 34 0.20 12.84 -47.54
C PHE G 34 -0.45 13.31 -48.82
N ALA G 35 -1.07 12.41 -49.58
CA ALA G 35 -1.53 12.74 -50.92
C ALA G 35 -2.66 13.76 -50.88
N ASN G 36 -2.58 14.74 -51.79
CA ASN G 36 -3.53 15.84 -51.88
C ASN G 36 -3.62 16.57 -50.54
N LYS G 37 -2.46 16.82 -49.95
CA LYS G 37 -2.34 17.61 -48.73
C LYS G 37 -1.10 18.47 -48.85
N ILE G 38 -1.05 19.54 -48.07
CA ILE G 38 0.05 20.48 -48.13
C ILE G 38 0.97 20.22 -46.95
N ILE G 39 2.26 20.07 -47.25
CA ILE G 39 3.30 20.00 -46.23
C ILE G 39 3.75 21.43 -45.95
N PRO G 40 3.62 21.92 -44.72
CA PRO G 40 3.86 23.35 -44.46
C PRO G 40 5.31 23.72 -44.74
N ASN G 41 5.49 24.91 -45.31
CA ASN G 41 6.78 25.45 -45.71
C ASN G 41 7.49 24.57 -46.72
N VAL G 42 6.77 23.68 -47.38
CA VAL G 42 7.33 22.79 -48.40
C VAL G 42 6.53 22.92 -49.67
N GLY G 43 5.22 22.73 -49.59
CA GLY G 43 4.38 22.87 -50.76
C GLY G 43 3.18 21.94 -50.67
N LEU G 44 2.72 21.47 -51.82
CA LEU G 44 1.57 20.58 -51.92
C LEU G 44 2.03 19.26 -52.52
N CYS G 45 1.75 18.16 -51.82
CA CYS G 45 2.21 16.84 -52.24
C CYS G 45 1.11 16.15 -53.03
N ILE G 46 1.45 15.66 -54.21
CA ILE G 46 0.50 14.91 -55.03
C ILE G 46 0.51 13.44 -54.65
N THR G 47 1.67 12.79 -54.74
CA THR G 47 1.84 11.41 -54.34
C THR G 47 3.28 11.21 -53.93
N ILE G 48 3.65 9.97 -53.64
CA ILE G 48 5.01 9.64 -53.29
C ILE G 48 5.68 9.01 -54.50
N TYR G 49 7.00 9.14 -54.59
CA TYR G 49 7.72 8.75 -55.78
C TYR G 49 8.41 7.40 -55.59
N ASP G 50 9.22 7.28 -54.53
CA ASP G 50 9.89 6.03 -54.21
C ASP G 50 10.33 6.08 -52.75
N LEU G 51 10.37 4.91 -52.12
CA LEU G 51 10.89 4.76 -50.77
C LEU G 51 12.39 4.52 -50.83
N LEU G 52 13.15 5.31 -50.07
CA LEU G 52 14.59 5.16 -50.07
C LEU G 52 15.05 4.18 -48.99
N THR G 53 14.76 4.48 -47.73
CA THR G 53 15.25 3.68 -46.62
C THR G 53 14.10 3.35 -45.68
N VAL G 54 13.98 2.08 -45.33
CA VAL G 54 13.02 1.62 -44.34
C VAL G 54 13.77 0.92 -43.22
N GLU G 55 13.21 0.94 -42.03
CA GLU G 55 13.79 0.26 -40.89
C GLU G 55 12.88 -0.88 -40.45
N GLU G 56 13.36 -1.64 -39.47
CA GLU G 56 12.57 -2.75 -38.94
C GLU G 56 11.36 -2.22 -38.20
N GLY G 57 10.22 -2.89 -38.40
CA GLY G 57 8.96 -2.43 -37.85
C GLY G 57 8.83 -2.75 -36.39
N GLN G 58 8.69 -1.71 -35.57
CA GLN G 58 8.55 -1.87 -34.14
C GLN G 58 7.06 -2.03 -33.79
N LEU G 59 6.81 -2.50 -32.58
CA LEU G 59 5.45 -2.73 -32.11
C LEU G 59 5.23 -2.02 -30.79
N LYS G 60 4.08 -1.40 -30.66
CA LYS G 60 3.68 -0.68 -29.46
C LYS G 60 3.00 -1.66 -28.50
N PRO G 61 3.39 -1.68 -27.24
CA PRO G 61 2.77 -2.62 -26.30
C PRO G 61 1.31 -2.27 -26.02
N GLY G 62 0.41 -3.08 -26.58
CA GLY G 62 -1.01 -2.83 -26.45
C GLY G 62 -1.77 -3.01 -27.76
N ASP G 63 -1.13 -2.67 -28.88
CA ASP G 63 -1.72 -2.81 -30.20
C ASP G 63 -0.72 -3.47 -31.14
N GLY G 64 -1.23 -4.29 -32.03
CA GLY G 64 -0.38 -5.09 -32.89
C GLY G 64 0.05 -4.47 -34.18
N SER G 65 -0.31 -3.21 -34.43
CA SER G 65 0.07 -2.58 -35.69
C SER G 65 1.56 -2.29 -35.71
N SER G 66 2.17 -2.47 -36.87
CA SER G 66 3.62 -2.31 -37.00
C SER G 66 3.94 -0.90 -37.45
N TYR G 67 4.85 -0.25 -36.74
CA TYR G 67 5.25 1.11 -37.05
C TYR G 67 6.62 1.09 -37.72
N ILE G 68 6.72 1.78 -38.86
CA ILE G 68 7.95 1.79 -39.64
C ILE G 68 8.37 3.23 -39.89
N ASN G 69 9.66 3.51 -39.71
CA ASN G 69 10.23 4.81 -40.06
C ASN G 69 10.65 4.75 -41.52
N VAL G 70 9.98 5.51 -42.37
CA VAL G 70 10.25 5.52 -43.80
C VAL G 70 10.74 6.91 -44.19
N THR G 71 11.83 6.96 -44.96
CA THR G 71 12.35 8.19 -45.53
C THR G 71 12.15 8.07 -47.03
N PHE G 72 11.10 8.72 -47.53
CA PHE G 72 10.67 8.59 -48.91
C PHE G 72 10.91 9.89 -49.67
N ARG G 73 10.67 9.84 -50.98
CA ARG G 73 10.69 11.03 -51.81
C ARG G 73 9.30 11.26 -52.38
N ALA G 74 8.85 12.51 -52.32
CA ALA G 74 7.50 12.88 -52.71
C ALA G 74 7.53 14.03 -53.70
N VAL G 75 6.63 13.99 -54.67
CA VAL G 75 6.48 15.08 -55.63
C VAL G 75 5.70 16.22 -54.96
N VAL G 76 6.15 17.44 -55.19
CA VAL G 76 5.62 18.63 -54.53
C VAL G 76 5.38 19.72 -55.57
N PHE G 77 4.19 20.32 -55.53
CA PHE G 77 3.87 21.48 -56.37
C PHE G 77 4.42 22.71 -55.66
N LYS G 78 5.68 23.02 -55.94
CA LYS G 78 6.36 24.19 -55.40
C LYS G 78 7.11 24.88 -56.53
N PRO G 79 6.42 25.73 -57.30
CA PRO G 79 7.12 26.49 -58.34
C PRO G 79 7.97 27.58 -57.71
N PHE G 80 9.13 27.84 -58.31
CA PHE G 80 10.04 28.85 -57.81
C PHE G 80 9.61 30.25 -58.22
N LEU G 81 10.41 31.25 -57.88
CA LEU G 81 10.11 32.64 -58.18
C LEU G 81 10.49 32.93 -59.62
N GLY G 82 9.50 32.95 -60.51
CA GLY G 82 9.76 33.32 -61.88
C GLY G 82 9.28 32.32 -62.92
N GLU G 83 8.68 31.22 -62.47
CA GLU G 83 8.18 30.20 -63.39
C GLU G 83 6.86 30.66 -63.96
N ILE G 84 6.82 30.88 -65.27
CA ILE G 84 5.55 31.23 -65.91
C ILE G 84 4.62 30.01 -65.87
N VAL G 85 3.35 30.25 -65.54
CA VAL G 85 2.36 29.18 -65.48
C VAL G 85 1.05 29.71 -66.06
N THR G 86 0.27 28.79 -66.62
CA THR G 86 -0.99 29.10 -67.28
C THR G 86 -2.15 28.50 -66.49
N GLY G 87 -3.18 29.32 -66.26
CA GLY G 87 -4.39 28.89 -65.61
C GLY G 87 -5.65 29.29 -66.35
N TRP G 88 -6.82 29.02 -65.77
CA TRP G 88 -8.10 29.36 -66.37
C TRP G 88 -8.85 30.30 -65.43
N ILE G 89 -9.23 31.46 -65.96
CA ILE G 89 -9.88 32.49 -65.14
C ILE G 89 -11.25 31.99 -64.70
N SER G 90 -11.50 32.03 -63.39
CA SER G 90 -12.74 31.51 -62.85
C SER G 90 -13.60 32.56 -62.16
N LYS G 91 -13.01 33.58 -61.55
CA LYS G 91 -13.80 34.58 -60.85
C LYS G 91 -13.03 35.90 -60.86
N CYS G 92 -13.74 36.99 -60.59
CA CYS G 92 -13.12 38.29 -60.43
C CYS G 92 -13.96 39.14 -59.50
N THR G 93 -13.32 40.14 -58.89
CA THR G 93 -13.98 41.05 -57.97
C THR G 93 -13.17 42.33 -57.89
N ALA G 94 -13.70 43.31 -57.17
CA ALA G 94 -13.08 44.62 -57.09
C ALA G 94 -11.71 44.60 -56.43
N GLU G 95 -11.35 43.50 -55.77
CA GLU G 95 -10.04 43.37 -55.15
C GLU G 95 -9.05 42.55 -55.98
N GLY G 96 -9.46 42.00 -57.11
CA GLY G 96 -8.53 41.24 -57.92
C GLY G 96 -9.26 40.20 -58.76
N ILE G 97 -8.49 39.21 -59.20
CA ILE G 97 -9.05 38.16 -60.06
C ILE G 97 -8.59 36.79 -59.59
N LYS G 98 -9.54 35.88 -59.45
CA LYS G 98 -9.32 34.51 -58.98
C LYS G 98 -9.18 33.58 -60.17
N VAL G 99 -8.03 32.92 -60.26
CA VAL G 99 -7.71 31.99 -61.33
C VAL G 99 -7.26 30.66 -60.72
N SER G 100 -7.67 29.57 -61.35
CA SER G 100 -7.42 28.21 -60.91
C SER G 100 -6.81 27.40 -62.05
N LEU G 101 -5.97 26.44 -61.70
CA LEU G 101 -5.25 25.68 -62.73
C LEU G 101 -5.98 24.40 -63.11
N LEU G 102 -7.28 24.51 -63.39
CA LEU G 102 -8.13 23.42 -63.83
C LEU G 102 -8.06 22.22 -62.87
N GLY G 103 -8.53 22.45 -61.65
CA GLY G 103 -8.70 21.39 -60.68
C GLY G 103 -7.54 21.17 -59.72
N ILE G 104 -6.35 21.66 -60.04
CA ILE G 104 -5.19 21.55 -59.16
C ILE G 104 -4.82 22.96 -58.69
N PHE G 105 -4.76 23.12 -57.37
CA PHE G 105 -4.41 24.38 -56.69
C PHE G 105 -5.31 25.53 -57.15
N ASP G 106 -6.58 25.41 -56.76
CA ASP G 106 -7.61 26.33 -57.23
C ASP G 106 -7.36 27.77 -56.81
N ASP G 107 -6.51 27.99 -55.81
CA ASP G 107 -6.33 29.34 -55.25
C ASP G 107 -5.12 30.01 -55.90
N ILE G 108 -5.36 30.80 -56.94
CA ILE G 108 -4.39 31.80 -57.38
C ILE G 108 -5.13 33.13 -57.46
N PHE G 109 -4.56 34.18 -56.88
CA PHE G 109 -5.24 35.46 -56.74
C PHE G 109 -4.36 36.58 -57.28
N ILE G 110 -4.63 37.01 -58.52
CA ILE G 110 -3.85 38.09 -59.10
C ILE G 110 -4.40 39.41 -58.56
N PRO G 111 -3.57 40.22 -57.89
CA PRO G 111 -4.03 41.51 -57.37
C PRO G 111 -3.83 42.63 -58.37
N GLN G 112 -4.17 43.86 -57.97
CA GLN G 112 -4.00 45.02 -58.83
C GLN G 112 -2.75 45.83 -58.47
N ASN G 113 -1.99 45.40 -57.47
CA ASN G 113 -0.77 46.11 -57.10
C ASN G 113 0.35 45.94 -58.11
N MET G 114 0.59 44.70 -58.57
CA MET G 114 1.63 44.43 -59.55
C MET G 114 1.07 44.19 -60.95
N LEU G 115 -0.23 44.35 -61.14
CA LEU G 115 -0.85 44.11 -62.43
C LEU G 115 -0.57 45.30 -63.36
N PHE G 116 -1.08 45.23 -64.59
CA PHE G 116 -0.82 46.27 -65.59
C PHE G 116 -1.42 47.60 -65.16
N GLU G 117 -0.68 48.68 -65.43
CA GLU G 117 -1.12 50.01 -65.04
C GLU G 117 -2.28 50.48 -65.90
N GLY G 118 -3.13 51.32 -65.32
CA GLY G 118 -4.29 51.84 -66.01
C GLY G 118 -5.51 50.97 -65.96
N CYS G 119 -5.43 49.80 -65.34
CA CYS G 119 -6.57 48.89 -65.27
C CYS G 119 -7.60 49.40 -64.27
N TYR G 120 -8.86 49.08 -64.54
CA TYR G 120 -9.94 49.42 -63.63
C TYR G 120 -11.07 48.42 -63.81
N TYR G 121 -11.69 48.03 -62.68
CA TYR G 121 -12.80 47.10 -62.66
C TYR G 121 -14.11 47.84 -62.87
N THR G 122 -14.92 47.35 -63.82
CA THR G 122 -16.25 47.91 -63.97
C THR G 122 -17.27 46.99 -63.29
N PRO G 123 -18.07 47.50 -62.35
CA PRO G 123 -19.08 46.67 -61.67
C PRO G 123 -20.41 46.62 -62.42
N GLU G 124 -20.33 46.40 -63.73
CA GLU G 124 -21.53 46.26 -64.55
C GLU G 124 -21.51 45.01 -65.42
N GLU G 125 -20.33 44.56 -65.87
CA GLU G 125 -20.21 43.32 -66.60
C GLU G 125 -19.25 42.35 -65.90
N SER G 126 -18.79 42.70 -64.70
CA SER G 126 -17.84 41.89 -63.92
C SER G 126 -16.56 41.64 -64.71
N ALA G 127 -15.85 42.71 -65.02
CA ALA G 127 -14.63 42.59 -65.81
C ALA G 127 -13.71 43.77 -65.53
N TRP G 128 -12.41 43.49 -65.69
CA TRP G 128 -11.37 44.50 -65.68
C TRP G 128 -11.22 45.06 -67.09
N ILE G 129 -10.69 46.27 -67.19
CA ILE G 129 -10.45 46.90 -68.48
C ILE G 129 -8.96 47.19 -68.62
N TRP G 130 -8.36 46.67 -69.68
CA TRP G 130 -6.93 46.85 -69.96
C TRP G 130 -6.80 47.47 -71.35
N PRO G 131 -6.75 48.79 -71.44
CA PRO G 131 -6.49 49.44 -72.73
C PRO G 131 -5.00 49.68 -72.96
N MET G 132 -4.47 49.19 -74.08
CA MET G 132 -3.08 49.49 -74.42
C MET G 132 -2.94 50.93 -74.91
N ASP G 133 -3.89 51.40 -75.71
CA ASP G 133 -3.93 52.78 -76.17
C ASP G 133 -5.40 53.15 -76.36
N GLU G 134 -5.64 54.23 -77.12
CA GLU G 134 -7.01 54.65 -77.37
C GLU G 134 -7.74 53.65 -78.26
N GLU G 135 -7.02 53.00 -79.17
CA GLU G 135 -7.67 52.11 -80.13
C GLU G 135 -8.10 50.80 -79.48
N THR G 136 -7.25 50.21 -78.64
CA THR G 136 -7.50 48.89 -78.11
C THR G 136 -8.59 48.91 -77.04
N LYS G 137 -9.40 47.85 -77.02
CA LYS G 137 -10.47 47.72 -76.04
C LYS G 137 -10.73 46.23 -75.81
N LEU G 138 -10.37 45.75 -74.62
CA LEU G 138 -10.55 44.35 -74.27
C LEU G 138 -10.87 44.25 -72.79
N TYR G 139 -11.41 43.10 -72.38
CA TYR G 139 -11.82 42.88 -71.01
C TYR G 139 -11.23 41.57 -70.49
N PHE G 140 -10.94 41.55 -69.19
CA PHE G 140 -10.43 40.35 -68.52
C PHE G 140 -11.58 39.37 -68.31
N ASP G 141 -11.92 38.66 -69.38
CA ASP G 141 -13.05 37.73 -69.34
C ASP G 141 -12.63 36.43 -68.63
N VAL G 142 -13.56 35.47 -68.61
CA VAL G 142 -13.40 34.24 -67.87
C VAL G 142 -13.31 33.07 -68.84
N ASN G 143 -12.74 31.97 -68.35
CA ASN G 143 -12.60 30.70 -69.09
C ASN G 143 -11.70 30.85 -70.32
N GLU G 144 -10.52 31.43 -70.12
CA GLU G 144 -9.46 31.43 -71.12
C GLU G 144 -8.13 31.15 -70.43
N LYS G 145 -7.15 30.73 -71.22
CA LYS G 145 -5.85 30.36 -70.70
C LYS G 145 -5.00 31.63 -70.51
N ILE G 146 -4.63 31.91 -69.26
CA ILE G 146 -3.88 33.11 -68.89
C ILE G 146 -2.50 32.70 -68.38
N ARG G 147 -1.49 33.45 -68.79
CA ARG G 147 -0.10 33.20 -68.40
C ARG G 147 0.35 34.26 -67.42
N PHE G 148 1.04 33.83 -66.34
CA PHE G 148 1.53 34.79 -65.37
C PHE G 148 2.70 34.21 -64.60
N ARG G 149 3.44 35.10 -63.92
CA ARG G 149 4.57 34.71 -63.08
C ARG G 149 4.17 34.76 -61.61
N ILE G 150 4.50 33.71 -60.86
CA ILE G 150 4.27 33.71 -59.43
C ILE G 150 5.22 34.72 -58.81
N GLU G 151 4.70 35.84 -58.32
CA GLU G 151 5.56 36.86 -57.73
C GLU G 151 5.77 36.63 -56.25
N ARG G 152 4.73 36.20 -55.52
CA ARG G 152 4.84 36.00 -54.09
C ARG G 152 4.17 34.70 -53.70
N GLU G 153 4.74 34.04 -52.69
CA GLU G 153 4.16 32.86 -52.07
C GLU G 153 3.97 33.14 -50.59
N VAL G 154 2.81 32.74 -50.05
CA VAL G 154 2.43 33.08 -48.69
C VAL G 154 2.34 31.80 -47.86
N PHE G 155 3.08 31.75 -46.77
CA PHE G 155 3.08 30.63 -45.85
C PHE G 155 2.49 31.08 -44.52
N VAL G 156 1.24 30.70 -44.27
CA VAL G 156 0.57 30.99 -43.01
C VAL G 156 0.03 29.68 -42.46
N ASP G 157 0.35 29.40 -41.19
CA ASP G 157 -0.17 28.23 -40.50
C ASP G 157 -1.53 28.53 -39.89
N VAL G 158 -2.41 27.54 -39.91
CA VAL G 158 -3.74 27.69 -39.32
C VAL G 158 -3.71 27.12 -37.92
N LYS G 159 -4.24 27.88 -36.97
CA LYS G 159 -4.28 27.46 -35.58
C LYS G 159 -5.72 27.35 -35.10
N PRO G 160 -6.11 26.23 -34.50
CA PRO G 160 -7.43 26.19 -33.84
C PRO G 160 -7.44 27.14 -32.67
N LYS G 161 -8.52 27.92 -32.55
CA LYS G 161 -8.61 28.90 -31.49
C LYS G 161 -8.87 28.22 -30.15
N SER G 162 -9.01 29.05 -29.11
CA SER G 162 -9.44 28.54 -27.83
C SER G 162 -10.85 27.99 -27.95
N PRO G 163 -11.16 26.85 -27.31
CA PRO G 163 -12.47 26.21 -27.52
C PRO G 163 -13.64 27.07 -27.09
N LYS G 164 -13.45 28.04 -26.20
CA LYS G 164 -14.50 29.01 -25.93
C LYS G 164 -14.81 29.83 -27.18
N GLU G 165 -13.75 30.28 -27.87
CA GLU G 165 -13.95 31.04 -29.11
C GLU G 165 -14.56 30.17 -30.20
N ARG G 166 -14.12 28.91 -30.28
CA ARG G 166 -14.68 28.00 -31.28
C ARG G 166 -16.16 27.72 -31.00
N GLU G 167 -16.52 27.56 -29.72
CA GLU G 167 -17.92 27.38 -29.37
C GLU G 167 -18.74 28.62 -29.69
N LEU G 168 -18.17 29.81 -29.45
CA LEU G 168 -18.88 31.04 -29.80
C LEU G 168 -19.10 31.14 -31.30
N GLU G 169 -18.08 30.76 -32.08
CA GLU G 169 -18.23 30.76 -33.55
C GLU G 169 -19.29 29.76 -33.99
N GLU G 170 -19.32 28.59 -33.36
CA GLU G 170 -20.32 27.57 -33.73
C GLU G 170 -21.73 28.05 -33.38
N ARG G 171 -21.88 28.72 -32.24
CA ARG G 171 -23.18 29.28 -31.88
C ARG G 171 -23.58 30.44 -32.77
N ALA G 172 -22.60 31.18 -33.32
CA ALA G 172 -22.92 32.31 -34.20
C ALA G 172 -23.26 31.86 -35.62
N GLN G 173 -22.59 30.81 -36.13
CA GLN G 173 -22.78 30.43 -37.53
C GLN G 173 -24.09 29.72 -37.78
N LEU G 174 -24.66 29.08 -36.76
CA LEU G 174 -25.88 28.29 -36.96
C LEU G 174 -27.09 29.17 -37.25
N GLU G 175 -27.14 30.36 -36.68
CA GLU G 175 -28.26 31.27 -36.90
C GLU G 175 -28.09 32.05 -38.19
N GLU G 189 -15.69 31.51 -44.30
CA GLU G 189 -14.52 31.69 -45.17
C GLU G 189 -13.23 31.66 -44.37
N LYS G 190 -12.62 30.48 -44.29
CA LYS G 190 -11.35 30.35 -43.60
C LYS G 190 -10.23 30.91 -44.47
N PRO G 191 -9.17 31.43 -43.85
CA PRO G 191 -8.00 31.85 -44.62
C PRO G 191 -7.35 30.67 -45.31
N PRO G 192 -6.88 30.84 -46.55
CA PRO G 192 -6.20 29.74 -47.23
C PRO G 192 -4.82 29.51 -46.65
N ALA G 193 -4.50 28.24 -46.41
CA ALA G 193 -3.23 27.92 -45.76
C ALA G 193 -2.05 28.08 -46.72
N TYR G 194 -2.24 27.70 -47.99
CA TYR G 194 -1.21 27.83 -49.00
C TYR G 194 -1.79 28.58 -50.19
N ALA G 195 -1.06 29.59 -50.66
CA ALA G 195 -1.55 30.41 -51.77
C ALA G 195 -0.36 30.97 -52.54
N LEU G 196 -0.51 31.03 -53.86
CA LEU G 196 0.48 31.64 -54.74
C LEU G 196 -0.16 32.85 -55.41
N LEU G 197 0.51 34.00 -55.32
CA LEU G 197 0.03 35.24 -55.93
C LEU G 197 0.87 35.53 -57.16
N GLY G 198 0.21 35.64 -58.31
CA GLY G 198 0.88 35.87 -59.57
C GLY G 198 0.70 37.30 -60.08
N SER G 199 1.38 37.56 -61.18
CA SER G 199 1.44 38.91 -61.73
C SER G 199 1.73 38.85 -63.22
N CYS G 200 1.38 39.94 -63.89
CA CYS G 200 1.59 40.13 -65.33
C CYS G 200 2.16 41.51 -65.54
N GLN G 201 3.41 41.60 -65.97
CA GLN G 201 4.07 42.90 -66.11
C GLN G 201 4.95 43.01 -67.35
N THR G 202 4.73 42.19 -68.38
CA THR G 202 5.60 42.18 -69.55
C THR G 202 4.70 41.87 -70.75
N ASP G 203 5.25 42.01 -71.96
CA ASP G 203 4.49 41.68 -73.16
C ASP G 203 4.20 40.18 -73.20
N GLY G 204 2.98 39.83 -73.60
CA GLY G 204 2.55 38.46 -73.69
C GLY G 204 2.02 37.85 -72.41
N MET G 205 2.10 38.58 -71.29
CA MET G 205 1.61 38.10 -70.00
C MET G 205 0.09 38.21 -69.93
N GLY G 206 -0.58 37.29 -70.61
CA GLY G 206 -2.02 37.29 -70.57
C GLY G 206 -2.60 36.23 -71.46
N LEU G 207 -3.86 36.44 -71.84
CA LEU G 207 -4.57 35.50 -72.69
C LEU G 207 -3.93 35.42 -74.06
N VAL G 208 -3.96 34.22 -74.66
CA VAL G 208 -3.31 34.02 -75.96
C VAL G 208 -4.00 34.86 -77.03
N SER G 209 -5.32 35.00 -76.95
CA SER G 209 -6.07 35.76 -77.95
C SER G 209 -5.70 37.23 -77.93
N TRP G 210 -5.28 37.75 -76.78
CA TRP G 210 -4.77 39.12 -76.72
C TRP G 210 -3.45 39.26 -77.48
N TRP G 211 -2.65 38.20 -77.52
CA TRP G 211 -1.32 38.22 -78.10
C TRP G 211 -1.13 37.10 -79.12
N GLU G 212 -2.07 36.99 -80.07
CA GLU G 212 -1.84 36.22 -81.29
C GLU G 212 -0.53 36.58 -81.96
N SER H 2 19.00 -76.34 -20.06
CA SER H 2 17.55 -76.26 -19.96
C SER H 2 17.08 -74.81 -19.90
N ASN H 3 16.26 -74.50 -18.90
CA ASN H 3 15.74 -73.16 -18.71
C ASN H 3 15.83 -72.68 -17.26
N THR H 4 15.84 -73.57 -16.29
CA THR H 4 15.82 -73.18 -14.88
C THR H 4 17.15 -72.54 -14.50
N LEU H 5 17.09 -71.28 -14.06
CA LEU H 5 18.28 -70.57 -13.66
C LEU H 5 18.79 -70.97 -12.28
N PHE H 6 17.91 -71.41 -11.39
CA PHE H 6 18.31 -71.70 -10.01
C PHE H 6 17.29 -72.62 -9.39
N ASP H 7 17.75 -73.61 -8.62
CA ASP H 7 16.83 -74.56 -8.01
C ASP H 7 17.47 -75.21 -6.78
N ASP H 8 16.94 -74.91 -5.61
CA ASP H 8 17.42 -75.50 -4.36
C ASP H 8 16.25 -75.79 -3.44
N ILE H 9 16.57 -76.29 -2.26
CA ILE H 9 15.60 -76.59 -1.21
C ILE H 9 16.01 -75.80 0.03
N PHE H 10 15.07 -75.06 0.61
CA PHE H 10 15.38 -74.09 1.64
C PHE H 10 14.63 -74.44 2.91
N GLN H 11 15.33 -74.35 4.04
CA GLN H 11 14.75 -74.56 5.37
C GLN H 11 14.56 -73.19 6.02
N VAL H 12 13.32 -72.88 6.38
CA VAL H 12 12.99 -71.57 6.93
C VAL H 12 13.34 -71.55 8.41
N SER H 13 13.84 -70.40 8.88
CA SER H 13 14.21 -70.25 10.27
C SER H 13 13.08 -69.60 11.07
N GLU H 14 12.55 -68.47 10.60
CA GLU H 14 11.47 -67.79 11.30
C GLU H 14 10.47 -67.26 10.29
N VAL H 15 9.25 -67.04 10.76
CA VAL H 15 8.20 -66.36 10.00
C VAL H 15 7.65 -65.24 10.86
N ASP H 16 7.45 -64.07 10.27
CA ASP H 16 7.06 -62.89 11.02
C ASP H 16 5.94 -62.17 10.28
N PRO H 17 4.82 -61.89 10.94
CA PRO H 17 3.73 -61.17 10.27
C PRO H 17 4.10 -59.74 9.96
N GLY H 18 4.67 -59.04 10.94
CA GLY H 18 5.19 -57.71 10.72
C GLY H 18 4.15 -56.68 10.32
N ARG H 19 3.08 -56.57 11.11
CA ARG H 19 2.03 -55.57 10.92
C ARG H 19 1.30 -55.72 9.58
N TYR H 20 1.34 -56.91 9.01
CA TYR H 20 0.61 -57.23 7.79
C TYR H 20 -0.16 -58.53 8.02
N ASN H 21 -1.28 -58.67 7.33
CA ASN H 21 -2.13 -59.84 7.52
C ASN H 21 -2.01 -60.86 6.39
N LYS H 22 -1.70 -60.43 5.17
CA LYS H 22 -1.61 -61.33 4.03
C LYS H 22 -0.20 -61.55 3.52
N VAL H 23 0.74 -60.69 3.88
CA VAL H 23 2.14 -60.81 3.45
C VAL H 23 3.00 -60.99 4.69
N CYS H 24 3.86 -61.99 4.67
CA CYS H 24 4.78 -62.25 5.76
C CYS H 24 6.20 -62.36 5.23
N ARG H 25 7.17 -61.94 6.04
CA ARG H 25 8.57 -62.01 5.70
C ARG H 25 9.19 -63.25 6.30
N ILE H 26 9.89 -64.02 5.46
CA ILE H 26 10.51 -65.28 5.85
C ILE H 26 12.01 -65.19 5.58
N GLU H 27 12.79 -65.83 6.43
CA GLU H 27 14.23 -65.98 6.24
C GLU H 27 14.56 -67.47 6.24
N ALA H 28 15.46 -67.89 5.38
CA ALA H 28 15.71 -69.31 5.19
C ALA H 28 17.16 -69.57 4.84
N ALA H 29 17.69 -70.65 5.39
CA ALA H 29 19.01 -71.17 5.08
C ALA H 29 18.86 -72.37 4.16
N SER H 30 19.98 -72.87 3.64
CA SER H 30 19.93 -73.89 2.61
C SER H 30 20.36 -75.24 3.17
N THR H 31 20.00 -76.30 2.43
CA THR H 31 20.48 -77.64 2.70
C THR H 31 21.54 -78.01 1.66
N THR H 32 22.50 -78.84 2.07
CA THR H 32 23.66 -79.23 1.28
C THR H 32 24.48 -78.05 0.78
N GLN H 33 24.33 -76.88 1.42
CA GLN H 33 25.06 -75.67 1.05
C GLN H 33 24.96 -74.70 2.21
N ASP H 34 26.10 -74.26 2.73
CA ASP H 34 26.14 -73.45 3.95
C ASP H 34 26.32 -71.97 3.69
N GLN H 35 26.18 -71.51 2.45
CA GLN H 35 26.46 -70.12 2.14
C GLN H 35 25.27 -69.36 1.59
N CYS H 36 24.29 -70.03 1.00
CA CYS H 36 23.17 -69.36 0.36
C CYS H 36 22.06 -69.10 1.37
N LYS H 37 21.57 -67.86 1.40
CA LYS H 37 20.50 -67.46 2.29
C LYS H 37 19.44 -66.70 1.50
N LEU H 38 18.17 -66.90 1.86
CA LEU H 38 17.05 -66.31 1.14
C LEU H 38 16.10 -65.64 2.10
N THR H 39 15.78 -64.37 1.85
CA THR H 39 14.72 -63.66 2.54
C THR H 39 13.64 -63.34 1.53
N LEU H 40 12.39 -63.66 1.86
CA LEU H 40 11.29 -63.55 0.91
C LEU H 40 10.08 -62.90 1.57
N ASP H 41 9.37 -62.09 0.80
CA ASP H 41 8.01 -61.68 1.16
C ASP H 41 7.05 -62.62 0.46
N ILE H 42 6.25 -63.34 1.24
CA ILE H 42 5.39 -64.40 0.70
C ILE H 42 3.96 -64.16 1.16
N ASN H 43 3.00 -64.60 0.36
CA ASN H 43 1.59 -64.45 0.68
C ASN H 43 1.19 -65.56 1.65
N VAL H 44 0.87 -65.20 2.88
CA VAL H 44 0.50 -66.20 3.88
C VAL H 44 -0.93 -66.68 3.70
N GLU H 45 -1.81 -65.87 3.10
CA GLU H 45 -3.20 -66.26 2.96
C GLU H 45 -3.40 -67.36 1.93
N LEU H 46 -2.74 -67.26 0.78
CA LEU H 46 -2.87 -68.25 -0.28
C LEU H 46 -1.82 -69.34 -0.19
N PHE H 47 -0.87 -69.23 0.74
CA PHE H 47 0.21 -70.18 0.87
C PHE H 47 0.78 -70.11 2.29
N PRO H 48 0.33 -70.97 3.19
CA PRO H 48 0.79 -70.86 4.59
C PRO H 48 2.18 -71.44 4.77
N VAL H 49 3.01 -70.73 5.52
CA VAL H 49 4.36 -71.16 5.86
C VAL H 49 4.52 -71.15 7.37
N ALA H 50 5.24 -72.14 7.89
CA ALA H 50 5.46 -72.28 9.32
C ALA H 50 6.93 -72.54 9.59
N ALA H 51 7.32 -72.38 10.85
CA ALA H 51 8.70 -72.61 11.23
C ALA H 51 9.04 -74.10 11.18
N GLN H 52 10.33 -74.39 11.00
CA GLN H 52 10.84 -75.75 10.78
C GLN H 52 10.12 -76.44 9.62
N ASP H 53 10.08 -75.77 8.47
CA ASP H 53 9.46 -76.32 7.27
C ASP H 53 10.43 -76.21 6.10
N SER H 54 10.46 -77.25 5.27
CA SER H 54 11.29 -77.26 4.08
C SER H 54 10.43 -76.93 2.86
N LEU H 55 11.01 -76.19 1.93
CA LEU H 55 10.27 -75.84 0.72
C LEU H 55 11.24 -75.64 -0.44
N THR H 56 10.80 -76.05 -1.63
CA THR H 56 11.63 -75.94 -2.82
C THR H 56 11.51 -74.54 -3.41
N VAL H 57 12.65 -73.99 -3.82
CA VAL H 57 12.71 -72.68 -4.46
C VAL H 57 13.33 -72.85 -5.84
N THR H 58 12.64 -72.33 -6.86
CA THR H 58 13.13 -72.45 -8.23
C THR H 58 12.93 -71.14 -8.96
N ILE H 59 14.01 -70.51 -9.36
CA ILE H 59 13.98 -69.27 -10.14
C ILE H 59 14.23 -69.63 -11.60
N ALA H 60 13.29 -69.22 -12.47
CA ALA H 60 13.32 -69.59 -13.88
C ALA H 60 13.07 -68.36 -14.74
N SER H 61 13.36 -68.51 -16.03
CA SER H 61 13.22 -67.40 -16.96
C SER H 61 11.96 -67.50 -17.82
N SER H 62 11.36 -68.68 -17.93
CA SER H 62 10.13 -68.83 -18.71
C SER H 62 9.37 -70.05 -18.19
N LEU H 63 8.06 -70.05 -18.45
CA LEU H 63 7.20 -71.16 -18.03
C LEU H 63 6.78 -72.03 -19.20
N ASN H 64 7.44 -71.92 -20.34
CA ASN H 64 7.15 -72.75 -21.51
C ASN H 64 8.32 -73.70 -21.72
N LEU H 65 8.01 -74.98 -21.89
CA LEU H 65 9.05 -75.99 -22.09
C LEU H 65 8.97 -76.61 -23.48
N THR H 76 -0.29 -56.32 -30.45
CA THR H 76 -0.98 -56.63 -29.21
C THR H 76 0.03 -56.80 -28.08
N ARG H 77 0.32 -55.70 -27.38
CA ARG H 77 1.30 -55.73 -26.31
C ARG H 77 0.70 -56.06 -24.95
N SER H 78 -0.62 -56.13 -24.85
CA SER H 78 -1.26 -56.47 -23.58
C SER H 78 -1.00 -57.93 -23.24
N TRP H 79 -0.91 -58.22 -21.94
CA TRP H 79 -0.60 -59.56 -21.49
C TRP H 79 -1.77 -60.50 -21.77
N ARG H 80 -1.46 -61.71 -22.21
CA ARG H 80 -2.45 -62.74 -22.44
C ARG H 80 -2.09 -64.00 -21.66
N PRO H 81 -2.98 -64.51 -20.83
CA PRO H 81 -2.66 -65.70 -20.05
C PRO H 81 -2.60 -66.93 -20.94
N PRO H 82 -1.85 -67.96 -20.54
CA PRO H 82 -1.90 -69.23 -21.26
C PRO H 82 -3.19 -69.98 -20.97
N GLN H 83 -3.72 -70.65 -21.99
CA GLN H 83 -5.01 -71.32 -21.86
C GLN H 83 -4.88 -72.54 -20.96
N ALA H 84 -6.04 -73.03 -20.50
CA ALA H 84 -6.09 -74.22 -19.67
C ALA H 84 -5.75 -75.43 -20.53
N GLY H 85 -4.55 -75.96 -20.37
CA GLY H 85 -4.13 -77.10 -21.15
C GLY H 85 -2.80 -76.92 -21.85
N ASP H 86 -2.02 -75.94 -21.40
CA ASP H 86 -0.68 -75.72 -21.92
C ASP H 86 0.35 -76.37 -21.01
N ARG H 87 1.28 -77.11 -21.60
CA ARG H 87 2.31 -77.83 -20.84
C ARG H 87 3.27 -76.81 -20.24
N SER H 88 3.05 -76.47 -18.99
CA SER H 88 3.79 -75.41 -18.32
C SER H 88 4.48 -75.96 -17.08
N LEU H 89 5.49 -75.22 -16.61
CA LEU H 89 6.21 -75.61 -15.40
C LEU H 89 5.32 -75.51 -14.17
N ALA H 90 4.31 -74.63 -14.20
CA ALA H 90 3.45 -74.41 -13.06
C ALA H 90 2.38 -75.48 -12.88
N ASP H 91 2.51 -76.61 -13.56
CA ASP H 91 1.53 -77.69 -13.44
C ASP H 91 1.73 -78.53 -12.18
N ASP H 92 2.88 -78.44 -11.52
CA ASP H 92 3.13 -79.18 -10.30
C ASP H 92 3.64 -78.34 -9.14
N TYR H 93 4.08 -77.12 -9.39
CA TYR H 93 4.50 -76.23 -8.31
C TYR H 93 3.28 -75.60 -7.65
N ASP H 94 3.50 -75.02 -6.47
CA ASP H 94 2.40 -74.55 -5.63
C ASP H 94 2.19 -73.05 -5.68
N TYR H 95 3.23 -72.27 -5.95
CA TYR H 95 3.11 -70.82 -5.84
C TYR H 95 4.09 -70.15 -6.80
N VAL H 96 3.57 -69.38 -7.74
CA VAL H 96 4.36 -68.81 -8.83
C VAL H 96 4.21 -67.30 -8.81
N MET H 97 5.33 -66.60 -8.77
CA MET H 97 5.33 -65.14 -8.75
C MET H 97 6.25 -64.62 -9.85
N TYR H 98 5.99 -63.40 -10.29
CA TYR H 98 6.69 -62.79 -11.42
C TYR H 98 7.28 -61.47 -10.98
N GLY H 99 8.45 -61.13 -11.49
CA GLY H 99 9.06 -59.88 -11.09
C GLY H 99 10.33 -59.56 -11.85
N THR H 100 11.04 -58.56 -11.35
CA THR H 100 12.25 -58.06 -12.00
C THR H 100 13.37 -57.98 -10.97
N ALA H 101 14.60 -58.16 -11.43
CA ALA H 101 15.77 -57.89 -10.61
C ALA H 101 16.21 -56.46 -10.84
N TYR H 102 16.58 -55.77 -9.76
CA TYR H 102 16.94 -54.37 -9.88
C TYR H 102 18.25 -54.00 -9.20
N LYS H 103 18.85 -54.88 -8.41
CA LYS H 103 20.14 -54.55 -7.82
C LYS H 103 20.94 -55.82 -7.58
N PHE H 104 22.22 -55.78 -7.96
CA PHE H 104 23.18 -56.81 -7.64
C PHE H 104 24.26 -56.17 -6.77
N GLU H 105 24.48 -56.73 -5.58
CA GLU H 105 25.39 -56.13 -4.62
C GLU H 105 26.26 -57.26 -4.07
N GLU H 106 27.28 -56.91 -3.30
CA GLU H 106 28.13 -57.90 -2.66
C GLU H 106 28.15 -57.67 -1.15
N VAL H 107 28.34 -58.76 -0.42
CA VAL H 107 28.48 -58.73 1.03
C VAL H 107 29.94 -58.85 1.44
N SER H 108 30.62 -59.88 0.94
CA SER H 108 32.06 -60.06 1.17
C SER H 108 32.61 -60.85 0.00
N LYS H 109 33.83 -61.37 0.14
CA LYS H 109 34.42 -62.16 -0.91
C LYS H 109 33.68 -63.48 -1.07
N ASP H 110 33.38 -63.82 -2.33
CA ASP H 110 32.60 -65.01 -2.69
C ASP H 110 31.24 -65.01 -2.01
N LEU H 111 30.62 -63.82 -1.92
CA LEU H 111 29.24 -63.67 -1.46
C LEU H 111 28.64 -62.46 -2.18
N ILE H 112 27.81 -62.72 -3.19
CA ILE H 112 27.04 -61.69 -3.86
C ILE H 112 25.57 -61.95 -3.63
N ALA H 113 24.78 -60.89 -3.66
CA ALA H 113 23.36 -60.94 -3.37
C ALA H 113 22.58 -60.26 -4.49
N VAL H 114 21.45 -60.86 -4.85
CA VAL H 114 20.53 -60.32 -5.83
C VAL H 114 19.29 -59.84 -5.09
N TYR H 115 18.73 -58.72 -5.56
CA TYR H 115 17.54 -58.12 -4.96
C TYR H 115 16.43 -58.18 -6.01
N TYR H 116 15.51 -59.12 -5.85
CA TYR H 116 14.39 -59.30 -6.76
C TYR H 116 13.17 -58.57 -6.23
N SER H 117 12.56 -57.76 -7.09
CA SER H 117 11.41 -56.95 -6.75
C SER H 117 10.20 -57.52 -7.46
N PHE H 118 9.37 -58.23 -6.72
CA PHE H 118 8.34 -59.08 -7.31
C PHE H 118 6.97 -58.38 -7.30
N GLY H 119 6.95 -57.17 -7.84
CA GLY H 119 5.73 -56.39 -7.80
C GLY H 119 5.37 -56.06 -6.37
N GLY H 120 6.13 -55.17 -5.75
CA GLY H 120 5.86 -54.78 -4.38
C GLY H 120 6.50 -55.66 -3.33
N LEU H 121 6.54 -56.97 -3.55
CA LEU H 121 7.17 -57.90 -2.63
C LEU H 121 8.65 -58.02 -2.95
N LEU H 122 9.46 -58.25 -1.93
CA LEU H 122 10.91 -58.24 -2.08
C LEU H 122 11.51 -59.59 -1.69
N MET H 123 12.53 -60.00 -2.44
CA MET H 123 13.26 -61.23 -2.16
C MET H 123 14.75 -60.96 -2.33
N ARG H 124 15.51 -61.18 -1.27
CA ARG H 124 16.96 -60.98 -1.27
C ARG H 124 17.61 -62.34 -1.17
N LEU H 125 18.39 -62.70 -2.18
CA LEU H 125 19.04 -64.00 -2.22
C LEU H 125 20.54 -63.80 -2.31
N GLU H 126 21.27 -64.31 -1.32
CA GLU H 126 22.73 -64.16 -1.28
C GLU H 126 23.40 -65.52 -1.34
N GLY H 127 24.55 -65.57 -1.99
CA GLY H 127 25.32 -66.79 -2.11
C GLY H 127 26.59 -66.50 -2.87
N ASN H 128 27.46 -67.51 -2.94
CA ASN H 128 28.70 -67.36 -3.68
C ASN H 128 28.41 -67.15 -5.17
N TYR H 129 29.26 -66.38 -5.83
CA TYR H 129 28.96 -65.95 -7.20
C TYR H 129 28.94 -67.10 -8.19
N ARG H 130 29.67 -68.18 -7.91
CA ARG H 130 29.85 -69.25 -8.89
C ARG H 130 28.55 -69.96 -9.22
N ASN H 131 27.62 -70.05 -8.26
CA ASN H 131 26.33 -70.66 -8.56
C ASN H 131 25.24 -69.62 -8.79
N LEU H 132 25.62 -68.36 -9.03
CA LEU H 132 24.65 -67.31 -9.33
C LEU H 132 25.03 -66.57 -10.62
N ASN H 133 25.75 -67.24 -11.52
CA ASN H 133 26.19 -66.59 -12.75
C ASN H 133 25.07 -66.46 -13.77
N ASN H 134 24.08 -67.35 -13.70
CA ASN H 134 23.05 -67.40 -14.74
C ASN H 134 22.11 -66.21 -14.70
N LEU H 135 21.91 -65.60 -13.53
CA LEU H 135 20.98 -64.50 -13.39
C LEU H 135 21.50 -63.28 -14.13
N LYS H 136 20.66 -62.68 -14.98
CA LYS H 136 21.12 -61.64 -15.88
C LYS H 136 20.21 -60.42 -15.90
N GLN H 137 19.67 -60.06 -14.73
CA GLN H 137 18.94 -58.79 -14.48
C GLN H 137 17.84 -58.55 -15.53
N GLU H 138 16.89 -59.48 -15.55
CA GLU H 138 15.82 -59.52 -16.53
C GLU H 138 14.62 -60.14 -15.82
N ASN H 139 13.45 -60.04 -16.45
CA ASN H 139 12.21 -60.53 -15.85
C ASN H 139 12.31 -62.01 -15.51
N ALA H 140 11.84 -62.36 -14.31
CA ALA H 140 12.03 -63.72 -13.81
C ALA H 140 10.80 -64.21 -13.08
N TYR H 141 10.61 -65.53 -13.10
CA TYR H 141 9.57 -66.21 -12.35
C TYR H 141 10.21 -66.94 -11.17
N LEU H 142 9.49 -67.01 -10.06
CA LEU H 142 9.87 -67.83 -8.92
C LEU H 142 8.76 -68.81 -8.61
N LEU H 143 9.14 -70.04 -8.35
CA LEU H 143 8.21 -71.13 -8.09
C LEU H 143 8.56 -71.79 -6.77
N ILE H 144 7.54 -71.99 -5.94
CA ILE H 144 7.69 -72.63 -4.64
C ILE H 144 6.79 -73.85 -4.60
N ARG H 145 7.34 -74.99 -4.18
CA ARG H 145 6.64 -76.28 -4.17
C ARG H 145 6.10 -76.62 -2.80
N ARG H 146 6.98 -76.66 -1.79
CA ARG H 146 6.66 -77.11 -0.44
C ARG H 146 6.08 -78.52 -0.45
N MET I 1 -42.04 -27.28 12.41
CA MET I 1 -43.04 -26.95 13.42
C MET I 1 -44.08 -28.05 13.55
N ILE I 2 -44.24 -28.83 12.48
CA ILE I 2 -45.18 -29.93 12.42
C ILE I 2 -44.49 -31.14 11.82
N VAL I 3 -44.84 -32.32 12.30
CA VAL I 3 -44.07 -33.55 12.06
C VAL I 3 -44.00 -33.84 10.57
N PRO I 4 -42.83 -34.20 10.03
CA PRO I 4 -42.73 -34.42 8.58
C PRO I 4 -43.54 -35.62 8.13
N VAL I 5 -44.09 -35.51 6.92
CA VAL I 5 -44.84 -36.60 6.34
C VAL I 5 -43.94 -37.80 6.06
N ARG I 6 -42.67 -37.57 5.74
CA ARG I 6 -41.74 -38.65 5.49
C ARG I 6 -40.47 -38.44 6.30
N CYS I 7 -39.84 -39.56 6.65
CA CYS I 7 -38.57 -39.51 7.34
C CYS I 7 -37.50 -38.91 6.44
N PHE I 8 -36.53 -38.26 7.05
CA PHE I 8 -35.53 -37.52 6.30
C PHE I 8 -34.59 -38.41 5.49
N SER I 9 -34.26 -39.59 6.00
CA SER I 9 -33.25 -40.44 5.37
C SER I 9 -33.83 -41.73 4.80
N CYS I 10 -34.75 -42.37 5.51
CA CYS I 10 -35.27 -43.66 5.04
C CYS I 10 -36.32 -43.50 3.94
N GLY I 11 -37.46 -42.90 4.29
CA GLY I 11 -38.57 -42.80 3.36
C GLY I 11 -39.88 -43.39 3.84
N LYS I 12 -40.01 -43.66 5.14
CA LYS I 12 -41.28 -44.15 5.66
C LYS I 12 -42.27 -43.01 5.86
N VAL I 13 -43.55 -43.37 5.93
CA VAL I 13 -44.61 -42.41 6.22
C VAL I 13 -44.71 -42.35 7.73
N VAL I 14 -44.09 -41.33 8.32
CA VAL I 14 -43.90 -41.26 9.76
C VAL I 14 -44.92 -40.31 10.40
N GLY I 15 -45.64 -39.54 9.61
CA GLY I 15 -46.62 -38.62 10.14
C GLY I 15 -47.83 -39.31 10.75
N ASP I 16 -48.10 -40.54 10.33
CA ASP I 16 -49.19 -41.31 10.90
C ASP I 16 -48.92 -41.63 12.37
N LYS I 17 -47.67 -41.94 12.71
CA LYS I 17 -47.30 -42.44 14.02
C LYS I 17 -47.06 -41.34 15.03
N TRP I 18 -47.65 -40.16 14.84
CA TRP I 18 -47.43 -39.04 15.74
C TRP I 18 -48.59 -38.84 16.72
N GLU I 19 -49.81 -38.75 16.20
CA GLU I 19 -50.98 -38.64 17.06
C GLU I 19 -51.15 -39.91 17.89
N SER I 20 -50.91 -41.07 17.30
CA SER I 20 -50.96 -42.32 18.05
C SER I 20 -49.88 -42.37 19.12
N TYR I 21 -48.69 -41.84 18.82
CA TYR I 21 -47.63 -41.78 19.82
C TYR I 21 -48.05 -40.90 20.99
N LEU I 22 -48.64 -39.75 20.71
CA LEU I 22 -49.09 -38.87 21.78
C LEU I 22 -50.19 -39.52 22.61
N ASN I 23 -51.13 -40.20 21.94
CA ASN I 23 -52.21 -40.87 22.66
C ASN I 23 -51.68 -41.97 23.56
N LEU I 24 -50.74 -42.78 23.05
CA LEU I 24 -50.20 -43.90 23.83
C LEU I 24 -49.32 -43.41 24.96
N LEU I 25 -48.61 -42.29 24.78
CA LEU I 25 -47.82 -41.75 25.87
C LEU I 25 -48.69 -41.07 26.92
N GLN I 26 -49.84 -40.54 26.53
CA GLN I 26 -50.69 -39.83 27.48
C GLN I 26 -51.56 -40.79 28.29
N GLU I 27 -52.21 -41.74 27.63
CA GLU I 27 -53.19 -42.57 28.33
C GLU I 27 -52.53 -43.72 29.08
N ASP I 28 -51.78 -44.56 28.36
CA ASP I 28 -51.24 -45.78 28.94
C ASP I 28 -50.01 -45.56 29.81
N GLU I 29 -49.40 -44.36 29.76
CA GLU I 29 -48.27 -43.99 30.62
C GLU I 29 -47.09 -44.95 30.47
N LEU I 30 -46.81 -45.36 29.23
CA LEU I 30 -45.71 -46.28 28.98
C LEU I 30 -44.39 -45.52 28.91
N ASP I 31 -43.31 -46.28 28.76
CA ASP I 31 -42.00 -45.74 28.40
C ASP I 31 -41.99 -45.50 26.89
N GLU I 32 -41.48 -44.33 26.49
CA GLU I 32 -41.68 -43.90 25.10
C GLU I 32 -40.88 -44.75 24.12
N GLY I 33 -39.85 -45.46 24.60
CA GLY I 33 -39.21 -46.45 23.75
C GLY I 33 -40.16 -47.56 23.33
N THR I 34 -40.96 -48.05 24.27
CA THR I 34 -42.01 -49.01 23.94
C THR I 34 -43.03 -48.40 22.99
N ALA I 35 -43.34 -47.12 23.17
CA ALA I 35 -44.30 -46.45 22.30
C ALA I 35 -43.80 -46.36 20.87
N LEU I 36 -42.50 -46.11 20.69
CA LEU I 36 -41.96 -46.13 19.33
C LEU I 36 -41.88 -47.55 18.78
N SER I 37 -41.63 -48.54 19.65
CA SER I 37 -41.54 -49.92 19.16
C SER I 37 -42.90 -50.44 18.68
N ARG I 38 -43.98 -50.08 19.38
CA ARG I 38 -45.28 -50.65 19.06
C ARG I 38 -45.88 -50.06 17.79
N LEU I 39 -45.43 -48.89 17.37
CA LEU I 39 -46.03 -48.21 16.23
C LEU I 39 -45.34 -48.52 14.90
N GLY I 40 -44.73 -49.70 14.76
CA GLY I 40 -44.13 -50.09 13.51
C GLY I 40 -42.85 -49.38 13.15
N LEU I 41 -42.13 -48.84 14.14
CA LEU I 41 -40.87 -48.15 13.90
C LEU I 41 -39.73 -49.02 14.39
N LYS I 42 -38.89 -49.47 13.46
CA LYS I 42 -37.74 -50.29 13.80
C LYS I 42 -36.41 -49.67 13.40
N ARG I 43 -36.33 -49.07 12.22
CA ARG I 43 -35.17 -48.28 11.87
C ARG I 43 -35.13 -47.04 12.75
N TYR I 44 -33.94 -46.70 13.27
CA TYR I 44 -33.89 -45.57 14.18
C TYR I 44 -33.97 -44.22 13.48
N CYS I 45 -33.92 -44.20 12.15
CA CYS I 45 -34.16 -42.97 11.41
C CYS I 45 -35.56 -42.42 11.69
N CYS I 46 -36.56 -43.29 11.66
CA CYS I 46 -37.91 -42.86 12.00
C CYS I 46 -38.06 -42.65 13.50
N ARG I 47 -37.26 -43.34 14.31
CA ARG I 47 -37.31 -43.13 15.75
C ARG I 47 -36.85 -41.73 16.11
N ARG I 48 -35.80 -41.24 15.45
CA ARG I 48 -35.33 -39.88 15.73
C ARG I 48 -36.27 -38.83 15.16
N MET I 49 -37.14 -39.22 14.22
CA MET I 49 -38.09 -38.27 13.65
C MET I 49 -39.13 -37.86 14.68
N ILE I 50 -39.73 -38.83 15.38
CA ILE I 50 -40.78 -38.54 16.33
C ILE I 50 -40.34 -38.72 17.76
N LEU I 51 -39.04 -38.85 18.02
CA LEU I 51 -38.53 -38.74 19.38
C LEU I 51 -37.94 -37.37 19.65
N THR I 52 -37.44 -36.68 18.62
CA THR I 52 -36.79 -35.38 18.80
C THR I 52 -37.61 -34.25 18.19
N HIS I 53 -38.88 -34.48 17.91
CA HIS I 53 -39.71 -33.45 17.31
C HIS I 53 -40.35 -32.58 18.39
N VAL I 54 -40.39 -31.28 18.13
CA VAL I 54 -41.03 -30.32 19.02
C VAL I 54 -42.29 -29.81 18.34
N ASP I 55 -43.41 -29.88 19.06
CA ASP I 55 -44.71 -29.50 18.50
C ASP I 55 -44.90 -27.98 18.62
N LEU I 56 -44.10 -27.25 17.84
CA LEU I 56 -44.16 -25.81 17.88
C LEU I 56 -45.37 -25.24 17.17
N ILE I 57 -46.07 -26.04 16.35
CA ILE I 57 -47.24 -25.52 15.65
C ILE I 57 -48.36 -25.23 16.64
N GLU I 58 -48.47 -26.04 17.70
CA GLU I 58 -49.51 -25.80 18.70
C GLU I 58 -49.21 -24.59 19.55
N LYS I 59 -47.95 -24.16 19.65
CA LYS I 59 -47.62 -22.89 20.29
C LYS I 59 -47.80 -21.72 19.34
N PHE I 60 -47.63 -21.95 18.04
CA PHE I 60 -47.77 -20.88 17.06
C PHE I 60 -49.23 -20.56 16.79
N LEU I 61 -50.11 -21.57 16.86
CA LEU I 61 -51.52 -21.37 16.59
C LEU I 61 -52.20 -20.47 17.62
N ARG I 62 -51.57 -20.25 18.77
CA ARG I 62 -52.16 -19.39 19.79
C ARG I 62 -52.16 -17.93 19.39
N TYR I 63 -51.32 -17.53 18.44
CA TYR I 63 -51.04 -16.12 18.19
C TYR I 63 -51.56 -15.66 16.82
N ASN I 64 -52.55 -16.34 16.27
CA ASN I 64 -52.98 -16.03 14.92
C ASN I 64 -53.73 -14.70 14.84
N PRO I 65 -53.65 -14.00 13.71
CA PRO I 65 -54.42 -12.76 13.57
C PRO I 65 -55.86 -12.98 13.12
N LEU I 66 -56.23 -14.19 12.70
CA LEU I 66 -57.55 -14.39 12.11
C LEU I 66 -58.65 -14.46 13.16
N GLU I 67 -58.39 -15.09 14.31
CA GLU I 67 -59.46 -15.31 15.25
C GLU I 67 -59.50 -14.23 16.33
N LYS I 68 -60.62 -14.17 17.03
CA LYS I 68 -60.84 -13.14 18.04
C LYS I 68 -59.93 -13.38 19.24
N ARG I 69 -59.46 -12.30 19.85
CA ARG I 69 -58.63 -12.37 21.04
C ARG I 69 -59.35 -11.86 22.27
N GLU J 41 -35.90 -42.39 -37.26
CA GLU J 41 -36.62 -43.09 -36.20
C GLU J 41 -35.74 -43.79 -35.15
N PRO J 42 -34.62 -44.44 -35.54
CA PRO J 42 -33.68 -44.89 -34.52
C PRO J 42 -33.09 -43.71 -33.75
N ASP J 43 -32.80 -43.95 -32.47
CA ASP J 43 -32.31 -42.90 -31.58
C ASP J 43 -30.79 -42.86 -31.73
N ARG J 44 -30.29 -41.89 -32.50
CA ARG J 44 -28.87 -41.87 -32.85
C ARG J 44 -28.00 -41.40 -31.69
N GLU J 45 -28.48 -40.41 -30.93
CA GLU J 45 -27.60 -39.72 -29.99
C GLU J 45 -27.45 -40.46 -28.67
N LYS J 46 -28.10 -41.61 -28.49
CA LYS J 46 -27.97 -42.34 -27.24
C LYS J 46 -26.57 -42.85 -27.00
N ILE J 47 -25.93 -43.39 -28.02
CA ILE J 47 -24.63 -44.03 -27.89
C ILE J 47 -23.69 -43.51 -28.97
N LYS J 48 -22.45 -43.26 -28.60
CA LYS J 48 -21.42 -42.82 -29.54
C LYS J 48 -20.16 -43.64 -29.34
N LEU J 49 -19.38 -43.76 -30.39
CA LEU J 49 -18.07 -44.44 -30.35
C LEU J 49 -17.01 -43.36 -30.44
N LEU J 50 -16.21 -43.22 -29.39
CA LEU J 50 -15.21 -42.17 -29.35
C LEU J 50 -14.09 -42.47 -30.34
N THR J 51 -13.72 -41.45 -31.12
CA THR J 51 -12.80 -41.64 -32.23
C THR J 51 -11.36 -41.29 -31.90
N GLN J 52 -11.13 -40.34 -31.01
CA GLN J 52 -9.77 -39.94 -30.69
C GLN J 52 -9.06 -40.93 -29.78
N ALA J 53 -9.78 -41.89 -29.21
CA ALA J 53 -9.20 -42.84 -28.26
C ALA J 53 -9.30 -44.29 -28.72
N THR J 54 -9.83 -44.53 -29.92
CA THR J 54 -10.04 -45.88 -30.39
C THR J 54 -8.81 -46.42 -31.12
N SER J 55 -8.79 -47.73 -31.32
CA SER J 55 -7.72 -48.36 -32.07
C SER J 55 -8.05 -48.36 -33.56
N GLU J 56 -7.03 -48.69 -34.37
CA GLU J 56 -7.21 -48.65 -35.82
C GLU J 56 -8.11 -49.78 -36.30
N ASP J 57 -7.96 -50.98 -35.74
CA ASP J 57 -8.72 -52.13 -36.21
C ASP J 57 -9.99 -52.37 -35.42
N GLY J 58 -9.96 -52.16 -34.10
CA GLY J 58 -11.13 -52.42 -33.29
C GLY J 58 -10.83 -53.24 -32.05
N THR J 59 -9.53 -53.43 -31.77
CA THR J 59 -9.12 -54.14 -30.58
C THR J 59 -9.54 -53.41 -29.30
N SER J 60 -9.46 -52.09 -29.29
CA SER J 60 -9.82 -51.31 -28.11
C SER J 60 -10.71 -50.15 -28.53
N ALA J 61 -11.75 -49.89 -27.75
CA ALA J 61 -12.66 -48.79 -28.03
C ALA J 61 -13.25 -48.28 -26.71
N SER J 62 -13.92 -47.14 -26.80
CA SER J 62 -14.54 -46.52 -25.62
C SER J 62 -15.81 -45.82 -26.07
N PHE J 63 -16.96 -46.36 -25.66
CA PHE J 63 -18.26 -45.80 -26.00
C PHE J 63 -18.73 -44.82 -24.95
N GLN J 64 -19.59 -43.89 -25.39
CA GLN J 64 -20.22 -42.91 -24.52
C GLN J 64 -21.72 -43.12 -24.58
N ILE J 65 -22.35 -43.26 -23.43
CA ILE J 65 -23.78 -43.54 -23.30
C ILE J 65 -24.41 -42.36 -22.58
N VAL J 66 -25.49 -41.84 -23.14
CA VAL J 66 -26.24 -40.75 -22.55
C VAL J 66 -27.49 -41.33 -21.91
N GLU J 67 -27.96 -40.67 -20.85
CA GLU J 67 -29.16 -41.08 -20.10
C GLU J 67 -28.98 -42.46 -19.46
N GLU J 68 -27.77 -42.75 -19.01
CA GLU J 68 -27.50 -43.93 -18.20
C GLU J 68 -26.50 -43.58 -17.13
N ASP J 69 -26.51 -44.34 -16.04
CA ASP J 69 -25.64 -44.10 -14.90
C ASP J 69 -25.17 -45.46 -14.39
N HIS J 70 -24.69 -45.49 -13.14
CA HIS J 70 -24.00 -46.66 -12.60
C HIS J 70 -24.84 -47.94 -12.68
N THR J 71 -26.18 -47.80 -12.61
CA THR J 71 -27.05 -48.97 -12.41
C THR J 71 -27.05 -49.90 -13.62
N LEU J 72 -26.61 -49.42 -14.78
CA LEU J 72 -26.44 -50.29 -15.94
C LEU J 72 -24.98 -50.47 -16.32
N GLY J 73 -24.13 -49.50 -16.01
CA GLY J 73 -22.72 -49.66 -16.28
C GLY J 73 -22.10 -50.80 -15.49
N ASN J 74 -22.51 -50.96 -14.23
CA ASN J 74 -22.00 -52.06 -13.42
C ASN J 74 -22.45 -53.40 -13.98
N ALA J 75 -23.70 -53.48 -14.45
CA ALA J 75 -24.20 -54.72 -15.03
C ALA J 75 -23.47 -55.06 -16.32
N LEU J 76 -23.22 -54.05 -17.17
CA LEU J 76 -22.45 -54.29 -18.38
C LEU J 76 -21.03 -54.74 -18.06
N ARG J 77 -20.42 -54.14 -17.02
CA ARG J 77 -19.09 -54.57 -16.60
C ARG J 77 -19.10 -56.04 -16.20
N TYR J 78 -20.08 -56.44 -15.38
CA TYR J 78 -20.11 -57.81 -14.90
C TYR J 78 -20.36 -58.79 -16.03
N VAL J 79 -21.26 -58.46 -16.95
CA VAL J 79 -21.57 -59.39 -18.02
C VAL J 79 -20.41 -59.50 -19.00
N ILE J 80 -19.81 -58.37 -19.38
CA ILE J 80 -18.73 -58.39 -20.36
C ILE J 80 -17.50 -59.07 -19.79
N MET J 81 -17.26 -58.90 -18.48
CA MET J 81 -16.13 -59.56 -17.84
C MET J 81 -16.23 -61.07 -17.89
N LYS J 82 -17.43 -61.63 -18.08
CA LYS J 82 -17.60 -63.07 -18.19
C LYS J 82 -17.35 -63.58 -19.62
N ASN J 83 -16.68 -62.78 -20.44
CA ASN J 83 -16.16 -63.22 -21.73
C ASN J 83 -14.73 -63.67 -21.56
N PRO J 84 -14.32 -64.83 -22.06
CA PRO J 84 -12.89 -65.15 -22.11
C PRO J 84 -12.10 -64.31 -23.11
N ASP J 85 -12.75 -63.48 -23.92
CA ASP J 85 -12.08 -62.68 -24.94
C ASP J 85 -11.92 -61.21 -24.56
N VAL J 86 -12.38 -60.79 -23.39
CA VAL J 86 -12.26 -59.41 -22.95
C VAL J 86 -11.15 -59.33 -21.91
N GLU J 87 -10.19 -58.45 -22.13
CA GLU J 87 -9.12 -58.25 -21.15
C GLU J 87 -9.30 -56.98 -20.33
N PHE J 88 -10.16 -56.06 -20.77
CA PHE J 88 -10.25 -54.76 -20.10
C PHE J 88 -11.68 -54.24 -20.28
N CYS J 89 -12.50 -54.35 -19.23
CA CYS J 89 -13.83 -53.77 -19.22
C CYS J 89 -13.92 -52.77 -18.07
N GLY J 90 -14.36 -51.55 -18.36
CA GLY J 90 -14.48 -50.61 -17.27
C GLY J 90 -15.36 -49.40 -17.55
N TYR J 91 -16.25 -49.08 -16.62
CA TYR J 91 -17.14 -47.94 -16.78
C TYR J 91 -16.67 -46.79 -15.92
N SER J 92 -17.08 -45.58 -16.29
CA SER J 92 -16.73 -44.40 -15.52
C SER J 92 -17.76 -43.31 -15.77
N ILE J 93 -17.96 -42.49 -14.76
CA ILE J 93 -18.82 -41.31 -14.83
C ILE J 93 -17.91 -40.09 -14.76
N PRO J 94 -17.79 -39.29 -15.83
CA PRO J 94 -16.77 -38.23 -15.84
C PRO J 94 -17.10 -37.08 -14.92
N HIS J 95 -18.36 -36.80 -14.67
CA HIS J 95 -18.76 -35.71 -13.77
C HIS J 95 -20.18 -35.98 -13.28
N PRO J 96 -20.41 -36.06 -11.97
CA PRO J 96 -21.77 -36.32 -11.47
C PRO J 96 -22.77 -35.22 -11.80
N SER J 97 -22.32 -34.02 -12.15
CA SER J 97 -23.23 -32.95 -12.55
C SER J 97 -23.70 -33.08 -13.99
N GLU J 98 -23.13 -33.99 -14.76
CA GLU J 98 -23.56 -34.24 -16.14
C GLU J 98 -23.88 -35.71 -16.30
N ASN J 99 -24.98 -36.00 -16.96
CA ASN J 99 -25.44 -37.38 -17.09
C ASN J 99 -24.77 -38.02 -18.30
N LEU J 100 -23.83 -38.92 -18.05
CA LEU J 100 -22.98 -39.48 -19.08
C LEU J 100 -22.37 -40.76 -18.54
N LEU J 101 -21.86 -41.60 -19.45
CA LEU J 101 -21.22 -42.85 -19.02
C LEU J 101 -20.21 -43.27 -20.08
N ASN J 102 -18.93 -43.29 -19.73
CA ASN J 102 -17.90 -43.73 -20.65
C ASN J 102 -17.50 -45.15 -20.28
N ILE J 103 -17.72 -46.09 -21.19
CA ILE J 103 -17.37 -47.50 -20.97
C ILE J 103 -16.26 -47.86 -21.96
N ARG J 104 -15.19 -48.43 -21.42
CA ARG J 104 -14.03 -48.80 -22.23
C ARG J 104 -13.95 -50.31 -22.32
N ILE J 105 -13.79 -50.81 -23.55
CA ILE J 105 -13.68 -52.23 -23.83
C ILE J 105 -12.41 -52.45 -24.65
N GLN J 106 -11.46 -53.19 -24.08
CA GLN J 106 -10.28 -53.66 -24.80
C GLN J 106 -10.30 -55.17 -24.81
N THR J 107 -10.21 -55.75 -26.00
CA THR J 107 -10.37 -57.19 -26.19
C THR J 107 -9.19 -57.67 -27.04
N TYR J 108 -8.45 -58.64 -26.53
CA TYR J 108 -7.44 -59.27 -27.37
C TYR J 108 -8.07 -60.38 -28.19
N GLY J 109 -7.52 -60.58 -29.39
CA GLY J 109 -7.93 -61.70 -30.21
C GLY J 109 -8.89 -61.35 -31.33
N GLU J 110 -9.70 -62.33 -31.73
CA GLU J 110 -10.56 -62.16 -32.90
C GLU J 110 -11.75 -61.25 -32.62
N THR J 111 -12.13 -61.11 -31.36
CA THR J 111 -13.30 -60.34 -31.01
C THR J 111 -13.03 -58.85 -31.16
N THR J 112 -14.00 -58.14 -31.72
CA THR J 112 -13.96 -56.68 -31.80
C THR J 112 -14.76 -56.10 -30.64
N ALA J 113 -14.66 -54.77 -30.48
CA ALA J 113 -15.28 -54.12 -29.33
C ALA J 113 -16.80 -54.08 -29.48
N VAL J 114 -17.28 -53.73 -30.67
CA VAL J 114 -18.71 -53.56 -30.88
C VAL J 114 -19.44 -54.88 -30.70
N ASP J 115 -18.87 -55.97 -31.22
CA ASP J 115 -19.47 -57.29 -31.04
C ASP J 115 -19.49 -57.68 -29.57
N ALA J 116 -18.44 -57.33 -28.83
CA ALA J 116 -18.40 -57.63 -27.41
C ALA J 116 -19.52 -56.90 -26.67
N LEU J 117 -19.72 -55.61 -26.97
CA LEU J 117 -20.80 -54.87 -26.33
C LEU J 117 -22.16 -55.44 -26.70
N GLN J 118 -22.37 -55.77 -27.97
CA GLN J 118 -23.67 -56.29 -28.39
C GLN J 118 -23.99 -57.63 -27.73
N LYS J 119 -23.01 -58.54 -27.67
CA LYS J 119 -23.29 -59.82 -27.06
C LYS J 119 -23.43 -59.68 -25.56
N GLY J 120 -22.74 -58.71 -24.95
CA GLY J 120 -22.94 -58.46 -23.53
C GLY J 120 -24.34 -57.97 -23.24
N LEU J 121 -24.86 -57.08 -24.09
CA LEU J 121 -26.23 -56.61 -23.90
C LEU J 121 -27.23 -57.75 -24.10
N LYS J 122 -26.96 -58.63 -25.08
CA LYS J 122 -27.81 -59.80 -25.26
C LYS J 122 -27.80 -60.71 -24.03
N ASP J 123 -26.62 -60.95 -23.46
CA ASP J 123 -26.51 -61.80 -22.28
C ASP J 123 -27.23 -61.18 -21.09
N LEU J 124 -27.11 -59.86 -20.93
CA LEU J 124 -27.83 -59.18 -19.85
C LEU J 124 -29.33 -59.30 -20.03
N MET J 125 -29.82 -59.15 -21.27
CA MET J 125 -31.25 -59.29 -21.54
C MET J 125 -31.74 -60.69 -21.21
N ASP J 126 -30.97 -61.71 -21.62
CA ASP J 126 -31.34 -63.09 -21.32
C ASP J 126 -31.33 -63.35 -19.81
N LEU J 127 -30.36 -62.78 -19.10
CA LEU J 127 -30.27 -62.97 -17.66
C LEU J 127 -31.46 -62.35 -16.94
N CYS J 128 -31.84 -61.14 -17.34
CA CYS J 128 -33.02 -60.52 -16.76
C CYS J 128 -34.27 -61.32 -17.07
N ASP J 129 -34.37 -61.88 -18.28
CA ASP J 129 -35.54 -62.71 -18.62
C ASP J 129 -35.58 -63.98 -17.79
N VAL J 130 -34.43 -64.59 -17.54
CA VAL J 130 -34.39 -65.80 -16.72
C VAL J 130 -34.82 -65.49 -15.28
N VAL J 131 -34.34 -64.36 -14.74
CA VAL J 131 -34.75 -63.95 -13.40
C VAL J 131 -36.24 -63.70 -13.37
N GLU J 132 -36.78 -63.07 -14.42
CA GLU J 132 -38.22 -62.85 -14.52
C GLU J 132 -38.99 -64.15 -14.47
N SER J 133 -38.57 -65.14 -15.28
CA SER J 133 -39.30 -66.40 -15.32
C SER J 133 -39.26 -67.13 -13.99
N LYS J 134 -38.07 -67.20 -13.37
CA LYS J 134 -37.95 -67.89 -12.09
C LYS J 134 -38.75 -67.20 -11.00
N PHE J 135 -38.70 -65.87 -10.95
CA PHE J 135 -39.45 -65.14 -9.94
C PHE J 135 -40.95 -65.31 -10.11
N THR J 136 -41.44 -65.27 -11.36
CA THR J 136 -42.87 -65.46 -11.58
C THR J 136 -43.31 -66.87 -11.19
N GLU J 137 -42.52 -67.88 -11.56
CA GLU J 137 -42.97 -69.23 -11.25
C GLU J 137 -42.87 -69.52 -9.75
N LYS J 138 -42.05 -68.76 -9.02
CA LYS J 138 -42.03 -68.93 -7.58
C LYS J 138 -43.11 -68.11 -6.87
N ILE J 139 -43.52 -66.97 -7.45
CA ILE J 139 -44.64 -66.23 -6.88
C ILE J 139 -45.95 -66.98 -7.12
N LYS J 140 -46.09 -67.63 -8.29
CA LYS J 140 -47.34 -68.30 -8.62
C LYS J 140 -47.68 -69.41 -7.63
N SER J 141 -46.67 -70.00 -6.98
CA SER J 141 -46.94 -71.02 -5.98
C SER J 141 -47.62 -70.44 -4.75
N MET J 142 -47.25 -69.21 -4.37
CA MET J 142 -47.84 -68.57 -3.20
C MET J 142 -48.19 -67.12 -3.52
N THR K 26 -67.24 -4.48 0.27
CA THR K 26 -65.93 -5.10 0.17
C THR K 26 -65.21 -5.09 1.51
N LEU K 27 -64.50 -6.18 1.81
CA LEU K 27 -63.69 -6.31 3.00
C LEU K 27 -62.30 -6.79 2.59
N LYS K 28 -61.26 -6.07 3.00
CA LYS K 28 -59.91 -6.40 2.57
C LYS K 28 -58.84 -6.33 3.65
N TYR K 29 -59.15 -5.79 4.83
CA TYR K 29 -58.13 -5.52 5.85
C TYR K 29 -58.54 -6.16 7.16
N ILE K 30 -57.54 -6.52 7.96
CA ILE K 30 -57.73 -7.18 9.26
C ILE K 30 -57.06 -6.33 10.33
N CYS K 31 -57.76 -6.09 11.43
CA CYS K 31 -57.15 -5.45 12.59
C CYS K 31 -56.42 -6.51 13.40
N ALA K 32 -55.46 -6.07 14.21
CA ALA K 32 -54.57 -7.02 14.88
C ALA K 32 -55.30 -7.82 15.96
N GLU K 33 -55.81 -7.15 16.99
CA GLU K 33 -56.41 -7.87 18.11
C GLU K 33 -57.85 -8.28 17.78
N CYS K 34 -58.67 -7.34 17.31
CA CYS K 34 -60.09 -7.63 17.16
C CYS K 34 -60.36 -8.60 16.01
N SER K 35 -59.48 -8.64 15.02
CA SER K 35 -59.58 -9.54 13.87
C SER K 35 -60.88 -9.33 13.10
N SER K 36 -61.40 -8.11 13.10
CA SER K 36 -62.66 -7.80 12.44
C SER K 36 -62.37 -7.39 11.01
N LYS K 37 -62.90 -8.16 10.05
CA LYS K 37 -62.76 -7.84 8.64
C LYS K 37 -63.42 -6.51 8.34
N LEU K 38 -62.62 -5.50 8.03
CA LEU K 38 -63.11 -4.17 7.76
C LEU K 38 -62.44 -3.61 6.51
N SER K 39 -63.09 -2.62 5.91
CA SER K 39 -62.58 -1.94 4.73
C SER K 39 -62.01 -0.59 5.13
N LEU K 40 -61.18 -0.05 4.25
CA LEU K 40 -60.56 1.26 4.45
C LEU K 40 -60.75 2.07 3.18
N SER K 41 -61.68 3.02 3.21
CA SER K 41 -61.81 3.96 2.12
C SER K 41 -60.61 4.91 2.09
N ARG K 42 -60.25 5.36 0.90
CA ARG K 42 -59.05 6.20 0.78
C ARG K 42 -59.28 7.64 1.27
N THR K 43 -60.44 7.95 1.83
CA THR K 43 -60.67 9.20 2.53
C THR K 43 -60.85 8.99 4.03
N ASP K 44 -60.49 7.82 4.53
CA ASP K 44 -60.66 7.46 5.93
C ASP K 44 -59.30 7.29 6.60
N ALA K 45 -59.21 7.68 7.86
CA ALA K 45 -57.98 7.49 8.62
C ALA K 45 -57.75 6.01 8.91
N VAL K 46 -56.48 5.65 9.10
CA VAL K 46 -56.12 4.27 9.33
C VAL K 46 -56.45 3.90 10.77
N ARG K 47 -57.62 3.31 10.98
CA ARG K 47 -58.07 2.97 12.32
C ARG K 47 -59.18 1.93 12.21
N CYS K 48 -59.28 1.11 13.24
CA CYS K 48 -60.31 0.07 13.31
C CYS K 48 -61.64 0.65 13.78
N LYS K 49 -62.73 0.09 13.25
CA LYS K 49 -64.07 0.57 13.57
C LYS K 49 -64.62 -0.01 14.87
N ASP K 50 -63.89 -0.91 15.52
CA ASP K 50 -64.32 -1.51 16.78
C ASP K 50 -63.44 -1.14 17.95
N CYS K 51 -62.12 -1.22 17.81
CA CYS K 51 -61.19 -0.90 18.87
C CYS K 51 -60.21 0.15 18.40
N GLY K 52 -59.64 0.89 19.34
CA GLY K 52 -58.80 2.02 19.01
C GLY K 52 -57.39 1.66 18.63
N HIS K 53 -57.18 0.46 18.09
CA HIS K 53 -55.84 0.07 17.70
C HIS K 53 -55.60 0.58 16.27
N ARG K 54 -54.33 0.64 15.87
CA ARG K 54 -53.98 1.24 14.59
C ARG K 54 -53.03 0.36 13.79
N ILE K 55 -53.28 -0.95 13.76
CA ILE K 55 -52.57 -1.87 12.87
C ILE K 55 -53.59 -2.50 11.94
N LEU K 56 -53.37 -2.33 10.64
CA LEU K 56 -54.18 -2.95 9.61
C LEU K 56 -53.28 -3.82 8.73
N LEU K 57 -53.57 -5.11 8.68
CA LEU K 57 -52.85 -6.05 7.84
C LEU K 57 -53.70 -6.37 6.63
N LYS K 58 -53.09 -6.42 5.46
CA LYS K 58 -53.83 -6.73 4.24
C LYS K 58 -54.18 -8.20 4.21
N ALA K 59 -55.47 -8.51 4.11
CA ALA K 59 -55.92 -9.90 4.09
C ALA K 59 -55.53 -10.56 2.79
N ARG K 60 -55.62 -11.90 2.77
CA ARG K 60 -55.10 -12.66 1.66
C ARG K 60 -55.89 -12.40 0.38
N THR K 61 -55.17 -12.24 -0.72
CA THR K 61 -55.79 -11.92 -2.00
C THR K 61 -56.44 -13.18 -2.58
N LYS K 62 -57.15 -13.02 -3.70
CA LYS K 62 -57.92 -14.09 -4.28
C LYS K 62 -57.37 -14.62 -5.61
N ARG K 63 -56.30 -14.03 -6.13
CA ARG K 63 -55.73 -14.50 -7.38
C ARG K 63 -55.11 -15.88 -7.22
N LEU K 64 -55.19 -16.69 -8.27
CA LEU K 64 -54.62 -18.02 -8.26
C LEU K 64 -53.11 -17.93 -8.19
N VAL K 65 -52.53 -18.48 -7.13
CA VAL K 65 -51.09 -18.55 -6.95
C VAL K 65 -50.68 -20.02 -6.95
N GLN K 66 -49.65 -20.34 -7.71
CA GLN K 66 -49.22 -21.72 -7.84
C GLN K 66 -47.85 -21.91 -7.21
N PHE K 67 -47.55 -23.16 -6.86
CA PHE K 67 -46.27 -23.47 -6.27
C PHE K 67 -45.84 -24.84 -6.73
N GLU K 68 -44.53 -25.03 -6.84
CA GLU K 68 -43.98 -26.33 -7.23
C GLU K 68 -43.57 -27.10 -5.98
N ALA K 69 -44.13 -28.30 -5.81
CA ALA K 69 -43.89 -29.08 -4.60
C ALA K 69 -42.53 -29.73 -4.58
N ARG K 70 -41.78 -29.67 -5.68
CA ARG K 70 -40.44 -30.24 -5.73
C ARG K 70 -39.48 -29.48 -4.83
N SER L 22 -14.61 48.48 -11.02
CA SER L 22 -14.55 47.60 -12.18
C SER L 22 -15.85 47.61 -12.95
N GLU L 23 -15.83 48.24 -14.13
CA GLU L 23 -17.01 48.26 -14.99
C GLU L 23 -17.37 46.86 -15.47
N LYS L 24 -16.36 46.08 -15.86
CA LYS L 24 -16.55 44.70 -16.28
C LYS L 24 -15.42 43.88 -15.66
N LEU L 25 -15.77 42.70 -15.13
CA LEU L 25 -14.77 41.86 -14.49
C LEU L 25 -13.78 41.33 -15.53
N VAL L 26 -12.52 41.22 -15.12
CA VAL L 26 -11.47 40.76 -16.01
C VAL L 26 -11.18 39.28 -15.71
N THR L 27 -11.06 38.49 -16.76
CA THR L 27 -10.61 37.12 -16.62
C THR L 27 -9.11 37.09 -16.38
N PRO L 28 -8.57 35.98 -15.87
CA PRO L 28 -7.10 35.87 -15.75
C PRO L 28 -6.37 36.01 -17.07
N GLU L 29 -7.02 35.74 -18.21
CA GLU L 29 -6.42 36.06 -19.49
C GLU L 29 -6.16 37.55 -19.63
N ASP L 30 -7.11 38.38 -19.20
CA ASP L 30 -6.93 39.82 -19.25
C ASP L 30 -5.80 40.26 -18.33
N VAL L 31 -5.70 39.63 -17.15
CA VAL L 31 -4.62 39.94 -16.22
C VAL L 31 -3.28 39.57 -16.83
N MET L 32 -3.19 38.42 -17.48
CA MET L 32 -1.94 37.98 -18.08
C MET L 32 -1.54 38.84 -19.28
N THR L 33 -2.51 39.31 -20.05
CA THR L 33 -2.20 40.06 -21.27
C THR L 33 -1.93 41.54 -21.00
N ILE L 34 -2.77 42.19 -20.19
CA ILE L 34 -2.71 43.65 -20.08
C ILE L 34 -1.82 44.07 -18.93
N SER L 35 -1.96 43.40 -17.78
CA SER L 35 -1.20 43.74 -16.59
C SER L 35 0.10 42.95 -16.55
N SER L 36 1.19 43.61 -16.17
CA SER L 36 2.48 42.94 -16.12
C SER L 36 2.56 42.04 -14.90
N LEU L 37 2.15 40.79 -15.04
CA LEU L 37 2.22 39.80 -13.97
C LEU L 37 3.23 38.70 -14.21
N GLU L 38 3.45 38.29 -15.47
CA GLU L 38 4.54 37.40 -15.82
C GLU L 38 5.91 37.96 -15.46
N GLN L 39 6.02 39.29 -15.34
CA GLN L 39 7.29 39.94 -15.05
C GLN L 39 7.56 40.13 -13.56
N ARG L 40 6.59 39.85 -12.70
CA ARG L 40 6.77 40.03 -11.26
C ARG L 40 7.42 38.82 -10.59
N THR L 41 7.74 37.77 -11.34
CA THR L 41 8.28 36.56 -10.75
C THR L 41 9.76 36.38 -11.04
N LEU L 42 10.41 37.42 -11.55
CA LEU L 42 11.82 37.37 -11.88
C LEU L 42 12.58 38.34 -10.97
N ASN L 43 13.82 38.00 -10.64
CA ASN L 43 14.61 38.88 -9.81
C ASN L 43 14.89 40.18 -10.55
N PRO L 44 14.89 41.32 -9.86
CA PRO L 44 15.20 42.59 -10.55
C PRO L 44 16.59 42.62 -11.17
N ASP L 45 17.58 42.00 -10.52
CA ASP L 45 18.94 42.02 -11.07
C ASP L 45 19.03 41.22 -12.36
N LEU L 46 18.51 39.99 -12.34
CA LEU L 46 18.51 39.14 -13.54
C LEU L 46 17.73 39.80 -14.66
N PHE L 47 16.55 40.31 -14.34
CA PHE L 47 15.67 40.87 -15.36
C PHE L 47 16.30 42.11 -15.98
N LEU L 48 16.92 42.94 -15.14
CA LEU L 48 17.57 44.15 -15.63
C LEU L 48 18.75 43.82 -16.53
N TYR L 49 19.65 42.94 -16.07
CA TYR L 49 20.84 42.64 -16.85
C TYR L 49 20.47 41.99 -18.17
N LYS L 50 19.54 41.03 -18.14
CA LYS L 50 19.17 40.31 -19.35
C LYS L 50 18.48 41.23 -20.35
N GLU L 51 17.58 42.10 -19.87
CA GLU L 51 16.91 43.01 -20.79
C GLU L 51 17.89 44.03 -21.38
N LEU L 52 18.84 44.50 -20.58
CA LEU L 52 19.82 45.45 -21.10
C LEU L 52 20.69 44.80 -22.18
N VAL L 53 21.19 43.59 -21.91
CA VAL L 53 22.06 42.94 -22.88
C VAL L 53 21.29 42.58 -24.15
N LYS L 54 20.04 42.12 -24.00
CA LYS L 54 19.24 41.82 -25.17
C LYS L 54 18.86 43.07 -25.94
N ALA L 55 18.74 44.22 -25.27
CA ALA L 55 18.45 45.46 -25.96
C ALA L 55 19.63 45.94 -26.77
N HIS L 56 20.84 45.89 -26.21
CA HIS L 56 22.00 46.43 -26.93
C HIS L 56 22.65 45.38 -27.82
N LEU L 57 23.10 44.27 -27.23
CA LEU L 57 23.64 43.17 -28.02
C LEU L 57 22.50 42.24 -28.42
N GLY L 58 22.83 41.06 -28.93
CA GLY L 58 21.84 40.12 -29.40
C GLY L 58 21.33 39.19 -28.31
N GLU L 59 20.60 38.16 -28.74
CA GLU L 59 20.00 37.21 -27.81
C GLU L 59 21.01 36.23 -27.24
N ARG L 60 22.04 35.88 -27.99
CA ARG L 60 23.03 34.92 -27.49
C ARG L 60 23.79 35.49 -26.29
N ALA L 61 24.20 36.76 -26.37
CA ALA L 61 24.84 37.39 -25.23
C ALA L 61 23.87 37.47 -24.06
N ALA L 62 22.59 37.72 -24.35
CA ALA L 62 21.58 37.77 -23.30
C ALA L 62 21.46 36.43 -22.57
N SER L 63 21.46 35.33 -23.33
CA SER L 63 21.31 34.02 -22.69
C SER L 63 22.55 33.64 -21.92
N VAL L 64 23.74 33.98 -22.44
CA VAL L 64 24.97 33.68 -21.72
C VAL L 64 25.02 34.46 -20.41
N ILE L 65 24.67 35.75 -20.45
CA ILE L 65 24.66 36.55 -19.22
C ILE L 65 23.58 36.06 -18.27
N GLY L 66 22.45 35.59 -18.81
CA GLY L 66 21.40 35.07 -17.96
C GLY L 66 21.82 33.85 -17.18
N MET L 67 22.47 32.89 -17.85
CA MET L 67 22.96 31.73 -17.12
C MET L 67 24.13 32.08 -16.21
N LEU L 68 24.95 33.06 -16.58
CA LEU L 68 26.04 33.48 -15.70
C LEU L 68 25.52 34.07 -14.40
N VAL L 69 24.48 34.90 -14.49
CA VAL L 69 23.87 35.45 -13.29
C VAL L 69 23.11 34.40 -12.52
N ALA L 70 22.40 33.50 -13.21
CA ALA L 70 21.56 32.52 -12.53
C ALA L 70 22.39 31.49 -11.77
N LEU L 71 23.41 30.93 -12.41
CA LEU L 71 24.16 29.84 -11.77
C LEU L 71 25.49 30.28 -11.18
N GLY L 72 25.84 31.56 -11.29
CA GLY L 72 27.08 32.04 -10.71
C GLY L 72 28.28 31.82 -11.60
N ARG L 73 29.40 31.42 -11.00
CA ARG L 73 30.60 31.14 -11.77
C ARG L 73 30.39 29.95 -12.70
N LEU L 74 30.84 30.09 -13.94
CA LEU L 74 30.68 29.03 -14.92
C LEU L 74 31.92 28.97 -15.80
N SER L 75 32.18 27.78 -16.33
CA SER L 75 33.24 27.55 -17.31
C SER L 75 32.61 27.34 -18.68
N VAL L 76 33.47 27.28 -19.71
CA VAL L 76 32.96 27.21 -21.07
C VAL L 76 32.23 25.90 -21.32
N ARG L 77 32.73 24.79 -20.76
CA ARG L 77 32.04 23.51 -20.89
C ARG L 77 30.69 23.52 -20.17
N GLU L 78 30.65 24.13 -18.98
CA GLU L 78 29.39 24.24 -18.25
C GLU L 78 28.40 25.12 -19.01
N LEU L 79 28.90 26.17 -19.68
CA LEU L 79 28.02 27.01 -20.49
C LEU L 79 27.47 26.24 -21.69
N VAL L 80 28.29 25.38 -22.29
CA VAL L 80 27.79 24.55 -23.39
C VAL L 80 26.73 23.59 -22.88
N GLU L 81 26.94 23.01 -21.70
CA GLU L 81 26.00 22.02 -21.19
C GLU L 81 24.68 22.67 -20.77
N LYS L 82 24.72 23.86 -20.18
CA LYS L 82 23.49 24.47 -19.67
C LYS L 82 22.65 25.06 -20.78
N ILE L 83 23.20 26.01 -21.54
CA ILE L 83 22.45 26.63 -22.61
C ILE L 83 22.21 25.64 -23.74
N ASP L 84 20.96 25.53 -24.16
CA ASP L 84 20.59 24.68 -25.29
C ASP L 84 20.65 25.49 -26.58
N GLY L 85 21.19 24.88 -27.62
CA GLY L 85 21.22 25.49 -28.94
C GLY L 85 22.48 26.22 -29.31
N MET L 86 23.55 26.07 -28.53
CA MET L 86 24.83 26.68 -28.84
C MET L 86 25.91 25.60 -28.89
N ASP L 87 26.75 25.66 -29.91
CA ASP L 87 27.97 24.88 -29.96
C ASP L 87 29.08 25.68 -29.29
N VAL L 88 30.28 25.10 -29.28
CA VAL L 88 31.39 25.76 -28.59
C VAL L 88 31.84 27.00 -29.34
N ASP L 89 31.69 27.01 -30.67
CA ASP L 89 32.12 28.17 -31.45
C ASP L 89 31.20 29.36 -31.24
N SER L 90 29.89 29.12 -31.18
CA SER L 90 28.96 30.21 -30.90
C SER L 90 29.17 30.78 -29.51
N VAL L 91 29.39 29.89 -28.53
CA VAL L 91 29.64 30.33 -27.16
C VAL L 91 30.91 31.16 -27.08
N LYS L 92 31.96 30.74 -27.79
CA LYS L 92 33.21 31.49 -27.73
C LYS L 92 33.11 32.83 -28.45
N THR L 93 32.36 32.88 -29.57
CA THR L 93 32.11 34.16 -30.22
C THR L 93 31.35 35.11 -29.30
N THR L 94 30.33 34.57 -28.62
CA THR L 94 29.56 35.38 -27.69
C THR L 94 30.41 35.87 -26.53
N LEU L 95 31.31 35.02 -26.02
CA LEU L 95 32.15 35.41 -24.90
C LEU L 95 33.17 36.45 -25.32
N VAL L 96 33.70 36.36 -26.55
CA VAL L 96 34.61 37.39 -27.05
C VAL L 96 33.88 38.71 -27.18
N SER L 97 32.65 38.68 -27.71
CA SER L 97 31.86 39.90 -27.83
C SER L 97 31.57 40.52 -26.47
N LEU L 98 31.26 39.69 -25.48
CA LEU L 98 30.98 40.21 -24.15
C LEU L 98 32.25 40.73 -23.47
N THR L 99 33.38 40.06 -23.71
CA THR L 99 34.64 40.43 -23.07
C THR L 99 35.22 41.71 -23.63
N GLN L 100 34.99 41.98 -24.93
CA GLN L 100 35.42 43.27 -25.47
C GLN L 100 34.66 44.42 -24.82
N LEU L 101 33.36 44.26 -24.58
CA LEU L 101 32.55 45.30 -23.97
C LEU L 101 32.64 45.32 -22.46
N ARG L 102 33.66 44.68 -21.88
CA ARG L 102 33.93 44.70 -20.44
C ARG L 102 32.76 44.18 -19.62
N CYS L 103 32.04 43.19 -20.17
CA CYS L 103 30.79 42.72 -19.58
C CYS L 103 30.94 41.40 -18.83
N VAL L 104 32.00 40.63 -19.10
CA VAL L 104 32.25 39.40 -18.35
C VAL L 104 33.68 39.42 -17.84
N LYS L 105 33.85 39.08 -16.56
CA LYS L 105 35.17 38.91 -15.99
C LYS L 105 35.58 37.45 -16.06
N TYR L 106 36.88 37.21 -16.05
CA TYR L 106 37.40 35.86 -16.11
C TYR L 106 38.51 35.66 -15.10
N LEU L 107 38.76 34.40 -14.75
CA LEU L 107 39.89 34.04 -13.91
C LEU L 107 40.41 32.68 -14.33
N GLN L 108 41.72 32.56 -14.51
CA GLN L 108 42.36 31.31 -14.88
C GLN L 108 42.74 30.57 -13.60
N GLU L 109 42.13 29.41 -13.37
CA GLU L 109 42.36 28.63 -12.18
C GLU L 109 43.02 27.30 -12.54
N THR L 110 44.07 26.95 -11.80
CA THR L 110 44.76 25.68 -11.97
C THR L 110 44.38 24.75 -10.82
N ALA L 111 44.22 23.47 -11.13
CA ALA L 111 43.91 22.46 -10.13
C ALA L 111 45.17 21.72 -9.72
N ILE L 112 45.01 20.67 -8.92
CA ILE L 112 46.14 19.88 -8.48
C ILE L 112 46.73 19.09 -9.65
N SER L 113 45.87 18.59 -10.54
CA SER L 113 46.33 17.79 -11.67
C SER L 113 47.08 18.61 -12.72
N GLY L 114 46.99 19.93 -12.67
CA GLY L 114 47.63 20.79 -13.65
C GLY L 114 46.74 21.21 -14.80
N LYS L 115 45.48 20.82 -14.80
CA LYS L 115 44.55 21.19 -15.87
C LYS L 115 44.02 22.59 -15.58
N LYS L 116 44.54 23.57 -16.31
CA LYS L 116 44.12 24.95 -16.15
C LYS L 116 42.80 25.19 -16.87
N THR L 117 41.86 25.83 -16.19
CA THR L 117 40.55 26.13 -16.77
C THR L 117 40.20 27.58 -16.48
N THR L 118 39.53 28.21 -17.42
CA THR L 118 39.16 29.61 -17.31
C THR L 118 37.70 29.72 -16.90
N TYR L 119 37.46 30.24 -15.70
CA TYR L 119 36.10 30.48 -15.24
C TYR L 119 35.66 31.88 -15.61
N TYR L 120 34.37 32.02 -15.91
CA TYR L 120 33.79 33.30 -16.32
C TYR L 120 32.80 33.79 -15.28
N TYR L 121 32.76 35.11 -15.10
CA TYR L 121 31.81 35.75 -14.18
C TYR L 121 31.00 36.81 -14.90
N TYR L 122 30.24 37.59 -14.13
CA TYR L 122 29.61 38.80 -14.62
C TYR L 122 30.09 39.95 -13.76
N ASN L 123 30.38 41.09 -14.38
CA ASN L 123 30.80 42.27 -13.65
C ASN L 123 29.78 43.37 -13.86
N GLU L 124 29.61 44.19 -12.83
CA GLU L 124 28.61 45.24 -12.89
C GLU L 124 28.99 46.32 -13.91
N GLU L 125 30.29 46.57 -14.09
CA GLU L 125 30.74 47.80 -14.76
C GLU L 125 30.24 47.88 -16.19
N GLY L 126 30.34 46.79 -16.95
CA GLY L 126 29.90 46.81 -18.34
C GLY L 126 28.41 47.04 -18.48
N ILE L 127 27.62 46.39 -17.63
CA ILE L 127 26.17 46.58 -17.65
C ILE L 127 25.82 48.01 -17.31
N HIS L 128 26.45 48.57 -16.27
CA HIS L 128 26.17 49.95 -15.91
C HIS L 128 26.58 50.91 -17.01
N ILE L 129 27.66 50.60 -17.74
CA ILE L 129 28.03 51.41 -18.90
C ILE L 129 26.93 51.35 -19.96
N LEU L 130 26.39 50.15 -20.20
CA LEU L 130 25.27 50.04 -21.13
C LEU L 130 24.05 50.80 -20.65
N LEU L 131 23.89 50.97 -19.34
CA LEU L 131 22.76 51.69 -18.79
C LEU L 131 23.04 53.17 -18.58
N TYR L 132 24.28 53.62 -18.78
CA TYR L 132 24.66 55.00 -18.50
C TYR L 132 25.22 55.71 -19.72
N SER L 133 24.95 55.21 -20.92
CA SER L 133 25.65 55.65 -22.13
C SER L 133 25.45 57.13 -22.45
N GLY L 134 24.21 57.50 -22.76
CA GLY L 134 23.93 58.88 -23.11
C GLY L 134 24.14 59.83 -21.95
N LEU L 135 23.93 59.35 -20.71
CA LEU L 135 24.25 60.17 -19.57
C LEU L 135 25.75 60.42 -19.45
N ILE L 136 26.56 59.41 -19.77
CA ILE L 136 28.00 59.60 -19.79
C ILE L 136 28.39 60.61 -20.86
N ILE L 137 27.76 60.51 -22.03
CA ILE L 137 28.05 61.46 -23.11
C ILE L 137 27.67 62.88 -22.69
N ASP L 138 26.50 63.05 -22.07
CA ASP L 138 26.05 64.36 -21.65
C ASP L 138 26.96 64.94 -20.58
N GLU L 139 27.37 64.11 -19.62
CA GLU L 139 28.23 64.59 -18.53
C GLU L 139 29.61 64.94 -19.06
N ILE L 140 30.13 64.19 -20.03
CA ILE L 140 31.45 64.54 -20.53
C ILE L 140 31.39 65.77 -21.42
N ILE L 141 30.25 66.00 -22.10
CA ILE L 141 30.05 67.27 -22.79
C ILE L 141 30.05 68.42 -21.80
N THR L 142 29.34 68.25 -20.68
CA THR L 142 29.30 69.31 -19.68
C THR L 142 30.65 69.55 -19.03
N GLN L 143 31.43 68.49 -18.80
CA GLN L 143 32.72 68.62 -18.14
C GLN L 143 33.86 68.89 -19.10
N MET L 144 33.58 69.00 -20.40
CA MET L 144 34.60 69.43 -21.35
C MET L 144 35.12 70.83 -21.02
N ARG L 145 34.19 71.79 -20.89
CA ARG L 145 34.49 73.17 -20.47
C ARG L 145 35.54 73.83 -21.38
N VAL L 146 35.36 73.69 -22.68
CA VAL L 146 36.24 74.32 -23.66
C VAL L 146 35.52 75.52 -24.26
N ASN L 147 36.16 76.69 -24.17
CA ASN L 147 35.58 77.95 -24.62
C ASN L 147 35.72 78.08 -26.13
N ASP L 148 34.65 78.52 -26.78
CA ASP L 148 34.61 78.82 -28.22
C ASP L 148 35.00 77.60 -29.05
N GLU L 149 34.16 76.57 -28.97
CA GLU L 149 34.36 75.33 -29.71
C GLU L 149 33.57 75.40 -31.03
N GLU L 150 34.27 75.21 -32.15
CA GLU L 150 33.63 75.27 -33.44
C GLU L 150 33.27 73.87 -33.93
N GLU L 151 34.19 72.92 -33.81
CA GLU L 151 33.96 71.53 -34.18
C GLU L 151 34.30 70.56 -33.05
N HIS L 152 34.79 71.07 -31.91
CA HIS L 152 35.33 70.21 -30.87
C HIS L 152 34.24 69.41 -30.16
N LYS L 153 33.04 69.95 -30.02
CA LYS L 153 31.97 69.26 -29.29
C LYS L 153 31.54 67.99 -30.03
N GLN L 154 31.37 68.09 -31.35
CA GLN L 154 31.05 66.92 -32.16
C GLN L 154 32.14 65.88 -32.05
N LEU L 155 33.40 66.32 -32.01
CA LEU L 155 34.52 65.40 -31.94
C LEU L 155 34.57 64.68 -30.60
N VAL L 156 34.33 65.39 -29.50
CA VAL L 156 34.31 64.74 -28.19
C VAL L 156 33.15 63.75 -28.11
N ALA L 157 31.98 64.15 -28.63
CA ALA L 157 30.83 63.26 -28.62
C ALA L 157 31.12 61.98 -29.40
N GLU L 158 31.73 62.11 -30.58
CA GLU L 158 31.97 60.93 -31.40
C GLU L 158 33.06 60.05 -30.81
N ILE L 159 34.12 60.63 -30.23
CA ILE L 159 35.17 59.79 -29.64
C ILE L 159 34.64 59.05 -28.42
N VAL L 160 33.77 59.71 -27.62
CA VAL L 160 33.20 59.04 -26.46
C VAL L 160 32.27 57.91 -26.89
N GLN L 161 31.45 58.16 -27.92
CA GLN L 161 30.56 57.11 -28.41
C GLN L 161 31.34 55.93 -28.97
N ASN L 162 32.42 56.20 -29.70
CA ASN L 162 33.24 55.12 -30.24
C ASN L 162 33.93 54.33 -29.14
N VAL L 163 34.37 55.02 -28.08
CA VAL L 163 35.00 54.32 -26.96
C VAL L 163 34.00 53.41 -26.27
N ILE L 164 32.81 53.91 -25.99
CA ILE L 164 31.82 53.12 -25.25
C ILE L 164 31.32 51.95 -26.09
N SER L 165 31.06 52.19 -27.38
CA SER L 165 30.48 51.16 -28.23
C SER L 165 31.45 50.01 -28.44
N LEU L 166 32.72 50.31 -28.70
CA LEU L 166 33.72 49.28 -28.99
C LEU L 166 34.39 48.74 -27.74
N GLY L 167 33.93 49.14 -26.56
CA GLY L 167 34.50 48.63 -25.33
C GLY L 167 35.83 49.28 -25.00
N SER L 168 36.86 48.94 -25.76
CA SER L 168 38.17 49.55 -25.59
C SER L 168 38.83 49.68 -26.95
N LEU L 169 39.60 50.74 -27.12
CA LEU L 169 40.29 50.98 -28.38
C LEU L 169 41.63 51.65 -28.10
N THR L 170 42.57 51.41 -29.01
CA THR L 170 43.88 52.06 -28.96
C THR L 170 43.79 53.38 -29.72
N VAL L 171 44.51 54.38 -29.23
CA VAL L 171 44.47 55.71 -29.86
C VAL L 171 45.03 55.65 -31.28
N GLU L 172 46.06 54.82 -31.49
CA GLU L 172 46.66 54.70 -32.82
C GLU L 172 45.69 54.11 -33.82
N ASP L 173 44.93 53.09 -33.41
CA ASP L 173 43.97 52.46 -34.31
C ASP L 173 42.83 53.41 -34.66
N TYR L 174 42.43 54.26 -33.72
CA TYR L 174 41.41 55.25 -34.01
C TYR L 174 41.95 56.40 -34.85
N LEU L 175 43.24 56.70 -34.74
CA LEU L 175 43.81 57.80 -35.52
C LEU L 175 43.90 57.46 -37.00
N SER L 176 44.06 56.17 -37.32
CA SER L 176 44.24 55.78 -38.72
C SER L 176 42.98 55.97 -39.55
N SER L 177 41.82 56.12 -38.93
CA SER L 177 40.58 56.32 -39.66
C SER L 177 40.43 57.74 -40.20
N VAL L 178 41.26 58.68 -39.75
CA VAL L 178 41.23 60.05 -40.23
C VAL L 178 42.61 60.39 -40.79
N THR L 179 42.63 61.13 -41.90
CA THR L 179 43.87 61.42 -42.60
C THR L 179 44.29 62.88 -42.54
N SER L 180 43.36 63.80 -42.29
CA SER L 180 43.71 65.22 -42.27
C SER L 180 44.51 65.56 -41.03
N ASP L 181 45.28 66.65 -41.13
CA ASP L 181 46.26 66.97 -40.10
C ASP L 181 45.64 67.71 -38.93
N SER L 182 44.82 68.73 -39.21
CA SER L 182 44.25 69.55 -38.15
C SER L 182 43.31 68.74 -37.25
N MET L 183 42.47 67.91 -37.85
CA MET L 183 41.57 67.10 -37.03
C MET L 183 42.34 66.08 -36.22
N LYS L 184 43.44 65.53 -36.74
CA LYS L 184 44.27 64.62 -35.95
C LYS L 184 44.93 65.32 -34.78
N TYR L 185 45.39 66.56 -35.00
CA TYR L 185 45.94 67.35 -33.89
C TYR L 185 44.87 67.59 -32.83
N THR L 186 43.64 67.86 -33.26
CA THR L 186 42.57 68.07 -32.29
C THR L 186 42.20 66.77 -31.58
N ILE L 187 42.31 65.62 -32.26
CA ILE L 187 42.21 64.32 -31.59
C ILE L 187 43.23 64.22 -30.47
N SER L 188 44.48 64.57 -30.76
CA SER L 188 45.53 64.47 -29.75
C SER L 188 45.23 65.37 -28.56
N SER L 189 44.87 66.62 -28.83
CA SER L 189 44.58 67.58 -27.76
C SER L 189 43.38 67.15 -26.93
N LEU L 190 42.31 66.68 -27.58
CA LEU L 190 41.10 66.31 -26.86
C LEU L 190 41.28 65.03 -26.05
N PHE L 191 42.03 64.05 -26.56
CA PHE L 191 42.32 62.87 -25.76
C PHE L 191 43.19 63.22 -24.56
N VAL L 192 44.16 64.12 -24.74
CA VAL L 192 44.96 64.58 -23.60
C VAL L 192 44.05 65.25 -22.56
N GLN L 193 43.11 66.07 -23.02
CA GLN L 193 42.18 66.74 -22.12
C GLN L 193 41.32 65.74 -21.37
N LEU L 194 40.78 64.74 -22.08
CA LEU L 194 39.90 63.77 -21.45
C LEU L 194 40.64 62.91 -20.44
N CYS L 195 41.88 62.54 -20.74
CA CYS L 195 42.64 61.75 -19.77
C CYS L 195 43.16 62.59 -18.62
N GLU L 196 43.25 63.92 -18.77
CA GLU L 196 43.83 64.73 -17.71
C GLU L 196 42.98 64.72 -16.45
N MET L 197 41.66 64.87 -16.59
CA MET L 197 40.76 64.80 -15.44
C MET L 197 40.46 63.37 -15.01
N GLY L 198 40.71 62.38 -15.86
CA GLY L 198 40.53 61.00 -15.46
C GLY L 198 39.21 60.37 -15.85
N TYR L 199 38.79 60.54 -17.10
CA TYR L 199 37.60 59.87 -17.60
C TYR L 199 37.92 58.66 -18.48
N LEU L 200 39.02 58.71 -19.21
CA LEU L 200 39.48 57.59 -20.03
C LEU L 200 40.78 57.08 -19.42
N ILE L 201 40.75 55.87 -18.89
CA ILE L 201 41.89 55.31 -18.18
C ILE L 201 42.39 54.08 -18.94
N GLN L 202 43.69 53.85 -18.85
CA GLN L 202 44.30 52.63 -19.37
C GLN L 202 43.68 51.40 -18.71
N ILE L 203 43.37 50.40 -19.53
CA ILE L 203 42.83 49.15 -19.04
C ILE L 203 43.96 48.13 -18.92
N SER L 204 43.70 47.11 -18.13
CA SER L 204 44.66 46.03 -17.92
C SER L 204 43.89 44.80 -17.44
N LYS L 205 44.62 43.78 -17.02
CA LYS L 205 43.98 42.59 -16.49
C LYS L 205 43.34 42.84 -15.13
N LEU L 206 43.65 43.97 -14.48
CA LEU L 206 43.03 44.27 -13.19
C LEU L 206 41.53 44.47 -13.31
N HIS L 207 41.09 45.16 -14.36
CA HIS L 207 39.66 45.41 -14.55
C HIS L 207 38.89 44.17 -14.95
N TYR L 208 39.56 43.06 -15.27
CA TYR L 208 38.89 41.84 -15.66
C TYR L 208 39.01 40.72 -14.64
N THR L 209 39.73 40.93 -13.57
CA THR L 209 39.70 39.94 -12.51
C THR L 209 38.78 40.41 -11.38
N PRO L 210 38.11 39.50 -10.70
CA PRO L 210 37.21 39.92 -9.61
C PRO L 210 38.00 40.46 -8.43
N ILE L 211 37.34 41.34 -7.67
CA ILE L 211 37.98 41.93 -6.50
C ILE L 211 38.21 40.86 -5.43
N GLU L 212 37.23 39.98 -5.24
CA GLU L 212 37.35 38.94 -4.22
C GLU L 212 38.49 37.97 -4.54
N ASP L 213 38.58 37.53 -5.79
CA ASP L 213 39.63 36.59 -6.17
C ASP L 213 41.01 37.25 -6.07
N LEU L 214 41.11 38.52 -6.47
CA LEU L 214 42.37 39.25 -6.34
C LEU L 214 42.79 39.36 -4.89
N TRP L 215 41.85 39.70 -4.00
CA TRP L 215 42.21 39.82 -2.58
C TRP L 215 42.58 38.47 -1.99
N GLN L 216 41.88 37.41 -2.40
CA GLN L 216 42.22 36.08 -1.93
C GLN L 216 43.63 35.70 -2.35
N PHE L 217 43.99 35.98 -3.60
CA PHE L 217 45.31 35.65 -4.09
C PHE L 217 46.39 36.46 -3.37
N LEU L 218 46.16 37.76 -3.19
CA LEU L 218 47.14 38.60 -2.51
C LEU L 218 47.33 38.17 -1.06
N TYR L 219 46.22 37.92 -0.36
CA TYR L 219 46.29 37.44 1.01
C TYR L 219 47.01 36.10 1.11
N GLU L 220 46.71 35.17 0.22
CA GLU L 220 47.33 33.86 0.32
C GLU L 220 48.82 33.92 0.02
N LYS L 221 49.22 34.75 -0.95
CA LYS L 221 50.63 34.92 -1.24
C LYS L 221 51.36 35.58 -0.08
N HIS L 222 50.71 36.54 0.59
CA HIS L 222 51.37 37.20 1.71
C HIS L 222 51.30 36.39 3.00
N TYR L 223 50.45 35.36 3.05
CA TYR L 223 50.41 34.48 4.20
C TYR L 223 51.38 33.32 4.05
N LYS L 224 51.45 32.72 2.87
CA LYS L 224 52.36 31.61 2.63
C LYS L 224 53.82 32.07 2.62
N ASN L 225 54.06 33.35 2.33
CA ASN L 225 55.42 33.87 2.24
C ASN L 225 56.07 34.07 3.61
N ILE L 226 55.28 34.07 4.68
CA ILE L 226 55.87 34.34 6.00
C ILE L 226 56.78 33.16 6.37
N PRO L 227 57.92 33.39 7.03
CA PRO L 227 58.78 32.26 7.42
C PRO L 227 58.09 31.33 8.41
N ARG L 228 58.29 30.03 8.21
CA ARG L 228 57.61 29.02 9.01
C ARG L 228 58.28 28.90 10.37
N ASN L 229 57.77 27.95 11.17
CA ASN L 229 58.25 27.67 12.52
C ASN L 229 58.24 28.91 13.40
N SER L 230 57.24 29.75 13.20
CA SER L 230 57.17 30.99 13.95
C SER L 230 56.71 30.71 15.38
N PRO L 231 57.41 31.23 16.39
CA PRO L 231 56.91 31.12 17.77
C PRO L 231 55.92 32.21 18.11
N LEU L 232 55.35 32.83 17.08
CA LEU L 232 54.44 33.95 17.22
C LEU L 232 53.02 33.49 16.93
N SER L 233 52.05 34.26 17.43
CA SER L 233 50.66 33.79 17.50
C SER L 233 50.04 33.68 16.12
N ASP L 234 49.07 32.76 16.00
CA ASP L 234 48.43 32.50 14.71
C ASP L 234 47.50 33.65 14.30
N LEU L 235 46.70 34.16 15.25
CA LEU L 235 45.76 35.22 14.91
C LEU L 235 46.48 36.48 14.46
N LYS L 236 47.53 36.87 15.18
CA LYS L 236 48.23 38.09 14.80
C LYS L 236 49.11 37.88 13.57
N LYS L 237 49.56 36.65 13.32
CA LYS L 237 50.20 36.34 12.04
C LYS L 237 49.23 36.52 10.88
N ARG L 238 48.00 36.04 11.06
CA ARG L 238 46.94 36.25 10.08
C ARG L 238 46.69 37.72 9.85
N SER L 239 46.63 38.51 10.92
CA SER L 239 46.36 39.94 10.77
C SER L 239 47.53 40.66 10.12
N GLN L 240 48.76 40.21 10.39
CA GLN L 240 49.93 40.84 9.78
C GLN L 240 49.98 40.59 8.28
N ALA L 241 49.75 39.34 7.88
CA ALA L 241 49.65 39.04 6.45
C ALA L 241 48.50 39.82 5.83
N LYS L 242 47.40 39.96 6.56
CA LYS L 242 46.25 40.70 6.06
C LYS L 242 46.59 42.18 5.86
N MET L 243 47.37 42.76 6.77
CA MET L 243 47.73 44.18 6.65
C MET L 243 48.66 44.39 5.46
N ASN L 244 49.62 43.48 5.25
CA ASN L 244 50.49 43.61 4.08
C ASN L 244 49.70 43.44 2.78
N ALA L 245 48.77 42.47 2.76
CA ALA L 245 47.90 42.32 1.61
C ALA L 245 47.03 43.55 1.40
N LYS L 246 46.62 44.19 2.50
CA LYS L 246 45.79 45.39 2.43
C LYS L 246 46.55 46.54 1.80
N THR L 247 47.79 46.76 2.22
CA THR L 247 48.54 47.88 1.66
C THR L 247 48.91 47.62 0.20
N ASP L 248 49.19 46.36 -0.15
CA ASP L 248 49.41 46.06 -1.57
C ASP L 248 48.13 46.19 -2.38
N PHE L 249 46.99 45.86 -1.78
CA PHE L 249 45.70 46.04 -2.43
C PHE L 249 45.43 47.51 -2.71
N ALA L 250 45.69 48.35 -1.71
CA ALA L 250 45.51 49.79 -1.89
C ALA L 250 46.48 50.35 -2.92
N LYS L 251 47.66 49.74 -3.05
CA LYS L 251 48.58 50.17 -4.09
C LYS L 251 48.09 49.75 -5.47
N ILE L 252 47.52 48.56 -5.59
CA ILE L 252 47.24 48.02 -6.93
C ILE L 252 45.92 48.55 -7.47
N ILE L 253 44.92 48.79 -6.61
CA ILE L 253 43.63 49.25 -7.12
C ILE L 253 43.71 50.68 -7.64
N ASN L 254 44.44 51.54 -6.94
CA ASN L 254 44.54 52.95 -7.32
C ASN L 254 45.62 53.20 -8.38
N LYS L 255 46.26 52.14 -8.89
CA LYS L 255 47.33 52.33 -9.86
C LYS L 255 46.89 53.00 -11.15
N PRO L 256 45.81 52.57 -11.84
CA PRO L 256 45.44 53.29 -13.07
C PRO L 256 44.76 54.62 -12.78
N ASN L 257 44.23 54.76 -11.57
CA ASN L 257 43.47 55.94 -11.19
C ASN L 257 44.35 57.18 -11.13
N GLU L 258 45.60 57.06 -10.70
CA GLU L 258 46.45 58.23 -10.48
C GLU L 258 46.90 58.84 -11.81
N LEU L 259 47.76 58.12 -12.53
CA LEU L 259 48.18 58.51 -13.88
C LEU L 259 48.90 57.35 -14.55
N SER L 260 48.43 56.93 -15.72
CA SER L 260 49.09 55.85 -16.45
C SER L 260 49.10 56.02 -17.96
N GLN L 261 48.58 57.12 -18.49
CA GLN L 261 48.42 57.26 -19.94
C GLN L 261 48.98 58.55 -20.51
N ILE L 262 49.25 59.56 -19.70
CA ILE L 262 49.91 60.78 -20.15
C ILE L 262 51.26 60.95 -19.47
N LEU L 263 51.85 59.83 -19.01
CA LEU L 263 53.16 59.88 -18.36
C LEU L 263 54.25 60.28 -19.34
N THR L 264 54.09 59.92 -20.62
CA THR L 264 55.07 60.31 -21.63
C THR L 264 55.03 61.83 -21.86
N VAL L 265 56.21 62.42 -21.95
CA VAL L 265 56.35 63.85 -22.22
C VAL L 265 57.30 64.02 -23.39
N ASP L 266 56.90 64.86 -24.35
CA ASP L 266 57.71 65.25 -25.50
C ASP L 266 58.15 64.05 -26.34
N PRO L 267 57.25 63.40 -27.09
CA PRO L 267 57.75 62.50 -28.14
C PRO L 267 58.51 63.25 -29.22
N LYS L 268 57.85 64.17 -29.91
CA LYS L 268 58.43 65.11 -30.87
C LYS L 268 57.88 66.49 -30.59
N THR L 269 58.69 67.50 -30.91
CA THR L 269 58.27 68.90 -31.04
C THR L 269 57.67 69.47 -29.74
N SER L 270 58.08 68.95 -28.59
CA SER L 270 57.75 69.51 -27.28
C SER L 270 56.24 69.62 -27.06
N LEU L 271 55.59 68.47 -27.07
CA LEU L 271 54.15 68.40 -26.86
C LEU L 271 53.82 67.22 -25.95
N ARG L 272 52.67 67.30 -25.30
CA ARG L 272 52.16 66.22 -24.46
C ARG L 272 51.06 65.49 -25.23
N ILE L 273 51.27 64.20 -25.49
CA ILE L 273 50.32 63.37 -26.20
C ILE L 273 50.06 62.14 -25.35
N VAL L 274 48.82 61.64 -25.41
CA VAL L 274 48.51 60.36 -24.78
C VAL L 274 49.34 59.27 -25.44
N LYS L 275 49.65 58.22 -24.67
CA LYS L 275 50.57 57.19 -25.11
C LYS L 275 50.04 56.46 -26.34
N PRO L 276 50.75 56.49 -27.45
CA PRO L 276 50.33 55.77 -28.66
C PRO L 276 50.76 54.29 -28.65
N THR L 277 50.57 53.63 -27.51
CA THR L 277 50.93 52.23 -27.39
C THR L 277 49.86 51.43 -26.64
N VAL L 278 48.96 52.09 -25.91
CA VAL L 278 48.06 51.40 -25.00
C VAL L 278 46.62 51.83 -25.33
N SER L 279 45.68 50.95 -24.99
CA SER L 279 44.26 51.17 -25.25
C SER L 279 43.60 51.82 -24.05
N LEU L 280 42.65 52.71 -24.31
CA LEU L 280 41.91 53.40 -23.27
C LEU L 280 40.52 52.79 -23.12
N THR L 281 39.93 53.01 -21.94
CA THR L 281 38.60 52.49 -21.65
C THR L 281 37.92 53.47 -20.70
N ILE L 282 36.58 53.49 -20.75
CA ILE L 282 35.81 54.42 -19.94
C ILE L 282 35.97 54.09 -18.45
N ASN L 283 36.18 55.13 -17.65
CA ASN L 283 36.34 55.02 -16.20
C ASN L 283 34.98 55.32 -15.58
N LEU L 284 34.30 54.27 -15.13
CA LEU L 284 32.93 54.42 -14.65
C LEU L 284 32.88 55.03 -13.25
N ASP L 285 33.90 54.78 -12.43
CA ASP L 285 33.83 55.20 -11.04
C ASP L 285 33.96 56.72 -10.90
N ARG L 286 34.72 57.36 -11.79
CA ARG L 286 34.76 58.82 -11.80
C ARG L 286 33.42 59.40 -12.22
N PHE L 287 32.73 58.73 -13.14
CA PHE L 287 31.38 59.15 -13.49
C PHE L 287 30.43 58.99 -12.32
N MET L 288 30.60 57.94 -11.51
CA MET L 288 29.83 57.81 -10.27
C MET L 288 30.16 58.93 -9.29
N LYS L 289 31.43 59.33 -9.22
CA LYS L 289 31.79 60.49 -8.40
C LYS L 289 31.06 61.73 -8.87
N GLY L 290 30.99 61.93 -10.18
CA GLY L 290 30.27 63.07 -10.73
C GLY L 290 28.78 63.02 -10.42
N ARG L 291 28.19 61.83 -10.49
CA ARG L 291 26.76 61.72 -10.23
C ARG L 291 26.43 61.92 -8.76
N ARG L 292 27.31 61.45 -7.86
CA ARG L 292 27.14 61.75 -6.45
C ARG L 292 27.29 63.24 -6.16
N SER L 293 28.23 63.89 -6.85
CA SER L 293 28.35 65.34 -6.73
C SER L 293 27.07 66.03 -7.19
N LYS L 294 26.49 65.56 -8.29
CA LYS L 294 25.24 66.12 -8.79
C LYS L 294 24.10 65.92 -7.79
N GLN L 295 24.05 64.75 -7.15
CA GLN L 295 23.03 64.50 -6.15
C GLN L 295 23.19 65.41 -4.94
N LEU L 296 24.44 65.65 -4.52
CA LEU L 296 24.67 66.59 -3.42
C LEU L 296 24.26 68.00 -3.80
N ILE L 297 24.50 68.39 -5.06
CA ILE L 297 24.06 69.71 -5.52
C ILE L 297 22.54 69.81 -5.47
N ASN L 298 21.86 68.75 -5.91
CA ASN L 298 20.39 68.76 -5.91
C ASN L 298 19.85 68.82 -4.49
N LEU L 299 20.53 68.16 -3.55
CA LEU L 299 20.13 68.27 -2.14
C LEU L 299 20.37 69.68 -1.61
N ALA L 300 21.50 70.29 -1.98
CA ALA L 300 21.82 71.63 -1.49
C ALA L 300 20.89 72.68 -2.07
N LYS L 301 20.28 72.38 -3.21
CA LYS L 301 19.28 73.31 -3.76
C LYS L 301 17.95 73.29 -3.00
N THR L 302 17.88 72.70 -1.81
CA THR L 302 16.63 72.58 -1.07
C THR L 302 16.62 73.34 0.24
N ARG L 303 17.69 73.26 1.02
CA ARG L 303 17.73 73.96 2.31
C ARG L 303 18.14 75.42 2.15
N VAL L 304 19.27 75.68 1.50
CA VAL L 304 19.85 77.01 1.47
C VAL L 304 20.19 77.41 0.04
N GLY L 305 19.81 78.63 -0.32
CA GLY L 305 20.43 79.34 -1.42
C GLY L 305 20.02 78.87 -2.81
N SER L 306 20.26 79.76 -3.77
CA SER L 306 20.29 79.43 -5.19
C SER L 306 21.63 79.77 -5.82
N VAL L 307 22.14 80.98 -5.57
CA VAL L 307 23.53 81.28 -5.88
C VAL L 307 24.45 80.49 -4.96
N THR L 308 24.02 80.26 -3.72
CA THR L 308 24.79 79.44 -2.79
C THR L 308 24.90 78.01 -3.30
N ALA L 309 23.87 77.55 -4.03
CA ALA L 309 23.96 76.26 -4.70
C ALA L 309 25.05 76.28 -5.77
N GLN L 310 25.19 77.40 -6.49
CA GLN L 310 26.29 77.53 -7.45
C GLN L 310 27.64 77.48 -6.74
N VAL L 311 27.73 78.09 -5.55
CA VAL L 311 28.95 78.06 -4.77
C VAL L 311 29.31 76.62 -4.38
N TYR L 312 28.33 75.89 -3.85
CA TYR L 312 28.60 74.52 -3.44
C TYR L 312 28.87 73.62 -4.63
N LYS L 313 28.27 73.92 -5.78
CA LYS L 313 28.58 73.19 -7.01
C LYS L 313 30.03 73.40 -7.42
N ILE L 314 30.50 74.66 -7.36
CA ILE L 314 31.90 74.94 -7.68
C ILE L 314 32.82 74.22 -6.69
N ALA L 315 32.43 74.22 -5.41
CA ALA L 315 33.23 73.56 -4.39
C ALA L 315 33.36 72.07 -4.65
N LEU L 316 32.27 71.42 -5.07
CA LEU L 316 32.35 70.00 -5.39
C LEU L 316 33.13 69.76 -6.69
N ARG L 317 32.92 70.60 -7.69
CA ARG L 317 33.53 70.36 -9.00
C ARG L 317 35.03 70.58 -8.97
N LEU L 318 35.50 71.44 -8.05
CA LEU L 318 36.94 71.59 -7.88
C LEU L 318 37.56 70.32 -7.32
N THR L 319 36.82 69.60 -6.48
CA THR L 319 37.33 68.40 -5.81
C THR L 319 36.62 67.13 -6.29
N GLU L 320 36.25 67.05 -7.57
CA GLU L 320 35.52 65.88 -8.03
C GLU L 320 36.45 64.74 -8.41
N GLN L 321 37.65 65.05 -8.91
CA GLN L 321 38.55 63.99 -9.39
C GLN L 321 39.17 63.22 -8.23
N LYS L 322 39.61 63.92 -7.19
CA LYS L 322 40.29 63.29 -6.06
C LYS L 322 39.32 62.73 -5.03
N SER L 323 38.03 62.65 -5.36
CA SER L 323 37.04 62.17 -4.41
C SER L 323 37.20 60.68 -4.16
N PRO L 324 36.80 60.19 -2.98
CA PRO L 324 36.92 58.76 -2.69
C PRO L 324 35.92 57.95 -3.50
N LYS L 325 36.04 56.63 -3.38
CA LYS L 325 35.21 55.73 -4.16
C LYS L 325 33.77 55.76 -3.66
N ILE L 326 32.84 55.37 -4.53
CA ILE L 326 31.45 55.21 -4.10
C ILE L 326 31.33 54.02 -3.15
N ARG L 327 31.97 52.90 -3.50
CA ARG L 327 32.09 51.76 -2.62
C ARG L 327 33.57 51.44 -2.50
N ASP L 328 34.03 51.27 -1.26
CA ASP L 328 35.40 50.90 -1.02
C ASP L 328 35.65 49.50 -1.57
N PRO L 329 36.66 49.30 -2.42
CA PRO L 329 36.95 47.93 -2.89
C PRO L 329 37.32 46.99 -1.76
N LEU L 330 37.85 47.50 -0.66
CA LEU L 330 38.13 46.66 0.50
C LEU L 330 36.84 46.14 1.14
N THR L 331 35.72 46.83 0.96
CA THR L 331 34.46 46.37 1.52
C THR L 331 33.91 45.15 0.80
N GLN L 332 34.09 45.06 -0.51
CA GLN L 332 33.65 43.89 -1.27
C GLN L 332 34.57 42.69 -1.13
N THR L 333 35.71 42.84 -0.46
CA THR L 333 36.68 41.77 -0.33
C THR L 333 36.28 40.73 0.71
N GLY L 334 35.07 40.79 1.22
CA GLY L 334 34.66 39.80 2.20
C GLY L 334 35.22 39.99 3.58
N LEU L 335 35.95 41.08 3.82
CA LEU L 335 36.52 41.34 5.14
C LEU L 335 35.66 42.36 5.90
N LEU L 336 34.49 41.89 6.30
CA LEU L 336 33.63 42.61 7.22
C LEU L 336 33.23 41.80 8.44
N GLN L 337 33.57 40.51 8.49
CA GLN L 337 33.22 39.69 9.63
C GLN L 337 33.92 40.17 10.89
N ASP L 338 35.16 40.61 10.76
CA ASP L 338 35.88 41.17 11.90
C ASP L 338 35.35 42.57 12.18
N LEU L 339 34.81 42.78 13.39
CA LEU L 339 34.27 44.08 13.75
C LEU L 339 35.37 45.13 13.81
N GLU L 340 36.56 44.72 14.25
CA GLU L 340 37.69 45.65 14.33
C GLU L 340 38.07 46.15 12.94
N GLU L 341 38.01 45.28 11.94
CA GLU L 341 38.29 45.70 10.57
C GLU L 341 37.21 46.61 10.02
N ALA L 342 35.95 46.42 10.45
CA ALA L 342 34.89 47.34 10.05
C ALA L 342 35.11 48.73 10.62
N LYS L 343 35.46 48.79 11.91
CA LYS L 343 35.77 50.07 12.53
C LYS L 343 37.00 50.69 11.88
N SER L 344 37.98 49.87 11.50
CA SER L 344 39.18 50.38 10.85
C SER L 344 38.85 50.94 9.47
N PHE L 345 37.93 50.30 8.75
CA PHE L 345 37.50 50.84 7.45
C PHE L 345 36.79 52.17 7.62
N GLN L 346 35.92 52.28 8.62
CA GLN L 346 35.23 53.55 8.87
C GLN L 346 36.23 54.65 9.25
N ASP L 347 37.18 54.33 10.12
CA ASP L 347 38.18 55.30 10.54
C ASP L 347 39.10 55.70 9.40
N GLU L 348 39.45 54.76 8.52
CA GLU L 348 40.25 55.09 7.36
C GLU L 348 39.48 55.98 6.39
N ALA L 349 38.18 55.75 6.26
CA ALA L 349 37.35 56.63 5.44
C ALA L 349 37.35 58.04 5.99
N GLU L 350 37.19 58.17 7.31
CA GLU L 350 37.22 59.50 7.93
C GLU L 350 38.61 60.13 7.85
N LEU L 351 39.65 59.29 7.85
CA LEU L 351 41.03 59.75 7.69
C LEU L 351 41.23 60.37 6.32
N VAL L 352 40.87 59.63 5.28
CA VAL L 352 41.11 60.07 3.90
C VAL L 352 40.23 61.25 3.55
N GLU L 353 38.95 61.22 3.95
CA GLU L 353 38.07 62.34 3.62
C GLU L 353 38.45 63.62 4.32
N GLU L 354 39.10 63.55 5.49
CA GLU L 354 39.52 64.75 6.20
C GLU L 354 40.84 65.32 5.69
N LYS L 355 41.91 64.53 5.68
CA LYS L 355 43.21 65.08 5.29
C LYS L 355 43.81 64.43 4.06
N THR L 356 43.01 64.25 3.00
CA THR L 356 43.56 64.04 1.68
C THR L 356 44.37 65.27 1.28
N PRO L 357 45.54 65.12 0.68
CA PRO L 357 46.34 66.29 0.28
C PRO L 357 45.79 67.05 -0.92
N GLY L 358 44.55 66.79 -1.33
CA GLY L 358 43.97 67.54 -2.42
C GLY L 358 42.54 68.00 -2.19
N LEU L 359 41.91 67.54 -1.10
CA LEU L 359 40.51 67.86 -0.83
C LEU L 359 40.34 69.06 0.09
N THR L 360 41.42 69.67 0.55
CA THR L 360 41.35 70.83 1.44
C THR L 360 41.50 72.10 0.62
N PHE L 361 40.61 73.06 0.83
CA PHE L 361 40.64 74.31 0.09
C PHE L 361 40.18 75.45 0.99
N ASN L 362 40.57 76.66 0.62
CA ASN L 362 40.17 77.88 1.30
C ASN L 362 39.37 78.75 0.35
N ALA L 363 39.09 79.99 0.78
CA ALA L 363 38.31 80.92 -0.03
C ALA L 363 39.03 81.30 -1.32
N ILE L 364 40.34 81.52 -1.23
CA ILE L 364 41.10 82.02 -2.38
C ILE L 364 41.14 80.99 -3.49
N ASP L 365 41.21 79.70 -3.13
CA ASP L 365 41.22 78.65 -4.15
C ASP L 365 39.90 78.61 -4.91
N LEU L 366 38.79 78.85 -4.23
CA LEU L 366 37.50 78.91 -4.91
C LEU L 366 37.23 80.26 -5.57
N ALA L 367 38.07 81.27 -5.31
CA ALA L 367 37.86 82.57 -5.92
C ALA L 367 38.03 82.52 -7.44
N ARG L 368 39.03 81.78 -7.92
CA ARG L 368 39.40 81.80 -9.33
C ARG L 368 38.53 80.91 -10.21
N HIS L 369 37.37 80.47 -9.73
CA HIS L 369 36.54 79.55 -10.50
C HIS L 369 35.10 80.02 -10.67
N LEU L 370 34.68 81.07 -9.99
CA LEU L 370 33.32 81.56 -10.14
C LEU L 370 33.15 82.21 -11.51
N PRO L 371 32.18 81.78 -12.33
CA PRO L 371 31.98 82.41 -13.63
C PRO L 371 31.37 83.80 -13.52
N ALA L 372 31.14 84.45 -14.65
CA ALA L 372 30.62 85.82 -14.66
C ALA L 372 29.10 85.86 -14.54
N GLU L 373 28.55 85.16 -13.55
CA GLU L 373 27.13 85.22 -13.27
C GLU L 373 26.79 85.34 -11.79
N LEU L 374 27.76 85.23 -10.89
CA LEU L 374 27.52 85.40 -9.47
C LEU L 374 27.68 86.86 -9.10
N ASP L 375 26.60 87.47 -8.60
CA ASP L 375 26.60 88.92 -8.36
C ASP L 375 27.19 89.27 -6.99
N LEU L 376 26.56 88.77 -5.93
CA LEU L 376 27.05 88.88 -4.55
C LEU L 376 27.19 90.32 -4.04
N ARG L 377 26.66 91.31 -4.76
CA ARG L 377 26.69 92.67 -4.24
C ARG L 377 25.79 92.83 -3.03
N GLY L 378 24.54 92.37 -3.14
CA GLY L 378 23.60 92.41 -2.04
C GLY L 378 23.04 91.04 -1.76
N SER L 379 23.89 90.02 -1.86
CA SER L 379 23.43 88.64 -1.71
C SER L 379 23.02 88.32 -0.29
N LEU L 380 23.62 88.97 0.70
CA LEU L 380 23.29 88.71 2.10
C LEU L 380 23.09 90.02 2.84
N LEU L 381 22.33 89.95 3.92
CA LEU L 381 22.11 91.08 4.83
C LEU L 381 22.56 90.64 6.22
N SER L 382 23.68 91.20 6.68
CA SER L 382 24.20 90.82 7.99
C SER L 382 23.32 91.34 9.11
N ARG L 383 22.62 92.46 8.87
CA ARG L 383 21.72 93.03 9.86
C ARG L 383 20.56 92.08 10.10
N LYS L 384 20.10 92.03 11.36
CA LYS L 384 18.97 91.19 11.73
C LYS L 384 17.70 91.67 11.04
N PRO L 447 32.81 91.68 -5.77
CA PRO L 447 33.53 91.24 -6.97
C PRO L 447 34.25 89.91 -6.74
N HIS L 448 33.49 88.89 -6.36
CA HIS L 448 34.04 87.57 -6.01
C HIS L 448 35.10 87.69 -4.91
N SER L 449 34.79 88.51 -3.91
CA SER L 449 35.72 88.83 -2.84
C SER L 449 35.87 87.65 -1.88
N ALA L 450 36.94 87.70 -1.09
CA ALA L 450 37.21 86.63 -0.14
C ALA L 450 36.19 86.60 0.99
N SER L 451 35.75 87.78 1.46
CA SER L 451 34.80 87.82 2.56
C SER L 451 33.44 87.26 2.15
N LEU L 452 32.99 87.57 0.94
CA LEU L 452 31.67 87.12 0.50
C LEU L 452 31.66 85.60 0.30
N ILE L 453 32.69 85.05 -0.35
CA ILE L 453 32.76 83.61 -0.54
C ILE L 453 32.97 82.91 0.79
N ASN L 454 33.66 83.56 1.74
CA ASN L 454 33.78 83.00 3.09
C ASN L 454 32.42 82.96 3.79
N SER L 455 31.60 84.01 3.60
CA SER L 455 30.26 84.00 4.19
C SER L 455 29.39 82.90 3.60
N HIS L 456 29.50 82.69 2.28
CA HIS L 456 28.78 81.57 1.66
C HIS L 456 29.25 80.22 2.21
N LEU L 457 30.56 80.05 2.36
CA LEU L 457 31.05 78.79 2.91
C LEU L 457 30.63 78.61 4.35
N LYS L 458 30.47 79.71 5.09
CA LYS L 458 30.03 79.62 6.48
C LYS L 458 28.55 79.25 6.57
N ILE L 459 27.71 79.85 5.72
CA ILE L 459 26.28 79.52 5.74
C ILE L 459 26.07 78.09 5.25
N LEU L 460 26.98 77.58 4.41
CA LEU L 460 27.02 76.14 4.17
C LEU L 460 27.40 75.38 5.42
N ALA L 461 28.35 75.91 6.20
CA ALA L 461 28.83 75.19 7.37
C ALA L 461 27.82 75.17 8.51
N SER L 462 26.83 76.07 8.50
CA SER L 462 25.84 76.15 9.56
C SER L 462 24.55 75.41 9.25
N SER L 463 24.47 74.72 8.11
CA SER L 463 23.25 74.03 7.73
C SER L 463 23.07 72.79 8.60
N ASN L 464 21.85 72.22 8.55
CA ASN L 464 21.55 71.06 9.38
C ASN L 464 22.32 69.82 8.92
N PHE L 465 22.29 69.52 7.63
CA PHE L 465 23.03 68.36 7.16
C PHE L 465 24.50 68.75 7.01
N PRO L 466 25.43 67.86 7.31
CA PRO L 466 26.85 68.22 7.19
C PRO L 466 27.27 68.38 5.73
N PHE L 467 26.93 69.52 5.13
CA PHE L 467 27.43 69.81 3.78
C PHE L 467 28.93 70.10 3.79
N LEU L 468 29.39 70.90 4.75
CA LEU L 468 30.81 71.21 4.87
C LEU L 468 31.22 71.12 6.32
N ASN L 469 32.50 70.81 6.54
CA ASN L 469 33.06 70.71 7.89
C ASN L 469 34.40 71.41 7.90
N GLU L 470 34.79 71.88 9.09
CA GLU L 470 36.00 72.67 9.26
C GLU L 470 36.98 71.90 10.14
N THR L 471 38.10 71.47 9.55
CA THR L 471 39.20 70.96 10.36
C THR L 471 40.00 72.10 10.99
N LYS L 472 39.90 73.28 10.40
CA LYS L 472 40.50 74.50 10.90
C LYS L 472 39.65 75.64 10.33
N PRO L 473 39.36 76.67 11.13
CA PRO L 473 38.56 77.79 10.62
C PRO L 473 39.20 78.49 9.42
N GLY L 474 38.55 78.36 8.27
CA GLY L 474 39.06 78.88 7.01
C GLY L 474 39.18 77.83 5.92
N VAL L 475 39.54 76.61 6.30
CA VAL L 475 39.68 75.50 5.36
C VAL L 475 38.52 74.53 5.58
N TYR L 476 37.97 74.01 4.49
CA TYR L 476 36.77 73.19 4.53
C TYR L 476 37.00 71.86 3.84
N TYR L 477 36.28 70.86 4.31
CA TYR L 477 36.23 69.56 3.63
C TYR L 477 34.80 69.07 3.66
N VAL L 478 34.38 68.43 2.58
CA VAL L 478 33.04 67.88 2.46
C VAL L 478 33.03 66.48 3.06
N PRO L 479 32.21 66.20 4.05
CA PRO L 479 32.21 64.88 4.70
C PRO L 479 31.36 63.83 4.01
N TYR L 480 31.95 63.19 2.99
CA TYR L 480 31.26 62.11 2.28
C TYR L 480 30.91 60.96 3.21
N SER L 481 31.69 60.75 4.26
CA SER L 481 31.40 59.67 5.20
C SER L 481 30.16 59.95 6.05
N LYS L 482 29.88 61.22 6.34
CA LYS L 482 28.74 61.59 7.18
C LYS L 482 27.72 62.46 6.45
N LEU L 483 27.65 62.34 5.13
CA LEU L 483 26.61 63.02 4.36
C LEU L 483 25.83 62.08 3.47
N MET L 484 26.46 61.03 2.97
CA MET L 484 25.77 60.06 2.14
C MET L 484 24.62 59.34 2.86
N PRO L 485 24.75 58.90 4.12
CA PRO L 485 23.54 58.41 4.82
C PRO L 485 22.45 59.46 4.92
N VAL L 486 22.84 60.72 5.10
CA VAL L 486 21.86 61.79 5.18
C VAL L 486 21.13 61.97 3.85
N LEU L 487 21.89 61.93 2.74
CA LEU L 487 21.28 62.04 1.43
C LEU L 487 20.35 60.85 1.15
N LYS L 488 20.77 59.65 1.56
CA LYS L 488 19.90 58.48 1.44
C LYS L 488 18.59 58.68 2.18
N SER L 489 18.67 59.13 3.43
CA SER L 489 17.47 59.30 4.24
C SER L 489 16.55 60.34 3.64
N SER L 490 17.11 61.47 3.18
CA SER L 490 16.30 62.53 2.62
C SER L 490 15.61 62.08 1.33
N VAL L 491 16.35 61.41 0.45
CA VAL L 491 15.77 60.95 -0.81
C VAL L 491 14.68 59.92 -0.56
N TYR L 492 14.92 58.99 0.36
CA TYR L 492 13.94 57.96 0.64
C TYR L 492 12.66 58.56 1.24
N GLU L 493 12.82 59.52 2.15
CA GLU L 493 11.66 60.16 2.76
C GLU L 493 10.85 60.94 1.72
N TYR L 494 11.54 61.66 0.83
CA TYR L 494 10.79 62.40 -0.18
C TYR L 494 10.11 61.47 -1.18
N VAL L 495 10.73 60.34 -1.53
CA VAL L 495 10.09 59.39 -2.42
C VAL L 495 8.84 58.81 -1.77
N ILE L 496 8.95 58.39 -0.51
CA ILE L 496 7.80 57.77 0.15
C ILE L 496 6.71 58.79 0.39
N ALA L 497 7.08 60.07 0.57
CA ALA L 497 6.06 61.10 0.70
C ALA L 497 5.35 61.35 -0.61
N SER L 498 6.09 61.38 -1.72
CA SER L 498 5.45 61.67 -2.99
C SER L 498 4.65 60.50 -3.51
N THR L 499 4.91 59.28 -3.04
CA THR L 499 4.14 58.14 -3.54
C THR L 499 3.07 57.66 -2.58
N LEU L 500 3.16 57.94 -1.27
CA LEU L 500 2.12 57.54 -0.35
C LEU L 500 1.46 58.70 0.38
N GLY L 501 1.97 59.92 0.24
CA GLY L 501 1.34 61.07 0.85
C GLY L 501 2.14 61.63 2.01
N PRO L 502 1.81 62.86 2.42
CA PRO L 502 2.52 63.46 3.56
C PRO L 502 2.36 62.72 4.87
N SER L 503 1.29 61.92 5.01
CA SER L 503 1.16 61.09 6.20
C SER L 503 2.29 60.06 6.27
N ALA L 504 2.74 59.57 5.12
CA ALA L 504 3.87 58.65 5.10
C ALA L 504 5.14 59.32 5.58
N MET L 505 5.40 60.55 5.12
CA MET L 505 6.53 61.32 5.64
C MET L 505 6.43 61.50 7.15
N ARG L 506 5.24 61.87 7.63
CA ARG L 506 5.09 62.17 9.05
C ARG L 506 5.37 60.94 9.89
N LEU L 507 4.78 59.80 9.53
CA LEU L 507 5.00 58.58 10.30
C LEU L 507 6.44 58.09 10.18
N SER L 508 7.02 58.16 8.98
CA SER L 508 8.39 57.69 8.81
C SER L 508 9.36 58.52 9.63
N ARG L 509 9.19 59.84 9.64
CA ARG L 509 10.08 60.69 10.43
C ARG L 509 9.83 60.52 11.92
N CYS L 510 8.58 60.29 12.32
CA CYS L 510 8.28 60.11 13.74
C CYS L 510 8.89 58.82 14.26
N ILE L 511 8.88 57.75 13.46
CA ILE L 511 9.46 56.49 13.91
C ILE L 511 10.94 56.38 13.56
N ARG L 512 11.50 57.34 12.81
CA ARG L 512 12.95 57.38 12.67
C ARG L 512 13.61 58.25 13.73
N ASP L 513 12.93 59.30 14.19
CA ASP L 513 13.48 60.11 15.27
C ASP L 513 13.46 59.33 16.57
N ASN L 514 12.29 58.93 17.03
CA ASN L 514 12.18 57.99 18.13
C ASN L 514 12.70 56.63 17.68
N LYS L 515 13.49 55.98 18.52
CA LYS L 515 14.10 54.71 18.13
C LYS L 515 13.07 53.59 18.04
N LEU L 516 12.12 53.55 18.96
CA LEU L 516 11.13 52.48 19.00
C LEU L 516 9.91 52.97 19.75
N VAL L 517 8.74 52.84 19.13
CA VAL L 517 7.49 53.35 19.69
C VAL L 517 6.41 52.28 19.64
N SER L 518 5.42 52.44 20.51
CA SER L 518 4.15 51.74 20.39
C SER L 518 3.21 52.63 19.57
N GLU L 519 1.93 52.28 19.55
CA GLU L 519 0.96 53.09 18.82
C GLU L 519 0.59 54.36 19.58
N LYS L 520 0.48 54.27 20.91
CA LYS L 520 -0.02 55.40 21.70
C LYS L 520 0.98 56.55 21.72
N ILE L 521 2.28 56.25 21.70
CA ILE L 521 3.27 57.31 21.63
C ILE L 521 3.16 58.05 20.30
N ILE L 522 2.86 57.32 19.22
CA ILE L 522 2.61 57.97 17.93
C ILE L 522 1.37 58.86 18.02
N ASN L 523 0.30 58.33 18.60
CA ASN L 523 -0.95 59.09 18.65
C ASN L 523 -0.84 60.33 19.53
N SER L 524 0.05 60.30 20.51
CA SER L 524 0.26 61.48 21.36
C SER L 524 1.21 62.47 20.70
N THR L 525 2.30 61.99 20.10
CA THR L 525 3.33 62.88 19.59
C THR L 525 2.97 63.42 18.21
N ALA L 526 2.53 62.55 17.29
CA ALA L 526 2.14 62.98 15.95
C ALA L 526 0.67 63.38 15.99
N LEU L 527 0.41 64.68 15.98
CA LEU L 527 -0.93 65.22 16.21
C LEU L 527 -1.77 65.06 14.94
N MET L 528 -2.42 63.91 14.80
CA MET L 528 -3.39 63.65 13.75
C MET L 528 -4.20 62.42 14.13
N LYS L 529 -5.27 62.18 13.38
CA LYS L 529 -6.33 61.28 13.83
C LYS L 529 -5.89 59.83 13.85
N GLU L 530 -6.58 59.05 14.69
CA GLU L 530 -6.18 57.68 15.00
C GLU L 530 -6.25 56.76 13.79
N LYS L 531 -7.40 56.74 13.11
CA LYS L 531 -7.61 55.78 12.04
C LYS L 531 -6.68 56.05 10.87
N ASP L 532 -6.31 57.30 10.63
CA ASP L 532 -5.39 57.58 9.54
C ASP L 532 -3.97 57.14 9.89
N ILE L 533 -3.58 57.22 11.17
CA ILE L 533 -2.34 56.60 11.61
C ILE L 533 -2.35 55.10 11.33
N ARG L 534 -3.43 54.43 11.73
CA ARG L 534 -3.46 52.99 11.54
C ARG L 534 -3.45 52.61 10.06
N SER L 535 -4.18 53.37 9.23
CA SER L 535 -4.21 53.09 7.80
C SER L 535 -2.85 53.34 7.14
N THR L 536 -2.27 54.52 7.37
CA THR L 536 -1.00 54.85 6.72
C THR L 536 0.11 53.93 7.20
N LEU L 537 0.14 53.63 8.49
CA LEU L 537 1.18 52.74 9.01
C LEU L 537 0.98 51.32 8.50
N ALA L 538 -0.26 50.87 8.33
CA ALA L 538 -0.48 49.56 7.74
C ALA L 538 -0.01 49.54 6.29
N SER L 539 -0.24 50.64 5.56
CA SER L 539 0.24 50.72 4.19
C SER L 539 1.76 50.80 4.10
N LEU L 540 2.41 51.30 5.15
CA LEU L 540 3.87 51.38 5.12
C LEU L 540 4.54 50.02 5.33
N ILE L 541 3.85 49.08 5.97
CA ILE L 541 4.45 47.77 6.23
C ILE L 541 4.66 47.02 4.92
N ARG L 542 3.78 47.22 3.94
CA ARG L 542 3.85 46.49 2.69
C ARG L 542 5.13 46.78 1.91
N TYR L 543 5.70 47.97 2.08
CA TYR L 543 6.92 48.34 1.38
C TYR L 543 8.12 48.43 2.33
N ASN L 544 7.99 47.90 3.54
CA ASN L 544 9.07 47.81 4.53
C ASN L 544 9.64 49.17 4.91
N SER L 545 8.77 50.10 5.26
CA SER L 545 9.20 51.31 5.94
C SER L 545 9.30 51.12 7.44
N VAL L 546 8.44 50.29 8.02
CA VAL L 546 8.45 50.00 9.45
C VAL L 546 8.43 48.50 9.63
N GLU L 547 9.15 48.03 10.65
CA GLU L 547 9.14 46.64 11.05
C GLU L 547 8.32 46.49 12.31
N ILE L 548 7.47 45.46 12.32
CA ILE L 548 6.54 45.22 13.41
C ILE L 548 7.18 44.27 14.40
N GLN L 549 7.36 44.74 15.63
CA GLN L 549 8.04 43.98 16.67
C GLN L 549 7.00 43.47 17.66
N GLU L 550 7.02 42.17 17.92
CA GLU L 550 6.07 41.59 18.84
C GLU L 550 6.66 41.55 20.24
N VAL L 551 5.82 41.77 21.24
CA VAL L 551 6.19 41.52 22.63
C VAL L 551 5.08 40.68 23.23
N PRO L 552 5.34 39.42 23.55
CA PRO L 552 4.31 38.55 24.09
C PRO L 552 4.02 38.79 25.55
N ARG L 553 2.77 38.53 25.93
CA ARG L 553 2.35 38.57 27.32
C ARG L 553 1.80 37.22 27.78
N THR L 554 2.21 36.14 27.14
CA THR L 554 1.68 34.81 27.39
C THR L 554 2.86 33.85 27.43
N ALA L 555 2.67 32.71 28.09
CA ALA L 555 3.72 31.69 28.16
C ALA L 555 4.09 31.19 26.77
N ASP L 556 3.09 30.90 25.94
CA ASP L 556 3.31 30.59 24.53
C ASP L 556 2.98 31.83 23.70
N ARG L 557 3.86 32.12 22.73
CA ARG L 557 3.76 33.39 22.02
C ARG L 557 2.54 33.41 21.11
N SER L 558 1.78 34.50 21.17
CA SER L 558 0.60 34.65 20.33
C SER L 558 0.32 36.13 20.15
N ALA L 559 -0.23 36.47 19.00
CA ALA L 559 -0.61 37.84 18.71
C ALA L 559 -1.98 38.21 19.27
N SER L 560 -2.72 37.22 19.79
CA SER L 560 -4.05 37.51 20.33
C SER L 560 -3.96 38.43 21.55
N ARG L 561 -3.00 38.19 22.43
CA ARG L 561 -2.75 39.03 23.59
C ARG L 561 -1.26 39.34 23.59
N ALA L 562 -0.88 40.39 22.87
CA ALA L 562 0.50 40.83 22.81
C ALA L 562 0.51 42.31 22.47
N VAL L 563 1.64 42.96 22.71
CA VAL L 563 1.77 44.38 22.43
C VAL L 563 2.78 44.57 21.30
N PHE L 564 2.45 45.43 20.36
CA PHE L 564 3.20 45.55 19.11
C PHE L 564 3.88 46.91 19.05
N LEU L 565 5.18 46.90 18.85
CA LEU L 565 5.96 48.11 18.65
C LEU L 565 6.34 48.23 17.19
N PHE L 566 6.73 49.44 16.79
CA PHE L 566 6.99 49.77 15.39
C PHE L 566 8.36 50.41 15.30
N ARG L 567 9.22 49.88 14.45
CA ARG L 567 10.56 50.42 14.30
C ARG L 567 10.82 50.75 12.84
N CYS L 568 11.96 51.40 12.59
CA CYS L 568 12.43 51.67 11.23
C CYS L 568 13.82 51.08 11.08
N LYS L 569 13.94 50.10 10.20
CA LYS L 569 15.23 49.49 9.86
C LYS L 569 15.63 50.04 8.51
N GLU L 570 16.68 50.87 8.49
CA GLU L 570 17.02 51.60 7.27
C GLU L 570 17.55 50.67 6.19
N THR L 571 18.25 49.61 6.58
CA THR L 571 18.91 48.75 5.60
C THR L 571 17.90 47.97 4.75
N HIS L 572 16.92 47.34 5.41
CA HIS L 572 15.89 46.59 4.70
C HIS L 572 15.13 47.50 3.74
N SER L 573 14.77 48.69 4.21
CA SER L 573 14.00 49.62 3.40
C SER L 573 14.79 50.08 2.19
N TYR L 574 16.05 50.47 2.39
CA TYR L 574 16.86 50.96 1.29
C TYR L 574 17.08 49.87 0.25
N ASN L 575 17.36 48.64 0.70
CA ASN L 575 17.53 47.53 -0.23
C ASN L 575 16.25 47.24 -1.00
N PHE L 576 15.11 47.25 -0.31
CA PHE L 576 13.85 46.94 -0.96
C PHE L 576 13.51 47.97 -2.03
N MET L 577 13.68 49.25 -1.73
CA MET L 577 13.36 50.25 -2.74
C MET L 577 14.39 50.27 -3.86
N ARG L 578 15.65 49.90 -3.57
CA ARG L 578 16.63 49.77 -4.64
C ARG L 578 16.22 48.69 -5.63
N GLN L 579 15.82 47.52 -5.12
CA GLN L 579 15.39 46.46 -6.03
C GLN L 579 14.09 46.84 -6.74
N ASN L 580 13.21 47.59 -6.09
CA ASN L 580 11.98 48.05 -6.74
C ASN L 580 12.30 48.96 -7.91
N LEU L 581 13.24 49.88 -7.73
CA LEU L 581 13.61 50.77 -8.83
C LEU L 581 14.31 50.02 -9.95
N GLU L 582 15.13 49.01 -9.61
CA GLU L 582 15.72 48.18 -10.65
C GLU L 582 14.65 47.45 -11.44
N TRP L 583 13.63 46.92 -10.77
CA TRP L 583 12.54 46.23 -11.46
C TRP L 583 11.79 47.18 -12.38
N ASN L 584 11.52 48.40 -11.91
CA ASN L 584 10.79 49.35 -12.75
C ASN L 584 11.59 49.72 -13.99
N MET L 585 12.91 49.90 -13.82
CA MET L 585 13.77 50.19 -14.96
C MET L 585 13.73 49.06 -15.98
N ALA L 586 13.83 47.82 -15.49
CA ALA L 586 13.82 46.68 -16.39
C ALA L 586 12.46 46.50 -17.06
N ASN L 587 11.38 46.80 -16.35
CA ASN L 587 10.05 46.75 -16.94
C ASN L 587 9.91 47.76 -18.07
N LEU L 588 10.41 48.97 -17.85
CA LEU L 588 10.40 49.99 -18.90
C LEU L 588 11.16 49.51 -20.13
N LEU L 589 12.36 48.97 -19.93
CA LEU L 589 13.15 48.54 -21.07
C LEU L 589 12.53 47.33 -21.78
N PHE L 590 11.87 46.44 -21.02
CA PHE L 590 11.19 45.31 -21.65
C PHE L 590 10.02 45.78 -22.51
N LYS L 591 9.25 46.76 -22.01
CA LYS L 591 8.15 47.29 -22.81
C LYS L 591 8.66 47.99 -24.06
N LYS L 592 9.77 48.71 -23.95
CA LYS L 592 10.36 49.35 -25.12
C LYS L 592 10.82 48.32 -26.14
N GLU L 593 11.46 47.24 -25.68
CA GLU L 593 11.91 46.19 -26.60
C GLU L 593 10.73 45.50 -27.27
N LYS L 594 9.65 45.26 -26.53
CA LYS L 594 8.47 44.66 -27.13
C LYS L 594 7.85 45.58 -28.17
N LEU L 595 7.81 46.89 -27.89
CA LEU L 595 7.26 47.83 -28.86
C LEU L 595 8.09 47.85 -30.13
N LYS L 596 9.42 47.87 -30.02
CA LYS L 596 10.24 47.90 -31.23
C LYS L 596 10.22 46.56 -31.97
N GLN L 597 10.03 45.44 -31.26
CA GLN L 597 9.98 44.16 -31.94
C GLN L 597 8.66 43.97 -32.67
N GLU L 598 7.54 44.41 -32.07
CA GLU L 598 6.23 44.23 -32.68
C GLU L 598 6.05 45.06 -33.94
N ASN L 599 6.76 46.18 -34.08
CA ASN L 599 6.60 47.08 -35.21
C ASN L 599 7.87 47.11 -36.05
N SER L 600 8.42 45.94 -36.35
CA SER L 600 9.71 45.86 -37.03
C SER L 600 9.63 46.30 -38.49
N THR L 601 8.47 46.11 -39.14
CA THR L 601 8.37 46.38 -40.57
C THR L 601 8.56 47.86 -40.88
N LEU L 602 7.80 48.72 -40.20
CA LEU L 602 7.89 50.16 -40.45
C LEU L 602 9.25 50.70 -40.04
N LEU L 603 9.77 50.24 -38.89
CA LEU L 603 11.06 50.71 -38.42
C LEU L 603 12.19 50.30 -39.36
N LYS L 604 12.11 49.09 -39.90
CA LYS L 604 13.11 48.65 -40.87
C LYS L 604 12.98 49.41 -42.18
N LYS L 605 11.75 49.71 -42.59
CA LYS L 605 11.56 50.48 -43.83
C LYS L 605 12.13 51.89 -43.69
N ALA L 606 11.94 52.51 -42.54
CA ALA L 606 12.46 53.86 -42.33
C ALA L 606 13.90 53.87 -41.82
N ASN L 607 14.48 52.71 -41.53
CA ASN L 607 15.77 52.68 -40.84
C ASN L 607 16.92 53.05 -41.76
N ARG L 608 16.95 52.51 -42.97
CA ARG L 608 18.15 52.63 -43.79
C ARG L 608 18.29 54.04 -44.37
N ASP L 609 19.51 54.36 -44.78
CA ASP L 609 19.98 55.76 -44.77
C ASP L 609 19.33 56.60 -45.85
N ASP L 610 18.92 55.99 -46.98
CA ASP L 610 18.45 56.78 -48.10
C ASP L 610 17.11 57.45 -47.82
N VAL L 611 16.34 56.94 -46.85
CA VAL L 611 15.11 57.59 -46.45
C VAL L 611 15.26 58.35 -45.14
N LYS L 612 16.31 58.06 -44.35
CA LYS L 612 16.47 58.63 -43.03
C LYS L 612 16.70 60.14 -43.13
N GLY L 613 15.72 60.91 -42.64
CA GLY L 613 15.73 62.35 -42.74
C GLY L 613 14.82 62.90 -43.82
N ARG L 614 14.39 62.06 -44.76
CA ARG L 614 13.47 62.45 -45.83
C ARG L 614 12.35 61.43 -45.96
N GLU L 615 11.74 61.08 -44.83
CA GLU L 615 10.70 60.07 -44.78
C GLU L 615 9.38 60.52 -45.41
N ASN L 616 9.26 61.79 -45.79
CA ASN L 616 7.96 62.34 -46.16
C ASN L 616 7.48 61.84 -47.52
N GLU L 617 8.39 61.69 -48.48
CA GLU L 617 7.96 61.52 -49.87
C GLU L 617 7.36 60.14 -50.13
N LEU L 618 7.93 59.09 -49.53
CA LEU L 618 7.50 57.74 -49.86
C LEU L 618 6.46 57.19 -48.90
N LEU L 619 6.47 57.64 -47.64
CA LEU L 619 5.56 57.09 -46.65
C LEU L 619 4.13 57.57 -46.87
N LEU L 620 3.18 56.75 -46.43
CA LEU L 620 1.75 57.00 -46.51
C LEU L 620 1.29 57.76 -45.27
N PRO L 621 0.09 58.37 -45.31
CA PRO L 621 -0.39 59.13 -44.14
C PRO L 621 -0.44 58.36 -42.83
N SER L 622 -0.84 57.09 -42.85
CA SER L 622 -0.90 56.32 -41.61
C SER L 622 0.50 56.00 -41.09
N GLU L 623 1.45 55.78 -42.00
CA GLU L 623 2.80 55.44 -41.58
C GLU L 623 3.47 56.61 -40.85
N LEU L 624 3.15 57.84 -41.22
CA LEU L 624 3.68 58.99 -40.52
C LEU L 624 3.23 59.01 -39.06
N ASN L 625 1.93 58.81 -38.83
CA ASN L 625 1.41 58.76 -37.47
C ASN L 625 2.01 57.60 -36.69
N GLN L 626 2.13 56.43 -37.33
CA GLN L 626 2.70 55.28 -36.64
C GLN L 626 4.15 55.52 -36.24
N LEU L 627 4.95 56.07 -37.15
CA LEU L 627 6.36 56.31 -36.84
C LEU L 627 6.51 57.38 -35.76
N LYS L 628 5.70 58.44 -35.81
CA LYS L 628 5.81 59.46 -34.78
C LYS L 628 5.33 58.94 -33.43
N MET L 629 4.32 58.06 -33.41
CA MET L 629 3.89 57.45 -32.16
C MET L 629 4.99 56.57 -31.57
N VAL L 630 5.64 55.77 -32.42
CA VAL L 630 6.72 54.91 -31.95
C VAL L 630 7.87 55.74 -31.38
N ASN L 631 8.26 56.79 -32.10
CA ASN L 631 9.38 57.61 -31.64
C ASN L 631 9.03 58.38 -30.36
N GLU L 632 7.79 58.88 -30.26
CA GLU L 632 7.38 59.61 -29.07
C GLU L 632 7.38 58.70 -27.85
N ARG L 633 6.86 57.48 -28.01
CA ARG L 633 6.87 56.52 -26.92
C ARG L 633 8.29 56.15 -26.53
N GLU L 634 9.18 55.97 -27.52
CA GLU L 634 10.58 55.65 -27.22
C GLU L 634 11.24 56.76 -26.41
N LEU L 635 11.02 58.01 -26.82
CA LEU L 635 11.61 59.13 -26.09
C LEU L 635 11.09 59.21 -24.66
N ASN L 636 9.77 58.98 -24.47
CA ASN L 636 9.24 58.98 -23.12
C ASN L 636 9.83 57.85 -22.28
N VAL L 637 9.99 56.67 -22.87
CA VAL L 637 10.55 55.53 -22.14
C VAL L 637 11.96 55.84 -21.67
N PHE L 638 12.80 56.37 -22.56
CA PHE L 638 14.18 56.60 -22.17
C PHE L 638 14.32 57.79 -21.23
N ALA L 639 13.45 58.79 -21.34
CA ALA L 639 13.45 59.89 -20.39
C ALA L 639 13.08 59.40 -18.99
N ARG L 640 12.05 58.54 -18.90
CA ARG L 640 11.70 57.99 -17.61
C ARG L 640 12.79 57.08 -17.07
N LEU L 641 13.53 56.41 -17.96
CA LEU L 641 14.67 55.60 -17.52
C LEU L 641 15.74 56.49 -16.89
N SER L 642 16.02 57.63 -17.50
CA SER L 642 16.97 58.58 -16.90
C SER L 642 16.48 59.08 -15.55
N ARG L 643 15.19 59.37 -15.46
CA ARG L 643 14.64 59.85 -14.19
C ARG L 643 14.68 58.76 -13.12
N LEU L 644 14.57 57.49 -13.52
CA LEU L 644 14.71 56.40 -12.56
C LEU L 644 16.16 56.22 -12.12
N LEU L 645 17.10 56.41 -13.04
CA LEU L 645 18.51 56.38 -12.66
C LEU L 645 18.82 57.46 -11.65
N SER L 646 18.21 58.64 -11.81
CA SER L 646 18.43 59.75 -10.89
C SER L 646 18.01 59.44 -9.45
N LEU L 647 17.18 58.42 -9.25
CA LEU L 647 16.82 57.97 -7.91
C LEU L 647 17.52 56.67 -7.52
N TRP L 648 17.95 55.87 -8.48
CA TRP L 648 18.58 54.59 -8.19
C TRP L 648 20.06 54.71 -7.88
N GLU L 649 20.75 55.71 -8.43
CA GLU L 649 22.18 55.86 -8.15
C GLU L 649 22.44 56.14 -6.68
N VAL L 650 21.50 56.79 -5.99
CA VAL L 650 21.73 57.18 -4.61
C VAL L 650 21.83 55.96 -3.71
N PHE L 651 21.08 54.90 -4.00
CA PHE L 651 21.01 53.74 -3.13
C PHE L 651 22.13 52.74 -3.37
N GLN L 652 23.02 52.97 -4.34
CA GLN L 652 24.23 52.17 -4.42
C GLN L 652 25.26 52.61 -3.39
N MET L 653 25.30 53.89 -3.07
CA MET L 653 26.27 54.42 -2.12
C MET L 653 26.01 53.91 -0.71
N GLY M 162 -4.84 66.59 26.04
CA GLY M 162 -4.67 68.02 26.22
C GLY M 162 -5.73 68.83 25.51
N PRO M 163 -5.42 70.10 25.19
CA PRO M 163 -6.38 70.93 24.46
C PRO M 163 -6.61 70.50 23.04
N TRP M 164 -5.76 69.60 22.50
CA TRP M 164 -5.94 69.12 21.14
C TRP M 164 -7.23 68.31 21.00
N PHE M 165 -7.55 67.50 22.01
CA PHE M 165 -8.75 66.67 21.95
C PHE M 165 -10.01 67.52 22.03
N THR M 166 -10.98 67.19 21.18
CA THR M 166 -12.31 67.80 21.22
C THR M 166 -13.32 66.67 21.25
N ASP M 167 -14.19 66.68 22.26
CA ASP M 167 -15.20 65.64 22.49
C ASP M 167 -14.57 64.25 22.60
N GLY M 168 -13.39 64.18 23.20
CA GLY M 168 -12.71 62.92 23.39
C GLY M 168 -11.96 62.38 22.19
N GLU M 169 -11.75 63.20 21.15
CA GLU M 169 -11.07 62.74 19.96
C GLU M 169 -10.25 63.88 19.37
N LEU M 170 -9.06 63.55 18.88
CA LEU M 170 -8.19 64.54 18.28
C LEU M 170 -8.73 65.01 16.93
N ASP M 171 -8.77 66.33 16.75
CA ASP M 171 -9.20 66.94 15.49
C ASP M 171 -7.99 67.33 14.66
N ILE M 172 -8.25 67.71 13.41
CA ILE M 172 -7.15 67.97 12.48
C ILE M 172 -7.23 69.40 11.96
N GLU M 173 -8.42 70.00 11.95
CA GLU M 173 -8.56 71.36 11.43
C GLU M 173 -7.93 72.37 12.36
N PHE M 174 -8.25 72.29 13.66
CA PHE M 174 -7.69 73.23 14.63
C PHE M 174 -6.18 73.05 14.78
N ILE M 175 -5.73 71.79 14.75
CA ILE M 175 -4.30 71.51 14.79
C ILE M 175 -3.59 72.08 13.58
N ASN M 176 -4.22 71.94 12.40
CA ASN M 176 -3.62 72.50 11.18
C ASN M 176 -3.58 74.02 11.24
N SER M 177 -4.60 74.65 11.80
CA SER M 177 -4.59 76.11 11.96
C SER M 177 -3.44 76.54 12.87
N LEU M 178 -3.25 75.81 13.98
CA LEU M 178 -2.15 76.12 14.88
C LEU M 178 -0.80 75.94 14.19
N LEU M 179 -0.65 74.85 13.45
CA LEU M 179 0.61 74.61 12.74
C LEU M 179 0.86 75.68 11.68
N THR M 180 -0.20 76.12 11.00
CA THR M 180 -0.06 77.17 10.01
C THR M 180 0.40 78.48 10.64
N ILE M 181 -0.21 78.86 11.77
CA ILE M 181 0.15 80.14 12.36
C ILE M 181 1.56 80.09 12.96
N VAL M 182 1.95 78.97 13.57
CA VAL M 182 3.30 78.91 14.13
C VAL M 182 4.35 78.83 13.03
N TRP M 183 4.04 78.14 11.92
CA TRP M 183 4.97 78.10 10.80
C TRP M 183 5.08 79.47 10.14
N ARG M 184 3.97 80.21 10.09
CA ARG M 184 4.02 81.58 9.57
C ARG M 184 4.90 82.46 10.43
N PHE M 185 4.79 82.32 11.77
CA PHE M 185 5.63 83.11 12.66
C PHE M 185 7.10 82.77 12.50
N ILE M 186 7.42 81.47 12.42
CA ILE M 186 8.80 81.06 12.23
C ILE M 186 9.33 81.53 10.88
N SER M 187 8.47 81.57 9.86
CA SER M 187 8.86 82.16 8.58
C SER M 187 9.13 83.65 8.73
N GLU M 188 8.32 84.34 9.55
CA GLU M 188 8.52 85.76 9.78
C GLU M 188 9.85 86.04 10.46
N ASN M 189 10.27 85.15 11.36
CA ASN M 189 11.48 85.41 12.13
C ASN M 189 12.76 84.91 11.47
N THR M 190 12.73 83.69 10.90
CA THR M 190 13.97 83.10 10.39
C THR M 190 14.40 83.70 9.07
N PHE M 191 13.59 83.51 8.02
CA PHE M 191 13.96 84.15 6.77
C PHE M 191 13.59 85.64 6.82
N PRO M 192 14.35 86.48 6.13
CA PRO M 192 14.12 87.93 6.21
C PRO M 192 12.76 88.32 5.63
N ASN M 193 12.19 89.39 6.19
CA ASN M 193 10.97 90.03 5.68
C ASN M 193 9.77 89.07 5.71
N GLY M 194 9.87 88.01 6.49
CA GLY M 194 8.83 87.00 6.47
C GLY M 194 8.74 86.30 5.13
N PHE M 195 7.52 86.14 4.64
CA PHE M 195 7.26 85.56 3.34
C PHE M 195 7.47 86.56 2.20
N LYS M 196 7.70 87.84 2.53
CA LYS M 196 7.64 88.89 1.53
C LYS M 196 8.83 88.83 0.56
N ASN M 197 9.94 88.21 0.96
CA ASN M 197 11.07 88.11 0.03
C ASN M 197 10.94 86.90 -0.87
N PHE M 198 10.39 85.79 -0.35
CA PHE M 198 10.27 84.58 -1.15
C PHE M 198 9.24 84.69 -2.25
N GLU M 199 8.42 85.76 -2.27
CA GLU M 199 7.53 85.97 -3.40
C GLU M 199 8.34 86.27 -4.66
N ASN M 200 7.71 86.02 -5.81
CA ASN M 200 8.33 86.04 -7.13
C ASN M 200 9.37 84.93 -7.22
N GLY M 201 10.26 85.01 -8.22
CA GLY M 201 11.22 83.97 -8.46
C GLY M 201 12.26 83.85 -7.37
N PRO M 202 12.93 82.70 -7.31
CA PRO M 202 14.00 82.53 -6.31
C PRO M 202 15.26 83.33 -6.63
N LYS M 203 15.30 84.02 -7.76
CA LYS M 203 16.52 84.72 -8.16
C LYS M 203 16.82 85.89 -7.24
N LYS M 204 15.78 86.59 -6.78
CA LYS M 204 15.96 87.84 -6.06
C LYS M 204 15.97 87.69 -4.55
N ASN M 205 15.88 86.47 -4.03
CA ASN M 205 15.85 86.29 -2.58
C ASN M 205 17.20 86.59 -1.95
N VAL M 206 17.17 87.10 -0.73
CA VAL M 206 18.35 87.47 0.04
C VAL M 206 18.23 86.83 1.41
N PHE M 207 19.27 86.11 1.84
CA PHE M 207 19.26 85.41 3.12
C PHE M 207 20.23 86.06 4.09
N TYR M 208 19.92 85.89 5.38
CA TYR M 208 20.71 86.47 6.44
C TYR M 208 22.08 85.82 6.52
N ALA M 209 23.04 86.59 7.04
CA ALA M 209 24.39 86.09 7.25
C ALA M 209 24.41 85.03 8.34
N PRO M 210 25.33 84.04 8.25
CA PRO M 210 25.39 82.96 9.24
C PRO M 210 26.05 83.35 10.56
N ASN M 211 25.67 84.52 11.08
CA ASN M 211 26.14 84.97 12.39
C ASN M 211 25.04 85.65 13.19
N VAL M 212 23.78 85.37 12.87
CA VAL M 212 22.65 86.06 13.45
C VAL M 212 21.85 85.10 14.32
N LYS M 213 21.09 85.67 15.27
CA LYS M 213 20.24 84.90 16.17
C LYS M 213 18.82 84.95 15.62
N ASN M 214 18.60 84.20 14.54
CA ASN M 214 17.40 84.36 13.72
C ASN M 214 16.31 83.33 14.02
N TYR M 215 16.54 82.39 14.93
CA TYR M 215 15.52 81.42 15.26
C TYR M 215 14.65 81.90 16.42
N SER M 216 13.48 81.29 16.56
CA SER M 216 12.57 81.61 17.64
C SER M 216 12.41 80.40 18.55
N THR M 217 12.49 80.62 19.85
CA THR M 217 12.37 79.55 20.83
C THR M 217 10.92 79.34 21.22
N THR M 218 10.69 78.42 22.16
CA THR M 218 9.32 78.08 22.56
C THR M 218 8.65 79.23 23.29
N GLN M 219 9.41 80.02 24.05
CA GLN M 219 8.83 81.16 24.75
C GLN M 219 8.31 82.20 23.76
N GLU M 220 9.01 82.37 22.63
CA GLU M 220 8.54 83.30 21.60
C GLU M 220 7.21 82.84 21.01
N ILE M 221 7.07 81.54 20.78
CA ILE M 221 5.80 81.01 20.29
C ILE M 221 4.71 81.18 21.32
N LEU M 222 5.03 80.96 22.61
CA LEU M 222 4.07 81.20 23.68
C LEU M 222 3.58 82.64 23.66
N GLU M 223 4.51 83.59 23.59
CA GLU M 223 4.14 85.01 23.59
C GLU M 223 3.29 85.36 22.38
N PHE M 224 3.69 84.89 21.19
CA PHE M 224 2.99 85.25 19.97
C PHE M 224 1.58 84.67 19.92
N ILE M 225 1.43 83.39 20.28
CA ILE M 225 0.11 82.78 20.25
C ILE M 225 -0.78 83.35 21.35
N THR M 226 -0.21 83.62 22.54
CA THR M 226 -1.00 84.21 23.62
C THR M 226 -1.49 85.60 23.24
N ALA M 227 -0.64 86.39 22.60
CA ALA M 227 -1.09 87.70 22.11
C ALA M 227 -2.14 87.55 21.02
N ALA M 228 -1.98 86.56 20.13
CA ALA M 228 -2.93 86.37 19.05
C ALA M 228 -4.28 85.89 19.57
N GLN M 229 -4.27 84.93 20.51
CA GLN M 229 -5.47 84.34 21.12
C GLN M 229 -6.38 83.75 20.05
N VAL M 230 -5.86 82.71 19.39
CA VAL M 230 -6.56 82.06 18.28
C VAL M 230 -6.71 80.60 18.70
N ALA M 231 -6.23 80.28 19.89
CA ALA M 231 -6.18 78.90 20.37
C ALA M 231 -7.18 78.59 21.47
N ASN M 232 -7.93 79.59 21.95
CA ASN M 232 -9.12 79.68 22.79
C ASN M 232 -8.94 79.04 24.17
N VAL M 233 -7.80 78.40 24.43
CA VAL M 233 -7.42 77.98 25.77
C VAL M 233 -5.94 78.32 25.91
N GLU M 234 -5.54 78.80 27.09
CA GLU M 234 -4.13 79.09 27.32
C GLU M 234 -3.31 77.81 27.23
N LEU M 235 -2.21 77.87 26.49
CA LEU M 235 -1.44 76.68 26.17
C LEU M 235 -0.06 76.72 26.85
N THR M 236 0.53 75.55 26.99
CA THR M 236 1.73 75.33 27.76
C THR M 236 2.96 75.26 26.84
N PRO M 237 4.15 75.56 27.37
CA PRO M 237 5.38 75.38 26.56
C PRO M 237 5.60 73.94 26.10
N SER M 238 5.11 72.96 26.86
CA SER M 238 5.20 71.57 26.42
C SER M 238 4.39 71.34 25.15
N ASN M 239 3.22 72.00 25.05
CA ASN M 239 2.44 71.93 23.83
C ASN M 239 3.20 72.55 22.66
N ILE M 240 3.94 73.63 22.92
CA ILE M 240 4.75 74.26 21.88
C ILE M 240 5.85 73.32 21.41
N ARG M 241 6.52 72.64 22.35
CA ARG M 241 7.56 71.69 21.98
C ARG M 241 6.97 70.55 21.16
N SER M 242 5.79 70.06 21.54
CA SER M 242 5.15 68.99 20.78
C SER M 242 4.76 69.46 19.38
N LEU M 243 4.24 70.68 19.25
CA LEU M 243 3.85 71.20 17.94
C LEU M 243 5.07 71.38 17.04
N CYS M 244 6.16 71.89 17.60
CA CYS M 244 7.38 72.05 16.79
C CYS M 244 7.98 70.70 16.44
N GLU M 245 7.81 69.69 17.30
CA GLU M 245 8.20 68.34 16.94
C GLU M 245 7.36 67.81 15.78
N VAL M 246 6.07 68.13 15.77
CA VAL M 246 5.21 67.73 14.66
C VAL M 246 5.69 68.38 13.37
N LEU M 247 6.02 69.68 13.44
CA LEU M 247 6.48 70.38 12.25
C LEU M 247 7.82 69.85 11.75
N VAL M 248 8.76 69.59 12.66
CA VAL M 248 10.06 69.07 12.24
C VAL M 248 9.93 67.63 11.76
N TYR M 249 8.86 66.93 12.18
CA TYR M 249 8.58 65.63 11.58
C TYR M 249 8.20 65.78 10.10
N ASP M 250 7.29 66.69 9.81
CA ASP M 250 6.78 66.87 8.46
C ASP M 250 7.71 67.67 7.56
N ASP M 251 8.96 67.87 7.99
CA ASP M 251 9.96 68.66 7.27
C ASP M 251 9.43 70.07 7.00
N LYS M 252 8.91 70.69 8.05
CA LYS M 252 8.49 72.09 7.98
C LYS M 252 9.50 73.03 8.61
N LEU M 253 10.15 72.61 9.71
CA LEU M 253 11.20 73.39 10.34
C LEU M 253 12.34 72.45 10.70
N GLU M 254 13.34 72.99 11.39
CA GLU M 254 14.55 72.25 11.72
C GLU M 254 15.07 72.69 13.08
N LYS M 255 15.59 71.72 13.83
CA LYS M 255 16.11 71.91 15.17
C LYS M 255 17.63 71.78 15.16
N VAL M 256 18.30 72.72 15.84
CA VAL M 256 19.73 72.61 16.13
C VAL M 256 20.01 72.49 17.62
N THR M 257 19.17 73.11 18.46
CA THR M 257 19.39 73.13 19.89
C THR M 257 18.02 72.91 20.53
N HIS M 258 18.04 72.44 21.79
CA HIS M 258 16.82 72.20 22.55
C HIS M 258 15.98 73.47 22.58
N ASP M 259 14.72 73.34 22.15
CA ASP M 259 13.77 74.45 22.03
C ASP M 259 14.30 75.56 21.12
N CYS M 260 14.88 75.16 19.98
CA CYS M 260 15.37 76.10 18.99
C CYS M 260 15.02 75.58 17.60
N TYR M 261 14.26 76.37 16.84
CA TYR M 261 13.72 75.93 15.57
C TYR M 261 13.85 77.03 14.53
N ARG M 262 14.11 76.65 13.28
CA ARG M 262 14.05 77.61 12.18
C ARG M 262 13.27 77.01 11.03
N VAL M 263 12.63 77.87 10.24
CA VAL M 263 11.87 77.38 9.09
C VAL M 263 12.82 76.99 7.96
N THR M 264 12.47 75.92 7.26
CA THR M 264 13.27 75.43 6.14
C THR M 264 12.86 76.15 4.86
N LEU M 265 13.39 75.70 3.74
CA LEU M 265 13.08 76.30 2.44
C LEU M 265 12.31 75.36 1.52
N GLU M 266 12.33 74.04 1.79
CA GLU M 266 11.53 73.11 1.01
C GLU M 266 10.04 73.36 1.20
N SER M 267 9.63 73.71 2.42
CA SER M 267 8.23 74.02 2.68
C SER M 267 7.79 75.26 1.92
N ILE M 268 8.66 76.26 1.81
CA ILE M 268 8.32 77.48 1.09
C ILE M 268 8.09 77.17 -0.39
N LEU M 269 8.96 76.35 -0.98
CA LEU M 269 8.78 75.98 -2.38
C LEU M 269 7.57 75.07 -2.57
N GLN M 270 7.18 74.33 -1.53
CA GLN M 270 5.97 73.50 -1.63
C GLN M 270 4.71 74.36 -1.74
N MET M 271 4.77 75.63 -1.39
CA MET M 271 3.59 76.50 -1.51
C MET M 271 3.33 76.87 -2.96
N ASN M 272 4.25 77.61 -3.57
CA ASN M 272 4.11 78.05 -4.95
C ASN M 272 5.47 78.23 -5.61
N GLU M 289 14.18 72.89 -16.25
CA GLU M 289 14.79 72.62 -14.96
C GLU M 289 15.15 71.15 -14.82
N GLU M 290 16.29 70.88 -14.22
CA GLU M 290 16.75 69.50 -14.04
C GLU M 290 15.85 68.77 -13.06
N PHE M 291 15.71 67.46 -13.26
CA PHE M 291 14.87 66.67 -12.37
C PHE M 291 15.54 66.57 -11.00
N SER M 292 14.75 66.82 -9.95
CA SER M 292 15.14 66.47 -8.60
C SER M 292 13.92 65.89 -7.91
N ILE M 293 14.13 64.87 -7.08
CA ILE M 293 13.04 64.28 -6.33
C ILE M 293 12.51 65.28 -5.30
N PHE M 294 13.32 66.27 -4.97
CA PHE M 294 13.01 67.17 -3.87
C PHE M 294 11.84 68.07 -4.19
N ASN M 295 11.69 68.46 -5.45
CA ASN M 295 10.55 69.25 -5.91
C ASN M 295 9.56 68.37 -6.69
N TYR M 296 8.80 67.57 -5.97
CA TYR M 296 7.80 66.70 -6.59
C TYR M 296 6.46 67.39 -6.78
N PHE M 297 6.29 68.57 -6.19
CA PHE M 297 5.04 69.32 -6.32
C PHE M 297 4.86 69.94 -7.70
N LYS M 298 5.94 70.07 -8.49
CA LYS M 298 5.86 70.81 -9.74
C LYS M 298 5.38 69.95 -10.90
N MET M 299 6.09 68.88 -11.21
CA MET M 299 5.84 68.14 -12.44
C MET M 299 4.61 67.25 -12.31
N PHE M 300 3.84 67.18 -13.40
CA PHE M 300 2.47 66.69 -13.47
C PHE M 300 2.42 65.20 -13.76
N PRO M 301 1.35 64.52 -13.36
CA PRO M 301 1.14 63.15 -13.81
C PRO M 301 0.85 63.09 -15.30
N ALA M 302 1.24 61.98 -15.91
CA ALA M 302 1.14 61.85 -17.37
C ALA M 302 -0.30 61.72 -17.81
N SER M 303 -0.53 62.06 -19.08
CA SER M 303 -1.84 61.86 -19.69
C SER M 303 -2.17 60.37 -19.73
N LYS M 304 -3.45 60.06 -19.55
CA LYS M 304 -3.85 58.66 -19.42
C LYS M 304 -3.77 57.95 -20.77
N HIS M 305 -4.04 56.65 -20.72
CA HIS M 305 -3.97 55.75 -21.87
C HIS M 305 -2.57 55.72 -22.48
N ASP M 306 -1.59 55.48 -21.62
CA ASP M 306 -0.22 55.21 -22.03
C ASP M 306 0.22 53.89 -21.41
N LYS M 307 0.81 53.02 -22.23
CA LYS M 307 1.20 51.70 -21.78
C LYS M 307 2.61 51.65 -21.21
N GLU M 308 3.30 52.79 -21.16
CA GLU M 308 4.65 52.88 -20.63
C GLU M 308 4.69 53.85 -19.47
N VAL M 309 3.72 53.68 -18.57
CA VAL M 309 3.59 54.48 -17.36
C VAL M 309 4.22 53.71 -16.21
N VAL M 310 4.92 54.43 -15.33
CA VAL M 310 5.66 53.81 -14.25
C VAL M 310 4.84 53.90 -12.97
N TYR M 311 4.65 52.76 -12.31
CA TYR M 311 3.94 52.70 -11.04
C TYR M 311 4.89 52.16 -9.97
N PHE M 312 4.97 52.88 -8.85
CA PHE M 312 5.73 52.42 -7.69
C PHE M 312 5.12 51.19 -7.06
N ASP M 313 3.82 50.97 -7.26
CA ASP M 313 3.07 49.88 -6.66
C ASP M 313 3.15 48.59 -7.47
N GLU M 314 3.80 48.61 -8.63
CA GLU M 314 3.70 47.50 -9.57
C GLU M 314 4.38 46.23 -9.06
N TRP M 315 5.57 46.36 -8.47
CA TRP M 315 6.35 45.17 -8.15
C TRP M 315 5.72 44.37 -7.01
N THR M 316 5.30 45.06 -5.94
CA THR M 316 4.81 44.36 -4.76
C THR M 316 3.47 43.68 -5.03
N ILE M 317 2.50 44.42 -5.56
CA ILE M 317 1.18 43.88 -5.81
C ILE M 317 0.71 44.24 -7.21
N ASN N 14 -20.37 28.82 15.41
CA ASN N 14 -20.33 29.98 14.52
C ASN N 14 -18.92 30.50 14.36
N TYR N 15 -18.61 31.00 13.16
CA TYR N 15 -17.29 31.53 12.86
C TYR N 15 -17.32 33.00 12.49
N MET N 16 -18.14 33.39 11.52
CA MET N 16 -18.16 34.77 11.02
C MET N 16 -19.08 35.63 11.89
N SER N 17 -18.66 35.79 13.15
CA SER N 17 -19.42 36.58 14.11
C SER N 17 -18.57 37.50 14.98
N ASN N 18 -17.24 37.49 14.82
CA ASN N 18 -16.35 38.32 15.63
C ASN N 18 -15.72 39.28 14.62
N LEU N 19 -16.37 40.42 14.42
CA LEU N 19 -15.73 41.47 13.64
C LEU N 19 -15.06 42.45 14.59
N PRO N 20 -13.96 43.07 14.20
CA PRO N 20 -13.29 44.02 15.08
C PRO N 20 -14.08 45.31 15.27
N PHE N 21 -13.51 46.25 16.03
CA PHE N 21 -14.22 47.44 16.44
C PHE N 21 -14.58 48.33 15.25
N GLY N 22 -13.73 48.36 14.23
CA GLY N 22 -13.86 49.28 13.13
C GLY N 22 -14.52 48.75 11.87
N LEU N 23 -15.29 47.67 11.95
CA LEU N 23 -15.93 47.10 10.76
C LEU N 23 -17.38 46.74 11.06
N GLY N 24 -18.18 46.69 10.00
CA GLY N 24 -19.53 46.19 10.05
C GLY N 24 -19.72 44.97 9.17
N TYR N 25 -20.96 44.47 9.16
CA TYR N 25 -21.33 43.27 8.41
C TYR N 25 -21.28 43.45 6.90
N GLY N 26 -21.13 44.68 6.41
CA GLY N 26 -21.18 44.91 4.98
C GLY N 26 -19.84 44.96 4.28
N ASP N 27 -18.79 45.39 4.99
CA ASP N 27 -17.47 45.54 4.37
C ASP N 27 -16.88 44.20 3.96
N VAL N 28 -17.03 43.18 4.80
CA VAL N 28 -16.55 41.83 4.51
C VAL N 28 -17.42 41.20 3.43
N GLY N 29 -16.97 40.09 2.87
CA GLY N 29 -17.70 39.43 1.80
C GLY N 29 -17.32 39.88 0.41
N LYS N 30 -16.19 40.57 0.25
CA LYS N 30 -15.76 41.08 -1.05
C LYS N 30 -14.24 41.04 -1.08
N ASN N 31 -13.69 40.07 -1.81
CA ASN N 31 -12.27 39.75 -1.73
C ASN N 31 -11.49 40.22 -2.95
N HIS N 32 -11.95 41.30 -3.59
CA HIS N 32 -11.38 41.74 -4.86
C HIS N 32 -10.21 42.70 -4.60
N ILE N 33 -9.05 42.11 -4.34
CA ILE N 33 -7.81 42.88 -4.34
C ILE N 33 -7.44 43.21 -5.77
N THR N 34 -7.24 44.50 -6.04
CA THR N 34 -6.95 44.94 -7.39
C THR N 34 -5.59 44.43 -7.84
N GLU N 35 -5.55 43.82 -9.03
CA GLU N 35 -4.30 43.40 -9.63
C GLU N 35 -3.62 44.50 -10.42
N PHE N 36 -4.38 45.43 -10.99
CA PHE N 36 -3.80 46.59 -11.65
C PHE N 36 -3.33 47.61 -10.62
N PRO N 37 -2.25 48.32 -10.91
CA PRO N 37 -1.75 49.33 -9.97
C PRO N 37 -2.46 50.66 -10.12
N SER N 38 -2.41 51.46 -9.05
CA SER N 38 -3.07 52.76 -9.08
C SER N 38 -2.28 53.83 -8.34
N ILE N 39 -0.96 53.67 -8.20
CA ILE N 39 -0.14 54.62 -7.45
C ILE N 39 1.07 55.03 -8.28
N PRO N 40 1.12 56.25 -8.80
CA PRO N 40 2.24 56.65 -9.65
C PRO N 40 3.37 57.32 -8.88
N LEU N 41 4.49 57.48 -9.56
CA LEU N 41 5.70 58.11 -9.06
C LEU N 41 5.79 59.55 -9.54
N PRO N 42 6.62 60.38 -8.91
CA PRO N 42 6.86 61.73 -9.42
C PRO N 42 7.84 61.81 -10.58
N ILE N 43 8.10 60.70 -11.29
CA ILE N 43 8.98 60.73 -12.44
C ILE N 43 8.23 60.70 -13.77
N ASN N 44 6.90 60.80 -13.73
CA ASN N 44 6.06 60.30 -14.82
C ASN N 44 5.78 61.40 -15.85
N GLY N 45 6.28 62.62 -15.62
CA GLY N 45 5.83 63.78 -16.36
C GLY N 45 6.29 63.87 -17.80
N PRO N 46 6.12 65.05 -18.40
CA PRO N 46 6.45 65.22 -19.82
C PRO N 46 7.95 65.25 -20.08
N ILE N 47 8.34 65.49 -21.33
CA ILE N 47 9.73 65.46 -21.75
C ILE N 47 10.19 66.89 -22.05
N THR N 48 11.33 67.27 -21.51
CA THR N 48 11.93 68.58 -21.74
C THR N 48 13.01 68.50 -22.81
N ASN N 49 13.60 69.65 -23.12
CA ASN N 49 14.53 69.74 -24.26
C ASN N 49 15.82 68.96 -23.98
N LYS N 50 16.40 69.16 -22.80
CA LYS N 50 17.63 68.45 -22.46
C LYS N 50 17.36 66.94 -22.35
N GLU N 51 16.21 66.56 -21.81
CA GLU N 51 15.84 65.15 -21.78
C GLU N 51 15.63 64.61 -23.19
N ARG N 52 15.12 65.45 -24.09
CA ARG N 52 14.98 65.03 -25.49
C ARG N 52 16.34 64.74 -26.11
N SER N 53 17.32 65.63 -25.86
CA SER N 53 18.66 65.40 -26.36
C SER N 53 19.26 64.13 -25.76
N LEU N 54 18.99 63.89 -24.47
CA LEU N 54 19.48 62.68 -23.82
C LEU N 54 18.88 61.43 -24.45
N ALA N 55 17.58 61.46 -24.74
CA ALA N 55 16.93 60.32 -25.38
C ALA N 55 17.47 60.09 -26.79
N VAL N 56 17.77 61.17 -27.50
CA VAL N 56 18.40 61.05 -28.81
C VAL N 56 19.76 60.38 -28.68
N LYS N 57 20.52 60.74 -27.64
CA LYS N 57 21.82 60.12 -27.43
C LYS N 57 21.71 58.62 -27.14
N TYR N 58 20.77 58.24 -26.26
CA TYR N 58 20.50 56.82 -26.03
C TYR N 58 20.14 56.07 -27.31
N ILE N 59 19.19 56.59 -28.08
CA ILE N 59 18.71 55.83 -29.24
C ILE N 59 19.79 55.76 -30.31
N ASN N 60 20.60 56.82 -30.46
CA ASN N 60 21.69 56.80 -31.41
C ASN N 60 22.75 55.78 -31.01
N PHE N 61 23.07 55.70 -29.71
CA PHE N 61 24.03 54.71 -29.26
C PHE N 61 23.52 53.29 -29.47
N GLY N 62 22.23 53.07 -29.20
CA GLY N 62 21.68 51.74 -29.41
C GLY N 62 21.71 51.33 -30.87
N LYS N 63 21.31 52.24 -31.76
CA LYS N 63 21.32 51.95 -33.19
C LYS N 63 22.75 51.77 -33.70
N THR N 64 23.72 52.44 -33.10
CA THR N 64 25.11 52.25 -33.51
C THR N 64 25.61 50.86 -33.09
N VAL N 65 25.35 50.46 -31.85
CA VAL N 65 25.91 49.21 -31.35
C VAL N 65 25.23 48.00 -32.00
N LYS N 66 23.91 48.10 -32.26
CA LYS N 66 23.18 46.95 -32.78
C LYS N 66 23.70 46.53 -34.16
N ASP N 67 24.21 47.47 -34.95
CA ASP N 67 24.85 47.15 -36.22
C ASP N 67 26.35 46.97 -36.11
N GLY N 68 26.92 47.19 -34.93
CA GLY N 68 28.35 47.18 -34.77
C GLY N 68 28.98 45.80 -34.89
N PRO N 69 30.29 45.73 -34.72
CA PRO N 69 31.00 44.45 -34.89
C PRO N 69 30.74 43.43 -33.80
N PHE N 70 29.89 43.72 -32.80
CA PHE N 70 29.61 42.78 -31.72
C PHE N 70 28.09 42.73 -31.53
N TYR N 71 27.43 41.85 -32.27
CA TYR N 71 25.98 41.73 -32.16
C TYR N 71 25.52 40.34 -31.74
N THR N 72 25.98 39.29 -32.44
CA THR N 72 25.55 37.90 -32.32
C THR N 72 24.11 37.72 -32.79
N GLY N 73 23.80 36.52 -33.30
CA GLY N 73 22.52 36.27 -33.93
C GLY N 73 21.40 36.06 -32.93
N SER N 74 20.20 35.79 -33.47
CA SER N 74 19.02 35.61 -32.63
C SER N 74 18.70 34.15 -32.35
N MET N 75 19.53 33.22 -32.82
CA MET N 75 19.32 31.77 -32.66
C MET N 75 17.97 31.31 -33.21
N THR N 101 13.27 36.03 -52.19
CA THR N 101 13.85 34.94 -52.97
C THR N 101 14.52 33.94 -52.04
N ASN N 102 15.77 34.23 -51.66
CA ASN N 102 16.56 33.42 -50.72
C ASN N 102 16.67 31.97 -51.17
N ASP N 103 16.83 31.75 -52.47
CA ASP N 103 16.91 30.40 -53.03
C ASP N 103 18.25 30.21 -53.74
N GLY N 104 18.69 28.96 -53.78
CA GLY N 104 19.93 28.57 -54.40
C GLY N 104 19.84 28.26 -55.88
N ILE N 105 18.69 28.51 -56.51
CA ILE N 105 18.55 28.25 -57.93
C ILE N 105 19.42 29.20 -58.74
N GLU N 106 19.77 28.78 -59.96
CA GLU N 106 20.63 29.55 -60.83
C GLU N 106 19.78 30.38 -61.78
N ARG N 107 19.52 31.61 -61.41
CA ARG N 107 18.82 32.58 -62.24
C ARG N 107 19.84 33.55 -62.80
N TYR N 108 19.34 34.56 -63.52
CA TYR N 108 20.24 35.55 -64.09
C TYR N 108 19.94 36.96 -63.58
N SER N 109 19.10 37.09 -62.54
CA SER N 109 18.95 38.39 -61.90
C SER N 109 20.15 38.68 -60.99
N ASP N 110 20.95 37.65 -60.69
CA ASP N 110 22.08 37.83 -59.78
C ASP N 110 23.21 38.60 -60.42
N LYS N 111 23.25 38.67 -61.75
CA LYS N 111 24.35 39.34 -62.43
C LYS N 111 24.31 40.85 -62.18
N TYR N 112 25.50 41.43 -62.00
CA TYR N 112 25.70 42.84 -61.65
C TYR N 112 24.79 43.29 -60.51
N LEU N 113 24.50 42.36 -59.60
CA LEU N 113 23.66 42.64 -58.44
C LEU N 113 24.36 42.06 -57.23
N LYS N 114 24.42 42.85 -56.18
CA LYS N 114 25.32 42.55 -55.07
C LYS N 114 24.66 43.04 -53.78
N LYS N 115 24.98 42.35 -52.68
CA LYS N 115 24.35 42.64 -51.40
C LYS N 115 24.69 44.06 -50.95
N ARG N 116 23.69 44.76 -50.42
CA ARG N 116 23.80 46.20 -50.20
C ARG N 116 24.83 46.57 -49.13
N LYS N 117 25.29 45.60 -48.34
CA LYS N 117 26.32 45.87 -47.36
C LYS N 117 27.11 44.59 -47.08
N ILE N 118 28.35 44.78 -46.64
CA ILE N 118 29.22 43.69 -46.20
C ILE N 118 29.29 43.78 -44.68
N GLY N 119 28.75 42.77 -44.00
CA GLY N 119 28.72 42.79 -42.55
C GLY N 119 30.10 42.61 -41.95
N ILE N 120 30.21 43.02 -40.69
CA ILE N 120 31.45 42.93 -39.94
C ILE N 120 31.37 41.74 -39.00
N SER N 121 32.38 40.89 -39.03
CA SER N 121 32.40 39.66 -38.25
C SER N 121 33.02 39.93 -36.88
N ILE N 122 33.31 38.84 -36.16
CA ILE N 122 33.89 38.94 -34.83
C ILE N 122 35.38 39.24 -34.89
N ASP N 123 36.04 38.90 -35.99
CA ASP N 123 37.49 39.02 -36.09
C ASP N 123 37.96 40.22 -36.89
N ASP N 124 37.07 41.17 -37.20
CA ASP N 124 37.40 42.32 -38.03
C ASP N 124 37.65 43.59 -37.20
N HIS N 125 38.15 43.44 -35.98
CA HIS N 125 38.37 44.58 -35.10
C HIS N 125 39.73 44.45 -34.43
N PRO N 126 40.35 45.58 -34.07
CA PRO N 126 41.56 45.51 -33.26
C PRO N 126 41.30 44.85 -31.93
N TYR N 127 42.20 43.96 -31.54
CA TYR N 127 42.08 43.20 -30.31
C TYR N 127 43.38 43.32 -29.52
N ASN N 128 43.28 43.64 -28.24
CA ASN N 128 44.44 43.61 -27.37
C ASN N 128 44.66 42.18 -26.93
N LEU N 129 45.84 41.63 -27.23
CA LEU N 129 46.10 40.22 -26.99
C LEU N 129 46.16 39.90 -25.50
N ASN N 130 46.60 40.86 -24.68
CA ASN N 130 46.83 40.58 -23.27
C ASN N 130 45.51 40.52 -22.50
N LEU N 131 44.52 41.34 -22.89
CA LEU N 131 43.28 41.43 -22.14
C LEU N 131 42.47 40.15 -22.23
N PHE N 132 42.39 39.56 -23.42
CA PHE N 132 41.55 38.39 -23.62
C PHE N 132 42.20 37.15 -23.01
N PRO N 133 41.40 36.15 -22.62
CA PRO N 133 41.99 34.92 -22.08
C PRO N 133 42.66 34.08 -23.15
N ASN N 134 43.14 32.90 -22.77
CA ASN N 134 43.92 32.10 -23.71
C ASN N 134 43.06 31.23 -24.62
N GLU N 135 42.02 30.59 -24.09
CA GLU N 135 41.24 29.66 -24.90
C GLU N 135 40.38 30.38 -25.91
N LEU N 136 40.14 31.68 -25.72
CA LEU N 136 39.32 32.44 -26.66
C LEU N 136 40.09 32.84 -27.91
N TYR N 137 41.36 32.46 -28.04
CA TYR N 137 42.15 32.81 -29.21
C TYR N 137 41.75 32.03 -30.47
N ASN N 138 40.87 31.04 -30.35
CA ASN N 138 40.53 30.21 -31.51
C ASN N 138 39.65 30.97 -32.49
N VAL N 139 38.48 31.44 -32.03
CA VAL N 139 37.53 32.07 -32.92
C VAL N 139 38.02 33.42 -33.40
N MET N 140 38.58 34.22 -32.50
CA MET N 140 39.15 35.50 -32.88
C MET N 140 40.40 35.28 -33.75
N GLY N 141 40.66 36.24 -34.62
CA GLY N 141 41.76 36.13 -35.56
C GLY N 141 43.00 36.91 -35.19
N ILE N 142 44.02 36.22 -34.67
CA ILE N 142 45.30 36.85 -34.41
C ILE N 142 46.01 37.15 -35.73
N ASN N 143 45.99 36.19 -36.65
CA ASN N 143 46.65 36.36 -37.93
C ASN N 143 45.94 37.36 -38.83
N LYS N 144 44.61 37.42 -38.74
CA LYS N 144 43.84 38.28 -39.63
C LYS N 144 44.02 39.75 -39.25
N LYS N 145 44.05 40.60 -40.27
CA LYS N 145 44.40 42.01 -40.09
C LYS N 145 43.32 42.74 -39.31
N LYS N 146 43.74 43.62 -38.41
CA LYS N 146 42.85 44.41 -37.56
C LYS N 146 42.60 45.75 -38.25
N LEU N 147 41.36 45.99 -38.67
CA LEU N 147 41.09 47.09 -39.58
C LEU N 147 40.11 48.12 -39.05
N LEU N 148 38.97 47.70 -38.49
CA LEU N 148 37.81 48.58 -38.36
C LEU N 148 37.92 49.50 -37.14
N ALA N 149 37.62 50.78 -37.35
CA ALA N 149 37.45 51.73 -36.25
C ALA N 149 36.44 52.77 -36.73
N ILE N 150 35.18 52.59 -36.35
CA ILE N 150 34.11 53.42 -36.86
C ILE N 150 34.08 54.75 -36.12
N SER N 151 33.30 55.69 -36.65
CA SER N 151 33.12 57.01 -36.04
C SER N 151 31.82 57.61 -36.56
N LYS N 152 30.92 57.97 -35.64
CA LYS N 152 29.65 58.55 -36.03
C LYS N 152 28.99 59.34 -34.89
N PHE N 153 28.54 60.55 -35.21
CA PHE N 153 27.71 61.34 -34.32
C PHE N 153 26.93 62.35 -35.16
N ASN N 154 25.72 62.68 -34.72
CA ASN N 154 24.83 63.55 -35.47
C ASN N 154 24.40 64.73 -34.62
N ASN N 155 24.39 65.91 -35.24
CA ASN N 155 23.86 67.12 -34.60
C ASN N 155 22.37 67.31 -34.84
N ALA N 156 21.76 66.50 -35.72
CA ALA N 156 20.34 66.59 -36.03
C ALA N 156 19.61 65.43 -35.37
N ASP N 157 18.46 65.73 -34.78
CA ASP N 157 17.69 64.71 -34.07
C ASP N 157 17.18 63.64 -35.03
N ASP N 158 17.21 62.40 -34.57
CA ASP N 158 16.72 61.27 -35.35
C ASP N 158 15.27 60.91 -35.00
N VAL N 159 14.47 61.89 -34.61
CA VAL N 159 13.06 61.70 -34.30
C VAL N 159 12.24 62.32 -35.42
N PHE N 160 11.20 61.61 -35.85
CA PHE N 160 10.37 62.08 -36.95
C PHE N 160 9.25 63.01 -36.49
N THR N 161 9.01 63.10 -35.19
CA THR N 161 7.95 63.97 -34.67
C THR N 161 8.28 65.45 -34.86
#